data_7T5O
#
_entry.id   7T5O
#
_cell.length_a   1.00
_cell.length_b   1.00
_cell.length_c   1.00
_cell.angle_alpha   90.00
_cell.angle_beta   90.00
_cell.angle_gamma   90.00
#
_symmetry.space_group_name_H-M   'P 1'
#
loop_
_entity.id
_entity.type
_entity.pdbx_description
1 polymer 'Spike glycoprotein'
2 polymer 'GAR03 Fab heavy chain'
3 polymer 'GAR03 Fab light chain'
#
loop_
_entity_poly.entity_id
_entity_poly.type
_entity_poly.pdbx_seq_one_letter_code
_entity_poly.pdbx_strand_id
1 'polypeptide(L)'
;QCVNLTTRTQLPPAYTNSFTRGVYYPDKVFRSSVLHSTQDLFLPFFSNVTWFHAIHVSGTNGTKRFDNPVLPFNDGVYFA
STEKSNIIRGWIFGTTLDSKTQSLLIVNNATNVVIKVCEFQFCNDPFLGVYYHKNNKSWMESEFRVYSSANNCTFEYVSQ
PFLMDLEGKQGNFKNLREFVFKNIDGYFKIYSKHTPINLVRDLPQGFSALEPLVDLPIGINITRFQTLLALHRSYLTPGD
SSSGWTAGAAAYYVGYLQPRTFLLKYNENGTITDAVDCALDPLSETKCTLKSFTVEKGIYQTSNFRVQPTESIVRFPNIT
NLCPFGEVFNATRFASVYAWNRKRISNCVADYSVLYNSASFSTFKCYGVSPTKLNDLCFTNVYADSFVIRGDEVRQIAPG
QTGKIADYNYKLPDDFTGCVIAWNSNNLDSKVGGNYNYLYRLFRKSNLKPFERDISTEIYQAGSTPCNGVEGFNCYFPLQ
SYGFQPTNGVGYQPYRVVVLSFELLHAPATVCGPKKSTNLVKNKCVNFNFNGLTGTGVLTESNKKFLPFQQFGRDIADTT
DAVRDPQTLEILDITPCSFGGVSVITPGTNTSNQVAVLYQGVNCTEVPVAIHADQLTPTWRVYSTGSNVFQTRAGCLIGA
EHVNNSYECDIPIGAGICASYQGGSGGSSIIAYTMSLGAENSVACSNNSIAIPTNFTISVTTEILPVSMTKTSVDCTMYI
CGDSTECSNLLLQYGSFCTQLNRALTGIAVEQDKNTQEVFAQVKQIYKTPPIKDFGGFNFSQILPDPSKPSKRSPIEDLL
FNKVTLADAGFIKQYGDCLGDIAARDLICAQKFNGLTVLPPLLTDEMIAQYTSALLAGTICSGWTFGAGPALQIPFPMQM
AYRFNGIGVTQNVLYENQKLIANQFNSAIGKIQDSLSSTPSALGKLQDVVNQNAQALNTLVKQLSSNFGAISSVLNDILS
RLDKPEAEVQIDRLITGRLQSLQTYVTQQLIRAAEIRASANLAATKMSECVLGQSKRVDFCGKGYHLMSFPQSAPHGVVF
LHVTYVPAQEKNFTTAPAICHDGKAHFPREGVFVSNGTHWFVTQRNFYEPQIITTDNTFVSGNCDVVIGIVNNTVYDPLQ
PELDSFKEELDKYFKNHTSPDVDLGDISGINASVVNIQKEIDRLNEVAKNLNESLIDLQELGKYEQYIKGSGYIPEAPRD
GQAYVRKDGEWVLLSTFLLEVLFQGPAGWSHPQFEKGGGSGGGSGGGSWSHPQFEK
;
A,B,C
2 'polypeptide(L)'
;QVQLVQSGAEVKKPGASVKVSCKASGYTFSSYDINWVRQAPGQGLEWMGWMSPNSGNTGYAQKFQGRVTMTRSTSMSTAY
MELSSLRSEDTAVYFCARMSSSLTNYLDYWGQGTLVTVSSASTKGPSVFPLAPSSKSTSGGTAALGCLVKDYFPEPVTVS
WNSGALTSGVHTFPAVLQSSGLYSLSSVVTVPSSSLGTQTYICNVNHKPSNTKVDKKVEPKSCGSHHHHHH
;
H
3 'polypeptide(L)'
;SYVLTQPPSVAVAPGQTARIRCGENDIGSKNVHWYQQKSGQAPVLVVYDDSDRPSGIPERFSGSNSGNTATLTISRVEAG
DEADYYCQVWDSTGDHPDVVFGGGTKLTVLGQPKAAPSVTLFPPSSEELQANKATLVCLISDFYPGAVTVAWKADSSPVK
AGVETTTPSKQSNNKYAASSYLSLTPEQWKSHRSYSCQVTHEGSTVEKTVAPTEC
;
L
#
# COMPACT_ATOMS: atom_id res chain seq x y z
N ALA A 684 4.09 -47.74 30.95
CA ALA A 684 2.68 -47.38 30.98
C ALA A 684 2.33 -46.61 32.25
N CYS A 685 1.04 -46.41 32.47
CA CYS A 685 0.55 -45.69 33.63
C CYS A 685 0.45 -46.67 34.79
N SER A 686 1.47 -46.66 35.65
CA SER A 686 1.68 -47.74 36.61
C SER A 686 0.79 -47.58 37.83
N ASN A 687 0.14 -48.68 38.23
CA ASN A 687 -0.76 -48.65 39.37
C ASN A 687 -0.02 -48.60 40.70
N ASN A 688 1.05 -49.38 40.83
CA ASN A 688 1.75 -49.52 42.10
C ASN A 688 3.01 -48.67 42.24
N SER A 689 3.32 -47.83 41.24
CA SER A 689 4.53 -47.02 41.28
C SER A 689 4.19 -45.58 40.90
N ILE A 690 5.02 -44.65 41.35
CA ILE A 690 4.77 -43.24 41.16
C ILE A 690 6.09 -42.53 40.90
N ALA A 691 6.07 -41.54 40.01
CA ALA A 691 7.24 -40.74 39.69
C ALA A 691 6.98 -39.28 40.01
N ILE A 692 7.84 -38.68 40.82
CA ILE A 692 7.80 -37.29 41.27
C ILE A 692 9.15 -36.67 40.93
N PRO A 693 9.21 -35.45 40.37
CA PRO A 693 10.53 -34.84 40.13
C PRO A 693 11.17 -34.34 41.43
N THR A 694 12.48 -34.51 41.52
CA THR A 694 13.23 -34.25 42.74
C THR A 694 14.31 -33.20 42.59
N ASN A 695 14.57 -32.71 41.39
CA ASN A 695 15.55 -31.65 41.16
C ASN A 695 14.95 -30.69 40.15
N PHE A 696 15.47 -29.46 40.15
CA PHE A 696 14.94 -28.41 39.28
C PHE A 696 16.10 -27.63 38.70
N THR A 697 15.79 -26.81 37.69
CA THR A 697 16.68 -25.77 37.23
C THR A 697 15.95 -24.44 37.27
N ILE A 698 16.68 -23.40 37.67
CA ILE A 698 16.16 -22.02 37.60
C ILE A 698 16.60 -21.50 36.24
N SER A 699 15.82 -21.84 35.22
CA SER A 699 16.09 -21.41 33.87
C SER A 699 15.31 -20.13 33.62
N VAL A 700 16.00 -19.00 33.58
CA VAL A 700 15.31 -17.78 33.22
C VAL A 700 15.11 -17.75 31.70
N THR A 701 13.93 -18.23 31.30
CA THR A 701 13.58 -18.36 29.89
C THR A 701 13.19 -16.99 29.37
N THR A 702 13.88 -16.55 28.34
CA THR A 702 13.66 -15.22 27.78
C THR A 702 12.59 -15.30 26.69
N GLU A 703 11.41 -14.77 27.00
CA GLU A 703 10.31 -14.70 26.04
C GLU A 703 10.26 -13.28 25.51
N ILE A 704 10.86 -13.10 24.35
CA ILE A 704 11.08 -11.77 23.79
C ILE A 704 9.80 -11.38 23.05
N LEU A 705 9.22 -10.23 23.43
CA LEU A 705 7.86 -9.95 22.98
C LEU A 705 7.70 -8.56 22.38
N PRO A 706 6.95 -8.43 21.28
CA PRO A 706 6.64 -7.10 20.72
C PRO A 706 5.50 -6.35 21.40
N VAL A 707 5.83 -5.60 22.46
CA VAL A 707 4.85 -4.73 23.10
C VAL A 707 4.44 -3.56 22.18
N SER A 708 5.32 -3.13 21.28
CA SER A 708 5.01 -1.99 20.46
C SER A 708 5.70 -2.17 19.12
N MET A 709 5.84 -1.07 18.40
CA MET A 709 6.30 -1.06 17.03
C MET A 709 6.83 0.33 16.76
N THR A 710 7.30 0.56 15.54
CA THR A 710 7.57 1.92 15.11
C THR A 710 6.27 2.70 15.03
N LYS A 711 6.25 3.87 15.68
CA LYS A 711 5.03 4.66 15.80
C LYS A 711 4.88 5.54 14.56
N THR A 712 4.54 4.88 13.45
CA THR A 712 4.36 5.57 12.19
C THR A 712 3.01 6.29 12.23
N SER A 713 3.06 7.60 12.11
CA SER A 713 1.87 8.42 11.96
C SER A 713 2.12 9.23 10.71
N VAL A 714 1.87 8.61 9.56
CA VAL A 714 2.20 9.23 8.29
C VAL A 714 1.11 10.23 7.94
N ASP A 715 1.52 11.39 7.43
CA ASP A 715 0.55 12.31 6.85
C ASP A 715 0.19 11.75 5.48
N CYS A 716 -1.10 11.79 5.13
CA CYS A 716 -1.54 11.22 3.87
C CYS A 716 -1.06 12.05 2.68
N THR A 717 -0.95 13.38 2.86
CA THR A 717 -0.43 14.23 1.80
C THR A 717 1.07 14.06 1.57
N MET A 718 1.81 13.54 2.55
CA MET A 718 3.25 13.37 2.39
C MET A 718 3.63 12.07 1.68
N TYR A 719 3.00 10.95 2.03
CA TYR A 719 3.17 9.74 1.22
C TYR A 719 2.54 9.88 -0.15
N ILE A 720 1.29 10.31 -0.20
CA ILE A 720 0.56 10.34 -1.46
C ILE A 720 1.05 11.48 -2.37
N CYS A 721 1.54 12.59 -1.81
CA CYS A 721 1.84 13.76 -2.61
C CYS A 721 3.28 14.26 -2.50
N GLY A 722 4.01 13.93 -1.45
CA GLY A 722 5.25 14.63 -1.18
C GLY A 722 4.97 16.03 -0.67
N ASP A 723 5.29 17.04 -1.47
CA ASP A 723 5.06 18.43 -1.11
C ASP A 723 4.00 19.10 -1.98
N SER A 724 3.37 18.37 -2.90
CA SER A 724 2.44 18.96 -3.86
C SER A 724 1.02 19.03 -3.31
N THR A 725 0.22 19.94 -3.88
CA THR A 725 -1.13 20.20 -3.37
C THR A 725 -2.25 19.95 -4.37
N GLU A 726 -1.96 19.88 -5.68
CA GLU A 726 -2.98 19.44 -6.64
C GLU A 726 -3.30 17.97 -6.43
N CYS A 727 -2.27 17.18 -6.11
CA CYS A 727 -2.40 15.84 -5.56
C CYS A 727 -3.26 15.81 -4.30
N SER A 728 -3.10 16.80 -3.42
CA SER A 728 -3.85 16.85 -2.17
C SER A 728 -5.33 17.16 -2.42
N ASN A 729 -5.62 17.96 -3.45
CA ASN A 729 -7.01 18.15 -3.86
C ASN A 729 -7.60 16.89 -4.49
N LEU A 730 -6.77 16.13 -5.24
CA LEU A 730 -7.19 14.82 -5.75
C LEU A 730 -7.41 13.80 -4.63
N LEU A 731 -6.65 13.90 -3.55
CA LEU A 731 -6.85 13.03 -2.40
C LEU A 731 -8.07 13.44 -1.59
N LEU A 732 -8.37 14.74 -1.51
CA LEU A 732 -9.59 15.19 -0.85
C LEU A 732 -10.83 15.02 -1.73
N GLN A 733 -10.70 14.65 -3.00
CA GLN A 733 -11.87 14.16 -3.72
C GLN A 733 -12.36 12.82 -3.18
N TYR A 734 -11.47 11.97 -2.64
CA TYR A 734 -11.99 10.80 -1.92
C TYR A 734 -12.45 11.09 -0.51
N GLY A 735 -12.20 12.29 0.01
CA GLY A 735 -12.76 12.68 1.29
C GLY A 735 -12.15 12.00 2.49
N SER A 736 -12.88 11.03 3.04
CA SER A 736 -12.54 10.40 4.30
C SER A 736 -11.92 9.02 4.15
N PHE A 737 -11.14 8.76 3.11
CA PHE A 737 -10.10 7.75 3.37
C PHE A 737 -9.07 8.21 4.37
N CYS A 738 -8.21 9.19 4.02
CA CYS A 738 -6.99 9.36 4.79
C CYS A 738 -7.20 10.10 6.11
N THR A 739 -8.39 10.67 6.32
CA THR A 739 -8.85 10.99 7.68
C THR A 739 -8.95 9.73 8.54
N GLN A 740 -9.62 8.68 8.04
CA GLN A 740 -9.69 7.43 8.79
C GLN A 740 -8.38 6.65 8.77
N LEU A 741 -7.58 6.79 7.71
CA LEU A 741 -6.27 6.11 7.68
C LEU A 741 -5.28 6.74 8.65
N ASN A 742 -5.24 8.08 8.69
CA ASN A 742 -4.40 8.81 9.63
C ASN A 742 -4.94 8.66 11.05
N ARG A 743 -6.27 8.61 11.21
CA ARG A 743 -6.88 8.36 12.51
C ARG A 743 -6.66 6.92 12.98
N ALA A 744 -6.58 5.99 12.03
CA ALA A 744 -6.27 4.60 12.36
C ALA A 744 -4.84 4.43 12.80
N LEU A 745 -3.88 5.05 12.09
CA LEU A 745 -2.49 5.00 12.53
C LEU A 745 -2.24 5.85 13.77
N THR A 746 -3.04 6.91 13.97
CA THR A 746 -3.01 7.69 15.20
C THR A 746 -3.54 6.86 16.37
N GLY A 747 -4.59 6.07 16.13
CA GLY A 747 -5.08 5.15 17.14
C GLY A 747 -4.14 3.99 17.40
N ILE A 748 -3.36 3.59 16.40
CA ILE A 748 -2.27 2.64 16.61
C ILE A 748 -1.17 3.25 17.48
N ALA A 749 -0.80 4.52 17.24
CA ALA A 749 0.24 5.17 18.04
C ALA A 749 -0.21 5.46 19.48
N VAL A 750 -1.44 5.94 19.63
CA VAL A 750 -2.07 6.12 20.95
C VAL A 750 -2.31 4.77 21.62
N GLU A 751 -2.58 3.72 20.82
CA GLU A 751 -2.72 2.36 21.33
C GLU A 751 -1.38 1.80 21.79
N GLN A 752 -0.27 2.15 21.12
CA GLN A 752 1.05 1.77 21.63
C GLN A 752 1.44 2.56 22.87
N ASP A 753 0.95 3.80 23.00
CA ASP A 753 1.09 4.52 24.26
C ASP A 753 0.28 3.88 25.37
N LYS A 754 -0.92 3.38 25.03
CA LYS A 754 -1.75 2.64 25.98
C LYS A 754 -1.13 1.30 26.35
N ASN A 755 -0.49 0.63 25.37
CA ASN A 755 0.24 -0.61 25.64
C ASN A 755 1.45 -0.34 26.51
N THR A 756 2.15 0.76 26.26
CA THR A 756 3.32 1.17 27.05
C THR A 756 2.92 1.55 28.47
N GLN A 757 1.71 2.10 28.65
CA GLN A 757 1.21 2.46 29.96
C GLN A 757 0.52 1.32 30.71
N GLU A 758 -0.08 0.35 30.01
CA GLU A 758 -0.58 -0.84 30.69
C GLU A 758 0.52 -1.85 30.99
N VAL A 759 1.62 -1.83 30.23
CA VAL A 759 2.76 -2.65 30.58
C VAL A 759 3.60 -1.98 31.66
N PHE A 760 4.22 -0.84 31.35
CA PHE A 760 5.17 -0.24 32.28
C PHE A 760 4.53 0.62 33.35
N ALA A 761 3.54 1.44 33.02
CA ALA A 761 2.99 2.39 34.00
C ALA A 761 1.82 1.80 34.80
N GLN A 762 2.05 0.66 35.44
CA GLN A 762 1.02 0.09 36.32
C GLN A 762 0.91 0.83 37.65
N VAL A 763 2.03 1.31 38.19
CA VAL A 763 2.05 1.87 39.53
C VAL A 763 2.42 3.34 39.46
N LYS A 764 1.95 4.09 40.45
CA LYS A 764 2.32 5.48 40.66
C LYS A 764 2.98 5.64 42.02
N GLN A 765 3.70 4.59 42.42
CA GLN A 765 4.47 4.58 43.67
C GLN A 765 5.88 4.12 43.27
N ILE A 766 6.67 5.04 42.75
CA ILE A 766 7.98 4.69 42.20
C ILE A 766 8.98 4.64 43.34
N TYR A 767 9.59 3.47 43.51
CA TYR A 767 10.77 3.36 44.35
C TYR A 767 11.98 3.65 43.48
N LYS A 768 12.85 4.56 43.93
CA LYS A 768 14.03 4.90 43.14
C LYS A 768 15.10 3.80 43.27
N THR A 769 16.15 3.94 42.46
CA THR A 769 17.20 2.93 42.37
C THR A 769 18.03 2.88 43.63
N PRO A 770 18.07 1.76 44.33
CA PRO A 770 18.65 1.74 45.67
C PRO A 770 20.16 1.55 45.67
N PRO A 771 20.83 1.81 46.79
CA PRO A 771 22.20 1.30 46.94
C PRO A 771 22.19 -0.22 47.00
N ILE A 772 23.18 -0.82 46.35
CA ILE A 772 23.21 -2.26 46.12
C ILE A 772 23.71 -2.89 47.43
N LYS A 773 22.76 -3.33 48.26
CA LYS A 773 23.06 -3.91 49.57
C LYS A 773 21.93 -4.83 49.99
N ASP A 774 22.31 -5.93 50.66
CA ASP A 774 21.43 -6.92 51.32
C ASP A 774 20.47 -7.60 50.34
N PHE A 775 20.95 -7.93 49.14
CA PHE A 775 20.09 -8.59 48.15
C PHE A 775 20.19 -10.11 48.22
N GLY A 776 20.93 -10.67 49.18
CA GLY A 776 21.02 -12.10 49.31
C GLY A 776 21.90 -12.81 48.31
N GLY A 777 22.76 -12.08 47.59
CA GLY A 777 23.64 -12.68 46.60
C GLY A 777 23.07 -12.75 45.20
N PHE A 778 21.82 -12.35 45.00
CA PHE A 778 21.23 -12.34 43.68
C PHE A 778 21.79 -11.16 42.89
N ASN A 779 22.61 -11.46 41.89
CA ASN A 779 23.39 -10.43 41.21
C ASN A 779 22.51 -9.75 40.17
N PHE A 780 22.05 -8.54 40.50
CA PHE A 780 21.22 -7.72 39.62
C PHE A 780 22.00 -6.61 38.93
N SER A 781 23.31 -6.76 38.77
CA SER A 781 24.14 -5.67 38.24
C SER A 781 23.91 -5.39 36.77
N GLN A 782 23.41 -6.36 36.01
CA GLN A 782 23.14 -6.14 34.60
C GLN A 782 21.75 -5.57 34.33
N ILE A 783 20.85 -5.62 35.31
CA ILE A 783 19.46 -5.21 35.08
C ILE A 783 19.05 -3.92 35.78
N LEU A 784 19.75 -3.52 36.84
CA LEU A 784 19.69 -2.14 37.30
C LEU A 784 20.44 -1.23 36.34
N PRO A 785 20.05 0.06 36.22
CA PRO A 785 20.80 0.99 35.38
C PRO A 785 22.19 1.32 35.90
N ASP A 786 23.11 1.54 34.96
CA ASP A 786 24.50 1.80 35.29
C ASP A 786 24.74 3.26 35.67
N PRO A 787 25.67 3.55 36.60
CA PRO A 787 26.02 4.95 36.87
C PRO A 787 27.04 5.54 35.93
N SER A 788 27.82 4.71 35.21
CA SER A 788 28.93 5.19 34.41
C SER A 788 28.47 5.87 33.12
N LYS A 789 27.56 5.24 32.39
CA LYS A 789 27.11 5.79 31.11
C LYS A 789 26.07 6.89 31.38
N PRO A 790 26.10 8.00 30.63
CA PRO A 790 25.21 9.15 30.95
C PRO A 790 23.72 8.90 30.72
N SER A 791 23.34 7.92 29.91
CA SER A 791 21.94 7.55 29.82
C SER A 791 21.61 6.48 30.86
N LYS A 792 20.31 6.25 31.05
CA LYS A 792 19.81 5.36 32.08
C LYS A 792 19.65 3.92 31.57
N ARG A 793 20.12 3.63 30.35
CA ARG A 793 20.04 2.26 29.84
C ARG A 793 21.10 1.37 30.49
N SER A 794 20.68 0.15 30.83
CA SER A 794 21.32 -0.93 31.56
C SER A 794 22.26 -1.69 30.62
N PRO A 795 23.25 -2.44 31.16
CA PRO A 795 24.11 -3.28 30.29
C PRO A 795 23.40 -4.37 29.49
N ILE A 796 22.32 -4.97 30.01
CA ILE A 796 21.52 -5.85 29.18
C ILE A 796 20.76 -5.05 28.13
N GLU A 797 20.27 -3.86 28.49
CA GLU A 797 19.76 -2.94 27.48
C GLU A 797 20.87 -2.35 26.61
N ASP A 798 22.11 -2.30 27.10
CA ASP A 798 23.20 -1.93 26.19
C ASP A 798 23.55 -3.05 25.21
N LEU A 799 23.20 -4.29 25.52
CA LEU A 799 23.20 -5.32 24.48
C LEU A 799 22.02 -5.12 23.52
N LEU A 800 20.81 -4.92 24.05
CA LEU A 800 19.61 -5.00 23.21
C LEU A 800 19.34 -3.76 22.36
N PHE A 801 19.66 -2.55 22.84
CA PHE A 801 19.58 -1.34 22.00
C PHE A 801 20.73 -1.22 21.00
N ASN A 802 21.75 -2.07 21.04
CA ASN A 802 22.86 -1.97 20.10
C ASN A 802 22.85 -3.01 18.99
N LYS A 803 22.12 -4.12 19.13
CA LYS A 803 22.04 -5.09 18.04
C LYS A 803 20.81 -4.93 17.17
N VAL A 804 19.78 -4.23 17.63
CA VAL A 804 18.60 -4.01 16.81
C VAL A 804 18.86 -2.74 16.01
N THR A 805 19.01 -2.89 14.70
CA THR A 805 19.29 -1.76 13.83
C THR A 805 17.98 -1.10 13.43
N LEU A 806 17.87 0.19 13.71
CA LEU A 806 16.69 0.95 13.29
C LEU A 806 16.78 1.44 11.86
N ALA A 807 17.96 1.28 11.23
CA ALA A 807 18.31 1.74 9.86
C ALA A 807 18.09 3.24 9.70
N ASP A 808 18.47 4.00 10.76
CA ASP A 808 18.37 5.47 10.86
C ASP A 808 16.95 5.99 10.66
N ALA A 809 15.96 5.29 11.22
CA ALA A 809 14.57 5.70 11.15
C ALA A 809 14.27 6.64 12.30
N GLY A 810 13.81 7.84 11.98
CA GLY A 810 13.46 8.81 12.99
C GLY A 810 12.82 10.02 12.34
N PHE A 811 12.76 11.11 13.09
CA PHE A 811 12.31 12.36 12.50
C PHE A 811 13.48 13.27 12.17
N ILE A 812 14.46 13.41 13.07
CA ILE A 812 15.46 14.47 12.90
C ILE A 812 16.50 14.09 11.84
N LYS A 813 16.73 12.78 11.61
CA LYS A 813 17.87 12.25 10.85
C LYS A 813 17.82 12.61 9.37
N GLN A 814 16.63 12.60 8.77
CA GLN A 814 16.48 12.94 7.37
C GLN A 814 15.68 14.21 7.11
N TYR A 815 15.02 14.76 8.13
CA TYR A 815 14.12 15.89 7.91
C TYR A 815 14.60 17.15 8.61
N GLY A 816 15.27 17.02 9.76
CA GLY A 816 15.54 18.16 10.61
C GLY A 816 16.70 19.02 10.15
N ASP A 817 17.84 18.38 9.89
CA ASP A 817 19.02 19.09 9.40
C ASP A 817 18.99 19.31 7.89
N CYS A 818 18.08 18.65 7.18
CA CYS A 818 18.11 18.63 5.72
C CYS A 818 17.22 19.72 5.14
N LEU A 819 17.64 20.96 5.36
CA LEU A 819 17.18 22.03 4.48
C LEU A 819 17.90 21.94 3.14
N GLY A 820 19.21 21.67 3.17
CA GLY A 820 19.98 21.34 2.01
C GLY A 820 20.43 19.89 2.01
N ASP A 821 21.49 19.62 1.27
CA ASP A 821 22.01 18.25 1.16
C ASP A 821 22.84 17.93 2.40
N ILE A 822 22.24 17.19 3.33
CA ILE A 822 22.89 16.76 4.55
C ILE A 822 22.76 15.24 4.64
N ALA A 823 23.92 14.56 4.74
CA ALA A 823 24.09 13.11 4.95
C ALA A 823 23.43 12.29 3.84
N ALA A 824 23.97 12.46 2.64
CA ALA A 824 23.53 11.69 1.49
C ALA A 824 24.07 10.26 1.56
N ARG A 825 23.50 9.41 0.69
CA ARG A 825 23.72 7.95 0.62
C ARG A 825 23.45 7.28 1.97
N ASP A 826 22.30 7.63 2.56
CA ASP A 826 21.86 7.09 3.83
C ASP A 826 21.37 5.65 3.65
N LEU A 827 21.25 4.92 4.77
CA LEU A 827 20.83 3.52 4.76
C LEU A 827 19.38 3.37 4.30
N ILE A 828 18.51 4.29 4.68
CA ILE A 828 17.19 4.43 4.08
C ILE A 828 17.12 5.81 3.43
N CYS A 829 16.46 5.88 2.27
CA CYS A 829 16.50 7.08 1.46
C CYS A 829 15.11 7.45 0.98
N ALA A 830 14.97 8.75 0.68
CA ALA A 830 13.76 9.42 0.18
C ALA A 830 12.55 9.24 1.10
N GLN A 831 12.79 9.35 2.41
CA GLN A 831 11.68 9.48 3.36
C GLN A 831 11.10 10.89 3.36
N LYS A 832 11.80 11.86 2.77
CA LYS A 832 11.28 13.20 2.54
C LYS A 832 10.05 13.18 1.63
N PHE A 833 10.08 12.34 0.60
CA PHE A 833 8.91 12.13 -0.25
C PHE A 833 7.94 11.10 0.32
N ASN A 834 8.26 10.51 1.48
CA ASN A 834 7.37 9.59 2.18
C ASN A 834 6.71 10.29 3.37
N GLY A 835 7.45 11.08 4.13
CA GLY A 835 6.90 11.78 5.27
C GLY A 835 6.57 10.90 6.45
N LEU A 836 7.42 9.92 6.74
CA LEU A 836 7.20 8.98 7.83
C LEU A 836 7.58 9.68 9.12
N THR A 837 6.60 10.30 9.77
CA THR A 837 6.83 10.88 11.10
C THR A 837 6.91 9.74 12.09
N VAL A 838 8.13 9.26 12.34
CA VAL A 838 8.35 8.19 13.31
C VAL A 838 8.47 8.89 14.65
N LEU A 839 7.39 8.84 15.43
CA LEU A 839 7.37 9.50 16.73
C LEU A 839 8.21 8.72 17.72
N PRO A 840 9.00 9.40 18.55
CA PRO A 840 9.62 8.74 19.70
C PRO A 840 8.55 8.35 20.71
N PRO A 841 8.79 7.28 21.49
CA PRO A 841 7.79 6.87 22.49
C PRO A 841 7.66 7.88 23.62
N LEU A 842 6.42 8.00 24.12
CA LEU A 842 6.05 9.00 25.13
C LEU A 842 6.76 8.73 26.45
N LEU A 843 6.92 7.47 26.80
CA LEU A 843 7.91 7.05 27.78
C LEU A 843 9.20 6.78 27.01
N THR A 844 10.22 7.62 27.21
CA THR A 844 11.51 7.40 26.58
C THR A 844 12.25 6.24 27.23
N ASP A 845 13.38 5.84 26.60
CA ASP A 845 14.14 4.68 27.03
C ASP A 845 14.81 4.88 28.39
N GLU A 846 15.17 6.12 28.71
CA GLU A 846 15.61 6.42 30.07
C GLU A 846 14.43 6.43 31.05
N MET A 847 13.24 6.79 30.58
CA MET A 847 12.07 6.80 31.46
C MET A 847 11.34 5.45 31.47
N ILE A 848 11.44 4.65 30.40
CA ILE A 848 11.12 3.23 30.47
C ILE A 848 12.08 2.53 31.43
N ALA A 849 13.38 2.93 31.42
CA ALA A 849 14.33 2.44 32.42
C ALA A 849 14.01 2.91 33.83
N GLN A 850 13.43 4.11 33.97
CA GLN A 850 12.99 4.61 35.28
C GLN A 850 11.78 3.84 35.81
N TYR A 851 10.77 3.62 34.95
CA TYR A 851 9.61 2.80 35.31
C TYR A 851 9.97 1.35 35.59
N THR A 852 10.84 0.76 34.77
CA THR A 852 11.21 -0.63 35.01
C THR A 852 12.17 -0.77 36.18
N SER A 853 12.95 0.27 36.50
CA SER A 853 13.72 0.26 37.73
C SER A 853 12.83 0.43 38.95
N ALA A 854 11.73 1.19 38.82
CA ALA A 854 10.73 1.27 39.88
C ALA A 854 10.00 -0.05 40.07
N LEU A 855 9.66 -0.72 38.96
CA LEU A 855 9.05 -2.04 39.00
C LEU A 855 10.02 -3.09 39.52
N LEU A 856 11.32 -2.92 39.22
CA LEU A 856 12.38 -3.70 39.85
C LEU A 856 12.38 -3.55 41.35
N ALA A 857 12.58 -2.32 41.87
CA ALA A 857 12.71 -2.06 43.31
C ALA A 857 11.41 -2.35 44.08
N GLY A 858 10.27 -2.28 43.38
CA GLY A 858 9.06 -2.95 43.82
C GLY A 858 9.21 -4.47 43.94
N THR A 859 9.85 -5.14 42.97
CA THR A 859 10.01 -6.59 43.13
C THR A 859 11.13 -7.00 44.11
N ILE A 860 12.24 -6.24 44.16
CA ILE A 860 13.25 -6.38 45.23
C ILE A 860 12.66 -6.25 46.64
N CYS A 861 12.09 -5.10 47.01
CA CYS A 861 11.57 -4.98 48.38
C CYS A 861 10.13 -4.48 48.38
N SER A 862 9.30 -5.24 47.66
CA SER A 862 7.85 -5.27 47.76
C SER A 862 7.41 -6.65 47.28
N GLY A 863 6.20 -7.06 47.67
CA GLY A 863 5.70 -8.36 47.24
C GLY A 863 4.94 -8.26 45.94
N TRP A 864 3.71 -8.75 45.91
CA TRP A 864 2.75 -8.29 44.91
C TRP A 864 1.93 -7.12 45.44
N THR A 865 2.26 -6.61 46.62
CA THR A 865 1.47 -5.60 47.31
C THR A 865 1.66 -4.20 46.74
N PHE A 866 2.72 -3.97 45.96
CA PHE A 866 2.96 -2.63 45.44
C PHE A 866 2.04 -2.27 44.27
N GLY A 867 1.46 -3.26 43.59
CA GLY A 867 0.47 -2.96 42.58
C GLY A 867 -0.93 -2.74 43.11
N ALA A 868 -1.17 -3.08 44.37
CA ALA A 868 -2.48 -2.94 44.99
C ALA A 868 -2.61 -1.62 45.76
N GLY A 869 -2.36 -0.51 45.09
CA GLY A 869 -2.48 0.79 45.76
C GLY A 869 -1.30 1.16 46.63
N PRO A 870 -1.47 1.03 47.94
CA PRO A 870 -0.42 1.38 48.89
C PRO A 870 0.68 0.32 48.89
N ALA A 871 1.92 0.76 48.67
CA ALA A 871 3.05 -0.13 48.49
C ALA A 871 3.77 -0.37 49.82
N LEU A 872 4.28 -1.58 50.00
CA LEU A 872 4.90 -2.02 51.25
C LEU A 872 6.35 -2.44 51.00
N GLN A 873 7.00 -2.91 52.07
CA GLN A 873 8.38 -3.37 52.03
C GLN A 873 8.50 -4.76 52.67
N ILE A 874 9.26 -5.65 52.02
CA ILE A 874 9.45 -7.03 52.48
C ILE A 874 10.76 -7.56 51.86
N PRO A 875 11.65 -8.20 52.62
CA PRO A 875 12.92 -8.68 52.05
C PRO A 875 12.79 -9.98 51.27
N PHE A 876 13.87 -10.30 50.54
CA PHE A 876 13.94 -11.48 49.65
C PHE A 876 13.66 -12.90 50.18
N PRO A 877 14.09 -13.33 51.40
CA PRO A 877 13.69 -14.70 51.82
C PRO A 877 12.19 -14.88 51.96
N MET A 878 11.50 -13.89 52.49
CA MET A 878 10.06 -13.95 52.58
C MET A 878 9.38 -13.67 51.24
N GLN A 879 9.95 -12.76 50.42
CA GLN A 879 9.33 -12.39 49.14
C GLN A 879 9.49 -13.50 48.10
N MET A 880 10.69 -14.06 47.98
CA MET A 880 10.90 -15.21 47.13
C MET A 880 10.29 -16.49 47.71
N ALA A 881 10.10 -16.54 49.04
CA ALA A 881 9.32 -17.61 49.65
C ALA A 881 7.85 -17.52 49.29
N TYR A 882 7.32 -16.30 49.20
CA TYR A 882 5.96 -16.08 48.69
C TYR A 882 5.85 -16.45 47.22
N ARG A 883 6.87 -16.15 46.41
CA ARG A 883 6.77 -16.53 45.00
C ARG A 883 7.10 -18.00 44.73
N PHE A 884 7.72 -18.74 45.66
CA PHE A 884 7.63 -20.20 45.50
C PHE A 884 6.30 -20.77 45.97
N ASN A 885 5.60 -20.08 46.87
CA ASN A 885 4.46 -20.67 47.57
C ASN A 885 3.23 -20.74 46.67
N GLY A 886 3.13 -19.85 45.68
CA GLY A 886 1.95 -19.78 44.85
C GLY A 886 1.81 -20.87 43.81
N ILE A 887 2.88 -21.58 43.49
CA ILE A 887 2.83 -22.66 42.51
C ILE A 887 2.93 -24.03 43.17
N GLY A 888 2.88 -24.09 44.51
CA GLY A 888 2.86 -25.35 45.22
C GLY A 888 4.18 -25.77 45.81
N VAL A 889 5.27 -25.07 45.53
CA VAL A 889 6.55 -25.38 46.15
C VAL A 889 6.53 -24.86 47.58
N THR A 890 6.93 -25.71 48.52
CA THR A 890 7.07 -25.30 49.91
C THR A 890 8.25 -24.35 50.04
N GLN A 891 8.09 -23.36 50.92
CA GLN A 891 9.00 -22.23 50.97
C GLN A 891 10.28 -22.52 51.75
N ASN A 892 10.38 -23.67 52.42
CA ASN A 892 11.57 -24.00 53.20
C ASN A 892 12.70 -24.57 52.35
N VAL A 893 12.46 -24.84 51.06
CA VAL A 893 13.52 -25.29 50.15
C VAL A 893 14.49 -24.15 49.87
N LEU A 894 13.99 -22.92 49.85
CA LEU A 894 14.77 -21.75 49.43
C LEU A 894 15.81 -21.36 50.46
N TYR A 895 15.51 -21.54 51.74
CA TYR A 895 16.41 -21.10 52.81
C TYR A 895 17.66 -21.97 52.88
N GLU A 896 17.54 -23.26 52.51
CA GLU A 896 18.72 -24.09 52.35
C GLU A 896 19.48 -23.73 51.08
N ASN A 897 18.75 -23.44 49.99
CA ASN A 897 19.31 -23.34 48.65
C ASN A 897 19.34 -21.91 48.11
N GLN A 898 19.56 -20.91 48.97
CA GLN A 898 19.57 -19.52 48.50
C GLN A 898 20.82 -19.21 47.68
N LYS A 899 21.97 -19.76 48.10
CA LYS A 899 23.22 -19.62 47.36
C LYS A 899 23.17 -20.35 46.02
N LEU A 900 22.49 -21.50 45.98
CA LEU A 900 22.40 -22.31 44.76
C LEU A 900 21.49 -21.65 43.72
N ILE A 901 20.33 -21.15 44.16
CA ILE A 901 19.41 -20.43 43.28
C ILE A 901 20.01 -19.10 42.82
N ALA A 902 20.78 -18.43 43.69
CA ALA A 902 21.49 -17.20 43.32
C ALA A 902 22.59 -17.45 42.29
N ASN A 903 23.35 -18.54 42.44
CA ASN A 903 24.42 -18.86 41.49
C ASN A 903 23.87 -19.33 40.15
N GLN A 904 22.81 -20.18 40.16
CA GLN A 904 22.15 -20.60 38.92
C GLN A 904 21.48 -19.44 38.20
N PHE A 905 20.92 -18.49 38.96
CA PHE A 905 20.23 -17.34 38.38
C PHE A 905 21.23 -16.35 37.76
N ASN A 906 22.33 -16.06 38.46
CA ASN A 906 23.30 -15.11 37.87
C ASN A 906 24.14 -15.76 36.76
N SER A 907 24.37 -17.08 36.82
CA SER A 907 25.00 -17.74 35.69
C SER A 907 24.04 -17.86 34.49
N ALA A 908 22.73 -17.91 34.74
CA ALA A 908 21.77 -17.90 33.65
C ALA A 908 21.67 -16.52 33.00
N ILE A 909 21.77 -15.45 33.79
CA ILE A 909 21.92 -14.09 33.25
C ILE A 909 23.23 -13.95 32.46
N GLY A 910 24.30 -14.59 32.93
CA GLY A 910 25.55 -14.62 32.16
C GLY A 910 25.46 -15.40 30.86
N LYS A 911 24.67 -16.48 30.85
CA LYS A 911 24.45 -17.23 29.62
C LYS A 911 23.59 -16.47 28.62
N ILE A 912 22.60 -15.69 29.10
CA ILE A 912 21.85 -14.80 28.21
C ILE A 912 22.74 -13.69 27.66
N GLN A 913 23.64 -13.14 28.49
CA GLN A 913 24.55 -12.09 28.05
C GLN A 913 25.59 -12.60 27.05
N ASP A 914 26.09 -13.83 27.26
CA ASP A 914 26.99 -14.44 26.29
C ASP A 914 26.28 -14.87 25.01
N SER A 915 25.01 -15.29 25.10
CA SER A 915 24.24 -15.66 23.92
C SER A 915 23.88 -14.43 23.09
N LEU A 916 23.58 -13.30 23.75
CA LEU A 916 23.33 -12.06 23.04
C LEU A 916 24.63 -11.44 22.53
N SER A 917 25.77 -11.76 23.17
CA SER A 917 27.05 -11.39 22.60
C SER A 917 27.49 -12.33 21.47
N SER A 918 26.86 -13.51 21.35
CA SER A 918 27.25 -14.49 20.34
C SER A 918 26.22 -14.66 19.23
N THR A 919 24.95 -14.98 19.57
CA THR A 919 24.05 -15.34 18.48
C THR A 919 22.85 -14.39 18.39
N PRO A 920 22.31 -14.16 17.18
CA PRO A 920 21.07 -13.39 17.05
C PRO A 920 19.78 -14.20 17.13
N SER A 921 19.84 -15.46 17.58
CA SER A 921 18.66 -16.31 17.55
C SER A 921 17.65 -15.97 18.65
N ALA A 922 18.12 -15.44 19.78
CA ALA A 922 17.21 -15.05 20.85
C ALA A 922 16.46 -13.77 20.50
N LEU A 923 17.18 -12.73 20.06
CA LEU A 923 16.60 -11.44 19.70
C LEU A 923 15.99 -11.44 18.29
N GLY A 924 16.05 -12.58 17.57
CA GLY A 924 15.51 -12.73 16.23
C GLY A 924 14.00 -12.60 16.10
N LYS A 925 13.26 -12.67 17.22
CA LYS A 925 11.83 -12.37 17.18
C LYS A 925 11.59 -10.88 16.96
N LEU A 926 12.14 -10.02 17.84
CA LEU A 926 12.08 -8.58 17.56
C LEU A 926 12.98 -8.13 16.44
N GLN A 927 14.03 -8.88 16.10
CA GLN A 927 14.77 -8.56 14.88
C GLN A 927 13.92 -8.84 13.65
N ASP A 928 13.08 -9.89 13.70
CA ASP A 928 12.09 -10.12 12.66
C ASP A 928 10.97 -9.08 12.68
N VAL A 929 10.63 -8.56 13.86
CA VAL A 929 9.62 -7.49 13.97
C VAL A 929 10.12 -6.18 13.37
N VAL A 930 11.35 -5.79 13.71
CA VAL A 930 11.95 -4.57 13.16
C VAL A 930 12.30 -4.75 11.67
N ASN A 931 12.70 -5.96 11.25
CA ASN A 931 12.93 -6.19 9.82
C ASN A 931 11.62 -6.30 9.04
N GLN A 932 10.53 -6.77 9.66
CA GLN A 932 9.23 -6.74 9.01
C GLN A 932 8.70 -5.32 8.86
N ASN A 933 8.89 -4.50 9.91
CA ASN A 933 8.48 -3.10 9.87
C ASN A 933 9.30 -2.30 8.87
N ALA A 934 10.64 -2.39 8.95
CA ALA A 934 11.52 -1.64 8.04
C ALA A 934 11.50 -2.21 6.63
N GLN A 935 11.20 -3.50 6.49
CA GLN A 935 10.99 -4.10 5.18
C GLN A 935 9.71 -3.59 4.57
N ALA A 936 8.68 -3.39 5.38
CA ALA A 936 7.46 -2.74 4.92
C ALA A 936 7.68 -1.26 4.61
N LEU A 937 8.58 -0.60 5.34
CA LEU A 937 8.84 0.83 5.09
C LEU A 937 9.65 1.05 3.81
N ASN A 938 10.74 0.31 3.60
CA ASN A 938 11.47 0.50 2.35
C ASN A 938 10.78 -0.20 1.18
N THR A 939 9.93 -1.20 1.46
CA THR A 939 8.96 -1.68 0.47
C THR A 939 7.96 -0.59 0.11
N LEU A 940 7.53 0.21 1.09
CA LEU A 940 6.58 1.30 0.85
C LEU A 940 7.25 2.43 0.06
N VAL A 941 8.57 2.58 0.23
CA VAL A 941 9.41 3.36 -0.68
C VAL A 941 9.51 2.72 -2.08
N LYS A 942 9.49 1.38 -2.18
CA LYS A 942 9.48 0.79 -3.53
C LYS A 942 8.12 0.91 -4.24
N GLN A 943 7.02 0.95 -3.51
CA GLN A 943 5.75 1.46 -4.05
C GLN A 943 5.69 2.97 -4.22
N LEU A 944 6.58 3.76 -3.61
CA LEU A 944 6.79 5.12 -4.13
C LEU A 944 7.51 5.09 -5.48
N SER A 945 8.41 4.12 -5.71
CA SER A 945 9.18 4.09 -6.94
C SER A 945 8.36 3.59 -8.12
N SER A 946 7.40 2.72 -7.87
CA SER A 946 6.76 1.92 -8.90
C SER A 946 5.77 2.77 -9.71
N ASN A 947 5.50 2.28 -10.92
CA ASN A 947 4.68 3.01 -11.86
C ASN A 947 3.20 2.71 -11.71
N PHE A 948 2.89 1.43 -11.43
CA PHE A 948 1.54 0.84 -11.34
C PHE A 948 0.76 1.05 -12.63
N GLY A 949 1.44 0.95 -13.77
CA GLY A 949 0.84 1.21 -15.05
C GLY A 949 1.12 2.57 -15.62
N ALA A 950 1.67 3.50 -14.83
CA ALA A 950 1.92 4.84 -15.33
C ALA A 950 3.25 4.93 -16.07
N ILE A 951 3.51 6.12 -16.62
CA ILE A 951 4.72 6.35 -17.39
C ILE A 951 5.90 6.82 -16.54
N SER A 952 5.66 7.34 -15.34
CA SER A 952 6.72 7.83 -14.47
C SER A 952 6.21 7.81 -13.03
N SER A 953 7.16 7.92 -12.10
CA SER A 953 6.83 8.10 -10.69
C SER A 953 6.60 9.55 -10.32
N VAL A 954 6.75 10.47 -11.26
CA VAL A 954 6.50 11.87 -11.04
C VAL A 954 5.13 12.24 -11.57
N LEU A 955 4.65 13.43 -11.22
CA LEU A 955 3.35 13.92 -11.62
C LEU A 955 3.44 15.13 -12.55
N ASN A 956 4.64 15.44 -13.07
CA ASN A 956 4.87 16.64 -13.85
C ASN A 956 4.55 16.48 -15.34
N ASP A 957 4.02 15.33 -15.75
CA ASP A 957 3.80 15.10 -17.17
C ASP A 957 2.57 15.85 -17.70
N ILE A 958 1.52 16.00 -16.89
CA ILE A 958 0.35 16.78 -17.27
C ILE A 958 0.37 18.21 -16.69
N LEU A 959 1.02 18.42 -15.53
CA LEU A 959 1.12 19.73 -14.88
C LEU A 959 2.05 20.66 -15.67
N SER A 960 1.52 21.19 -16.76
CA SER A 960 2.20 22.09 -17.68
C SER A 960 1.11 22.84 -18.45
N ARG A 961 1.51 23.90 -19.16
CA ARG A 961 0.54 24.83 -19.73
C ARG A 961 0.07 24.34 -21.10
N LEU A 962 -0.84 23.35 -21.08
CA LEU A 962 -1.82 23.14 -22.13
C LEU A 962 -3.19 23.16 -21.46
N ASP A 963 -4.22 23.48 -22.25
CA ASP A 963 -5.59 23.45 -21.75
C ASP A 963 -6.05 22.03 -21.50
N LYS A 964 -6.74 21.82 -20.38
CA LYS A 964 -7.10 20.47 -19.91
C LYS A 964 -8.61 20.29 -19.68
N PRO A 965 -9.43 20.15 -20.77
CA PRO A 965 -10.80 19.65 -20.52
C PRO A 965 -10.82 18.13 -20.37
N GLU A 966 -9.81 17.47 -20.93
CA GLU A 966 -9.76 16.03 -21.01
C GLU A 966 -8.38 15.55 -20.56
N ALA A 967 -7.39 16.45 -20.66
CA ALA A 967 -6.00 16.11 -20.38
C ALA A 967 -5.71 15.90 -18.90
N GLU A 968 -6.50 16.49 -18.00
CA GLU A 968 -6.31 16.31 -16.57
C GLU A 968 -6.73 14.91 -16.12
N VAL A 969 -7.67 14.29 -16.85
CA VAL A 969 -8.26 13.00 -16.52
C VAL A 969 -7.25 11.85 -16.64
N GLN A 970 -6.18 12.05 -17.44
CA GLN A 970 -5.09 11.10 -17.59
C GLN A 970 -4.33 10.87 -16.28
N ILE A 971 -3.73 11.92 -15.72
CA ILE A 971 -3.07 11.77 -14.42
C ILE A 971 -4.00 11.63 -13.24
N ASP A 972 -5.32 11.84 -13.39
CA ASP A 972 -6.26 11.37 -12.39
C ASP A 972 -6.20 9.85 -12.25
N ARG A 973 -6.21 9.14 -13.39
CA ARG A 973 -6.11 7.69 -13.34
C ARG A 973 -4.67 7.25 -13.04
N LEU A 974 -3.67 8.04 -13.47
CA LEU A 974 -2.28 7.65 -13.25
C LEU A 974 -1.87 7.83 -11.79
N ILE A 975 -2.35 8.90 -11.14
CA ILE A 975 -2.19 9.03 -9.69
C ILE A 975 -3.08 8.02 -8.96
N THR A 976 -4.27 7.71 -9.50
CA THR A 976 -5.19 6.71 -8.92
C THR A 976 -4.59 5.29 -8.89
N GLY A 977 -3.73 4.98 -9.86
CA GLY A 977 -2.92 3.77 -9.77
C GLY A 977 -1.91 3.75 -8.63
N ARG A 978 -1.47 4.93 -8.19
CA ARG A 978 -0.57 5.03 -7.03
C ARG A 978 -1.31 5.14 -5.70
N LEU A 979 -2.63 5.39 -5.70
CA LEU A 979 -3.31 5.73 -4.45
C LEU A 979 -3.57 4.51 -3.57
N GLN A 980 -3.78 3.33 -4.16
CA GLN A 980 -4.22 2.17 -3.40
C GLN A 980 -3.09 1.45 -2.65
N SER A 981 -1.85 1.92 -2.77
CA SER A 981 -0.72 1.29 -2.08
C SER A 981 -0.77 1.52 -0.57
N LEU A 982 -1.28 2.67 -0.12
CA LEU A 982 -1.26 2.99 1.30
C LEU A 982 -2.34 2.24 2.08
N GLN A 983 -3.51 2.00 1.48
CA GLN A 983 -4.57 1.30 2.20
C GLN A 983 -4.26 -0.18 2.36
N THR A 984 -3.56 -0.77 1.39
CA THR A 984 -3.03 -2.13 1.50
C THR A 984 -1.96 -2.20 2.60
N TYR A 985 -1.12 -1.16 2.67
CA TYR A 985 -0.14 -1.00 3.75
C TYR A 985 -0.76 -0.88 5.14
N VAL A 986 -1.74 0.00 5.32
CA VAL A 986 -2.26 0.22 6.67
C VAL A 986 -3.24 -0.88 7.05
N THR A 987 -3.83 -1.58 6.07
CA THR A 987 -4.55 -2.83 6.34
C THR A 987 -3.60 -3.93 6.82
N GLN A 988 -2.43 -4.04 6.17
CA GLN A 988 -1.40 -5.00 6.59
C GLN A 988 -0.79 -4.64 7.94
N GLN A 989 -0.53 -3.35 8.17
CA GLN A 989 0.00 -2.86 9.43
C GLN A 989 -1.05 -2.82 10.51
N LEU A 990 -2.34 -2.85 10.17
CA LEU A 990 -3.42 -2.87 11.14
C LEU A 990 -3.75 -4.29 11.58
N ILE A 991 -3.63 -5.27 10.69
CA ILE A 991 -3.65 -6.67 11.12
C ILE A 991 -2.38 -6.98 11.92
N ARG A 992 -1.24 -6.39 11.53
CA ARG A 992 -0.04 -6.48 12.36
C ARG A 992 -0.18 -5.72 13.67
N ALA A 993 -0.90 -4.60 13.70
CA ALA A 993 -1.12 -3.87 14.94
C ALA A 993 -2.14 -4.56 15.82
N ALA A 994 -3.06 -5.32 15.23
CA ALA A 994 -3.92 -6.20 16.01
C ALA A 994 -3.14 -7.37 16.59
N GLU A 995 -2.14 -7.86 15.86
CA GLU A 995 -1.26 -8.90 16.40
C GLU A 995 -0.35 -8.33 17.51
N ILE A 996 0.14 -7.10 17.32
CA ILE A 996 0.93 -6.40 18.33
C ILE A 996 0.06 -6.05 19.53
N ARG A 997 -1.22 -5.71 19.30
CA ARG A 997 -2.18 -5.45 20.36
C ARG A 997 -2.56 -6.71 21.11
N ALA A 998 -2.62 -7.87 20.42
CA ALA A 998 -2.87 -9.13 21.10
C ALA A 998 -1.67 -9.56 21.93
N SER A 999 -0.46 -9.42 21.38
CA SER A 999 0.76 -9.73 22.14
C SER A 999 1.06 -8.67 23.20
N ALA A 1000 0.51 -7.48 23.09
CA ALA A 1000 0.75 -6.41 24.05
C ALA A 1000 -0.31 -6.34 25.14
N ASN A 1001 -1.54 -6.77 24.86
CA ASN A 1001 -2.47 -7.10 25.94
C ASN A 1001 -2.03 -8.37 26.64
N LEU A 1002 -1.39 -9.28 25.90
CA LEU A 1002 -0.69 -10.42 26.51
C LEU A 1002 0.50 -9.95 27.35
N ALA A 1003 1.20 -8.90 26.92
CA ALA A 1003 2.30 -8.34 27.71
C ALA A 1003 1.81 -7.53 28.91
N ALA A 1004 0.67 -6.85 28.79
CA ALA A 1004 0.05 -6.18 29.94
C ALA A 1004 -0.44 -7.19 30.95
N THR A 1005 -0.99 -8.30 30.46
CA THR A 1005 -1.34 -9.43 31.30
C THR A 1005 -0.09 -10.08 31.89
N LYS A 1006 1.03 -10.06 31.16
CA LYS A 1006 2.26 -10.63 31.72
C LYS A 1006 2.93 -9.73 32.76
N MET A 1007 2.88 -8.40 32.62
CA MET A 1007 3.33 -7.55 33.73
C MET A 1007 2.39 -7.63 34.93
N SER A 1008 1.08 -7.66 34.69
CA SER A 1008 0.09 -7.69 35.77
C SER A 1008 0.07 -9.04 36.49
N GLU A 1009 0.31 -10.13 35.79
CA GLU A 1009 0.22 -11.47 36.37
C GLU A 1009 1.55 -12.21 36.46
N CYS A 1010 2.65 -11.66 35.95
CA CYS A 1010 3.96 -12.24 36.18
C CYS A 1010 4.91 -11.31 36.94
N VAL A 1011 4.75 -10.00 36.85
CA VAL A 1011 5.63 -9.09 37.58
C VAL A 1011 4.91 -8.53 38.79
N LEU A 1012 3.71 -8.00 38.56
CA LEU A 1012 2.86 -7.52 39.65
C LEU A 1012 2.11 -8.63 40.36
N GLY A 1013 2.21 -9.87 39.90
CA GLY A 1013 1.65 -11.00 40.61
C GLY A 1013 2.44 -12.24 40.30
N GLN A 1014 1.78 -13.38 40.37
CA GLN A 1014 2.34 -14.66 39.97
C GLN A 1014 1.22 -15.46 39.33
N SER A 1015 1.41 -15.89 38.08
CA SER A 1015 0.33 -16.49 37.31
C SER A 1015 0.24 -17.98 37.56
N LYS A 1016 -0.98 -18.47 37.75
CA LYS A 1016 -1.24 -19.89 37.96
C LYS A 1016 -1.51 -20.62 36.66
N ARG A 1017 -1.54 -19.89 35.55
CA ARG A 1017 -1.86 -20.47 34.25
C ARG A 1017 -0.69 -21.28 33.72
N VAL A 1018 -0.98 -22.46 33.18
CA VAL A 1018 0.06 -23.40 32.77
C VAL A 1018 0.63 -22.98 31.42
N ASP A 1019 1.98 -22.88 31.37
CA ASP A 1019 2.78 -22.48 30.20
C ASP A 1019 2.41 -21.10 29.68
N PHE A 1020 2.17 -20.18 30.62
CA PHE A 1020 1.78 -18.82 30.28
C PHE A 1020 2.96 -17.86 30.25
N CYS A 1021 3.69 -17.78 31.36
CA CYS A 1021 4.78 -16.82 31.52
C CYS A 1021 6.09 -17.48 31.06
N GLY A 1022 6.14 -17.81 29.78
CA GLY A 1022 7.18 -18.69 29.29
C GLY A 1022 6.89 -20.15 29.62
N LYS A 1023 7.81 -21.01 29.22
CA LYS A 1023 7.66 -22.44 29.48
C LYS A 1023 8.02 -22.77 30.91
N GLY A 1024 7.19 -23.58 31.56
CA GLY A 1024 7.41 -24.01 32.92
C GLY A 1024 6.62 -23.19 33.93
N TYR A 1025 6.71 -23.61 35.19
CA TYR A 1025 6.04 -22.90 36.28
C TYR A 1025 6.77 -21.60 36.59
N HIS A 1026 6.03 -20.51 36.60
CA HIS A 1026 6.59 -19.17 36.70
C HIS A 1026 7.01 -18.84 38.13
N LEU A 1027 8.11 -18.06 38.25
CA LEU A 1027 8.57 -17.59 39.56
C LEU A 1027 8.48 -16.07 39.69
N MET A 1028 9.18 -15.33 38.82
CA MET A 1028 9.08 -13.87 38.74
C MET A 1028 9.51 -13.48 37.33
N SER A 1029 9.38 -12.18 37.03
CA SER A 1029 9.78 -11.71 35.71
C SER A 1029 10.35 -10.30 35.83
N PHE A 1030 11.36 -10.00 35.02
CA PHE A 1030 12.01 -8.70 35.01
C PHE A 1030 11.91 -8.08 33.62
N PRO A 1031 11.31 -6.90 33.48
CA PRO A 1031 11.18 -6.26 32.15
C PRO A 1031 12.36 -5.41 31.65
N GLN A 1032 13.39 -6.08 31.16
CA GLN A 1032 14.50 -5.38 30.52
C GLN A 1032 14.06 -4.96 29.13
N SER A 1033 14.23 -3.68 28.81
CA SER A 1033 13.59 -3.09 27.65
C SER A 1033 14.35 -3.42 26.36
N ALA A 1034 13.80 -2.94 25.25
CA ALA A 1034 14.25 -3.29 23.90
C ALA A 1034 13.76 -2.19 22.95
N PRO A 1035 14.40 -2.03 21.75
CA PRO A 1035 13.84 -1.10 20.76
C PRO A 1035 12.51 -1.56 20.17
N HIS A 1036 11.44 -0.82 20.52
CA HIS A 1036 10.05 -1.09 20.17
C HIS A 1036 9.61 -2.50 20.59
N GLY A 1037 9.97 -2.86 21.81
CA GLY A 1037 9.67 -4.18 22.33
C GLY A 1037 10.09 -4.25 23.78
N VAL A 1038 9.74 -5.36 24.41
CA VAL A 1038 10.15 -5.62 25.78
C VAL A 1038 10.60 -7.07 25.88
N VAL A 1039 11.67 -7.29 26.63
CA VAL A 1039 12.25 -8.61 26.83
C VAL A 1039 11.93 -9.02 28.25
N PHE A 1040 10.85 -9.78 28.42
CA PHE A 1040 10.54 -10.35 29.72
C PHE A 1040 11.53 -11.45 30.06
N LEU A 1041 12.28 -11.26 31.15
CA LEU A 1041 13.13 -12.32 31.67
C LEU A 1041 12.29 -13.13 32.66
N HIS A 1042 11.49 -14.03 32.11
CA HIS A 1042 10.68 -14.95 32.93
C HIS A 1042 11.58 -15.94 33.65
N VAL A 1043 11.77 -15.70 34.94
CA VAL A 1043 12.33 -16.71 35.83
C VAL A 1043 11.29 -17.81 35.97
N THR A 1044 11.58 -19.00 35.45
CA THR A 1044 10.66 -20.13 35.48
C THR A 1044 11.28 -21.28 36.25
N TYR A 1045 10.43 -22.05 36.91
CA TYR A 1045 10.84 -23.23 37.67
C TYR A 1045 10.59 -24.44 36.78
N VAL A 1046 11.67 -25.01 36.26
CA VAL A 1046 11.60 -26.18 35.37
C VAL A 1046 12.27 -27.35 36.08
N PRO A 1047 11.57 -28.44 36.36
CA PRO A 1047 12.24 -29.63 36.90
C PRO A 1047 13.04 -30.36 35.82
N ALA A 1048 14.07 -31.08 36.27
CA ALA A 1048 15.00 -31.71 35.35
C ALA A 1048 15.25 -33.18 35.61
N GLN A 1049 15.26 -33.61 36.88
CA GLN A 1049 15.58 -34.99 37.24
C GLN A 1049 14.35 -35.68 37.82
N GLU A 1050 14.21 -36.97 37.50
CA GLU A 1050 13.01 -37.73 37.82
C GLU A 1050 13.41 -39.05 38.49
N LYS A 1051 12.66 -39.43 39.51
CA LYS A 1051 12.90 -40.66 40.25
C LYS A 1051 11.59 -41.40 40.48
N ASN A 1052 11.69 -42.73 40.57
CA ASN A 1052 10.52 -43.59 40.71
C ASN A 1052 10.42 -44.14 42.12
N PHE A 1053 9.19 -44.15 42.65
CA PHE A 1053 8.91 -44.60 44.01
C PHE A 1053 7.64 -45.44 44.00
N THR A 1054 7.47 -46.27 45.04
CA THR A 1054 6.22 -46.99 45.23
C THR A 1054 5.23 -46.12 46.02
N THR A 1055 4.00 -46.59 46.13
CA THR A 1055 2.93 -45.77 46.70
C THR A 1055 1.90 -46.63 47.41
N ALA A 1056 0.98 -45.95 48.10
CA ALA A 1056 -0.16 -46.53 48.79
C ALA A 1056 -1.37 -45.63 48.58
N PRO A 1057 -2.60 -46.20 48.55
CA PRO A 1057 -3.77 -45.32 48.45
C PRO A 1057 -4.16 -44.62 49.75
N ALA A 1058 -4.04 -45.30 50.89
CA ALA A 1058 -4.40 -44.79 52.21
C ALA A 1058 -3.73 -45.68 53.23
N ILE A 1059 -3.89 -45.33 54.51
CA ILE A 1059 -3.40 -46.13 55.62
C ILE A 1059 -4.59 -46.59 56.43
N CYS A 1060 -4.76 -47.91 56.54
CA CYS A 1060 -5.80 -48.50 57.37
C CYS A 1060 -5.21 -48.68 58.77
N HIS A 1061 -5.37 -47.65 59.59
CA HIS A 1061 -4.70 -47.60 60.89
C HIS A 1061 -5.49 -48.34 61.97
N ASP A 1062 -6.73 -47.91 62.22
CA ASP A 1062 -7.57 -48.47 63.27
C ASP A 1062 -8.99 -48.72 62.75
N GLY A 1063 -9.08 -49.38 61.59
CA GLY A 1063 -10.37 -49.65 60.99
C GLY A 1063 -10.95 -48.52 60.17
N LYS A 1064 -10.21 -47.42 60.02
CA LYS A 1064 -10.65 -46.28 59.22
C LYS A 1064 -9.57 -45.92 58.22
N ALA A 1065 -9.98 -45.26 57.14
CA ALA A 1065 -9.06 -44.82 56.09
C ALA A 1065 -8.52 -43.44 56.46
N HIS A 1066 -7.19 -43.31 56.48
CA HIS A 1066 -6.51 -42.09 56.92
C HIS A 1066 -5.90 -41.39 55.72
N PHE A 1067 -5.99 -40.06 55.71
CA PHE A 1067 -5.60 -39.30 54.53
C PHE A 1067 -4.71 -38.14 54.92
N PRO A 1068 -3.72 -37.78 54.11
CA PRO A 1068 -2.89 -36.60 54.41
C PRO A 1068 -3.55 -35.32 53.91
N ARG A 1069 -2.93 -34.20 54.27
CA ARG A 1069 -3.49 -32.89 53.94
C ARG A 1069 -3.29 -32.54 52.48
N GLU A 1070 -2.04 -32.42 52.05
CA GLU A 1070 -1.71 -31.93 50.71
C GLU A 1070 -0.66 -32.83 50.08
N GLY A 1071 -1.03 -33.52 49.01
CA GLY A 1071 -0.04 -34.25 48.23
C GLY A 1071 -0.37 -35.73 48.12
N VAL A 1072 0.22 -36.35 47.09
CA VAL A 1072 0.11 -37.78 46.80
C VAL A 1072 1.11 -38.57 47.63
N PHE A 1073 0.94 -39.90 47.68
CA PHE A 1073 1.82 -40.78 48.44
C PHE A 1073 3.01 -41.25 47.62
N VAL A 1074 4.18 -41.27 48.26
CA VAL A 1074 5.38 -41.93 47.75
C VAL A 1074 5.93 -42.84 48.85
N SER A 1075 6.82 -43.75 48.45
CA SER A 1075 7.43 -44.67 49.40
C SER A 1075 8.77 -45.16 48.89
N ASN A 1076 9.70 -45.39 49.81
CA ASN A 1076 10.93 -46.10 49.50
C ASN A 1076 10.75 -47.61 49.43
N GLY A 1077 9.62 -48.13 49.92
CA GLY A 1077 9.32 -49.54 49.89
C GLY A 1077 8.74 -50.03 51.20
N THR A 1078 9.20 -49.45 52.32
CA THR A 1078 8.66 -49.74 53.63
C THR A 1078 8.14 -48.52 54.37
N HIS A 1079 8.62 -47.31 54.04
CA HIS A 1079 8.25 -46.08 54.73
C HIS A 1079 7.56 -45.15 53.75
N TRP A 1080 6.35 -44.72 54.08
CA TRP A 1080 5.54 -43.89 53.18
C TRP A 1080 5.71 -42.41 53.49
N PHE A 1081 5.81 -41.61 52.43
CA PHE A 1081 5.93 -40.16 52.52
C PHE A 1081 4.93 -39.50 51.58
N VAL A 1082 4.75 -38.20 51.77
CA VAL A 1082 3.76 -37.42 51.03
C VAL A 1082 4.46 -36.21 50.44
N THR A 1083 4.29 -35.98 49.13
CA THR A 1083 4.95 -34.85 48.48
C THR A 1083 4.02 -34.20 47.46
N GLN A 1084 4.38 -32.98 47.09
CA GLN A 1084 3.67 -32.20 46.09
C GLN A 1084 4.28 -32.54 44.73
N ARG A 1085 3.69 -32.04 43.66
CA ARG A 1085 3.94 -32.52 42.31
C ARG A 1085 5.08 -31.81 41.61
N ASN A 1086 5.65 -30.75 42.18
CA ASN A 1086 6.74 -30.02 41.54
C ASN A 1086 8.08 -30.19 42.24
N PHE A 1087 8.11 -30.77 43.44
CA PHE A 1087 9.35 -31.02 44.16
C PHE A 1087 9.12 -32.21 45.08
N TYR A 1088 10.20 -32.87 45.47
CA TYR A 1088 10.16 -34.02 46.34
C TYR A 1088 10.47 -33.60 47.78
N GLU A 1089 9.51 -33.76 48.68
CA GLU A 1089 9.76 -33.59 50.11
C GLU A 1089 9.26 -34.81 50.86
N PRO A 1090 10.03 -35.32 51.84
CA PRO A 1090 9.51 -36.38 52.70
C PRO A 1090 8.76 -35.85 53.92
N GLN A 1091 7.61 -36.44 54.22
CA GLN A 1091 6.83 -36.07 55.40
C GLN A 1091 6.60 -37.29 56.28
N ILE A 1092 6.70 -37.08 57.59
CA ILE A 1092 6.57 -38.15 58.57
C ILE A 1092 5.10 -38.43 58.80
N ILE A 1093 4.75 -39.72 58.88
CA ILE A 1093 3.37 -40.13 59.17
C ILE A 1093 3.13 -39.94 60.67
N THR A 1094 2.31 -38.94 61.01
CA THR A 1094 2.00 -38.60 62.39
C THR A 1094 0.53 -38.87 62.69
N THR A 1095 0.13 -38.54 63.92
CA THR A 1095 -1.29 -38.55 64.28
C THR A 1095 -2.01 -37.35 63.67
N ASP A 1096 -1.38 -36.17 63.73
CA ASP A 1096 -2.02 -34.92 63.34
C ASP A 1096 -2.18 -34.76 61.83
N ASN A 1097 -1.26 -35.32 61.04
CA ASN A 1097 -1.34 -35.18 59.59
C ASN A 1097 -2.36 -36.11 58.93
N THR A 1098 -2.92 -37.07 59.67
CA THR A 1098 -3.91 -37.99 59.15
C THR A 1098 -5.29 -37.60 59.64
N PHE A 1099 -6.26 -37.55 58.73
CA PHE A 1099 -7.67 -37.37 59.08
C PHE A 1099 -8.49 -38.52 58.51
N VAL A 1100 -9.63 -38.78 59.15
CA VAL A 1100 -10.49 -39.90 58.77
C VAL A 1100 -11.55 -39.38 57.81
N SER A 1101 -11.59 -39.96 56.60
CA SER A 1101 -12.60 -39.62 55.61
C SER A 1101 -13.13 -40.89 54.94
N GLY A 1102 -13.37 -41.93 55.73
CA GLY A 1102 -13.89 -43.17 55.20
C GLY A 1102 -13.39 -44.41 55.93
N ASN A 1103 -13.99 -45.55 55.63
CA ASN A 1103 -13.60 -46.82 56.25
C ASN A 1103 -12.66 -47.60 55.33
N CYS A 1104 -12.10 -48.68 55.87
CA CYS A 1104 -11.14 -49.48 55.12
C CYS A 1104 -11.80 -50.40 54.10
N ASP A 1105 -13.04 -50.82 54.33
CA ASP A 1105 -13.68 -51.78 53.43
C ASP A 1105 -14.17 -51.14 52.13
N VAL A 1106 -14.55 -49.85 52.17
CA VAL A 1106 -14.99 -49.17 50.96
C VAL A 1106 -13.82 -48.66 50.12
N VAL A 1107 -12.61 -48.67 50.66
CA VAL A 1107 -11.41 -48.26 49.94
C VAL A 1107 -10.74 -49.51 49.40
N ILE A 1108 -10.57 -49.58 48.09
CA ILE A 1108 -10.05 -50.78 47.43
C ILE A 1108 -8.53 -50.78 47.51
N GLY A 1109 -7.96 -51.88 48.02
CA GLY A 1109 -6.52 -52.05 48.01
C GLY A 1109 -5.75 -51.28 49.06
N ILE A 1110 -6.37 -51.04 50.23
CA ILE A 1110 -5.75 -50.25 51.29
C ILE A 1110 -4.61 -51.04 51.94
N VAL A 1111 -3.65 -50.32 52.53
CA VAL A 1111 -2.41 -50.90 53.03
C VAL A 1111 -2.42 -50.83 54.55
N ASN A 1112 -2.23 -51.98 55.19
CA ASN A 1112 -2.17 -52.05 56.65
C ASN A 1112 -0.80 -51.54 57.08
N ASN A 1113 -0.77 -50.67 58.08
CA ASN A 1113 0.47 -50.16 58.63
C ASN A 1113 0.35 -50.01 60.14
N ALA B 14 -67.69 -14.21 -16.90
CA ALA B 14 -67.05 -15.36 -16.28
C ALA B 14 -65.54 -15.14 -16.14
N TYR B 15 -65.00 -15.55 -14.99
CA TYR B 15 -63.58 -15.41 -14.73
C TYR B 15 -63.03 -16.68 -14.11
N THR B 16 -61.89 -17.14 -14.62
CA THR B 16 -61.18 -18.30 -14.07
C THR B 16 -59.78 -17.88 -13.64
N ASN B 17 -58.95 -18.85 -13.27
CA ASN B 17 -57.69 -18.57 -12.59
C ASN B 17 -56.54 -19.00 -13.49
N SER B 18 -55.40 -18.30 -13.35
CA SER B 18 -54.23 -18.57 -14.17
C SER B 18 -53.53 -19.87 -13.77
N PHE B 19 -53.40 -20.10 -12.46
CA PHE B 19 -52.51 -21.08 -11.78
C PHE B 19 -51.08 -20.85 -12.29
N THR B 20 -50.33 -21.89 -12.64
CA THR B 20 -48.92 -21.76 -13.03
C THR B 20 -48.78 -21.83 -14.56
N ARG B 21 -48.79 -20.65 -15.20
CA ARG B 21 -48.74 -20.59 -16.64
C ARG B 21 -48.10 -19.26 -17.06
N GLY B 22 -47.42 -19.26 -18.20
CA GLY B 22 -46.99 -18.04 -18.84
C GLY B 22 -45.50 -17.79 -18.95
N VAL B 23 -44.65 -18.73 -18.53
CA VAL B 23 -43.20 -18.57 -18.66
C VAL B 23 -42.79 -18.97 -20.08
N TYR B 24 -41.84 -18.24 -20.66
CA TYR B 24 -41.52 -18.44 -22.07
C TYR B 24 -40.04 -18.19 -22.38
N TYR B 25 -39.57 -18.93 -23.39
CA TYR B 25 -38.31 -18.74 -24.10
C TYR B 25 -38.44 -17.49 -24.99
N PRO B 26 -37.32 -16.88 -25.52
CA PRO B 26 -35.91 -17.18 -25.84
C PRO B 26 -34.83 -17.05 -24.76
N ASP B 27 -33.75 -17.80 -25.01
CA ASP B 27 -32.43 -17.58 -24.43
C ASP B 27 -31.44 -18.20 -25.40
N LYS B 28 -30.35 -17.47 -25.69
CA LYS B 28 -29.44 -17.87 -26.76
C LYS B 28 -28.35 -18.83 -26.29
N VAL B 29 -28.23 -19.07 -24.99
CA VAL B 29 -27.19 -19.95 -24.45
C VAL B 29 -27.89 -21.14 -23.79
N PHE B 30 -27.55 -22.35 -24.24
CA PHE B 30 -28.12 -23.57 -23.67
C PHE B 30 -27.18 -24.08 -22.59
N ARG B 31 -27.68 -24.17 -21.37
CA ARG B 31 -26.91 -24.64 -20.22
C ARG B 31 -27.71 -25.68 -19.46
N SER B 32 -27.06 -26.34 -18.51
CA SER B 32 -27.69 -27.29 -17.61
C SER B 32 -27.40 -26.89 -16.16
N SER B 33 -28.44 -26.98 -15.33
CA SER B 33 -28.43 -26.71 -13.88
C SER B 33 -27.94 -25.30 -13.53
N VAL B 34 -28.51 -24.31 -14.21
CA VAL B 34 -28.20 -22.91 -13.96
C VAL B 34 -29.48 -22.19 -13.54
N LEU B 35 -29.29 -21.01 -12.95
CA LEU B 35 -30.40 -20.18 -12.48
C LEU B 35 -30.20 -18.76 -12.98
N HIS B 36 -31.26 -18.17 -13.53
CA HIS B 36 -31.19 -16.86 -14.13
C HIS B 36 -32.47 -16.08 -13.84
N SER B 37 -32.35 -14.76 -13.76
CA SER B 37 -33.48 -13.88 -13.47
C SER B 37 -33.64 -12.85 -14.58
N THR B 38 -34.85 -12.73 -15.10
CA THR B 38 -35.19 -11.77 -16.16
C THR B 38 -36.34 -10.90 -15.73
N GLN B 39 -36.42 -9.70 -16.32
CA GLN B 39 -37.57 -8.82 -16.19
C GLN B 39 -38.13 -8.55 -17.57
N ASP B 40 -39.39 -8.93 -17.79
CA ASP B 40 -40.01 -8.90 -19.11
C ASP B 40 -41.51 -8.85 -18.85
N LEU B 41 -42.31 -8.69 -19.90
CA LEU B 41 -43.76 -8.79 -19.79
C LEU B 41 -44.18 -10.25 -19.64
N PHE B 42 -45.11 -10.51 -18.72
CA PHE B 42 -45.57 -11.87 -18.43
C PHE B 42 -47.04 -11.87 -18.04
N LEU B 43 -47.61 -13.07 -18.03
CA LEU B 43 -48.81 -13.33 -17.24
C LEU B 43 -48.39 -13.63 -15.81
N PRO B 44 -48.88 -12.91 -14.81
CA PRO B 44 -48.54 -13.23 -13.42
C PRO B 44 -49.19 -14.53 -12.95
N PHE B 45 -48.54 -15.14 -11.96
CA PHE B 45 -49.03 -16.37 -11.34
C PHE B 45 -50.29 -16.09 -10.54
N PHE B 46 -51.25 -17.03 -10.64
CA PHE B 46 -52.53 -17.05 -9.91
C PHE B 46 -53.39 -15.81 -10.15
N SER B 47 -53.33 -15.26 -11.35
CA SER B 47 -54.13 -14.10 -11.71
C SER B 47 -55.48 -14.52 -12.29
N ASN B 48 -56.37 -13.55 -12.47
CA ASN B 48 -57.69 -13.79 -13.01
C ASN B 48 -57.69 -13.59 -14.52
N VAL B 49 -58.20 -14.59 -15.25
CA VAL B 49 -58.30 -14.52 -16.70
C VAL B 49 -59.76 -14.66 -17.10
N THR B 50 -60.06 -14.24 -18.33
CA THR B 50 -61.43 -14.19 -18.83
C THR B 50 -61.73 -15.45 -19.64
N TRP B 51 -62.86 -16.09 -19.33
CA TRP B 51 -63.32 -17.27 -20.04
C TRP B 51 -64.56 -16.93 -20.87
N PHE B 52 -64.58 -17.43 -22.11
CA PHE B 52 -65.72 -17.25 -22.99
C PHE B 52 -66.35 -18.60 -23.31
N PHE B 173 -62.44 -34.68 -25.95
CA PHE B 173 -61.51 -33.69 -25.41
C PHE B 173 -60.20 -34.35 -25.02
N LYS B 174 -59.34 -34.58 -26.00
CA LYS B 174 -58.06 -35.23 -25.77
C LYS B 174 -56.88 -34.27 -25.70
N ASN B 175 -57.00 -33.08 -26.29
CA ASN B 175 -55.90 -32.13 -26.31
C ASN B 175 -56.42 -30.74 -25.96
N LEU B 176 -55.73 -30.07 -25.05
CA LEU B 176 -55.97 -28.67 -24.73
C LEU B 176 -54.69 -27.92 -25.07
N ARG B 177 -54.76 -27.05 -26.08
CA ARG B 177 -53.58 -26.37 -26.60
C ARG B 177 -53.60 -24.90 -26.19
N GLU B 178 -52.41 -24.36 -25.93
CA GLU B 178 -52.24 -23.04 -25.33
C GLU B 178 -51.43 -22.15 -26.26
N PHE B 179 -51.84 -20.88 -26.35
CA PHE B 179 -51.16 -19.90 -27.18
C PHE B 179 -50.96 -18.61 -26.41
N VAL B 180 -49.83 -17.95 -26.67
CA VAL B 180 -49.53 -16.61 -26.15
C VAL B 180 -49.17 -15.74 -27.34
N PHE B 181 -49.91 -14.64 -27.53
CA PHE B 181 -49.66 -13.69 -28.60
C PHE B 181 -49.23 -12.37 -27.98
N LYS B 182 -47.93 -12.08 -28.04
CA LYS B 182 -47.38 -10.82 -27.56
C LYS B 182 -46.74 -10.06 -28.70
N ASN B 183 -46.72 -8.73 -28.58
CA ASN B 183 -46.21 -7.85 -29.63
C ASN B 183 -45.50 -6.68 -28.96
N ILE B 184 -44.18 -6.65 -29.07
CA ILE B 184 -43.38 -5.51 -28.63
C ILE B 184 -42.60 -4.97 -29.84
N ASP B 185 -42.63 -3.63 -29.99
CA ASP B 185 -41.93 -2.84 -31.03
C ASP B 185 -42.34 -3.21 -32.45
N GLY B 186 -43.58 -3.70 -32.63
CA GLY B 186 -44.01 -4.18 -33.93
C GLY B 186 -43.52 -5.57 -34.30
N TYR B 187 -42.88 -6.28 -33.37
CA TYR B 187 -42.33 -7.61 -33.62
C TYR B 187 -43.21 -8.64 -32.91
N PHE B 188 -43.69 -9.61 -33.67
CA PHE B 188 -44.69 -10.55 -33.19
C PHE B 188 -44.05 -11.88 -32.80
N LYS B 189 -44.42 -12.39 -31.64
CA LYS B 189 -43.91 -13.65 -31.10
C LYS B 189 -45.04 -14.65 -30.99
N ILE B 190 -44.87 -15.83 -31.59
CA ILE B 190 -45.90 -16.85 -31.64
C ILE B 190 -45.44 -18.06 -30.83
N TYR B 191 -46.28 -18.52 -29.91
CA TYR B 191 -46.00 -19.71 -29.12
C TYR B 191 -47.15 -20.68 -29.25
N SER B 192 -46.84 -21.94 -29.58
CA SER B 192 -47.85 -22.97 -29.75
C SER B 192 -47.37 -24.25 -29.08
N LYS B 193 -48.22 -24.81 -28.22
CA LYS B 193 -47.93 -26.07 -27.54
C LYS B 193 -49.25 -26.75 -27.21
N HIS B 194 -49.32 -28.05 -27.44
CA HIS B 194 -50.50 -28.85 -27.11
C HIS B 194 -50.17 -29.77 -25.94
N THR B 195 -51.08 -29.79 -24.96
CA THR B 195 -50.92 -30.56 -23.73
C THR B 195 -52.05 -31.59 -23.62
N PRO B 196 -51.79 -32.75 -23.04
CA PRO B 196 -52.89 -33.65 -22.67
C PRO B 196 -53.69 -33.07 -21.51
N ILE B 197 -55.00 -33.32 -21.54
CA ILE B 197 -55.93 -32.68 -20.61
C ILE B 197 -56.57 -33.75 -19.73
N ASN B 198 -56.49 -33.56 -18.41
CA ASN B 198 -57.10 -34.45 -17.44
C ASN B 198 -58.35 -33.85 -16.81
N LEU B 199 -58.24 -32.65 -16.24
CA LEU B 199 -59.40 -31.93 -15.71
C LEU B 199 -60.13 -31.30 -16.89
N VAL B 200 -61.36 -31.72 -17.14
CA VAL B 200 -62.05 -31.36 -18.37
C VAL B 200 -62.61 -29.95 -18.30
N ARG B 201 -63.31 -29.62 -17.22
CA ARG B 201 -64.00 -28.33 -17.11
C ARG B 201 -63.16 -27.26 -16.44
N ASP B 202 -61.92 -27.57 -16.04
CA ASP B 202 -61.05 -26.62 -15.37
C ASP B 202 -59.68 -26.65 -16.03
N LEU B 203 -58.91 -25.58 -15.81
CA LEU B 203 -57.53 -25.56 -16.25
C LEU B 203 -56.68 -26.47 -15.35
N PRO B 204 -55.73 -27.21 -15.92
CA PRO B 204 -54.92 -28.12 -15.10
C PRO B 204 -53.89 -27.38 -14.27
N GLN B 205 -53.39 -28.07 -13.25
CA GLN B 205 -52.34 -27.56 -12.37
C GLN B 205 -50.94 -27.87 -12.88
N GLY B 206 -50.81 -28.48 -14.06
CA GLY B 206 -49.51 -28.82 -14.59
C GLY B 206 -48.75 -27.61 -15.11
N PHE B 207 -47.47 -27.84 -15.40
CA PHE B 207 -46.55 -26.81 -15.83
C PHE B 207 -46.42 -26.87 -17.35
N SER B 208 -46.20 -25.70 -17.96
CA SER B 208 -46.04 -25.61 -19.41
C SER B 208 -44.98 -24.54 -19.71
N ALA B 209 -43.86 -24.98 -20.29
CA ALA B 209 -42.81 -24.08 -20.76
C ALA B 209 -42.96 -23.88 -22.25
N LEU B 210 -42.93 -22.62 -22.69
CA LEU B 210 -43.23 -22.27 -24.08
C LEU B 210 -41.96 -21.85 -24.81
N GLU B 211 -41.75 -22.43 -25.98
CA GLU B 211 -40.73 -22.20 -27.01
C GLU B 211 -41.34 -21.46 -28.19
N PRO B 212 -40.63 -20.51 -28.80
CA PRO B 212 -41.22 -19.73 -29.90
C PRO B 212 -41.24 -20.52 -31.20
N LEU B 213 -42.37 -20.40 -31.91
CA LEU B 213 -42.49 -21.03 -33.23
C LEU B 213 -41.70 -20.25 -34.27
N VAL B 214 -41.90 -18.93 -34.31
CA VAL B 214 -41.25 -18.07 -35.29
C VAL B 214 -41.14 -16.67 -34.68
N ASP B 215 -40.13 -15.92 -35.11
CA ASP B 215 -39.97 -14.51 -34.78
C ASP B 215 -40.31 -13.76 -36.07
N LEU B 216 -41.53 -13.24 -36.15
CA LEU B 216 -42.03 -12.67 -37.39
C LEU B 216 -42.18 -11.17 -37.27
N PRO B 217 -41.33 -10.37 -37.95
CA PRO B 217 -41.48 -8.91 -37.91
C PRO B 217 -42.59 -8.38 -38.82
N ILE B 218 -43.82 -8.38 -38.28
CA ILE B 218 -44.99 -7.96 -39.07
C ILE B 218 -45.01 -6.46 -39.32
N GLY B 219 -44.55 -5.65 -38.35
CA GLY B 219 -44.51 -4.21 -38.50
C GLY B 219 -45.84 -3.49 -38.55
N ILE B 220 -46.93 -4.13 -38.12
CA ILE B 220 -48.26 -3.56 -38.18
C ILE B 220 -48.79 -3.43 -36.75
N ASN B 221 -49.92 -2.74 -36.63
CA ASN B 221 -50.54 -2.46 -35.33
C ASN B 221 -51.78 -3.35 -35.17
N ILE B 222 -51.86 -4.03 -34.03
CA ILE B 222 -53.00 -4.86 -33.66
C ILE B 222 -53.52 -4.36 -32.32
N THR B 223 -54.79 -3.92 -32.30
CA THR B 223 -55.46 -3.52 -31.06
C THR B 223 -56.65 -4.40 -30.72
N ARG B 224 -57.06 -5.29 -31.62
CA ARG B 224 -58.20 -6.17 -31.38
C ARG B 224 -57.91 -7.52 -32.03
N PHE B 225 -58.56 -8.56 -31.50
CA PHE B 225 -58.34 -9.92 -31.99
C PHE B 225 -59.62 -10.72 -31.85
N GLN B 226 -59.73 -11.76 -32.67
CA GLN B 226 -60.87 -12.65 -32.66
C GLN B 226 -60.43 -14.02 -33.17
N THR B 227 -61.07 -15.07 -32.67
CA THR B 227 -60.75 -16.43 -33.08
C THR B 227 -61.74 -16.92 -34.13
N TYR B 252 -62.98 -20.80 -24.52
CA TYR B 252 -61.55 -20.52 -24.53
C TYR B 252 -61.19 -19.53 -23.43
N TYR B 253 -59.93 -19.57 -23.01
CA TYR B 253 -59.44 -18.79 -21.87
C TYR B 253 -58.45 -17.76 -22.37
N VAL B 254 -58.70 -16.49 -22.05
CA VAL B 254 -57.93 -15.36 -22.59
C VAL B 254 -57.28 -14.64 -21.41
N GLY B 255 -55.96 -14.50 -21.47
CA GLY B 255 -55.21 -13.83 -20.42
C GLY B 255 -54.51 -12.57 -20.92
N TYR B 256 -54.32 -11.63 -20.01
CA TYR B 256 -53.69 -10.35 -20.33
C TYR B 256 -52.37 -10.19 -19.58
N LEU B 257 -51.38 -9.65 -20.28
CA LEU B 257 -49.99 -9.60 -19.86
C LEU B 257 -49.71 -8.39 -18.97
N GLN B 258 -48.66 -8.49 -18.16
CA GLN B 258 -48.30 -7.51 -17.14
C GLN B 258 -46.79 -7.43 -17.02
N PRO B 259 -46.24 -6.26 -16.65
CA PRO B 259 -44.79 -6.19 -16.38
C PRO B 259 -44.44 -6.66 -14.97
N ARG B 260 -43.65 -7.74 -14.91
CA ARG B 260 -43.19 -8.33 -13.65
C ARG B 260 -41.73 -8.75 -13.81
N THR B 261 -41.19 -9.38 -12.76
CA THR B 261 -39.83 -9.89 -12.73
C THR B 261 -39.86 -11.37 -12.45
N PHE B 262 -39.12 -12.15 -13.24
CA PHE B 262 -39.10 -13.61 -13.11
C PHE B 262 -37.75 -14.12 -12.63
N LEU B 263 -37.77 -15.37 -12.17
CA LEU B 263 -36.57 -16.16 -11.88
C LEU B 263 -36.74 -17.52 -12.54
N LEU B 264 -35.76 -17.92 -13.34
CA LEU B 264 -35.87 -19.09 -14.21
C LEU B 264 -34.93 -20.20 -13.74
N LYS B 265 -35.39 -21.44 -13.89
CA LYS B 265 -34.58 -22.62 -13.60
C LYS B 265 -34.42 -23.44 -14.86
N TYR B 266 -33.18 -23.79 -15.17
CA TYR B 266 -32.88 -24.78 -16.20
C TYR B 266 -32.47 -26.07 -15.52
N ASN B 267 -33.03 -27.19 -15.96
CA ASN B 267 -32.83 -28.47 -15.30
C ASN B 267 -31.52 -29.13 -15.73
N GLU B 268 -31.37 -30.42 -15.40
CA GLU B 268 -30.21 -31.19 -15.82
C GLU B 268 -30.22 -31.44 -17.33
N ASN B 269 -31.39 -31.54 -17.93
CA ASN B 269 -31.53 -31.73 -19.37
C ASN B 269 -31.61 -30.42 -20.15
N GLY B 270 -31.55 -29.27 -19.47
CA GLY B 270 -31.58 -28.00 -20.15
C GLY B 270 -32.97 -27.46 -20.48
N THR B 271 -34.01 -28.02 -19.87
CA THR B 271 -35.39 -27.63 -20.13
C THR B 271 -35.93 -26.89 -18.91
N ILE B 272 -36.64 -25.79 -19.15
CA ILE B 272 -37.26 -25.02 -18.06
C ILE B 272 -38.40 -25.84 -17.46
N THR B 273 -38.27 -26.15 -16.16
CA THR B 273 -39.24 -26.99 -15.46
C THR B 273 -40.00 -26.26 -14.35
N ASP B 274 -39.53 -25.10 -13.89
CA ASP B 274 -40.19 -24.38 -12.82
C ASP B 274 -39.83 -22.89 -12.95
N ALA B 275 -40.68 -22.04 -12.37
CA ALA B 275 -40.50 -20.60 -12.49
C ALA B 275 -41.05 -19.90 -11.25
N VAL B 276 -40.50 -18.69 -11.00
CA VAL B 276 -40.81 -17.88 -9.83
C VAL B 276 -41.25 -16.51 -10.30
N ASP B 277 -42.37 -16.00 -9.78
CA ASP B 277 -42.82 -14.64 -10.03
C ASP B 277 -42.43 -13.76 -8.85
N CYS B 278 -41.50 -12.83 -9.05
CA CYS B 278 -41.19 -11.85 -8.02
C CYS B 278 -42.34 -10.86 -7.86
N ALA B 279 -42.45 -10.30 -6.64
CA ALA B 279 -43.49 -9.40 -6.14
C ALA B 279 -44.89 -10.00 -6.21
N LEU B 280 -45.00 -11.33 -6.09
CA LEU B 280 -46.30 -12.00 -5.99
C LEU B 280 -46.64 -12.31 -4.53
N ASP B 281 -45.74 -12.99 -3.84
CA ASP B 281 -45.84 -13.27 -2.42
C ASP B 281 -44.43 -13.21 -1.83
N PRO B 282 -44.29 -13.00 -0.50
CA PRO B 282 -42.93 -12.96 0.09
C PRO B 282 -42.14 -14.27 0.05
N LEU B 283 -42.81 -15.43 -0.14
CA LEU B 283 -42.11 -16.68 -0.40
C LEU B 283 -41.32 -16.60 -1.72
N SER B 284 -41.97 -16.12 -2.77
CA SER B 284 -41.31 -15.98 -4.05
C SER B 284 -40.34 -14.82 -4.07
N GLU B 285 -40.51 -13.81 -3.19
CA GLU B 285 -39.51 -12.76 -3.13
C GLU B 285 -38.28 -13.18 -2.31
N THR B 286 -38.43 -14.09 -1.33
CA THR B 286 -37.24 -14.74 -0.76
C THR B 286 -36.55 -15.64 -1.78
N LYS B 287 -37.31 -16.28 -2.68
CA LYS B 287 -36.70 -17.06 -3.75
C LYS B 287 -36.01 -16.17 -4.78
N CYS B 288 -36.57 -15.00 -5.08
CA CYS B 288 -35.90 -14.06 -5.99
C CYS B 288 -34.68 -13.39 -5.36
N THR B 289 -34.72 -13.18 -4.04
CA THR B 289 -33.59 -12.56 -3.36
C THR B 289 -32.43 -13.54 -3.21
N LEU B 290 -32.71 -14.78 -2.83
CA LEU B 290 -31.65 -15.76 -2.62
C LEU B 290 -31.15 -16.37 -3.92
N LYS B 291 -31.87 -16.17 -5.03
CA LYS B 291 -31.64 -16.78 -6.36
C LYS B 291 -31.59 -18.30 -6.27
N SER B 292 -32.58 -18.88 -5.60
CA SER B 292 -32.66 -20.33 -5.44
C SER B 292 -34.13 -20.72 -5.36
N PHE B 293 -34.40 -21.99 -5.68
CA PHE B 293 -35.76 -22.50 -5.66
C PHE B 293 -36.09 -23.26 -4.39
N THR B 294 -35.13 -24.00 -3.84
CA THR B 294 -35.29 -24.67 -2.56
C THR B 294 -34.63 -23.82 -1.48
N VAL B 295 -35.43 -23.35 -0.54
CA VAL B 295 -34.98 -22.41 0.49
C VAL B 295 -35.12 -23.08 1.84
N GLU B 296 -34.01 -23.16 2.58
CA GLU B 296 -34.02 -23.71 3.93
C GLU B 296 -34.64 -22.70 4.89
N LYS B 297 -35.08 -23.20 6.06
CA LYS B 297 -35.83 -22.37 7.00
C LYS B 297 -34.96 -21.35 7.72
N GLY B 298 -35.52 -20.17 7.92
CA GLY B 298 -34.79 -19.09 8.56
C GLY B 298 -35.46 -17.76 8.26
N ILE B 299 -34.85 -16.70 8.81
CA ILE B 299 -35.30 -15.33 8.60
C ILE B 299 -34.35 -14.64 7.64
N TYR B 300 -34.90 -13.99 6.62
CA TYR B 300 -34.13 -13.55 5.46
C TYR B 300 -34.38 -12.07 5.21
N GLN B 301 -33.31 -11.30 5.07
CA GLN B 301 -33.41 -9.90 4.69
C GLN B 301 -33.51 -9.79 3.17
N THR B 302 -34.64 -9.25 2.70
CA THR B 302 -34.93 -9.19 1.28
C THR B 302 -35.18 -7.75 0.84
N SER B 303 -34.92 -7.49 -0.44
CA SER B 303 -35.30 -6.23 -1.05
C SER B 303 -36.81 -6.17 -1.23
N ASN B 304 -37.34 -4.95 -1.31
CA ASN B 304 -38.78 -4.74 -1.28
C ASN B 304 -39.42 -5.02 -2.63
N PHE B 305 -40.73 -5.27 -2.58
CA PHE B 305 -41.60 -5.30 -3.75
C PHE B 305 -41.58 -3.97 -4.51
N ARG B 306 -41.54 -4.07 -5.84
CA ARG B 306 -41.35 -2.93 -6.72
C ARG B 306 -42.70 -2.32 -7.03
N VAL B 307 -43.01 -1.19 -6.38
CA VAL B 307 -44.17 -0.41 -6.74
C VAL B 307 -43.88 0.33 -8.04
N GLN B 308 -44.80 0.25 -9.00
CA GLN B 308 -44.61 0.90 -10.29
C GLN B 308 -44.70 2.42 -10.16
N PRO B 309 -43.68 3.17 -10.61
CA PRO B 309 -43.67 4.62 -10.43
C PRO B 309 -44.26 5.43 -11.58
N THR B 310 -45.57 5.27 -11.82
CA THR B 310 -46.22 5.94 -12.94
C THR B 310 -46.40 7.44 -12.70
N GLU B 311 -46.58 7.85 -11.45
CA GLU B 311 -46.84 9.25 -11.14
C GLU B 311 -45.51 10.01 -11.18
N SER B 312 -45.29 10.76 -12.25
CA SER B 312 -44.11 11.60 -12.37
C SER B 312 -44.52 13.02 -11.98
N ILE B 313 -44.06 13.47 -10.81
CA ILE B 313 -44.33 14.83 -10.38
C ILE B 313 -43.39 15.70 -11.18
N VAL B 314 -43.88 16.19 -12.30
CA VAL B 314 -43.12 17.17 -13.08
C VAL B 314 -43.32 18.50 -12.40
N ARG B 315 -42.24 18.99 -11.82
CA ARG B 315 -42.20 20.18 -10.99
C ARG B 315 -41.75 21.38 -11.82
N PHE B 316 -41.53 21.12 -13.12
CA PHE B 316 -40.98 22.06 -14.08
C PHE B 316 -41.99 23.17 -14.39
N PRO B 317 -41.55 24.42 -14.54
CA PRO B 317 -42.47 25.45 -15.04
C PRO B 317 -42.54 25.52 -16.56
N ASN B 318 -43.75 25.45 -17.09
CA ASN B 318 -43.97 25.50 -18.54
C ASN B 318 -44.21 26.93 -18.97
N ILE B 319 -43.39 27.41 -19.92
CA ILE B 319 -43.48 28.79 -20.38
C ILE B 319 -43.49 28.75 -21.91
N THR B 320 -44.09 29.78 -22.51
CA THR B 320 -44.19 29.90 -23.97
C THR B 320 -42.97 30.54 -24.61
N ASN B 321 -41.96 30.91 -23.83
CA ASN B 321 -40.77 31.56 -24.37
C ASN B 321 -39.89 30.57 -25.12
N LEU B 322 -39.34 31.04 -26.24
CA LEU B 322 -38.48 30.24 -27.10
C LEU B 322 -37.14 30.95 -27.29
N CYS B 323 -36.07 30.16 -27.40
CA CYS B 323 -34.74 30.71 -27.65
C CYS B 323 -34.62 31.33 -29.04
N PRO B 324 -33.77 32.35 -29.20
CA PRO B 324 -33.47 32.85 -30.56
C PRO B 324 -32.36 32.07 -31.25
N PHE B 325 -32.68 30.82 -31.61
CA PHE B 325 -31.78 30.02 -32.47
C PHE B 325 -31.71 30.56 -33.89
N GLY B 326 -32.73 31.29 -34.35
CA GLY B 326 -32.64 31.95 -35.63
C GLY B 326 -31.70 33.12 -35.65
N GLU B 327 -31.46 33.75 -34.49
CA GLU B 327 -30.57 34.89 -34.38
C GLU B 327 -29.14 34.46 -34.06
N VAL B 328 -28.96 33.47 -33.18
CA VAL B 328 -27.61 33.08 -32.77
C VAL B 328 -26.94 32.22 -33.84
N PHE B 329 -27.69 31.58 -34.73
CA PHE B 329 -27.07 30.81 -35.80
C PHE B 329 -27.00 31.60 -37.11
N ASN B 330 -27.90 32.56 -37.31
CA ASN B 330 -27.89 33.43 -38.48
C ASN B 330 -27.90 34.88 -38.00
N ALA B 331 -26.81 35.59 -38.22
CA ALA B 331 -26.67 36.99 -37.84
C ALA B 331 -26.50 37.84 -39.09
N THR B 332 -26.78 39.13 -38.94
CA THR B 332 -26.70 40.06 -40.08
C THR B 332 -25.25 40.36 -40.44
N ARG B 333 -24.42 40.66 -39.45
CA ARG B 333 -23.00 40.96 -39.66
C ARG B 333 -22.19 40.19 -38.62
N PHE B 334 -21.59 39.07 -39.02
CA PHE B 334 -20.73 38.32 -38.14
C PHE B 334 -19.39 39.04 -37.96
N ALA B 335 -18.82 38.90 -36.77
CA ALA B 335 -17.53 39.50 -36.45
C ALA B 335 -16.41 38.48 -36.64
N SER B 336 -15.18 38.98 -36.65
CA SER B 336 -14.01 38.13 -36.78
C SER B 336 -13.59 37.62 -35.40
N VAL B 337 -12.51 36.85 -35.37
CA VAL B 337 -11.97 36.38 -34.11
C VAL B 337 -11.14 37.52 -33.51
N TYR B 338 -11.14 37.59 -32.16
CA TYR B 338 -10.46 38.51 -31.22
C TYR B 338 -11.10 39.91 -31.18
N ALA B 339 -11.95 40.24 -32.14
CA ALA B 339 -12.71 41.49 -32.18
C ALA B 339 -14.17 41.09 -32.35
N TRP B 340 -14.83 40.79 -31.24
CA TRP B 340 -16.18 40.26 -31.27
C TRP B 340 -17.08 41.03 -30.32
N ASN B 341 -18.35 41.11 -30.68
CA ASN B 341 -19.35 41.85 -29.93
C ASN B 341 -20.02 40.92 -28.92
N ARG B 342 -20.48 41.51 -27.82
CA ARG B 342 -21.06 40.73 -26.74
C ARG B 342 -22.53 40.43 -27.01
N LYS B 343 -22.97 39.27 -26.54
CA LYS B 343 -24.35 38.84 -26.70
C LYS B 343 -24.70 37.91 -25.53
N ARG B 344 -25.88 38.12 -24.95
CA ARG B 344 -26.30 37.36 -23.78
C ARG B 344 -27.68 36.78 -24.01
N ILE B 345 -27.82 35.47 -23.73
CA ILE B 345 -29.07 34.75 -23.92
C ILE B 345 -29.55 34.27 -22.56
N SER B 346 -30.79 34.59 -22.22
CA SER B 346 -31.31 34.36 -20.87
C SER B 346 -32.62 33.59 -20.90
N ASN B 347 -32.66 32.50 -20.11
CA ASN B 347 -33.88 31.84 -19.60
C ASN B 347 -34.79 31.28 -20.69
N CYS B 348 -34.25 30.33 -21.45
CA CYS B 348 -35.04 29.60 -22.43
C CYS B 348 -34.52 28.17 -22.55
N VAL B 349 -35.34 27.30 -23.13
CA VAL B 349 -35.06 25.87 -23.15
C VAL B 349 -34.07 25.58 -24.27
N ALA B 350 -32.85 25.20 -23.90
CA ALA B 350 -31.79 24.92 -24.87
C ALA B 350 -31.69 23.42 -25.14
N ASP B 351 -32.79 22.87 -25.66
CA ASP B 351 -32.88 21.44 -25.94
C ASP B 351 -32.41 21.25 -27.38
N TYR B 352 -31.21 20.68 -27.54
CA TYR B 352 -30.59 20.52 -28.84
C TYR B 352 -30.81 19.13 -29.45
N SER B 353 -31.80 18.37 -28.96
CA SER B 353 -31.92 16.95 -29.30
C SER B 353 -32.37 16.73 -30.74
N VAL B 354 -33.24 17.61 -31.25
CA VAL B 354 -33.68 17.52 -32.64
C VAL B 354 -32.58 17.89 -33.63
N LEU B 355 -31.57 18.65 -33.19
CA LEU B 355 -30.35 18.81 -33.97
C LEU B 355 -29.34 17.72 -33.69
N TYR B 356 -29.43 17.06 -32.53
CA TYR B 356 -28.51 16.00 -32.15
C TYR B 356 -28.83 14.71 -32.91
N ASN B 357 -30.10 14.52 -33.31
CA ASN B 357 -30.44 13.43 -34.23
C ASN B 357 -29.81 13.62 -35.61
N SER B 358 -29.65 14.87 -36.05
CA SER B 358 -28.91 15.17 -37.26
C SER B 358 -27.45 15.46 -36.91
N ALA B 359 -26.70 15.98 -37.88
CA ALA B 359 -25.30 16.34 -37.72
C ALA B 359 -25.07 17.75 -38.24
N SER B 360 -25.91 18.68 -37.77
CA SER B 360 -25.94 20.04 -38.30
C SER B 360 -24.73 20.87 -37.88
N PHE B 361 -24.08 20.51 -36.78
CA PHE B 361 -22.79 21.07 -36.41
C PHE B 361 -21.72 19.99 -36.42
N SER B 362 -20.48 20.40 -36.72
CA SER B 362 -19.36 19.47 -36.78
C SER B 362 -18.96 19.00 -35.38
N THR B 363 -18.88 19.92 -34.43
CA THR B 363 -18.78 19.55 -33.02
C THR B 363 -19.59 20.53 -32.17
N PHE B 364 -20.75 20.05 -31.73
CA PHE B 364 -21.47 20.61 -30.59
C PHE B 364 -21.28 19.50 -29.56
N LYS B 365 -20.25 19.65 -28.72
CA LYS B 365 -19.87 18.58 -27.83
C LYS B 365 -19.22 19.15 -26.58
N CYS B 366 -19.83 18.88 -25.44
CA CYS B 366 -19.18 19.11 -24.16
C CYS B 366 -18.26 17.95 -23.86
N TYR B 367 -17.19 18.22 -23.13
CA TYR B 367 -16.26 17.18 -22.72
C TYR B 367 -16.62 16.58 -21.37
N GLY B 368 -17.79 16.92 -20.83
CA GLY B 368 -18.30 16.24 -19.65
C GLY B 368 -19.79 15.94 -19.72
N VAL B 369 -20.48 16.47 -20.73
CA VAL B 369 -21.92 16.31 -20.88
C VAL B 369 -22.22 15.71 -22.25
N SER B 370 -22.99 14.61 -22.28
CA SER B 370 -23.47 14.01 -23.51
C SER B 370 -24.93 14.40 -23.74
N PRO B 371 -25.30 14.87 -24.92
CA PRO B 371 -26.55 15.64 -25.09
C PRO B 371 -27.82 14.81 -25.21
N THR B 372 -27.88 13.56 -24.75
CA THR B 372 -29.14 12.82 -24.82
C THR B 372 -30.09 13.25 -23.73
N LYS B 373 -29.65 13.18 -22.46
CA LYS B 373 -30.46 13.56 -21.31
C LYS B 373 -30.23 15.01 -20.91
N LEU B 374 -29.71 15.83 -21.82
CA LEU B 374 -29.66 17.28 -21.67
C LEU B 374 -31.05 17.92 -21.86
N ASN B 375 -32.01 17.19 -22.44
CA ASN B 375 -33.37 17.67 -22.68
C ASN B 375 -34.15 17.95 -21.40
N ASP B 376 -33.80 17.32 -20.28
CA ASP B 376 -34.38 17.64 -18.98
C ASP B 376 -33.63 18.76 -18.27
N LEU B 377 -32.56 19.29 -18.88
CA LEU B 377 -31.62 20.15 -18.20
C LEU B 377 -31.58 21.54 -18.85
N CYS B 378 -30.92 22.46 -18.15
CA CYS B 378 -31.15 23.89 -18.36
C CYS B 378 -30.04 24.72 -17.73
N PHE B 379 -29.94 25.97 -18.19
CA PHE B 379 -29.01 26.96 -17.66
C PHE B 379 -29.58 28.34 -17.96
N THR B 380 -29.37 29.27 -17.02
CA THR B 380 -30.15 30.50 -16.98
C THR B 380 -29.57 31.68 -17.77
N ASN B 381 -28.25 31.76 -17.96
CA ASN B 381 -27.64 32.95 -18.57
C ASN B 381 -26.46 32.54 -19.44
N VAL B 382 -26.64 32.57 -20.75
CA VAL B 382 -25.65 32.08 -21.71
C VAL B 382 -24.93 33.27 -22.33
N TYR B 383 -23.60 33.27 -22.26
CA TYR B 383 -22.75 34.31 -22.82
C TYR B 383 -22.19 33.86 -24.16
N ALA B 384 -22.20 34.75 -25.15
CA ALA B 384 -21.94 34.38 -26.54
C ALA B 384 -20.83 35.24 -27.15
N ASP B 385 -19.98 34.59 -27.95
CA ASP B 385 -18.83 35.21 -28.61
C ASP B 385 -18.82 34.81 -30.08
N SER B 386 -18.02 35.49 -30.89
CA SER B 386 -17.90 35.17 -32.31
C SER B 386 -16.55 34.51 -32.60
N PHE B 387 -16.53 33.64 -33.61
CA PHE B 387 -15.44 32.69 -33.80
C PHE B 387 -15.25 32.42 -35.29
N VAL B 388 -14.16 32.92 -35.87
CA VAL B 388 -13.79 32.69 -37.27
C VAL B 388 -12.36 32.17 -37.30
N ILE B 389 -12.18 30.90 -37.69
CA ILE B 389 -10.87 30.24 -37.75
C ILE B 389 -10.71 29.54 -39.10
N ARG B 390 -9.49 29.08 -39.36
CA ARG B 390 -9.12 28.31 -40.55
C ARG B 390 -9.47 26.83 -40.35
N GLY B 391 -9.03 26.01 -41.31
CA GLY B 391 -9.30 24.59 -41.28
C GLY B 391 -8.24 23.75 -40.60
N ASP B 392 -6.99 24.23 -40.59
CA ASP B 392 -5.92 23.51 -39.91
C ASP B 392 -5.94 23.75 -38.40
N GLU B 393 -6.67 24.77 -37.94
CA GLU B 393 -6.64 25.21 -36.55
C GLU B 393 -7.94 24.88 -35.81
N VAL B 394 -8.65 23.85 -36.29
CA VAL B 394 -9.75 23.26 -35.53
C VAL B 394 -9.21 22.54 -34.29
N ARG B 395 -8.02 21.95 -34.41
CA ARG B 395 -7.42 21.10 -33.39
C ARG B 395 -7.01 21.78 -32.08
N GLN B 396 -6.96 23.13 -31.99
CA GLN B 396 -6.78 23.70 -30.65
C GLN B 396 -8.03 23.59 -29.78
N ILE B 397 -9.23 23.57 -30.36
CA ILE B 397 -10.44 23.40 -29.55
C ILE B 397 -10.95 21.97 -29.58
N ALA B 398 -10.26 21.07 -30.28
CA ALA B 398 -10.61 19.64 -30.29
C ALA B 398 -9.34 18.80 -30.26
N PRO B 399 -8.98 18.16 -29.14
CA PRO B 399 -9.64 18.12 -27.83
C PRO B 399 -9.37 19.32 -26.92
N GLY B 400 -8.26 20.03 -27.11
CA GLY B 400 -7.95 21.15 -26.25
C GLY B 400 -6.50 21.24 -25.80
N GLN B 401 -5.85 22.33 -26.19
CA GLN B 401 -4.49 22.66 -25.76
C GLN B 401 -4.33 24.17 -25.93
N THR B 402 -3.16 24.67 -25.53
CA THR B 402 -2.83 26.07 -25.77
C THR B 402 -2.21 26.24 -27.15
N GLY B 403 -2.33 27.44 -27.70
CA GLY B 403 -1.82 27.68 -29.04
C GLY B 403 -1.93 29.14 -29.43
N LYS B 404 -1.86 29.38 -30.74
CA LYS B 404 -2.15 30.71 -31.30
C LYS B 404 -3.61 31.08 -31.09
N ILE B 405 -4.51 30.29 -31.69
CA ILE B 405 -5.96 30.52 -31.66
C ILE B 405 -6.51 30.37 -30.25
N ALA B 406 -5.93 29.43 -29.49
CA ALA B 406 -6.36 29.18 -28.12
C ALA B 406 -6.01 30.34 -27.19
N ASP B 407 -4.72 30.66 -27.02
CA ASP B 407 -4.33 31.67 -26.04
C ASP B 407 -4.65 33.09 -26.48
N TYR B 408 -4.51 33.39 -27.77
CA TYR B 408 -4.36 34.77 -28.18
C TYR B 408 -5.58 35.34 -28.91
N ASN B 409 -6.51 34.48 -29.31
CA ASN B 409 -7.63 34.91 -30.14
C ASN B 409 -8.99 34.68 -29.48
N TYR B 410 -9.28 33.46 -29.04
CA TYR B 410 -10.48 33.16 -28.27
C TYR B 410 -10.10 32.11 -27.24
N LYS B 411 -10.08 32.50 -25.98
CA LYS B 411 -9.61 31.60 -24.92
C LYS B 411 -10.76 30.99 -24.16
N LEU B 412 -10.64 29.71 -23.90
CA LEU B 412 -11.41 28.81 -23.07
C LEU B 412 -10.65 28.57 -21.76
N PRO B 413 -11.34 28.23 -20.67
CA PRO B 413 -10.64 27.96 -19.40
C PRO B 413 -9.82 26.67 -19.44
N ASP B 414 -8.89 26.58 -18.48
CA ASP B 414 -8.03 25.41 -18.38
C ASP B 414 -8.76 24.20 -17.83
N ASP B 415 -9.85 24.41 -17.12
CA ASP B 415 -10.69 23.35 -16.56
C ASP B 415 -12.12 23.41 -17.14
N PHE B 416 -12.18 23.81 -18.42
CA PHE B 416 -13.44 24.09 -19.11
C PHE B 416 -14.26 22.81 -19.36
N THR B 417 -15.52 22.82 -18.94
CA THR B 417 -16.41 21.68 -19.08
C THR B 417 -17.62 21.94 -19.96
N GLY B 418 -17.79 23.16 -20.45
CA GLY B 418 -18.93 23.49 -21.29
C GLY B 418 -18.72 23.11 -22.74
N CYS B 419 -19.74 23.40 -23.54
CA CYS B 419 -19.79 22.97 -24.95
C CYS B 419 -19.20 24.05 -25.86
N VAL B 420 -18.26 23.66 -26.68
CA VAL B 420 -17.72 24.55 -27.70
C VAL B 420 -18.59 24.42 -28.96
N ILE B 421 -18.71 25.52 -29.71
CA ILE B 421 -19.62 25.58 -30.86
C ILE B 421 -18.77 25.75 -32.12
N ALA B 422 -18.89 24.81 -33.05
CA ALA B 422 -18.06 24.81 -34.25
C ALA B 422 -18.76 24.05 -35.38
N TRP B 423 -18.66 24.61 -36.59
CA TRP B 423 -19.21 23.99 -37.80
C TRP B 423 -18.48 24.51 -39.03
N ASN B 424 -18.23 23.59 -39.98
CA ASN B 424 -17.62 23.93 -41.27
C ASN B 424 -18.62 24.73 -42.11
N SER B 425 -18.27 25.98 -42.41
CA SER B 425 -19.17 26.94 -43.03
C SER B 425 -18.45 27.73 -44.12
N ASN B 426 -17.86 26.99 -45.08
CA ASN B 426 -17.02 27.55 -46.14
C ASN B 426 -17.77 28.53 -47.05
N ASN B 427 -19.06 28.27 -47.31
CA ASN B 427 -19.83 29.12 -48.20
C ASN B 427 -20.27 30.45 -47.58
N LEU B 428 -20.09 30.64 -46.27
CA LEU B 428 -20.56 31.84 -45.61
C LEU B 428 -19.50 32.91 -45.41
N ASP B 429 -18.27 32.54 -45.04
CA ASP B 429 -17.18 33.51 -44.98
C ASP B 429 -16.69 33.92 -46.37
N SER B 430 -16.67 32.98 -47.31
CA SER B 430 -16.13 33.25 -48.63
C SER B 430 -17.13 34.03 -49.49
N LYS B 431 -16.66 35.10 -50.10
CA LYS B 431 -17.49 35.89 -51.00
C LYS B 431 -16.64 36.51 -52.11
N GLY B 434 -12.29 36.64 -52.31
CA GLY B 434 -11.46 36.83 -51.15
C GLY B 434 -12.06 37.77 -50.11
N ASN B 435 -12.20 37.28 -48.88
CA ASN B 435 -12.76 38.06 -47.79
C ASN B 435 -11.53 38.45 -46.96
N TYR B 436 -11.04 39.67 -47.17
CA TYR B 436 -9.88 40.20 -46.48
C TYR B 436 -10.26 41.13 -45.33
N ASN B 437 -11.55 41.23 -45.01
CA ASN B 437 -12.01 42.16 -43.98
C ASN B 437 -11.70 41.64 -42.58
N TYR B 438 -11.72 40.33 -42.39
CA TYR B 438 -11.62 39.73 -41.06
C TYR B 438 -10.19 39.78 -40.53
N LEU B 439 -10.06 39.92 -39.21
CA LEU B 439 -8.80 40.22 -38.54
C LEU B 439 -8.42 39.11 -37.56
N TYR B 440 -7.19 39.22 -37.04
CA TYR B 440 -6.66 38.29 -36.04
C TYR B 440 -5.58 38.99 -35.23
N ARG B 441 -5.15 38.32 -34.16
CA ARG B 441 -4.08 38.76 -33.27
C ARG B 441 -2.85 37.89 -33.50
N LEU B 442 -1.67 38.52 -33.56
CA LEU B 442 -0.45 37.78 -33.88
C LEU B 442 0.07 36.99 -32.68
N PHE B 443 0.50 37.69 -31.62
CA PHE B 443 1.24 37.05 -30.54
C PHE B 443 1.18 37.98 -29.34
N ARG B 444 1.36 37.43 -28.13
CA ARG B 444 1.34 38.24 -26.91
C ARG B 444 2.44 37.80 -25.97
N LYS B 445 2.72 38.68 -24.99
CA LYS B 445 3.77 38.43 -23.98
C LYS B 445 3.43 37.27 -23.07
N SER B 446 2.16 37.10 -22.72
CA SER B 446 1.73 36.04 -21.84
C SER B 446 0.45 35.43 -22.40
N ASN B 447 0.16 34.20 -21.96
CA ASN B 447 -1.04 33.50 -22.40
C ASN B 447 -2.25 34.06 -21.67
N LEU B 448 -3.25 34.47 -22.46
CA LEU B 448 -4.36 35.24 -21.91
C LEU B 448 -5.39 34.33 -21.24
N LYS B 449 -6.26 34.97 -20.45
CA LYS B 449 -7.37 34.39 -19.70
C LYS B 449 -8.63 34.36 -20.57
N PRO B 450 -9.62 33.48 -20.26
CA PRO B 450 -10.79 33.35 -21.15
C PRO B 450 -11.73 34.54 -21.24
N PHE B 451 -12.27 34.70 -22.46
CA PHE B 451 -13.26 35.72 -22.86
C PHE B 451 -12.73 37.14 -22.66
N GLU B 452 -11.69 37.46 -23.43
CA GLU B 452 -11.05 38.76 -23.42
C GLU B 452 -11.16 39.40 -24.79
N ARG B 453 -11.71 40.62 -24.85
CA ARG B 453 -11.76 41.41 -26.07
C ARG B 453 -11.44 42.85 -25.68
N ASP B 454 -10.41 43.42 -26.30
CA ASP B 454 -10.07 44.82 -26.05
C ASP B 454 -9.54 45.42 -27.33
N ILE B 455 -10.20 46.48 -27.80
CA ILE B 455 -9.72 47.23 -28.98
C ILE B 455 -8.75 48.29 -28.47
N SER B 456 -7.53 47.85 -28.20
CA SER B 456 -6.48 48.69 -27.65
C SER B 456 -5.19 48.47 -28.42
N THR B 457 -4.32 49.48 -28.41
CA THR B 457 -3.04 49.41 -29.08
C THR B 457 -2.03 48.81 -28.10
N GLU B 458 -2.05 47.48 -28.03
CA GLU B 458 -1.23 46.70 -27.11
C GLU B 458 -0.18 45.94 -27.92
N ILE B 459 1.05 46.43 -27.88
CA ILE B 459 2.13 45.92 -28.73
C ILE B 459 2.83 44.76 -28.02
N TYR B 460 3.13 43.69 -28.76
CA TYR B 460 4.14 42.76 -28.30
C TYR B 460 5.53 43.36 -28.41
N GLN B 461 6.32 43.17 -27.37
CA GLN B 461 7.72 43.56 -27.35
C GLN B 461 8.47 42.66 -26.39
N ALA B 462 9.77 42.52 -26.60
CA ALA B 462 10.60 41.74 -25.69
C ALA B 462 11.24 42.61 -24.62
N GLY B 463 11.54 43.87 -24.92
CA GLY B 463 12.13 44.77 -23.94
C GLY B 463 11.09 45.39 -23.02
N SER B 464 11.60 46.05 -21.98
CA SER B 464 10.73 46.72 -21.00
C SER B 464 10.28 48.09 -21.49
N THR B 465 11.03 48.71 -22.39
CA THR B 465 10.74 50.06 -22.88
C THR B 465 9.53 50.04 -23.80
N PRO B 466 8.47 50.81 -23.53
CA PRO B 466 7.29 50.76 -24.39
C PRO B 466 7.45 51.56 -25.67
N CYS B 467 7.20 50.90 -26.79
CA CYS B 467 7.33 51.52 -28.10
C CYS B 467 5.98 52.04 -28.57
N ASN B 468 6.01 53.10 -29.38
CA ASN B 468 4.80 53.65 -29.98
C ASN B 468 5.10 54.14 -31.38
N GLY B 469 4.06 54.22 -32.19
CA GLY B 469 4.15 54.65 -33.58
C GLY B 469 3.64 53.59 -34.52
N VAL B 470 3.91 53.79 -35.81
CA VAL B 470 3.48 52.82 -36.81
C VAL B 470 4.46 51.63 -36.85
N GLU B 471 5.75 51.86 -36.56
CA GLU B 471 6.75 50.80 -36.45
C GLU B 471 7.57 51.04 -35.20
N GLY B 472 7.87 49.96 -34.46
CA GLY B 472 8.60 50.05 -33.22
C GLY B 472 9.81 49.15 -33.22
N PHE B 473 10.81 49.52 -32.41
CA PHE B 473 12.04 48.75 -32.28
C PHE B 473 11.78 47.50 -31.44
N ASN B 474 11.95 46.33 -32.07
CA ASN B 474 11.63 44.99 -31.54
C ASN B 474 10.16 44.92 -31.11
N CYS B 475 9.29 45.31 -32.03
CA CYS B 475 7.86 45.44 -31.76
C CYS B 475 7.07 44.85 -32.92
N TYR B 476 6.14 43.96 -32.61
CA TYR B 476 5.28 43.33 -33.61
C TYR B 476 3.86 43.86 -33.45
N PHE B 477 3.21 44.13 -34.58
CA PHE B 477 1.91 44.79 -34.56
C PHE B 477 0.81 43.80 -34.14
N PRO B 478 -0.12 44.22 -33.26
CA PRO B 478 -1.16 43.31 -32.78
C PRO B 478 -2.25 42.93 -33.77
N LEU B 479 -2.79 43.87 -34.54
CA LEU B 479 -4.04 43.67 -35.26
C LEU B 479 -3.77 43.67 -36.75
N GLN B 480 -4.02 42.53 -37.41
CA GLN B 480 -3.70 42.34 -38.82
C GLN B 480 -4.83 41.58 -39.48
N SER B 481 -5.12 41.90 -40.73
CA SER B 481 -6.20 41.27 -41.48
C SER B 481 -5.77 39.90 -42.03
N TYR B 482 -6.77 39.07 -42.34
CA TYR B 482 -6.54 37.77 -42.93
C TYR B 482 -7.55 37.52 -44.04
N GLY B 483 -7.16 36.70 -45.01
CA GLY B 483 -7.95 36.45 -46.22
C GLY B 483 -8.52 35.05 -46.26
N PHE B 484 -9.72 34.93 -46.83
CA PHE B 484 -10.39 33.64 -47.03
C PHE B 484 -10.89 33.56 -48.48
N GLN B 485 -10.37 32.58 -49.22
CA GLN B 485 -10.66 32.36 -50.62
C GLN B 485 -12.00 31.62 -50.79
N PRO B 486 -12.59 31.65 -52.00
CA PRO B 486 -13.72 30.73 -52.26
C PRO B 486 -13.32 29.28 -52.54
N THR B 487 -12.03 28.99 -52.74
CA THR B 487 -11.58 27.65 -53.13
C THR B 487 -10.64 27.05 -52.09
N ASN B 488 -11.07 27.07 -50.82
CA ASN B 488 -10.16 26.84 -49.70
C ASN B 488 -9.73 25.37 -49.58
N GLY B 489 -10.68 24.46 -49.63
CA GLY B 489 -10.37 23.05 -49.56
C GLY B 489 -10.11 22.56 -48.14
N VAL B 490 -9.56 21.34 -48.06
CA VAL B 490 -9.34 20.66 -46.79
C VAL B 490 -8.13 21.27 -46.08
N GLY B 491 -8.30 21.64 -44.82
CA GLY B 491 -7.22 22.15 -44.01
C GLY B 491 -7.08 23.66 -43.99
N TYR B 492 -7.97 24.39 -44.66
CA TYR B 492 -7.93 25.84 -44.61
C TYR B 492 -9.36 26.39 -44.56
N GLN B 493 -10.37 25.52 -44.51
CA GLN B 493 -11.77 25.89 -44.67
C GLN B 493 -12.30 26.68 -43.46
N PRO B 494 -13.10 27.73 -43.69
CA PRO B 494 -13.42 28.67 -42.61
C PRO B 494 -14.69 28.33 -41.84
N TYR B 495 -14.76 28.87 -40.63
CA TYR B 495 -15.84 28.61 -39.69
C TYR B 495 -16.59 29.91 -39.39
N ARG B 496 -17.92 29.83 -39.37
CA ARG B 496 -18.78 30.98 -39.01
C ARG B 496 -19.93 30.47 -38.14
N VAL B 497 -19.79 30.62 -36.83
CA VAL B 497 -20.87 30.35 -35.89
C VAL B 497 -20.62 31.23 -34.67
N VAL B 498 -21.69 31.58 -33.95
CA VAL B 498 -21.59 32.33 -32.71
C VAL B 498 -21.32 31.32 -31.60
N VAL B 499 -20.14 31.38 -31.02
CA VAL B 499 -19.69 30.40 -30.04
C VAL B 499 -20.17 30.85 -28.66
N LEU B 500 -20.45 29.87 -27.79
CA LEU B 500 -20.99 30.14 -26.47
C LEU B 500 -20.50 29.06 -25.51
N SER B 501 -20.99 29.12 -24.28
CA SER B 501 -20.67 28.12 -23.27
C SER B 501 -21.83 28.04 -22.29
N PHE B 502 -22.04 26.84 -21.74
CA PHE B 502 -23.04 26.66 -20.69
C PHE B 502 -22.53 25.62 -19.70
N GLU B 503 -22.82 25.86 -18.42
CA GLU B 503 -22.48 24.93 -17.36
C GLU B 503 -23.78 24.53 -16.67
N LEU B 504 -24.00 23.23 -16.55
CA LEU B 504 -25.32 22.71 -16.23
C LEU B 504 -25.27 21.83 -14.99
N LEU B 505 -26.46 21.71 -14.35
CA LEU B 505 -26.66 21.22 -12.98
C LEU B 505 -25.79 21.96 -11.97
N HIS B 506 -25.71 23.29 -12.15
CA HIS B 506 -25.06 24.21 -11.23
C HIS B 506 -25.84 25.52 -11.21
N ALA B 507 -27.13 25.47 -11.54
CA ALA B 507 -27.94 26.64 -11.79
C ALA B 507 -29.32 26.47 -11.14
N PRO B 508 -29.99 27.58 -10.81
CA PRO B 508 -31.40 27.47 -10.41
C PRO B 508 -32.29 27.12 -11.60
N ALA B 509 -33.45 26.56 -11.28
CA ALA B 509 -34.38 26.05 -12.28
C ALA B 509 -35.41 27.12 -12.65
N THR B 510 -34.96 28.08 -13.46
CA THR B 510 -35.85 29.14 -13.93
C THR B 510 -36.76 28.65 -15.05
N VAL B 511 -36.17 28.27 -16.18
CA VAL B 511 -36.89 27.76 -17.34
C VAL B 511 -36.17 26.48 -17.79
N CYS B 512 -36.87 25.35 -17.74
CA CYS B 512 -36.22 24.07 -18.07
C CYS B 512 -37.16 23.23 -18.93
N GLY B 513 -36.58 22.25 -19.62
CA GLY B 513 -37.27 21.50 -20.65
C GLY B 513 -38.27 20.48 -20.12
N PRO B 514 -39.45 20.39 -20.75
CA PRO B 514 -40.62 19.82 -20.10
C PRO B 514 -40.80 18.31 -20.19
N LYS B 515 -41.63 17.82 -19.26
CA LYS B 515 -42.18 16.46 -19.24
C LYS B 515 -43.63 16.53 -18.78
N LYS B 516 -44.31 15.38 -18.81
CA LYS B 516 -45.75 15.34 -18.57
C LYS B 516 -46.09 15.14 -17.09
N SER B 517 -46.89 16.07 -16.55
CA SER B 517 -47.14 16.13 -15.11
C SER B 517 -48.22 15.14 -14.66
N THR B 518 -48.15 14.74 -13.39
CA THR B 518 -49.19 13.96 -12.73
C THR B 518 -49.61 14.65 -11.43
N ASN B 519 -50.35 13.94 -10.58
CA ASN B 519 -50.82 14.48 -9.31
C ASN B 519 -49.94 14.03 -8.15
N LEU B 520 -50.12 14.69 -7.01
CA LEU B 520 -49.24 14.52 -5.84
C LEU B 520 -49.79 13.38 -4.98
N VAL B 521 -49.42 12.15 -5.35
CA VAL B 521 -49.80 10.99 -4.57
C VAL B 521 -48.81 10.79 -3.42
N LYS B 522 -49.34 10.73 -2.20
CA LYS B 522 -48.55 10.48 -1.00
C LYS B 522 -48.67 9.01 -0.59
N ASN B 523 -47.64 8.54 0.13
CA ASN B 523 -47.47 7.17 0.62
C ASN B 523 -47.55 6.13 -0.50
N LYS B 524 -46.86 6.43 -1.60
CA LYS B 524 -46.74 5.53 -2.74
C LYS B 524 -45.44 5.87 -3.44
N CYS B 525 -44.73 4.83 -3.91
CA CYS B 525 -43.48 5.05 -4.64
C CYS B 525 -43.77 5.63 -6.02
N VAL B 526 -43.28 6.83 -6.25
CA VAL B 526 -43.57 7.65 -7.42
C VAL B 526 -42.25 8.08 -8.06
N ASN B 527 -42.32 8.92 -9.09
CA ASN B 527 -41.13 9.55 -9.65
C ASN B 527 -41.16 11.04 -9.33
N PHE B 528 -40.10 11.52 -8.68
CA PHE B 528 -39.91 12.94 -8.49
C PHE B 528 -39.00 13.47 -9.61
N ASN B 529 -39.27 14.68 -10.08
CA ASN B 529 -38.52 15.23 -11.20
C ASN B 529 -38.27 16.70 -10.95
N PHE B 530 -37.00 17.08 -10.82
CA PHE B 530 -36.59 18.48 -10.67
C PHE B 530 -35.13 18.55 -11.14
N ASN B 531 -34.90 19.22 -12.28
CA ASN B 531 -33.61 19.30 -12.99
C ASN B 531 -33.00 17.92 -13.28
N GLY B 532 -33.81 17.06 -13.90
CA GLY B 532 -33.34 15.77 -14.34
C GLY B 532 -33.20 14.72 -13.25
N LEU B 533 -33.64 15.01 -12.04
CA LEU B 533 -33.53 14.10 -10.91
C LEU B 533 -34.60 13.02 -10.97
N THR B 534 -34.34 11.93 -10.25
CA THR B 534 -35.28 10.83 -10.11
C THR B 534 -35.40 10.48 -8.64
N GLY B 535 -36.61 10.57 -8.10
CA GLY B 535 -36.83 10.30 -6.69
C GLY B 535 -37.97 9.35 -6.43
N THR B 536 -37.67 8.20 -5.83
CA THR B 536 -38.67 7.19 -5.49
C THR B 536 -38.98 7.31 -4.01
N GLY B 537 -39.95 8.17 -3.69
CA GLY B 537 -40.25 8.39 -2.29
C GLY B 537 -41.53 9.14 -2.02
N VAL B 538 -41.88 9.19 -0.74
CA VAL B 538 -43.08 9.86 -0.27
C VAL B 538 -42.86 11.37 -0.32
N LEU B 539 -43.81 12.09 -0.92
CA LEU B 539 -43.70 13.52 -1.15
C LEU B 539 -44.64 14.27 -0.20
N THR B 540 -44.10 15.25 0.53
CA THR B 540 -44.84 16.02 1.52
C THR B 540 -44.22 17.43 1.48
N GLU B 541 -45.04 18.46 1.76
CA GLU B 541 -44.59 19.84 1.80
C GLU B 541 -43.63 20.10 2.97
N SER B 542 -42.81 21.15 2.83
CA SER B 542 -41.92 21.60 3.88
C SER B 542 -41.98 23.12 4.02
N ASN B 543 -41.50 23.60 5.17
CA ASN B 543 -41.52 25.02 5.54
C ASN B 543 -40.12 25.49 5.93
N LYS B 544 -39.14 25.20 5.09
CA LYS B 544 -37.75 25.55 5.36
C LYS B 544 -37.50 27.05 5.16
N LYS B 545 -36.35 27.49 5.63
CA LYS B 545 -35.88 28.85 5.38
C LYS B 545 -35.36 28.93 3.94
N PHE B 546 -35.84 29.92 3.19
CA PHE B 546 -35.56 29.96 1.76
C PHE B 546 -35.32 31.39 1.29
N LEU B 547 -34.66 31.48 0.14
CA LEU B 547 -34.48 32.69 -0.64
C LEU B 547 -34.77 32.35 -2.09
N PRO B 548 -35.03 33.36 -2.94
CA PRO B 548 -34.84 33.15 -4.39
C PRO B 548 -33.40 32.88 -4.80
N PHE B 549 -32.43 33.35 -4.01
CA PHE B 549 -31.03 33.06 -4.24
C PHE B 549 -30.72 31.60 -4.00
N GLN B 550 -31.35 31.01 -2.97
CA GLN B 550 -31.13 29.61 -2.61
C GLN B 550 -32.25 28.74 -3.16
N GLN B 551 -32.25 28.60 -4.50
CA GLN B 551 -33.35 27.91 -5.16
C GLN B 551 -33.17 26.40 -5.20
N PHE B 552 -31.92 25.91 -5.29
CA PHE B 552 -31.67 24.49 -5.47
C PHE B 552 -30.59 24.06 -4.50
N GLY B 553 -30.54 22.75 -4.25
CA GLY B 553 -29.53 22.23 -3.34
C GLY B 553 -29.75 20.77 -3.02
N ARG B 554 -28.74 20.19 -2.37
CA ARG B 554 -28.70 18.79 -2.01
C ARG B 554 -28.28 18.61 -0.55
N ASP B 555 -28.40 17.39 -0.05
CA ASP B 555 -28.11 17.08 1.34
C ASP B 555 -26.58 16.93 1.49
N ILE B 556 -26.10 16.90 2.75
CA ILE B 556 -24.69 16.59 3.03
C ILE B 556 -24.33 15.16 2.62
N ALA B 557 -25.29 14.23 2.66
CA ALA B 557 -25.11 12.91 2.07
C ALA B 557 -25.73 12.81 0.68
N ASP B 558 -26.09 13.96 0.09
CA ASP B 558 -26.47 14.13 -1.32
C ASP B 558 -27.77 13.42 -1.69
N THR B 559 -28.78 13.55 -0.84
CA THR B 559 -30.16 13.36 -1.27
C THR B 559 -30.75 14.73 -1.67
N THR B 560 -32.00 14.72 -2.14
CA THR B 560 -32.63 15.95 -2.61
C THR B 560 -33.09 16.79 -1.43
N ASP B 561 -32.67 18.06 -1.37
CA ASP B 561 -32.92 18.82 -0.14
C ASP B 561 -33.40 20.26 -0.37
N ALA B 562 -33.44 20.78 -1.59
CA ALA B 562 -33.89 22.17 -1.79
C ALA B 562 -34.53 22.31 -3.17
N VAL B 563 -35.86 22.49 -3.19
CA VAL B 563 -36.65 22.71 -4.39
C VAL B 563 -37.56 23.91 -4.14
N ARG B 564 -37.57 24.89 -5.06
CA ARG B 564 -38.59 25.94 -5.03
C ARG B 564 -39.15 26.10 -6.45
N ASP B 565 -40.41 26.49 -6.55
CA ASP B 565 -41.12 26.61 -7.81
C ASP B 565 -42.22 27.64 -7.66
N PRO B 566 -42.65 28.28 -8.76
CA PRO B 566 -43.81 29.18 -8.67
C PRO B 566 -45.16 28.47 -8.56
N GLN B 567 -45.24 27.16 -8.80
CA GLN B 567 -46.52 26.47 -8.74
C GLN B 567 -46.96 26.25 -7.29
N THR B 568 -46.09 25.65 -6.48
CA THR B 568 -46.37 25.37 -5.07
C THR B 568 -45.17 25.85 -4.26
N LEU B 569 -45.37 26.88 -3.43
CA LEU B 569 -44.27 27.64 -2.85
C LEU B 569 -43.50 26.91 -1.74
N GLU B 570 -43.96 25.75 -1.31
CA GLU B 570 -43.27 24.95 -0.30
C GLU B 570 -41.98 24.34 -0.85
N ILE B 571 -41.10 23.96 0.09
CA ILE B 571 -39.82 23.33 -0.22
C ILE B 571 -40.04 21.83 -0.18
N LEU B 572 -39.15 21.04 -0.79
CA LEU B 572 -39.30 19.60 -0.84
C LEU B 572 -38.00 18.89 -0.50
N ASP B 573 -38.07 17.97 0.45
CA ASP B 573 -37.03 16.97 0.71
C ASP B 573 -37.71 15.64 0.48
N ILE B 574 -37.09 14.77 -0.34
CA ILE B 574 -37.70 13.49 -0.67
C ILE B 574 -37.35 12.51 0.44
N THR B 575 -38.28 12.32 1.36
CA THR B 575 -38.27 11.14 2.22
C THR B 575 -38.52 9.93 1.32
N PRO B 576 -37.74 8.84 1.47
CA PRO B 576 -37.95 7.66 0.61
C PRO B 576 -39.24 6.92 0.96
N CYS B 577 -39.55 5.90 0.14
CA CYS B 577 -40.90 5.31 0.13
C CYS B 577 -40.95 4.13 1.11
N SER B 578 -40.61 4.46 2.38
CA SER B 578 -40.53 3.57 3.56
C SER B 578 -39.68 2.32 3.30
N PHE B 579 -38.56 2.51 2.61
CA PHE B 579 -37.74 1.40 2.17
C PHE B 579 -36.96 0.79 3.32
N GLY B 580 -36.85 -0.54 3.29
CA GLY B 580 -36.08 -1.26 4.27
C GLY B 580 -36.11 -2.74 3.92
N GLY B 581 -35.13 -3.45 4.47
CA GLY B 581 -35.11 -4.89 4.28
C GLY B 581 -36.17 -5.55 5.13
N VAL B 582 -37.24 -6.02 4.49
CA VAL B 582 -38.32 -6.69 5.21
C VAL B 582 -37.88 -8.13 5.53
N SER B 583 -37.87 -8.46 6.80
CA SER B 583 -37.42 -9.77 7.26
C SER B 583 -38.58 -10.75 7.16
N VAL B 584 -38.52 -11.66 6.20
CA VAL B 584 -39.60 -12.59 5.95
C VAL B 584 -39.27 -13.91 6.62
N ILE B 585 -40.12 -14.33 7.56
CA ILE B 585 -39.95 -15.62 8.21
C ILE B 585 -40.45 -16.68 7.24
N THR B 586 -39.53 -17.53 6.78
CA THR B 586 -39.82 -18.50 5.73
C THR B 586 -39.41 -19.87 6.22
N PRO B 587 -40.34 -20.85 6.26
CA PRO B 587 -39.93 -22.23 6.57
C PRO B 587 -39.36 -22.96 5.37
N GLY B 588 -39.10 -24.27 5.53
CA GLY B 588 -38.60 -25.08 4.42
C GLY B 588 -39.66 -25.26 3.34
N THR B 589 -39.26 -25.04 2.09
CA THR B 589 -40.19 -25.09 0.97
C THR B 589 -40.58 -26.53 0.59
N ASN B 590 -39.83 -27.53 1.08
CA ASN B 590 -40.25 -28.92 0.92
C ASN B 590 -41.43 -29.25 1.81
N THR B 591 -41.61 -28.52 2.91
CA THR B 591 -42.69 -28.79 3.87
C THR B 591 -43.81 -27.76 3.86
N SER B 592 -43.53 -26.51 3.53
CA SER B 592 -44.53 -25.46 3.71
C SER B 592 -44.42 -24.40 2.62
N ASN B 593 -45.51 -23.66 2.44
CA ASN B 593 -45.53 -22.49 1.56
C ASN B 593 -46.04 -21.22 2.24
N GLN B 594 -46.38 -21.26 3.52
CA GLN B 594 -46.89 -20.09 4.21
C GLN B 594 -45.76 -19.22 4.73
N VAL B 595 -45.98 -17.90 4.73
CA VAL B 595 -44.98 -16.94 5.17
C VAL B 595 -45.56 -15.97 6.20
N ALA B 596 -44.67 -15.24 6.84
CA ALA B 596 -45.01 -14.15 7.75
C ALA B 596 -43.88 -13.12 7.69
N VAL B 597 -44.25 -11.84 7.75
CA VAL B 597 -43.34 -10.74 7.44
C VAL B 597 -43.12 -9.90 8.69
N LEU B 598 -41.85 -9.68 9.05
CA LEU B 598 -41.48 -8.70 10.06
C LEU B 598 -41.22 -7.36 9.38
N TYR B 599 -41.88 -6.31 9.87
CA TYR B 599 -41.60 -4.95 9.46
C TYR B 599 -40.88 -4.28 10.63
N GLN B 600 -39.60 -3.96 10.44
CA GLN B 600 -38.72 -3.60 11.55
C GLN B 600 -39.01 -2.20 12.07
N GLY B 601 -39.22 -2.09 13.37
CA GLY B 601 -39.50 -0.80 14.00
C GLY B 601 -40.87 -0.24 13.69
N VAL B 602 -41.82 -1.08 13.31
CA VAL B 602 -43.10 -0.66 12.78
C VAL B 602 -44.19 -1.13 13.72
N ASN B 603 -45.02 -0.21 14.20
CA ASN B 603 -46.16 -0.61 15.01
C ASN B 603 -47.31 -1.10 14.12
N CYS B 604 -48.25 -1.82 14.73
CA CYS B 604 -49.29 -2.52 13.99
C CYS B 604 -50.34 -1.58 13.41
N THR B 605 -50.48 -0.37 13.96
CA THR B 605 -51.40 0.60 13.38
C THR B 605 -50.85 1.22 12.11
N GLU B 606 -49.52 1.27 11.97
CA GLU B 606 -48.86 1.89 10.83
C GLU B 606 -48.30 0.88 9.84
N VAL B 607 -48.75 -0.39 9.90
CA VAL B 607 -48.41 -1.36 8.86
C VAL B 607 -48.99 -1.01 7.49
N PRO B 608 -50.24 -0.55 7.32
CA PRO B 608 -50.61 0.01 5.99
C PRO B 608 -50.00 1.37 5.65
N VAL B 609 -49.23 2.01 6.52
CA VAL B 609 -48.45 3.18 6.11
C VAL B 609 -47.04 2.78 5.71
N ALA B 610 -46.45 1.81 6.42
CA ALA B 610 -45.06 1.41 6.17
C ALA B 610 -44.90 0.57 4.91
N ILE B 611 -45.95 -0.13 4.49
CA ILE B 611 -46.02 -0.67 3.13
C ILE B 611 -47.35 -0.21 2.54
N HIS B 612 -47.39 -0.13 1.21
CA HIS B 612 -48.55 0.44 0.52
C HIS B 612 -49.48 -0.70 0.12
N ALA B 613 -50.37 -1.06 1.04
CA ALA B 613 -51.30 -2.17 0.85
C ALA B 613 -52.43 -1.84 -0.12
N ASP B 614 -52.68 -0.57 -0.40
CA ASP B 614 -53.72 -0.22 -1.38
C ASP B 614 -53.31 -0.51 -2.83
N GLN B 615 -52.02 -0.65 -3.10
CA GLN B 615 -51.53 -0.97 -4.44
C GLN B 615 -51.26 -2.46 -4.64
N LEU B 616 -51.09 -3.21 -3.54
CA LEU B 616 -50.61 -4.59 -3.54
C LEU B 616 -51.60 -5.58 -4.14
N THR B 617 -51.05 -6.73 -4.52
CA THR B 617 -51.80 -7.88 -5.01
C THR B 617 -52.62 -8.49 -3.86
N PRO B 618 -53.75 -9.15 -4.16
CA PRO B 618 -54.57 -9.75 -3.09
C PRO B 618 -53.93 -10.93 -2.35
N THR B 619 -52.84 -11.51 -2.85
CA THR B 619 -52.09 -12.49 -2.06
C THR B 619 -51.34 -11.80 -0.92
N TRP B 620 -50.83 -10.58 -1.17
CA TRP B 620 -50.06 -9.83 -0.17
C TRP B 620 -50.94 -9.30 0.97
N ARG B 621 -52.25 -9.19 0.76
CA ARG B 621 -53.11 -8.57 1.78
C ARG B 621 -53.35 -9.46 2.99
N VAL B 622 -53.36 -10.79 2.83
CA VAL B 622 -53.58 -11.65 3.98
C VAL B 622 -52.30 -11.77 4.81
N TYR B 623 -51.13 -11.56 4.20
CA TYR B 623 -49.88 -11.61 4.95
C TYR B 623 -49.55 -10.29 5.62
N SER B 624 -50.10 -9.18 5.12
CA SER B 624 -49.81 -7.85 5.66
C SER B 624 -50.84 -7.39 6.68
N THR B 625 -52.13 -7.67 6.45
CA THR B 625 -53.20 -7.34 7.39
C THR B 625 -53.98 -8.60 7.75
N GLY B 626 -54.23 -8.80 9.04
CA GLY B 626 -55.01 -9.96 9.42
C GLY B 626 -55.24 -10.00 10.92
N SER B 627 -56.00 -11.02 11.33
CA SER B 627 -56.29 -11.23 12.75
C SER B 627 -55.10 -11.83 13.50
N ASN B 628 -54.20 -12.53 12.81
CA ASN B 628 -52.98 -13.03 13.43
C ASN B 628 -51.96 -11.91 13.45
N VAL B 629 -51.85 -11.24 14.59
CA VAL B 629 -51.09 -10.00 14.69
C VAL B 629 -50.56 -9.87 16.11
N PHE B 630 -49.31 -9.42 16.26
CA PHE B 630 -48.72 -9.19 17.57
C PHE B 630 -47.80 -7.97 17.51
N GLN B 631 -47.73 -7.25 18.63
CA GLN B 631 -47.03 -5.98 18.71
C GLN B 631 -45.90 -6.04 19.72
N THR B 632 -44.69 -5.69 19.28
CA THR B 632 -43.52 -5.54 20.14
C THR B 632 -42.72 -4.32 19.74
N ARG B 633 -41.57 -4.17 20.40
CA ARG B 633 -40.70 -3.01 20.17
C ARG B 633 -39.96 -3.13 18.85
N ALA B 634 -39.58 -4.35 18.48
CA ALA B 634 -38.82 -4.56 17.24
C ALA B 634 -39.68 -4.40 16.00
N GLY B 635 -40.97 -4.66 16.11
CA GLY B 635 -41.86 -4.52 14.98
C GLY B 635 -43.10 -5.37 15.15
N CYS B 636 -43.97 -5.29 14.14
CA CYS B 636 -45.25 -5.96 14.15
C CYS B 636 -45.22 -7.10 13.15
N LEU B 637 -45.67 -8.28 13.59
CA LEU B 637 -45.62 -9.50 12.80
C LEU B 637 -47.04 -9.92 12.45
N ILE B 638 -47.30 -10.08 11.15
CA ILE B 638 -48.64 -10.40 10.65
C ILE B 638 -48.48 -11.64 9.77
N GLY B 639 -49.35 -12.62 9.97
CA GLY B 639 -49.23 -13.91 9.35
C GLY B 639 -48.77 -15.00 10.29
N ALA B 640 -48.60 -14.67 11.57
CA ALA B 640 -48.26 -15.63 12.60
C ALA B 640 -49.20 -15.46 13.78
N GLU B 641 -49.72 -16.58 14.28
CA GLU B 641 -50.71 -16.56 15.34
C GLU B 641 -50.04 -16.36 16.69
N HIS B 642 -50.51 -15.36 17.44
CA HIS B 642 -49.97 -15.13 18.78
C HIS B 642 -50.48 -16.18 19.75
N VAL B 643 -49.55 -16.84 20.43
CA VAL B 643 -49.86 -17.77 21.52
C VAL B 643 -49.28 -17.22 22.82
N ASN B 644 -49.98 -17.47 23.92
CA ASN B 644 -49.58 -16.91 25.20
C ASN B 644 -48.45 -17.72 25.83
N ASN B 645 -48.45 -19.04 25.63
CA ASN B 645 -47.46 -19.90 26.25
C ASN B 645 -46.14 -19.83 25.48
N SER B 646 -45.03 -19.80 26.22
CA SER B 646 -43.72 -19.59 25.64
C SER B 646 -43.06 -20.93 25.33
N TYR B 647 -42.47 -21.04 24.13
CA TYR B 647 -41.77 -22.23 23.70
C TYR B 647 -40.28 -21.92 23.50
N GLU B 648 -39.53 -22.96 23.14
CA GLU B 648 -38.12 -22.81 22.83
C GLU B 648 -38.00 -22.18 21.45
N CYS B 649 -37.07 -21.22 21.30
CA CYS B 649 -36.93 -20.46 20.06
C CYS B 649 -36.34 -21.29 18.94
N ASP B 650 -37.02 -21.28 17.79
CA ASP B 650 -36.52 -21.91 16.57
C ASP B 650 -35.93 -20.89 15.60
N ILE B 651 -36.74 -19.91 15.18
CA ILE B 651 -36.29 -18.86 14.28
C ILE B 651 -36.41 -17.53 15.02
N PRO B 652 -35.32 -16.91 15.45
CA PRO B 652 -35.44 -15.62 16.16
C PRO B 652 -35.71 -14.46 15.21
N ILE B 653 -36.63 -13.60 15.63
CA ILE B 653 -37.08 -12.46 14.84
C ILE B 653 -36.63 -11.14 15.45
N GLY B 654 -36.85 -10.95 16.76
CA GLY B 654 -36.45 -9.73 17.42
C GLY B 654 -37.36 -9.32 18.55
N ALA B 655 -36.76 -8.73 19.61
CA ALA B 655 -37.38 -8.38 20.90
C ALA B 655 -38.08 -9.58 21.54
N GLY B 656 -37.43 -10.74 21.47
CA GLY B 656 -37.95 -11.94 22.10
C GLY B 656 -38.95 -12.72 21.30
N ILE B 657 -39.24 -12.33 20.05
CA ILE B 657 -40.25 -13.00 19.25
C ILE B 657 -39.61 -14.10 18.41
N CYS B 658 -40.17 -15.30 18.48
CA CYS B 658 -39.69 -16.45 17.75
C CYS B 658 -40.87 -17.10 17.02
N ALA B 659 -40.56 -17.84 15.96
CA ALA B 659 -41.59 -18.43 15.12
C ALA B 659 -41.36 -19.92 14.95
N SER B 660 -42.48 -20.65 14.80
CA SER B 660 -42.46 -22.08 14.50
C SER B 660 -43.76 -22.41 13.76
N TYR B 661 -43.80 -23.59 13.16
CA TYR B 661 -44.93 -23.97 12.32
C TYR B 661 -45.87 -24.94 13.07
N GLN B 662 -45.69 -25.07 14.38
CA GLN B 662 -46.47 -25.98 15.23
C GLN B 662 -47.93 -25.56 15.38
N SER B 669 -50.15 -23.66 10.80
CA SER B 669 -49.57 -22.44 10.28
C SER B 669 -48.44 -21.94 11.16
N ILE B 670 -47.92 -20.77 10.82
CA ILE B 670 -46.84 -20.14 11.58
C ILE B 670 -47.43 -19.54 12.85
N ILE B 671 -46.76 -19.73 13.99
CA ILE B 671 -47.16 -19.09 15.23
C ILE B 671 -46.13 -18.02 15.60
N ALA B 672 -46.45 -17.22 16.61
CA ALA B 672 -45.56 -16.21 17.17
C ALA B 672 -45.71 -16.18 18.67
N TYR B 673 -44.59 -15.98 19.36
CA TYR B 673 -44.58 -16.04 20.83
C TYR B 673 -43.38 -15.27 21.35
N THR B 674 -43.55 -14.70 22.54
CA THR B 674 -42.41 -14.28 23.34
C THR B 674 -41.65 -15.53 23.76
N MET B 675 -40.32 -15.54 23.57
CA MET B 675 -39.57 -16.77 23.74
C MET B 675 -39.40 -17.12 25.21
N SER B 676 -39.22 -18.41 25.45
CA SER B 676 -38.74 -18.86 26.75
C SER B 676 -37.26 -18.53 26.84
N LEU B 677 -36.93 -17.56 27.68
CA LEU B 677 -35.53 -17.31 28.03
C LEU B 677 -34.99 -18.48 28.85
N GLY B 678 -35.85 -19.06 29.68
CA GLY B 678 -35.61 -20.33 30.34
C GLY B 678 -36.90 -20.77 30.98
N ALA B 679 -36.84 -21.91 31.65
CA ALA B 679 -37.97 -22.31 32.50
C ALA B 679 -38.01 -21.40 33.72
N GLU B 680 -39.21 -20.92 34.04
CA GLU B 680 -39.36 -19.91 35.09
C GLU B 680 -39.21 -20.57 36.45
N ASN B 681 -38.15 -20.19 37.17
CA ASN B 681 -37.82 -20.79 38.45
C ASN B 681 -37.87 -19.68 39.49
N SER B 682 -38.57 -19.96 40.60
CA SER B 682 -38.69 -19.01 41.69
C SER B 682 -37.80 -19.48 42.84
N VAL B 683 -36.87 -18.64 43.25
CA VAL B 683 -36.08 -18.90 44.44
C VAL B 683 -36.52 -17.93 45.53
N ALA B 684 -36.40 -18.38 46.78
CA ALA B 684 -36.82 -17.61 47.94
C ALA B 684 -35.58 -17.34 48.76
N CYS B 685 -35.24 -16.06 48.89
CA CYS B 685 -33.88 -15.68 49.28
C CYS B 685 -33.82 -15.67 50.81
N SER B 686 -33.50 -16.83 51.37
CA SER B 686 -33.67 -17.13 52.78
C SER B 686 -32.38 -16.86 53.56
N ASN B 687 -32.47 -16.00 54.57
CA ASN B 687 -31.31 -15.66 55.38
C ASN B 687 -30.97 -16.75 56.39
N ASN B 688 -31.93 -17.59 56.75
CA ASN B 688 -31.70 -18.61 57.76
C ASN B 688 -31.69 -20.04 57.24
N SER B 689 -31.80 -20.23 55.93
CA SER B 689 -31.74 -21.56 55.32
C SER B 689 -30.86 -21.51 54.07
N ILE B 690 -30.14 -22.62 53.83
CA ILE B 690 -29.15 -22.70 52.76
C ILE B 690 -29.46 -23.92 51.90
N ALA B 691 -29.03 -23.89 50.64
CA ALA B 691 -29.23 -24.98 49.70
C ALA B 691 -27.87 -25.56 49.30
N ILE B 692 -27.74 -26.88 49.42
CA ILE B 692 -26.51 -27.59 49.08
C ILE B 692 -26.86 -28.62 48.01
N PRO B 693 -26.11 -28.70 46.91
CA PRO B 693 -26.39 -29.70 45.89
C PRO B 693 -26.03 -31.12 46.34
N THR B 694 -26.79 -32.09 45.83
CA THR B 694 -26.64 -33.48 46.21
C THR B 694 -26.21 -34.41 45.09
N ASN B 695 -26.45 -34.03 43.83
CA ASN B 695 -26.14 -34.91 42.71
C ASN B 695 -25.55 -34.08 41.57
N PHE B 696 -24.75 -34.74 40.74
CA PHE B 696 -23.96 -34.07 39.72
C PHE B 696 -24.10 -34.82 38.40
N THR B 697 -23.56 -34.21 37.34
CA THR B 697 -23.62 -34.76 35.99
C THR B 697 -22.28 -34.53 35.30
N ILE B 698 -21.70 -35.62 34.79
CA ILE B 698 -20.44 -35.54 34.03
C ILE B 698 -20.84 -35.16 32.60
N SER B 699 -20.82 -33.87 32.32
CA SER B 699 -21.07 -33.39 30.96
C SER B 699 -19.81 -33.51 30.13
N VAL B 700 -19.88 -34.21 28.99
CA VAL B 700 -18.71 -34.56 28.21
C VAL B 700 -18.98 -33.81 26.89
N THR B 701 -19.45 -32.57 27.01
CA THR B 701 -19.81 -31.74 25.87
C THR B 701 -18.59 -31.33 25.05
N THR B 702 -18.84 -30.87 23.83
CA THR B 702 -17.80 -30.65 22.83
C THR B 702 -17.67 -29.18 22.49
N GLU B 703 -16.43 -28.76 22.19
CA GLU B 703 -16.13 -27.46 21.65
C GLU B 703 -15.18 -27.64 20.47
N ILE B 704 -15.51 -26.99 19.35
CA ILE B 704 -14.82 -27.22 18.08
C ILE B 704 -14.19 -25.91 17.63
N LEU B 705 -12.87 -25.94 17.41
CA LEU B 705 -12.12 -24.76 16.99
C LEU B 705 -11.24 -25.11 15.79
N PRO B 706 -11.20 -24.26 14.76
CA PRO B 706 -10.22 -24.46 13.70
C PRO B 706 -8.81 -24.14 14.16
N VAL B 707 -7.83 -24.81 13.55
CA VAL B 707 -6.42 -24.57 13.87
C VAL B 707 -5.66 -24.20 12.59
N SER B 708 -5.75 -25.03 11.56
CA SER B 708 -4.90 -24.86 10.39
C SER B 708 -5.69 -25.24 9.14
N MET B 709 -6.06 -24.24 8.34
CA MET B 709 -6.84 -24.45 7.13
C MET B 709 -5.98 -24.99 5.98
N THR B 710 -6.54 -24.98 4.77
CA THR B 710 -5.87 -25.52 3.59
C THR B 710 -4.74 -24.61 3.15
N LYS B 711 -3.53 -25.18 3.09
CA LYS B 711 -2.33 -24.45 2.67
C LYS B 711 -2.40 -24.24 1.17
N THR B 712 -2.89 -23.08 0.75
CA THR B 712 -2.94 -22.71 -0.66
C THR B 712 -1.92 -21.61 -0.90
N SER B 713 -1.09 -21.79 -1.92
CA SER B 713 -0.12 -20.78 -2.34
C SER B 713 -0.55 -20.32 -3.72
N VAL B 714 -1.44 -19.34 -3.74
CA VAL B 714 -1.99 -18.83 -4.99
C VAL B 714 -0.93 -17.88 -5.56
N ASP B 715 -0.17 -18.37 -6.53
CA ASP B 715 0.84 -17.55 -7.17
C ASP B 715 0.18 -16.52 -8.08
N CYS B 716 0.80 -15.34 -8.16
CA CYS B 716 0.22 -14.18 -8.83
C CYS B 716 0.11 -14.37 -10.33
N THR B 717 1.21 -14.78 -10.97
CA THR B 717 1.31 -14.82 -12.43
C THR B 717 0.48 -15.95 -13.02
N MET B 718 0.49 -17.11 -12.37
CA MET B 718 -0.22 -18.28 -12.89
C MET B 718 -1.73 -18.17 -12.66
N TYR B 719 -2.17 -17.40 -11.65
CA TYR B 719 -3.58 -17.09 -11.52
C TYR B 719 -4.02 -16.06 -12.55
N ILE B 720 -3.42 -14.86 -12.50
CA ILE B 720 -3.95 -13.71 -13.26
C ILE B 720 -3.71 -13.87 -14.75
N CYS B 721 -2.58 -14.45 -15.14
CA CYS B 721 -2.21 -14.50 -16.54
C CYS B 721 -2.21 -15.91 -17.11
N GLY B 722 -2.14 -16.94 -16.27
CA GLY B 722 -2.00 -18.30 -16.76
C GLY B 722 -0.60 -18.53 -17.29
N ASP B 723 -0.47 -18.68 -18.59
CA ASP B 723 0.83 -18.79 -19.25
C ASP B 723 1.09 -17.61 -20.19
N SER B 724 0.35 -16.52 -20.04
CA SER B 724 0.53 -15.36 -20.91
C SER B 724 1.69 -14.50 -20.44
N THR B 725 2.58 -14.15 -21.37
CA THR B 725 3.78 -13.38 -21.06
C THR B 725 3.59 -11.87 -21.16
N GLU B 726 2.71 -11.41 -22.05
CA GLU B 726 2.42 -9.97 -22.16
C GLU B 726 1.64 -9.50 -20.93
N CYS B 727 0.75 -10.35 -20.43
CA CYS B 727 0.08 -10.12 -19.15
C CYS B 727 1.09 -10.11 -18.00
N SER B 728 2.12 -10.96 -18.09
CA SER B 728 3.16 -10.99 -17.06
C SER B 728 4.02 -9.74 -17.07
N ASN B 729 4.27 -9.18 -18.27
CA ASN B 729 4.97 -7.91 -18.39
C ASN B 729 4.12 -6.75 -17.88
N LEU B 730 2.80 -6.83 -18.06
CA LEU B 730 1.92 -5.84 -17.43
C LEU B 730 1.79 -6.07 -15.92
N LEU B 731 1.99 -7.30 -15.46
CA LEU B 731 1.81 -7.63 -14.05
C LEU B 731 3.03 -7.23 -13.22
N LEU B 732 4.22 -7.33 -13.80
CA LEU B 732 5.41 -6.82 -13.11
C LEU B 732 5.53 -5.30 -13.18
N GLN B 733 4.71 -4.64 -13.99
CA GLN B 733 4.66 -3.19 -14.12
C GLN B 733 3.99 -2.54 -12.89
N TYR B 734 3.24 -3.31 -12.10
CA TYR B 734 2.63 -2.84 -10.86
C TYR B 734 3.56 -2.92 -9.65
N GLY B 735 4.87 -3.01 -9.86
CA GLY B 735 5.82 -3.01 -8.77
C GLY B 735 5.77 -4.28 -7.94
N SER B 736 5.42 -4.11 -6.67
CA SER B 736 5.38 -5.20 -5.71
C SER B 736 4.09 -5.20 -4.91
N PHE B 737 2.93 -5.12 -5.58
CA PHE B 737 1.71 -5.59 -4.93
C PHE B 737 1.74 -7.08 -4.70
N CYS B 738 1.72 -7.88 -5.77
CA CYS B 738 1.53 -9.29 -5.54
C CYS B 738 2.82 -10.03 -5.21
N THR B 739 3.98 -9.35 -5.21
CA THR B 739 5.11 -9.82 -4.43
C THR B 739 4.77 -9.82 -2.94
N GLN B 740 4.12 -8.76 -2.45
CA GLN B 740 3.67 -8.69 -1.06
C GLN B 740 2.50 -9.64 -0.81
N LEU B 741 1.60 -9.83 -1.79
CA LEU B 741 0.54 -10.83 -1.65
C LEU B 741 1.06 -12.27 -1.71
N ASN B 742 2.10 -12.54 -2.51
CA ASN B 742 2.67 -13.88 -2.54
C ASN B 742 3.47 -14.16 -1.28
N ARG B 743 4.16 -13.14 -0.76
CA ARG B 743 4.81 -13.24 0.53
C ARG B 743 3.80 -13.34 1.67
N ALA B 744 2.63 -12.72 1.51
CA ALA B 744 1.58 -12.81 2.51
C ALA B 744 0.92 -14.18 2.51
N LEU B 745 0.64 -14.76 1.34
CA LEU B 745 0.06 -16.10 1.27
C LEU B 745 1.09 -17.17 1.63
N THR B 746 2.38 -16.91 1.35
CA THR B 746 3.46 -17.75 1.86
C THR B 746 3.52 -17.67 3.38
N GLY B 747 3.32 -16.47 3.94
CA GLY B 747 3.21 -16.30 5.38
C GLY B 747 1.98 -16.94 5.99
N ILE B 748 0.89 -17.01 5.24
CA ILE B 748 -0.29 -17.76 5.68
C ILE B 748 -0.03 -19.27 5.66
N ALA B 749 0.68 -19.76 4.63
CA ALA B 749 0.98 -21.21 4.55
C ALA B 749 1.98 -21.66 5.62
N VAL B 750 3.02 -20.85 5.83
CA VAL B 750 3.95 -21.02 6.95
C VAL B 750 3.25 -20.74 8.28
N GLU B 751 2.19 -19.90 8.28
CA GLU B 751 1.43 -19.63 9.49
C GLU B 751 0.57 -20.83 9.89
N GLN B 752 -0.06 -21.53 8.94
CA GLN B 752 -0.74 -22.78 9.29
C GLN B 752 0.23 -23.88 9.68
N ASP B 753 1.45 -23.87 9.12
CA ASP B 753 2.53 -24.75 9.62
C ASP B 753 2.92 -24.41 11.07
N LYS B 754 3.01 -23.13 11.43
CA LYS B 754 3.41 -22.83 12.80
C LYS B 754 2.26 -22.88 13.80
N ASN B 755 1.01 -22.70 13.37
CA ASN B 755 -0.12 -23.05 14.23
C ASN B 755 -0.22 -24.54 14.46
N THR B 756 0.13 -25.36 13.46
CA THR B 756 0.29 -26.80 13.66
C THR B 756 1.44 -27.10 14.64
N GLN B 757 2.51 -26.29 14.58
CA GLN B 757 3.63 -26.42 15.51
C GLN B 757 3.26 -26.05 16.95
N GLU B 758 2.58 -24.91 17.16
CA GLU B 758 2.26 -24.50 18.53
C GLU B 758 1.08 -25.27 19.12
N VAL B 759 0.05 -25.59 18.32
CA VAL B 759 -1.07 -26.38 18.85
C VAL B 759 -0.68 -27.84 18.99
N PHE B 760 -0.26 -28.49 17.90
CA PHE B 760 -0.08 -29.93 17.96
C PHE B 760 1.27 -30.33 18.54
N ALA B 761 2.36 -29.72 18.08
CA ALA B 761 3.70 -30.14 18.46
C ALA B 761 4.14 -29.40 19.74
N GLN B 762 3.52 -29.79 20.85
CA GLN B 762 3.89 -29.22 22.14
C GLN B 762 5.25 -29.74 22.59
N VAL B 763 5.48 -31.04 22.47
CA VAL B 763 6.80 -31.62 22.53
C VAL B 763 7.03 -32.38 21.23
N LYS B 764 8.29 -32.47 20.82
CA LYS B 764 8.62 -33.13 19.56
C LYS B 764 8.78 -34.64 19.72
N GLN B 765 9.14 -35.09 20.93
CA GLN B 765 9.32 -36.51 21.18
C GLN B 765 7.98 -37.24 21.27
N ILE B 766 8.00 -38.52 20.91
CA ILE B 766 6.80 -39.35 20.87
C ILE B 766 6.93 -40.42 21.95
N TYR B 767 5.97 -40.44 22.87
CA TYR B 767 5.83 -41.55 23.81
C TYR B 767 4.96 -42.66 23.21
N LYS B 768 5.18 -43.88 23.69
CA LYS B 768 4.46 -45.04 23.19
C LYS B 768 3.04 -45.08 23.74
N THR B 769 2.19 -45.83 23.04
CA THR B 769 0.81 -46.00 23.47
C THR B 769 0.75 -46.97 24.64
N PRO B 770 0.10 -46.62 25.75
CA PRO B 770 -0.02 -47.56 26.87
C PRO B 770 -0.99 -48.68 26.54
N PRO B 771 -0.81 -49.86 27.14
CA PRO B 771 -1.75 -50.95 26.91
C PRO B 771 -3.11 -50.71 27.55
N ILE B 772 -4.12 -51.39 27.03
CA ILE B 772 -5.50 -51.27 27.54
C ILE B 772 -5.66 -52.29 28.67
N LYS B 773 -5.15 -51.90 29.84
CA LYS B 773 -5.23 -52.72 31.05
C LYS B 773 -5.15 -51.83 32.28
N ASP B 774 -6.03 -52.11 33.25
CA ASP B 774 -6.01 -51.58 34.63
C ASP B 774 -6.14 -50.06 34.67
N PHE B 775 -7.20 -49.55 34.04
CA PHE B 775 -7.41 -48.11 33.96
C PHE B 775 -8.54 -47.62 34.85
N GLY B 776 -8.83 -48.32 35.94
CA GLY B 776 -9.78 -47.85 36.93
C GLY B 776 -11.23 -47.84 36.53
N GLY B 777 -11.59 -48.58 35.48
CA GLY B 777 -12.99 -48.71 35.08
C GLY B 777 -13.45 -47.74 34.01
N PHE B 778 -12.63 -46.78 33.60
CA PHE B 778 -12.98 -45.92 32.46
C PHE B 778 -12.61 -46.66 31.18
N ASN B 779 -13.53 -46.72 30.23
CA ASN B 779 -13.22 -47.29 28.92
C ASN B 779 -12.51 -46.20 28.12
N PHE B 780 -11.22 -46.40 27.86
CA PHE B 780 -10.44 -45.47 27.05
C PHE B 780 -10.15 -45.98 25.65
N SER B 781 -10.80 -47.08 25.24
CA SER B 781 -10.49 -47.67 23.94
C SER B 781 -11.05 -46.87 22.77
N GLN B 782 -12.11 -46.07 23.00
CA GLN B 782 -12.72 -45.31 21.92
C GLN B 782 -11.88 -44.09 21.53
N ILE B 783 -11.13 -43.52 22.47
CA ILE B 783 -10.29 -42.37 22.17
C ILE B 783 -8.85 -42.76 21.83
N LEU B 784 -8.40 -43.96 22.20
CA LEU B 784 -7.07 -44.44 21.92
C LEU B 784 -6.99 -44.96 20.47
N PRO B 785 -5.81 -44.84 19.82
CA PRO B 785 -5.69 -45.27 18.41
C PRO B 785 -5.83 -46.77 18.19
N ASP B 786 -6.39 -47.13 17.03
CA ASP B 786 -6.88 -48.49 16.76
C ASP B 786 -6.25 -48.87 15.44
N PRO B 787 -5.61 -50.04 15.33
CA PRO B 787 -4.87 -50.39 14.10
C PRO B 787 -5.68 -51.08 13.02
N SER B 788 -7.02 -51.01 13.06
CA SER B 788 -7.85 -51.75 12.11
C SER B 788 -7.80 -51.14 10.71
N LYS B 789 -7.87 -49.82 10.61
CA LYS B 789 -7.68 -49.09 9.37
C LYS B 789 -6.17 -48.95 9.17
N PRO B 790 -5.67 -48.78 7.94
CA PRO B 790 -4.21 -48.60 7.77
C PRO B 790 -3.62 -47.30 8.34
N SER B 791 -4.43 -46.26 8.56
CA SER B 791 -3.96 -45.16 9.39
C SER B 791 -4.07 -45.54 10.86
N LYS B 792 -3.35 -44.80 11.70
CA LYS B 792 -3.19 -45.16 13.11
C LYS B 792 -4.46 -44.90 13.93
N ARG B 793 -5.32 -43.98 13.45
CA ARG B 793 -6.25 -43.16 14.23
C ARG B 793 -7.30 -43.94 15.02
N SER B 794 -7.91 -43.23 15.98
CA SER B 794 -8.90 -43.77 16.90
C SER B 794 -10.22 -44.01 16.17
N PRO B 795 -11.14 -44.83 16.74
CA PRO B 795 -12.50 -44.91 16.17
C PRO B 795 -13.28 -43.60 16.19
N ILE B 796 -13.09 -42.75 17.20
CA ILE B 796 -13.76 -41.45 17.23
C ILE B 796 -13.19 -40.52 16.16
N GLU B 797 -11.86 -40.49 15.97
CA GLU B 797 -11.27 -39.71 14.88
C GLU B 797 -11.64 -40.24 13.50
N ASP B 798 -11.85 -41.56 13.39
CA ASP B 798 -12.33 -42.14 12.13
C ASP B 798 -13.77 -41.73 11.84
N LEU B 799 -14.64 -41.73 12.86
CA LEU B 799 -16.02 -41.31 12.64
C LEU B 799 -16.16 -39.80 12.50
N LEU B 800 -15.25 -39.01 13.09
CA LEU B 800 -15.26 -37.58 12.86
C LEU B 800 -14.70 -37.23 11.49
N PHE B 801 -13.75 -38.03 10.99
CA PHE B 801 -13.25 -37.85 9.62
C PHE B 801 -14.33 -38.24 8.61
N ASN B 802 -15.12 -39.28 8.92
CA ASN B 802 -16.24 -39.62 8.06
C ASN B 802 -17.41 -38.64 8.21
N LYS B 803 -17.50 -37.91 9.32
CA LYS B 803 -18.58 -36.95 9.48
C LYS B 803 -18.32 -35.69 8.64
N VAL B 804 -17.16 -35.07 8.79
CA VAL B 804 -16.86 -33.85 8.07
C VAL B 804 -16.37 -34.21 6.66
N THR B 805 -17.06 -33.70 5.66
CA THR B 805 -16.60 -33.78 4.28
C THR B 805 -15.86 -32.50 3.93
N LEU B 806 -14.86 -32.63 3.06
CA LEU B 806 -14.00 -31.51 2.72
C LEU B 806 -14.47 -30.75 1.48
N ALA B 807 -15.78 -30.84 1.17
CA ALA B 807 -16.49 -30.11 0.11
C ALA B 807 -15.92 -30.35 -1.28
N ASP B 808 -15.95 -31.65 -1.66
CA ASP B 808 -15.46 -32.20 -2.94
C ASP B 808 -13.98 -31.86 -3.18
N ALA B 809 -13.15 -32.34 -2.27
CA ALA B 809 -11.71 -32.09 -2.31
C ALA B 809 -10.98 -33.35 -2.74
N GLY B 810 -10.12 -33.21 -3.75
CA GLY B 810 -9.35 -34.31 -4.28
C GLY B 810 -7.86 -34.03 -4.26
N PHE B 811 -7.36 -33.46 -3.16
CA PHE B 811 -6.01 -32.91 -3.10
C PHE B 811 -4.91 -33.97 -3.09
N ILE B 812 -5.22 -35.21 -2.73
CA ILE B 812 -4.20 -36.22 -2.46
C ILE B 812 -4.16 -37.30 -3.56
N LYS B 813 -5.15 -37.32 -4.47
CA LYS B 813 -5.34 -38.45 -5.38
C LYS B 813 -4.34 -38.47 -6.53
N GLN B 814 -3.71 -37.35 -6.86
CA GLN B 814 -2.79 -37.25 -7.99
C GLN B 814 -1.32 -37.15 -7.54
N TYR B 815 -1.03 -37.71 -6.36
CA TYR B 815 0.31 -37.65 -5.76
C TYR B 815 1.26 -38.55 -6.56
N GLY B 816 2.45 -38.04 -6.82
CA GLY B 816 3.42 -38.70 -7.68
C GLY B 816 3.41 -38.22 -9.13
N ASP B 817 2.23 -38.02 -9.69
CA ASP B 817 2.11 -37.62 -11.10
C ASP B 817 2.04 -36.12 -11.32
N CYS B 818 1.61 -35.35 -10.33
CA CYS B 818 1.40 -33.91 -10.52
C CYS B 818 2.73 -33.21 -10.25
N LEU B 819 3.57 -33.19 -11.29
CA LEU B 819 4.82 -32.45 -11.27
C LEU B 819 4.93 -31.61 -12.53
N GLY B 820 5.64 -30.50 -12.42
CA GLY B 820 5.90 -29.64 -13.56
C GLY B 820 4.80 -28.67 -13.91
N ASP B 821 3.69 -28.66 -13.14
CA ASP B 821 2.54 -27.75 -13.24
C ASP B 821 1.80 -27.84 -14.58
N ILE B 822 1.89 -28.98 -15.26
CA ILE B 822 1.26 -29.19 -16.55
C ILE B 822 0.24 -30.32 -16.52
N ALA B 823 0.57 -31.43 -15.87
CA ALA B 823 -0.27 -32.63 -15.86
C ALA B 823 -1.04 -32.81 -14.55
N ALA B 824 -1.59 -31.74 -13.99
CA ALA B 824 -2.34 -31.83 -12.75
C ALA B 824 -3.71 -32.44 -12.98
N ARG B 825 -4.18 -33.22 -11.99
CA ARG B 825 -5.41 -34.00 -12.11
C ARG B 825 -6.30 -33.78 -10.88
N ASP B 826 -7.48 -34.43 -10.91
CA ASP B 826 -8.50 -34.50 -9.84
C ASP B 826 -9.04 -33.12 -9.50
N LEU B 827 -8.86 -32.62 -8.27
CA LEU B 827 -9.36 -31.30 -7.89
C LEU B 827 -8.61 -30.19 -8.61
N ILE B 828 -7.32 -30.39 -8.87
CA ILE B 828 -6.51 -29.38 -9.58
C ILE B 828 -6.71 -29.50 -11.09
N CYS B 829 -7.44 -30.54 -11.56
CA CYS B 829 -7.85 -30.60 -12.96
C CYS B 829 -8.92 -29.55 -13.28
N ALA B 830 -9.69 -29.11 -12.30
CA ALA B 830 -10.56 -27.96 -12.47
C ALA B 830 -9.80 -26.63 -12.40
N GLN B 831 -8.61 -26.64 -11.81
CA GLN B 831 -7.82 -25.43 -11.57
C GLN B 831 -6.46 -25.52 -12.25
N LYS B 832 -6.45 -25.94 -13.52
CA LYS B 832 -5.25 -26.21 -14.31
C LYS B 832 -4.33 -25.01 -14.52
N PHE B 833 -4.84 -24.00 -15.21
CA PHE B 833 -4.11 -22.75 -15.39
C PHE B 833 -4.62 -21.66 -14.45
N ASN B 834 -5.23 -22.06 -13.33
CA ASN B 834 -5.73 -21.11 -12.34
C ASN B 834 -4.77 -20.93 -11.16
N GLY B 835 -3.80 -21.82 -10.98
CA GLY B 835 -2.72 -21.61 -10.05
C GLY B 835 -3.03 -21.84 -8.59
N LEU B 836 -4.16 -22.45 -8.25
CA LEU B 836 -4.55 -22.63 -6.85
C LEU B 836 -3.89 -23.89 -6.28
N THR B 837 -2.58 -23.79 -6.07
CA THR B 837 -1.78 -24.96 -5.73
C THR B 837 -1.89 -25.25 -4.24
N VAL B 838 -2.44 -26.41 -3.91
CA VAL B 838 -2.53 -26.83 -2.52
C VAL B 838 -1.19 -27.45 -2.12
N LEU B 839 -0.54 -26.84 -1.17
CA LEU B 839 0.69 -27.43 -0.67
C LEU B 839 0.39 -28.41 0.46
N PRO B 840 1.14 -29.51 0.58
CA PRO B 840 0.88 -30.46 1.65
C PRO B 840 1.36 -29.91 2.99
N PRO B 841 0.72 -30.32 4.09
CA PRO B 841 1.22 -29.93 5.42
C PRO B 841 2.52 -30.65 5.77
N LEU B 842 3.29 -30.02 6.66
CA LEU B 842 4.54 -30.63 7.13
C LEU B 842 4.27 -31.80 8.05
N LEU B 843 3.33 -31.65 8.98
CA LEU B 843 3.01 -32.72 9.90
C LEU B 843 2.06 -33.72 9.25
N THR B 844 2.31 -35.00 9.49
CA THR B 844 1.48 -36.08 8.97
C THR B 844 0.45 -36.48 10.01
N ASP B 845 -0.66 -37.07 9.52
CA ASP B 845 -1.83 -37.31 10.37
C ASP B 845 -1.60 -38.45 11.36
N GLU B 846 -0.72 -39.40 11.02
CA GLU B 846 -0.36 -40.45 11.99
C GLU B 846 0.56 -39.89 13.07
N MET B 847 1.36 -38.89 12.73
CA MET B 847 2.16 -38.19 13.74
C MET B 847 1.27 -37.36 14.66
N ILE B 848 0.20 -36.77 14.12
CA ILE B 848 -0.81 -36.09 14.93
C ILE B 848 -1.59 -37.08 15.81
N ALA B 849 -1.81 -38.31 15.32
CA ALA B 849 -2.48 -39.33 16.12
C ALA B 849 -1.58 -39.84 17.25
N GLN B 850 -0.28 -39.97 17.00
CA GLN B 850 0.66 -40.33 18.05
C GLN B 850 0.87 -39.19 19.04
N TYR B 851 0.81 -37.93 18.57
CA TYR B 851 0.75 -36.76 19.44
C TYR B 851 -0.49 -36.77 20.31
N THR B 852 -1.64 -37.17 19.73
CA THR B 852 -2.91 -37.25 20.44
C THR B 852 -2.86 -38.32 21.53
N SER B 853 -2.29 -39.49 21.23
CA SER B 853 -2.15 -40.54 22.24
C SER B 853 -1.14 -40.18 23.33
N ALA B 854 -0.08 -39.45 22.96
CA ALA B 854 0.87 -38.94 23.94
C ALA B 854 0.25 -37.89 24.85
N LEU B 855 -0.63 -37.04 24.31
CA LEU B 855 -1.35 -36.10 25.15
C LEU B 855 -2.47 -36.75 25.96
N LEU B 856 -2.97 -37.91 25.53
CA LEU B 856 -3.87 -38.70 26.38
C LEU B 856 -3.12 -39.28 27.57
N ALA B 857 -1.91 -39.79 27.34
CA ALA B 857 -1.06 -40.28 28.42
C ALA B 857 -0.66 -39.14 29.37
N GLY B 858 -0.36 -37.96 28.81
CA GLY B 858 -0.07 -36.79 29.60
C GLY B 858 -1.25 -36.23 30.35
N THR B 859 -2.48 -36.45 29.85
CA THR B 859 -3.68 -36.06 30.60
C THR B 859 -3.94 -37.02 31.75
N ILE B 860 -3.86 -38.33 31.46
CA ILE B 860 -4.33 -39.34 32.39
C ILE B 860 -3.33 -39.66 33.49
N CYS B 861 -2.09 -40.04 33.15
CA CYS B 861 -1.18 -40.42 34.22
C CYS B 861 0.01 -39.49 34.42
N SER B 862 0.21 -38.49 33.55
CA SER B 862 1.12 -37.41 33.91
C SER B 862 0.37 -36.24 34.53
N GLY B 863 -0.83 -35.95 34.03
CA GLY B 863 -1.68 -34.90 34.58
C GLY B 863 -1.15 -33.49 34.38
N TRP B 864 -1.20 -32.69 35.44
CA TRP B 864 -0.67 -31.33 35.44
C TRP B 864 0.81 -31.26 35.79
N THR B 865 1.47 -32.41 35.95
CA THR B 865 2.93 -32.47 35.97
C THR B 865 3.53 -32.45 34.57
N PHE B 866 2.71 -32.66 33.53
CA PHE B 866 3.14 -32.62 32.15
C PHE B 866 3.23 -31.18 31.62
N GLY B 867 2.67 -30.22 32.37
CA GLY B 867 2.88 -28.81 32.10
C GLY B 867 4.27 -28.29 32.41
N ALA B 868 5.07 -29.09 33.12
CA ALA B 868 6.50 -28.89 33.27
C ALA B 868 7.26 -29.34 32.00
N GLY B 869 8.58 -29.44 32.12
CA GLY B 869 9.37 -29.91 30.99
C GLY B 869 9.23 -31.39 30.72
N PRO B 870 9.17 -32.19 31.77
CA PRO B 870 9.20 -33.64 31.66
C PRO B 870 7.82 -34.26 31.86
N ALA B 871 7.73 -35.55 31.52
CA ALA B 871 6.52 -36.36 31.67
C ALA B 871 6.79 -37.50 32.64
N LEU B 872 5.85 -37.73 33.55
CA LEU B 872 6.01 -38.70 34.63
C LEU B 872 4.78 -39.60 34.70
N GLN B 873 4.82 -40.57 35.62
CA GLN B 873 3.75 -41.56 35.77
C GLN B 873 3.17 -41.50 37.18
N ILE B 874 1.85 -41.35 37.27
CA ILE B 874 1.10 -41.21 38.54
C ILE B 874 0.02 -42.30 38.49
N PRO B 875 -0.27 -43.01 39.60
CA PRO B 875 -1.39 -43.96 39.60
C PRO B 875 -2.74 -43.28 39.44
N PHE B 876 -3.63 -43.98 38.74
CA PHE B 876 -4.81 -43.34 38.15
C PHE B 876 -5.92 -42.90 39.12
N PRO B 877 -6.41 -43.68 40.12
CA PRO B 877 -7.40 -43.10 41.03
C PRO B 877 -6.83 -42.08 42.01
N MET B 878 -5.51 -42.07 42.22
CA MET B 878 -4.88 -40.96 42.94
C MET B 878 -4.95 -39.65 42.15
N GLN B 879 -4.76 -39.71 40.83
CA GLN B 879 -4.80 -38.49 40.04
C GLN B 879 -6.26 -38.06 39.78
N MET B 880 -7.18 -39.04 39.73
CA MET B 880 -8.61 -38.74 39.84
C MET B 880 -9.02 -38.16 41.19
N ALA B 881 -8.31 -38.48 42.27
CA ALA B 881 -8.67 -37.92 43.57
C ALA B 881 -8.34 -36.43 43.67
N TYR B 882 -7.38 -35.94 42.88
CA TYR B 882 -7.01 -34.53 42.94
C TYR B 882 -7.11 -33.81 41.59
N ARG B 883 -7.75 -34.42 40.59
CA ARG B 883 -8.06 -33.69 39.36
C ARG B 883 -9.29 -32.79 39.52
N PHE B 884 -10.10 -33.02 40.55
CA PHE B 884 -11.15 -32.08 40.90
C PHE B 884 -10.83 -31.32 42.18
N ASN B 885 -9.58 -31.39 42.65
CA ASN B 885 -9.19 -30.61 43.82
C ASN B 885 -9.07 -29.12 43.48
N GLY B 886 -8.82 -28.79 42.21
CA GLY B 886 -8.88 -27.42 41.77
C GLY B 886 -10.29 -26.87 41.65
N ILE B 887 -11.29 -27.73 41.54
CA ILE B 887 -12.68 -27.30 41.55
C ILE B 887 -13.07 -26.80 42.94
N GLY B 888 -12.75 -27.60 43.97
CA GLY B 888 -12.99 -27.17 45.32
C GLY B 888 -13.51 -28.24 46.26
N VAL B 889 -14.29 -29.18 45.74
CA VAL B 889 -14.88 -30.21 46.61
C VAL B 889 -13.84 -31.28 46.93
N THR B 890 -13.96 -31.85 48.13
CA THR B 890 -12.91 -32.69 48.69
C THR B 890 -12.91 -34.09 48.05
N GLN B 891 -11.80 -34.79 48.25
CA GLN B 891 -11.30 -35.86 47.38
C GLN B 891 -12.18 -37.12 47.32
N ASN B 892 -13.09 -37.30 48.27
CA ASN B 892 -13.86 -38.54 48.34
C ASN B 892 -15.08 -38.62 47.38
N VAL B 893 -15.18 -37.74 46.37
CA VAL B 893 -16.25 -37.87 45.39
C VAL B 893 -15.97 -39.03 44.44
N LEU B 894 -14.79 -39.04 43.82
CA LEU B 894 -14.41 -40.12 42.91
C LEU B 894 -13.35 -41.05 43.48
N TYR B 895 -12.97 -40.92 44.75
CA TYR B 895 -12.02 -41.85 45.33
C TYR B 895 -12.75 -43.10 45.83
N GLU B 896 -13.78 -42.90 46.66
CA GLU B 896 -14.51 -44.04 47.23
C GLU B 896 -15.36 -44.75 46.19
N ASN B 897 -15.98 -43.99 45.29
CA ASN B 897 -16.81 -44.56 44.23
C ASN B 897 -16.00 -44.59 42.95
N GLN B 898 -15.11 -45.58 42.85
CA GLN B 898 -14.37 -45.79 41.61
C GLN B 898 -15.29 -46.37 40.55
N LYS B 899 -15.90 -47.53 40.83
CA LYS B 899 -16.66 -48.26 39.82
C LYS B 899 -18.04 -47.66 39.56
N LEU B 900 -18.64 -46.97 40.55
CA LEU B 900 -19.99 -46.43 40.37
C LEU B 900 -19.99 -45.17 39.52
N ILE B 901 -19.11 -44.22 39.84
CA ILE B 901 -18.96 -43.03 39.01
C ILE B 901 -18.14 -43.35 37.76
N ALA B 902 -17.40 -44.48 37.76
CA ALA B 902 -16.87 -45.01 36.51
C ALA B 902 -17.96 -45.53 35.58
N ASN B 903 -19.01 -46.14 36.13
CA ASN B 903 -20.17 -46.52 35.32
C ASN B 903 -20.95 -45.29 34.88
N GLN B 904 -20.95 -44.24 35.69
CA GLN B 904 -21.53 -42.95 35.29
C GLN B 904 -20.77 -42.32 34.12
N PHE B 905 -19.44 -42.36 34.15
CA PHE B 905 -18.66 -41.79 33.05
C PHE B 905 -18.68 -42.72 31.83
N ASN B 906 -18.88 -44.03 32.06
CA ASN B 906 -19.08 -44.97 30.97
C ASN B 906 -20.42 -44.74 30.27
N SER B 907 -21.47 -44.44 31.04
CA SER B 907 -22.75 -44.04 30.45
C SER B 907 -22.66 -42.69 29.76
N ALA B 908 -21.82 -41.79 30.30
CA ALA B 908 -21.57 -40.50 29.65
C ALA B 908 -20.84 -40.66 28.32
N ILE B 909 -19.83 -41.53 28.25
CA ILE B 909 -19.14 -41.69 26.97
C ILE B 909 -19.93 -42.57 26.02
N GLY B 910 -20.83 -43.43 26.53
CA GLY B 910 -21.77 -44.11 25.66
C GLY B 910 -22.77 -43.16 25.02
N LYS B 911 -23.29 -42.20 25.80
CA LYS B 911 -24.19 -41.18 25.29
C LYS B 911 -23.47 -40.22 24.35
N ILE B 912 -22.21 -39.91 24.64
CA ILE B 912 -21.42 -39.04 23.76
C ILE B 912 -20.96 -39.78 22.49
N GLN B 913 -20.73 -41.10 22.58
CA GLN B 913 -20.42 -41.89 21.39
C GLN B 913 -21.62 -42.03 20.46
N ASP B 914 -22.82 -42.17 21.05
CA ASP B 914 -24.03 -42.11 20.23
C ASP B 914 -24.33 -40.70 19.73
N SER B 915 -24.00 -39.67 20.51
CA SER B 915 -24.33 -38.30 20.17
C SER B 915 -23.28 -37.61 19.31
N LEU B 916 -22.14 -38.26 19.06
CA LEU B 916 -21.16 -37.78 18.09
C LEU B 916 -20.98 -38.72 16.90
N SER B 917 -21.29 -40.01 17.06
CA SER B 917 -21.32 -40.90 15.91
C SER B 917 -22.56 -40.64 15.06
N SER B 918 -23.63 -40.14 15.68
CA SER B 918 -24.89 -39.79 15.02
C SER B 918 -25.26 -38.35 15.36
N THR B 919 -24.29 -37.45 15.23
CA THR B 919 -24.44 -36.07 15.67
C THR B 919 -25.36 -35.26 14.73
N PRO B 920 -26.13 -34.31 15.29
CA PRO B 920 -26.98 -33.45 14.45
C PRO B 920 -26.26 -32.20 13.96
N SER B 921 -25.18 -32.43 13.18
CA SER B 921 -24.30 -31.41 12.56
C SER B 921 -23.71 -30.44 13.58
N ALA B 922 -23.16 -31.00 14.67
CA ALA B 922 -22.40 -30.20 15.62
C ALA B 922 -21.03 -29.81 15.05
N LEU B 923 -20.52 -30.59 14.08
CA LEU B 923 -19.26 -30.34 13.40
C LEU B 923 -19.38 -29.36 12.24
N GLY B 924 -20.43 -28.54 12.20
CA GLY B 924 -20.60 -27.57 11.15
C GLY B 924 -19.65 -26.39 11.22
N LYS B 925 -18.99 -26.18 12.35
CA LYS B 925 -17.99 -25.11 12.48
C LYS B 925 -16.75 -25.40 11.63
N LEU B 926 -16.28 -26.66 11.65
CA LEU B 926 -15.29 -27.10 10.67
C LEU B 926 -15.85 -27.07 9.27
N GLN B 927 -17.13 -27.41 9.11
CA GLN B 927 -17.75 -27.24 7.80
C GLN B 927 -18.00 -25.77 7.46
N ASP B 928 -18.09 -24.88 8.45
CA ASP B 928 -18.13 -23.45 8.15
C ASP B 928 -16.79 -22.95 7.62
N VAL B 929 -15.67 -23.34 8.23
CA VAL B 929 -14.38 -22.84 7.75
C VAL B 929 -13.97 -23.52 6.43
N VAL B 930 -14.30 -24.81 6.26
CA VAL B 930 -14.01 -25.52 5.01
C VAL B 930 -14.93 -25.05 3.87
N ASN B 931 -16.23 -24.83 4.14
CA ASN B 931 -17.11 -24.31 3.08
C ASN B 931 -16.87 -22.84 2.79
N GLN B 932 -16.42 -22.03 3.75
CA GLN B 932 -16.06 -20.66 3.40
C GLN B 932 -14.74 -20.56 2.64
N ASN B 933 -13.77 -21.44 2.96
CA ASN B 933 -12.49 -21.44 2.24
C ASN B 933 -12.69 -22.00 0.83
N ALA B 934 -13.43 -23.11 0.71
CA ALA B 934 -13.69 -23.70 -0.60
C ALA B 934 -14.70 -22.89 -1.40
N GLN B 935 -15.56 -22.13 -0.74
CA GLN B 935 -16.52 -21.30 -1.44
C GLN B 935 -15.85 -20.01 -1.88
N ALA B 936 -14.85 -19.54 -1.14
CA ALA B 936 -13.98 -18.47 -1.62
C ALA B 936 -13.11 -18.94 -2.78
N LEU B 937 -12.74 -20.23 -2.79
CA LEU B 937 -12.03 -20.80 -3.93
C LEU B 937 -12.94 -20.92 -5.16
N ASN B 938 -14.21 -21.29 -4.95
CA ASN B 938 -15.16 -21.44 -6.06
C ASN B 938 -15.66 -20.09 -6.57
N THR B 939 -15.81 -19.12 -5.67
CA THR B 939 -16.07 -17.74 -6.06
C THR B 939 -14.86 -17.16 -6.78
N LEU B 940 -13.67 -17.57 -6.34
CA LEU B 940 -12.39 -17.04 -6.79
C LEU B 940 -12.10 -17.42 -8.25
N VAL B 941 -12.60 -18.58 -8.69
CA VAL B 941 -12.52 -18.94 -10.11
C VAL B 941 -13.71 -18.38 -10.88
N LYS B 942 -14.86 -18.19 -10.22
CA LYS B 942 -15.93 -17.44 -10.89
C LYS B 942 -15.68 -15.94 -10.89
N GLN B 943 -14.68 -15.45 -10.13
CA GLN B 943 -14.14 -14.14 -10.41
C GLN B 943 -13.48 -14.09 -11.78
N LEU B 944 -12.77 -15.16 -12.18
CA LEU B 944 -12.25 -15.24 -13.55
C LEU B 944 -13.35 -15.44 -14.56
N SER B 945 -14.45 -16.12 -14.18
CA SER B 945 -15.61 -16.17 -15.06
C SER B 945 -16.35 -14.84 -15.14
N SER B 946 -16.16 -13.95 -14.18
CA SER B 946 -16.70 -12.59 -14.25
C SER B 946 -15.79 -11.70 -15.09
N ASN B 947 -16.40 -10.83 -15.88
CA ASN B 947 -15.65 -10.01 -16.83
C ASN B 947 -15.19 -8.66 -16.30
N PHE B 948 -15.71 -8.23 -15.14
CA PHE B 948 -15.41 -6.96 -14.44
C PHE B 948 -15.71 -5.73 -15.29
N GLY B 949 -16.71 -5.82 -16.17
CA GLY B 949 -17.02 -4.73 -17.07
C GLY B 949 -16.22 -4.70 -18.36
N ALA B 950 -15.24 -5.58 -18.51
CA ALA B 950 -14.50 -5.66 -19.77
C ALA B 950 -15.29 -6.49 -20.79
N ILE B 951 -14.77 -6.53 -22.01
CA ILE B 951 -15.53 -7.10 -23.12
C ILE B 951 -15.54 -8.63 -23.13
N SER B 952 -14.60 -9.28 -22.44
CA SER B 952 -14.55 -10.73 -22.39
C SER B 952 -13.85 -11.17 -21.12
N SER B 953 -13.86 -12.49 -20.89
CA SER B 953 -13.26 -13.11 -19.72
C SER B 953 -12.08 -14.01 -20.03
N VAL B 954 -12.09 -14.69 -21.17
CA VAL B 954 -11.00 -15.59 -21.54
C VAL B 954 -9.85 -14.77 -22.10
N LEU B 955 -8.66 -14.91 -21.50
CA LEU B 955 -7.54 -14.04 -21.78
C LEU B 955 -6.93 -14.30 -23.16
N ASN B 956 -6.84 -15.59 -23.54
CA ASN B 956 -6.32 -15.94 -24.86
C ASN B 956 -7.28 -15.56 -25.97
N ASP B 957 -8.59 -15.50 -25.68
CA ASP B 957 -9.57 -14.97 -26.61
C ASP B 957 -9.36 -13.49 -26.87
N ILE B 958 -9.05 -12.72 -25.82
CA ILE B 958 -8.77 -11.28 -25.93
C ILE B 958 -7.46 -11.05 -26.68
N LEU B 959 -6.47 -11.92 -26.45
CA LEU B 959 -5.23 -11.86 -27.24
C LEU B 959 -5.44 -12.31 -28.68
N SER B 960 -6.48 -13.10 -28.96
CA SER B 960 -6.82 -13.44 -30.35
C SER B 960 -7.50 -12.29 -31.07
N ARG B 961 -8.51 -11.65 -30.44
CA ARG B 961 -9.33 -10.69 -31.19
C ARG B 961 -8.69 -9.31 -31.30
N LEU B 962 -7.85 -8.92 -30.35
CA LEU B 962 -7.42 -7.53 -30.22
C LEU B 962 -5.93 -7.38 -30.50
N ASP B 963 -5.59 -6.23 -31.09
CA ASP B 963 -4.20 -5.80 -31.19
C ASP B 963 -3.70 -5.34 -29.83
N LYS B 964 -2.37 -5.29 -29.71
CA LYS B 964 -1.68 -5.08 -28.43
C LYS B 964 -1.93 -3.75 -27.68
N PRO B 965 -1.99 -2.53 -28.31
CA PRO B 965 -2.24 -1.33 -27.48
C PRO B 965 -3.64 -1.21 -26.85
N GLU B 966 -4.69 -1.71 -27.50
CA GLU B 966 -5.99 -1.74 -26.83
C GLU B 966 -6.07 -2.92 -25.87
N ALA B 967 -5.26 -3.96 -26.11
CA ALA B 967 -5.11 -5.06 -25.18
C ALA B 967 -4.42 -4.65 -23.89
N GLU B 968 -3.59 -3.59 -23.93
CA GLU B 968 -3.06 -2.97 -22.70
C GLU B 968 -4.18 -2.47 -21.79
N VAL B 969 -5.17 -1.79 -22.37
CA VAL B 969 -6.27 -1.19 -21.60
C VAL B 969 -7.20 -2.26 -21.05
N GLN B 970 -7.64 -3.21 -21.91
CA GLN B 970 -8.61 -4.20 -21.43
C GLN B 970 -7.98 -5.29 -20.56
N ILE B 971 -6.78 -5.77 -20.89
CA ILE B 971 -6.11 -6.74 -20.02
C ILE B 971 -5.64 -6.08 -18.73
N ASP B 972 -5.24 -4.80 -18.76
CA ASP B 972 -4.84 -4.09 -17.55
C ASP B 972 -6.03 -3.78 -16.64
N ARG B 973 -7.22 -3.57 -17.22
CA ARG B 973 -8.43 -3.47 -16.42
C ARG B 973 -8.82 -4.82 -15.84
N LEU B 974 -8.52 -5.92 -16.56
CA LEU B 974 -8.71 -7.26 -15.99
C LEU B 974 -7.73 -7.55 -14.85
N ILE B 975 -6.46 -7.12 -14.97
CA ILE B 975 -5.50 -7.29 -13.88
C ILE B 975 -5.86 -6.39 -12.68
N THR B 976 -6.45 -5.22 -12.93
CA THR B 976 -6.96 -4.36 -11.85
C THR B 976 -8.14 -5.01 -11.12
N GLY B 977 -9.09 -5.57 -11.87
CA GLY B 977 -10.23 -6.25 -11.26
C GLY B 977 -9.86 -7.56 -10.57
N ARG B 978 -8.99 -8.36 -11.19
CA ARG B 978 -8.52 -9.60 -10.58
C ARG B 978 -7.57 -9.33 -9.43
N LEU B 979 -6.87 -8.19 -9.44
CA LEU B 979 -6.02 -7.83 -8.31
C LEU B 979 -6.84 -7.35 -7.14
N GLN B 980 -7.95 -6.63 -7.39
CA GLN B 980 -8.86 -6.31 -6.29
C GLN B 980 -9.62 -7.54 -5.79
N SER B 981 -9.91 -8.50 -6.67
CA SER B 981 -10.52 -9.76 -6.25
C SER B 981 -9.56 -10.60 -5.42
N LEU B 982 -8.29 -10.64 -5.83
CA LEU B 982 -7.26 -11.35 -5.09
C LEU B 982 -6.90 -10.62 -3.81
N GLN B 983 -6.93 -9.28 -3.81
CA GLN B 983 -6.69 -8.51 -2.60
C GLN B 983 -7.84 -8.59 -1.63
N THR B 984 -9.08 -8.69 -2.13
CA THR B 984 -10.23 -8.93 -1.27
C THR B 984 -10.18 -10.33 -0.69
N TYR B 985 -9.75 -11.31 -1.51
CA TYR B 985 -9.57 -12.69 -1.06
C TYR B 985 -8.48 -12.82 0.00
N VAL B 986 -7.32 -12.17 -0.21
CA VAL B 986 -6.27 -12.25 0.80
C VAL B 986 -6.45 -11.25 1.93
N THR B 987 -7.30 -10.23 1.77
CA THR B 987 -7.63 -9.35 2.89
C THR B 987 -8.58 -10.05 3.84
N GLN B 988 -9.65 -10.66 3.31
CA GLN B 988 -10.54 -11.44 4.15
C GLN B 988 -9.91 -12.75 4.61
N GLN B 989 -8.93 -13.29 3.87
CA GLN B 989 -8.15 -14.41 4.39
C GLN B 989 -7.05 -13.99 5.35
N LEU B 990 -6.63 -12.72 5.37
CA LEU B 990 -5.77 -12.25 6.45
C LEU B 990 -6.58 -11.94 7.69
N ILE B 991 -7.82 -11.47 7.53
CA ILE B 991 -8.71 -11.30 8.68
C ILE B 991 -9.14 -12.67 9.23
N ARG B 992 -9.45 -13.64 8.35
CA ARG B 992 -9.68 -15.01 8.79
C ARG B 992 -8.40 -15.69 9.26
N ALA B 993 -7.24 -15.26 8.75
CA ALA B 993 -5.98 -15.75 9.31
C ALA B 993 -5.74 -15.19 10.70
N ALA B 994 -6.21 -13.97 10.95
CA ALA B 994 -6.23 -13.44 12.30
C ALA B 994 -7.27 -14.12 13.18
N GLU B 995 -8.41 -14.54 12.60
CA GLU B 995 -9.44 -15.19 13.40
C GLU B 995 -9.09 -16.64 13.75
N ILE B 996 -8.60 -17.42 12.79
CA ILE B 996 -8.05 -18.75 13.07
C ILE B 996 -6.65 -18.64 13.72
N ARG B 997 -5.97 -17.50 13.64
CA ARG B 997 -4.76 -17.30 14.44
C ARG B 997 -5.10 -17.00 15.90
N ALA B 998 -6.18 -16.24 16.14
CA ALA B 998 -6.68 -16.06 17.49
C ALA B 998 -7.32 -17.34 18.00
N SER B 999 -7.93 -18.14 17.12
CA SER B 999 -8.43 -19.45 17.49
C SER B 999 -7.32 -20.46 17.70
N ALA B 1000 -6.14 -20.24 17.12
CA ALA B 1000 -4.97 -21.09 17.35
C ALA B 1000 -4.15 -20.64 18.55
N ASN B 1001 -4.15 -19.35 18.85
CA ASN B 1001 -3.65 -18.89 20.16
C ASN B 1001 -4.60 -19.32 21.26
N LEU B 1002 -5.90 -19.33 20.95
CA LEU B 1002 -6.91 -19.87 21.84
C LEU B 1002 -6.81 -21.39 21.93
N ALA B 1003 -6.37 -22.05 20.85
CA ALA B 1003 -6.12 -23.49 20.80
C ALA B 1003 -4.70 -23.84 21.22
N ALA B 1004 -3.90 -22.85 21.58
CA ALA B 1004 -2.71 -23.05 22.38
C ALA B 1004 -3.00 -22.90 23.88
N THR B 1005 -3.70 -21.81 24.26
CA THR B 1005 -4.02 -21.57 25.67
C THR B 1005 -5.07 -22.56 26.19
N LYS B 1006 -6.14 -22.79 25.44
CA LYS B 1006 -6.85 -24.05 25.56
C LYS B 1006 -5.91 -25.14 25.06
N MET B 1007 -5.82 -26.21 25.83
CA MET B 1007 -4.94 -27.39 25.93
C MET B 1007 -3.59 -27.03 26.56
N SER B 1008 -3.29 -25.76 26.81
CA SER B 1008 -2.19 -25.49 27.73
C SER B 1008 -2.66 -25.60 29.18
N GLU B 1009 -3.78 -24.99 29.52
CA GLU B 1009 -4.44 -25.24 30.80
C GLU B 1009 -5.81 -25.92 30.68
N CYS B 1010 -6.13 -26.49 29.52
CA CYS B 1010 -7.25 -27.42 29.45
C CYS B 1010 -6.77 -28.88 29.50
N VAL B 1011 -5.76 -29.24 28.70
CA VAL B 1011 -5.23 -30.60 28.59
C VAL B 1011 -3.95 -30.76 29.40
N LEU B 1012 -2.93 -29.92 29.14
CA LEU B 1012 -1.73 -29.94 29.97
C LEU B 1012 -1.94 -29.38 31.38
N GLY B 1013 -3.00 -28.62 31.61
CA GLY B 1013 -3.32 -28.16 32.95
C GLY B 1013 -4.81 -28.20 33.23
N GLN B 1014 -5.23 -27.55 34.31
CA GLN B 1014 -6.65 -27.42 34.65
C GLN B 1014 -6.95 -25.94 34.85
N SER B 1015 -7.97 -25.45 34.15
CA SER B 1015 -8.36 -24.06 34.31
C SER B 1015 -9.08 -23.86 35.63
N LYS B 1016 -8.57 -22.94 36.45
CA LYS B 1016 -9.35 -22.37 37.53
C LYS B 1016 -10.29 -21.29 37.03
N ARG B 1017 -10.07 -20.82 35.81
CA ARG B 1017 -11.03 -20.02 35.06
C ARG B 1017 -12.27 -20.86 34.81
N VAL B 1018 -13.37 -20.49 35.44
CA VAL B 1018 -14.64 -21.20 35.31
C VAL B 1018 -15.20 -20.93 33.92
N ASP B 1019 -15.67 -22.00 33.24
CA ASP B 1019 -16.35 -21.98 31.94
C ASP B 1019 -15.48 -21.43 30.81
N PHE B 1020 -14.16 -21.59 30.94
CA PHE B 1020 -13.26 -21.37 29.82
C PHE B 1020 -13.08 -22.65 29.02
N CYS B 1021 -12.81 -23.75 29.73
CA CYS B 1021 -12.72 -25.06 29.11
C CYS B 1021 -14.07 -25.80 29.25
N GLY B 1022 -15.11 -25.18 28.69
CA GLY B 1022 -16.43 -25.81 28.68
C GLY B 1022 -17.29 -25.43 29.87
N LYS B 1023 -18.61 -25.42 29.64
CA LYS B 1023 -19.60 -24.92 30.59
C LYS B 1023 -19.74 -25.87 31.79
N GLY B 1024 -19.43 -25.36 32.97
CA GLY B 1024 -19.34 -26.14 34.19
C GLY B 1024 -17.93 -26.10 34.77
N TYR B 1025 -17.73 -26.85 35.86
CA TYR B 1025 -16.42 -26.94 36.48
C TYR B 1025 -15.59 -28.00 35.75
N HIS B 1026 -14.55 -27.55 35.04
CA HIS B 1026 -13.82 -28.39 34.10
C HIS B 1026 -12.93 -29.42 34.80
N LEU B 1027 -12.88 -30.63 34.24
CA LEU B 1027 -12.08 -31.72 34.81
C LEU B 1027 -10.88 -32.08 33.93
N MET B 1028 -11.09 -32.62 32.73
CA MET B 1028 -10.01 -32.92 31.80
C MET B 1028 -10.52 -32.68 30.39
N SER B 1029 -9.73 -32.04 29.55
CA SER B 1029 -10.11 -31.88 28.15
C SER B 1029 -9.37 -32.90 27.30
N PHE B 1030 -9.95 -33.22 26.14
CA PHE B 1030 -9.39 -34.21 25.23
C PHE B 1030 -9.42 -33.69 23.81
N PRO B 1031 -8.28 -33.68 23.10
CA PRO B 1031 -8.31 -33.31 21.67
C PRO B 1031 -8.49 -34.51 20.74
N GLN B 1032 -9.16 -34.25 19.63
CA GLN B 1032 -9.35 -35.24 18.58
C GLN B 1032 -8.88 -34.64 17.26
N SER B 1033 -8.09 -35.40 16.51
CA SER B 1033 -7.57 -34.93 15.23
C SER B 1033 -8.68 -34.88 14.19
N ALA B 1034 -8.72 -33.79 13.44
CA ALA B 1034 -9.82 -33.50 12.54
C ALA B 1034 -9.26 -32.81 11.31
N PRO B 1035 -9.95 -32.90 10.16
CA PRO B 1035 -9.58 -32.08 9.00
C PRO B 1035 -9.76 -30.59 9.26
N HIS B 1036 -8.65 -29.87 9.16
CA HIS B 1036 -8.54 -28.40 9.27
C HIS B 1036 -9.00 -27.86 10.63
N GLY B 1037 -8.71 -28.61 11.69
CA GLY B 1037 -9.01 -28.12 13.02
C GLY B 1037 -8.80 -29.23 14.04
N VAL B 1038 -9.24 -28.95 15.26
CA VAL B 1038 -9.21 -29.92 16.36
C VAL B 1038 -10.57 -29.84 17.05
N VAL B 1039 -10.98 -30.94 17.67
CA VAL B 1039 -12.21 -31.00 18.45
C VAL B 1039 -11.83 -31.23 19.90
N PHE B 1040 -12.17 -30.27 20.76
CA PHE B 1040 -11.95 -30.40 22.20
C PHE B 1040 -13.14 -31.11 22.82
N LEU B 1041 -12.89 -32.24 23.48
CA LEU B 1041 -13.92 -32.94 24.25
C LEU B 1041 -13.77 -32.54 25.71
N HIS B 1042 -14.44 -31.46 26.09
CA HIS B 1042 -14.37 -30.95 27.45
C HIS B 1042 -15.18 -31.84 28.38
N VAL B 1043 -14.66 -32.06 29.58
CA VAL B 1043 -15.37 -32.82 30.61
C VAL B 1043 -15.58 -31.88 31.79
N THR B 1044 -16.84 -31.53 32.06
CA THR B 1044 -17.19 -30.55 33.07
C THR B 1044 -18.04 -31.20 34.17
N TYR B 1045 -18.33 -30.40 35.20
CA TYR B 1045 -19.14 -30.82 36.33
C TYR B 1045 -20.35 -29.89 36.38
N VAL B 1046 -21.56 -30.49 36.40
CA VAL B 1046 -22.81 -29.74 36.43
C VAL B 1046 -23.68 -30.32 37.53
N PRO B 1047 -24.10 -29.54 38.53
CA PRO B 1047 -25.04 -30.05 39.53
C PRO B 1047 -26.47 -30.11 39.02
N ALA B 1048 -27.28 -30.95 39.66
CA ALA B 1048 -28.64 -31.19 39.18
C ALA B 1048 -29.73 -31.21 40.25
N GLN B 1049 -29.44 -31.58 41.51
CA GLN B 1049 -30.48 -31.77 42.52
C GLN B 1049 -30.12 -31.00 43.79
N GLU B 1050 -31.11 -30.31 44.36
CA GLU B 1050 -30.89 -29.42 45.50
C GLU B 1050 -31.85 -29.77 46.63
N LYS B 1051 -31.39 -29.53 47.86
CA LYS B 1051 -32.20 -29.65 49.06
C LYS B 1051 -31.87 -28.50 50.00
N ASN B 1052 -32.88 -28.06 50.76
CA ASN B 1052 -32.75 -26.90 51.62
C ASN B 1052 -32.47 -27.31 53.06
N PHE B 1053 -31.51 -26.64 53.69
CA PHE B 1053 -31.13 -26.92 55.06
C PHE B 1053 -30.91 -25.62 55.83
N THR B 1054 -31.22 -25.66 57.13
CA THR B 1054 -31.25 -24.48 57.98
C THR B 1054 -29.83 -24.08 58.37
N THR B 1055 -29.52 -22.79 58.27
CA THR B 1055 -28.16 -22.32 58.48
C THR B 1055 -28.09 -21.18 59.49
N ALA B 1056 -26.91 -21.07 60.14
CA ALA B 1056 -26.42 -20.10 61.12
C ALA B 1056 -24.94 -20.44 61.32
N PRO B 1057 -24.07 -19.49 61.71
CA PRO B 1057 -22.62 -19.81 61.75
C PRO B 1057 -22.14 -20.76 62.85
N ALA B 1058 -22.60 -20.67 64.10
CA ALA B 1058 -21.86 -21.41 65.13
C ALA B 1058 -22.76 -21.90 66.25
N ILE B 1059 -22.23 -22.89 66.98
CA ILE B 1059 -22.79 -23.37 68.24
C ILE B 1059 -21.70 -23.28 69.30
N CYS B 1060 -22.13 -23.13 70.55
CA CYS B 1060 -21.24 -23.15 71.71
C CYS B 1060 -21.78 -24.16 72.72
N HIS B 1061 -20.87 -24.82 73.43
CA HIS B 1061 -21.24 -25.96 74.27
C HIS B 1061 -21.89 -25.54 75.58
N ASP B 1062 -21.14 -24.85 76.44
CA ASP B 1062 -21.66 -24.37 77.71
C ASP B 1062 -21.26 -22.94 78.01
N GLY B 1063 -20.63 -22.25 77.06
CA GLY B 1063 -20.14 -20.90 77.29
C GLY B 1063 -18.80 -20.69 76.61
N LYS B 1064 -18.19 -21.78 76.15
CA LYS B 1064 -16.92 -21.74 75.45
C LYS B 1064 -17.14 -22.04 73.97
N ALA B 1065 -16.21 -21.55 73.14
CA ALA B 1065 -16.41 -21.48 71.70
C ALA B 1065 -16.04 -22.79 71.02
N HIS B 1066 -16.93 -23.27 70.14
CA HIS B 1066 -16.79 -24.55 69.45
C HIS B 1066 -17.15 -24.43 67.98
N PHE B 1067 -16.53 -23.47 67.27
CA PHE B 1067 -16.66 -23.34 65.82
C PHE B 1067 -16.08 -24.58 65.11
N PRO B 1068 -16.85 -25.28 64.27
CA PRO B 1068 -16.30 -26.44 63.55
C PRO B 1068 -15.28 -26.02 62.50
N ARG B 1069 -14.30 -26.89 62.26
CA ARG B 1069 -13.14 -26.51 61.45
C ARG B 1069 -13.49 -26.45 59.95
N GLU B 1070 -13.72 -25.21 59.51
CA GLU B 1070 -13.62 -24.69 58.12
C GLU B 1070 -14.59 -25.43 57.18
N GLY B 1071 -15.88 -25.18 57.41
CA GLY B 1071 -16.91 -25.74 56.55
C GLY B 1071 -18.16 -24.89 56.60
N VAL B 1072 -19.01 -25.05 55.58
CA VAL B 1072 -20.27 -24.31 55.52
C VAL B 1072 -21.28 -25.08 56.36
N PHE B 1073 -22.26 -24.36 56.93
CA PHE B 1073 -23.00 -24.83 58.10
C PHE B 1073 -24.45 -25.12 57.71
N VAL B 1074 -24.90 -26.34 58.00
CA VAL B 1074 -26.25 -26.80 57.65
C VAL B 1074 -26.94 -27.40 58.88
N SER B 1075 -28.28 -27.43 58.83
CA SER B 1075 -29.09 -28.18 59.78
C SER B 1075 -30.35 -28.67 59.09
N ASN B 1076 -30.80 -29.87 59.46
CA ASN B 1076 -32.06 -30.39 58.96
C ASN B 1076 -33.29 -29.76 59.62
N GLY B 1077 -33.12 -28.96 60.66
CA GLY B 1077 -34.20 -28.25 61.32
C GLY B 1077 -34.07 -28.26 62.82
N THR B 1078 -33.47 -29.33 63.36
CA THR B 1078 -33.23 -29.45 64.80
C THR B 1078 -31.77 -29.70 65.11
N HIS B 1079 -31.07 -30.41 64.23
CA HIS B 1079 -29.77 -30.99 64.53
C HIS B 1079 -28.73 -30.36 63.61
N TRP B 1080 -27.64 -29.87 64.20
CA TRP B 1080 -26.65 -29.08 63.46
C TRP B 1080 -25.52 -29.94 62.91
N PHE B 1081 -25.05 -29.55 61.72
CA PHE B 1081 -24.08 -30.32 60.95
C PHE B 1081 -23.15 -29.34 60.25
N VAL B 1082 -22.04 -29.86 59.71
CA VAL B 1082 -21.05 -29.07 58.99
C VAL B 1082 -20.67 -29.81 57.71
N THR B 1083 -20.54 -29.06 56.61
CA THR B 1083 -20.31 -29.65 55.28
C THR B 1083 -19.54 -28.66 54.40
N GLN B 1084 -19.30 -29.05 53.16
CA GLN B 1084 -18.81 -28.20 52.07
C GLN B 1084 -19.94 -27.94 51.08
N ARG B 1085 -19.77 -26.94 50.22
CA ARG B 1085 -20.77 -26.72 49.18
C ARG B 1085 -20.42 -27.51 47.93
N ASN B 1086 -21.35 -27.46 46.96
CA ASN B 1086 -21.40 -28.06 45.61
C ASN B 1086 -21.54 -29.58 45.60
N PHE B 1087 -21.45 -30.25 46.74
CA PHE B 1087 -21.67 -31.68 46.93
C PHE B 1087 -21.86 -31.87 48.43
N TYR B 1088 -22.81 -32.72 48.79
CA TYR B 1088 -23.29 -32.75 50.18
C TYR B 1088 -22.65 -33.97 50.85
N GLU B 1089 -21.68 -33.72 51.73
CA GLU B 1089 -21.09 -34.75 52.57
C GLU B 1089 -20.90 -34.18 53.98
N PRO B 1090 -21.85 -34.40 54.88
CA PRO B 1090 -21.75 -33.84 56.23
C PRO B 1090 -21.11 -34.79 57.23
N GLN B 1091 -20.48 -34.19 58.25
CA GLN B 1091 -19.87 -34.96 59.33
C GLN B 1091 -20.21 -34.34 60.69
N ILE B 1092 -19.76 -35.04 61.74
CA ILE B 1092 -20.17 -34.77 63.11
C ILE B 1092 -19.26 -33.68 63.69
N ILE B 1093 -19.83 -32.77 64.47
CA ILE B 1093 -19.07 -31.78 65.23
C ILE B 1093 -18.60 -32.42 66.52
N THR B 1094 -17.27 -32.42 66.73
CA THR B 1094 -16.64 -33.01 67.89
C THR B 1094 -15.55 -32.02 68.29
N THR B 1095 -15.10 -32.05 69.56
CA THR B 1095 -14.16 -31.07 70.10
C THR B 1095 -12.77 -31.12 69.45
N ASP B 1096 -12.38 -32.27 68.90
CA ASP B 1096 -11.16 -32.31 68.10
C ASP B 1096 -11.36 -31.79 66.67
N ASN B 1097 -12.61 -31.58 66.24
CA ASN B 1097 -12.93 -31.06 64.93
C ASN B 1097 -13.19 -29.56 64.94
N THR B 1098 -12.58 -28.83 65.88
CA THR B 1098 -12.86 -27.42 66.08
C THR B 1098 -11.60 -26.57 66.02
N PHE B 1099 -11.76 -25.34 65.54
CA PHE B 1099 -10.77 -24.29 65.71
C PHE B 1099 -11.32 -23.27 66.71
N VAL B 1100 -10.54 -22.23 66.99
CA VAL B 1100 -10.94 -21.19 67.92
C VAL B 1100 -10.67 -19.82 67.29
N SER B 1101 -11.65 -18.91 67.42
CA SER B 1101 -11.50 -17.52 66.98
C SER B 1101 -12.47 -16.67 67.80
N GLY B 1102 -11.96 -15.99 68.82
CA GLY B 1102 -12.79 -15.11 69.63
C GLY B 1102 -13.70 -15.87 70.58
N ASN B 1103 -14.89 -15.30 70.82
CA ASN B 1103 -15.85 -15.83 71.78
C ASN B 1103 -17.23 -15.96 71.15
N CYS B 1104 -18.21 -16.35 71.96
CA CYS B 1104 -19.58 -16.55 71.50
C CYS B 1104 -20.42 -15.28 71.52
N ASP B 1105 -19.87 -14.14 71.96
CA ASP B 1105 -20.69 -12.96 72.17
C ASP B 1105 -20.84 -12.15 70.88
N VAL B 1106 -19.76 -11.98 70.12
CA VAL B 1106 -19.72 -11.00 69.03
C VAL B 1106 -20.22 -11.54 67.70
N VAL B 1107 -20.68 -12.78 67.64
CA VAL B 1107 -21.06 -13.42 66.39
C VAL B 1107 -22.57 -13.30 66.21
N ILE B 1108 -22.99 -12.71 65.09
CA ILE B 1108 -24.40 -12.46 64.82
C ILE B 1108 -25.06 -13.75 64.36
N GLY B 1109 -26.10 -14.18 65.06
CA GLY B 1109 -26.84 -15.36 64.67
C GLY B 1109 -26.35 -16.64 65.28
N ILE B 1110 -25.72 -16.59 66.45
CA ILE B 1110 -25.08 -17.78 67.01
C ILE B 1110 -26.12 -18.61 67.76
N VAL B 1111 -25.87 -19.92 67.80
CA VAL B 1111 -26.75 -20.90 68.44
C VAL B 1111 -25.98 -21.41 69.65
N ASN B 1112 -26.69 -22.02 70.60
CA ASN B 1112 -26.06 -22.80 71.66
C ASN B 1112 -26.57 -24.23 71.58
N ASN B 1113 -25.64 -25.19 71.59
CA ASN B 1113 -25.99 -26.60 71.51
C ASN B 1113 -24.96 -27.48 72.22
N ALA C 14 -3.60 54.22 10.14
CA ALA C 14 -4.91 53.92 10.71
C ALA C 14 -5.18 52.42 10.70
N TYR C 15 -5.14 51.82 11.88
CA TYR C 15 -5.38 50.38 12.04
C TYR C 15 -6.60 50.16 12.93
N THR C 16 -7.45 49.21 12.53
CA THR C 16 -8.67 48.90 13.25
C THR C 16 -8.79 47.40 13.42
N ASN C 17 -8.97 46.94 14.65
CA ASN C 17 -9.15 45.53 14.94
C ASN C 17 -10.55 45.08 14.52
N SER C 18 -10.62 43.96 13.80
CA SER C 18 -11.85 43.49 13.17
C SER C 18 -12.17 42.07 13.59
N PHE C 19 -13.43 41.84 13.97
CA PHE C 19 -13.92 40.52 14.37
C PHE C 19 -15.01 40.06 13.41
N THR C 20 -14.72 38.97 12.66
CA THR C 20 -15.65 38.16 11.85
C THR C 20 -16.38 38.98 10.78
N ARG C 21 -15.60 39.55 9.86
CA ARG C 21 -16.16 40.36 8.79
C ARG C 21 -16.11 39.56 7.49
N GLY C 22 -17.26 39.45 6.83
CA GLY C 22 -17.33 38.85 5.51
C GLY C 22 -17.61 37.36 5.47
N VAL C 23 -18.12 36.78 6.56
CA VAL C 23 -18.43 35.36 6.57
C VAL C 23 -19.71 35.10 5.76
N TYR C 24 -19.66 34.12 4.88
CA TYR C 24 -20.69 33.88 3.88
C TYR C 24 -21.00 32.39 3.89
N TYR C 25 -22.20 32.03 3.45
CA TYR C 25 -22.60 30.63 3.31
C TYR C 25 -21.73 29.94 2.26
N PRO C 26 -21.27 28.70 2.53
CA PRO C 26 -20.21 28.12 1.67
C PRO C 26 -20.69 27.68 0.31
N ASP C 27 -21.99 27.48 0.14
CA ASP C 27 -22.60 27.14 -1.13
C ASP C 27 -23.92 27.89 -1.25
N LYS C 28 -24.62 27.67 -2.36
CA LYS C 28 -25.99 28.15 -2.54
C LYS C 28 -27.01 27.22 -1.92
N VAL C 29 -26.56 26.08 -1.40
CA VAL C 29 -27.41 25.05 -0.82
C VAL C 29 -27.98 25.54 0.51
N PHE C 30 -29.26 25.26 0.76
CA PHE C 30 -29.84 25.42 2.10
C PHE C 30 -29.13 24.53 3.11
N ARG C 31 -28.44 25.17 4.06
CA ARG C 31 -27.61 24.52 5.07
C ARG C 31 -28.29 24.62 6.43
N SER C 32 -28.55 23.47 7.04
CA SER C 32 -29.06 23.42 8.40
C SER C 32 -28.61 22.13 9.06
N SER C 33 -28.43 22.20 10.38
CA SER C 33 -28.19 21.07 11.32
C SER C 33 -26.96 20.23 10.99
N VAL C 34 -25.96 20.81 10.33
CA VAL C 34 -24.77 20.09 9.88
C VAL C 34 -23.52 20.81 10.34
N LEU C 35 -22.42 20.04 10.37
CA LEU C 35 -21.08 20.55 10.63
C LEU C 35 -20.31 20.46 9.32
N HIS C 36 -20.28 21.55 8.58
CA HIS C 36 -19.83 21.54 7.18
C HIS C 36 -18.37 22.00 7.13
N SER C 37 -17.48 21.09 6.73
CA SER C 37 -16.04 21.35 6.72
C SER C 37 -15.61 21.77 5.33
N THR C 38 -15.91 23.03 4.99
CA THR C 38 -15.66 23.56 3.65
C THR C 38 -14.39 24.40 3.67
N GLN C 39 -13.32 23.87 3.09
CA GLN C 39 -12.11 24.66 2.86
C GLN C 39 -12.36 25.60 1.69
N ASP C 40 -12.33 26.91 1.96
CA ASP C 40 -12.85 27.85 0.98
C ASP C 40 -12.13 29.19 1.20
N LEU C 41 -12.03 29.98 0.14
CA LEU C 41 -11.46 31.32 0.16
C LEU C 41 -12.36 32.25 0.99
N PHE C 42 -11.94 32.51 2.22
CA PHE C 42 -12.67 33.35 3.15
C PHE C 42 -11.72 34.36 3.78
N LEU C 43 -12.28 35.47 4.26
CA LEU C 43 -11.51 36.44 5.02
C LEU C 43 -11.14 35.87 6.39
N PRO C 44 -9.91 36.07 6.87
CA PRO C 44 -9.51 35.54 8.17
C PRO C 44 -10.15 36.32 9.32
N PHE C 45 -10.10 35.71 10.50
CA PHE C 45 -10.68 36.28 11.71
C PHE C 45 -9.56 36.70 12.66
N PHE C 46 -9.92 37.60 13.59
CA PHE C 46 -9.03 38.21 14.61
C PHE C 46 -7.81 38.88 13.98
N SER C 47 -8.07 39.75 13.01
CA SER C 47 -7.05 40.45 12.26
C SER C 47 -7.24 41.96 12.39
N ASN C 48 -6.48 42.72 11.60
CA ASN C 48 -6.63 44.17 11.54
C ASN C 48 -6.90 44.65 10.12
N VAL C 49 -7.81 45.61 10.00
CA VAL C 49 -8.23 46.17 8.71
C VAL C 49 -7.97 47.67 8.77
N THR C 50 -7.29 48.19 7.74
CA THR C 50 -7.05 49.62 7.64
C THR C 50 -8.32 50.37 7.31
N TRP C 51 -8.53 51.48 8.02
CA TRP C 51 -9.78 52.26 7.95
C TRP C 51 -9.66 53.28 6.83
N PHE C 52 -10.22 52.96 5.67
CA PHE C 52 -10.34 53.93 4.58
C PHE C 52 -11.70 54.61 4.61
N PHE C 173 -22.47 59.19 11.28
CA PHE C 173 -22.49 58.18 10.24
C PHE C 173 -23.44 57.06 10.63
N LYS C 174 -24.20 56.56 9.66
CA LYS C 174 -25.29 55.64 9.98
C LYS C 174 -25.22 54.38 9.12
N ASN C 175 -24.68 54.49 7.92
CA ASN C 175 -24.78 53.43 6.92
C ASN C 175 -23.41 52.86 6.58
N LEU C 176 -23.34 51.54 6.46
CA LEU C 176 -22.15 50.83 6.02
C LEU C 176 -22.54 49.92 4.87
N ARG C 177 -21.95 50.15 3.69
CA ARG C 177 -22.27 49.38 2.50
C ARG C 177 -21.01 48.72 1.95
N GLU C 178 -21.15 47.47 1.54
CA GLU C 178 -20.03 46.71 1.00
C GLU C 178 -20.53 45.69 -0.03
N PHE C 179 -19.69 45.42 -1.02
CA PHE C 179 -19.92 44.38 -2.02
C PHE C 179 -18.63 43.61 -2.22
N VAL C 180 -18.76 42.36 -2.68
CA VAL C 180 -17.62 41.49 -2.94
C VAL C 180 -17.59 41.19 -4.43
N PHE C 181 -16.47 41.50 -5.08
CA PHE C 181 -16.28 41.21 -6.51
C PHE C 181 -15.12 40.24 -6.64
N LYS C 182 -15.37 39.09 -7.26
CA LYS C 182 -14.35 38.08 -7.51
C LYS C 182 -14.23 37.86 -9.01
N ASN C 183 -13.00 37.93 -9.52
CA ASN C 183 -12.73 37.90 -10.95
C ASN C 183 -11.92 36.63 -11.25
N ILE C 184 -12.63 35.57 -11.65
CA ILE C 184 -12.01 34.36 -12.18
C ILE C 184 -12.60 34.06 -13.57
N ASP C 185 -11.70 33.71 -14.50
CA ASP C 185 -12.00 33.29 -15.89
C ASP C 185 -12.77 34.33 -16.71
N GLY C 186 -12.58 35.61 -16.40
CA GLY C 186 -13.31 36.66 -17.08
C GLY C 186 -14.67 37.00 -16.52
N TYR C 187 -15.09 36.35 -15.43
CA TYR C 187 -16.36 36.66 -14.80
C TYR C 187 -16.19 37.81 -13.80
N PHE C 188 -17.32 38.39 -13.39
CA PHE C 188 -17.33 39.56 -12.51
C PHE C 188 -18.55 39.41 -11.59
N LYS C 189 -18.31 38.87 -10.39
CA LYS C 189 -19.38 38.50 -9.48
C LYS C 189 -19.81 39.69 -8.63
N ILE C 190 -21.08 39.69 -8.20
CA ILE C 190 -21.66 40.74 -7.39
C ILE C 190 -22.37 40.09 -6.20
N TYR C 191 -21.98 40.50 -4.98
CA TYR C 191 -22.61 40.05 -3.74
C TYR C 191 -23.16 41.27 -3.01
N SER C 192 -24.36 41.16 -2.45
CA SER C 192 -25.09 42.33 -1.95
C SER C 192 -25.59 42.12 -0.53
N LYS C 193 -25.42 43.16 0.30
CA LYS C 193 -25.90 43.29 1.67
C LYS C 193 -25.73 44.74 2.11
N HIS C 194 -26.69 45.24 2.88
CA HIS C 194 -26.59 46.55 3.52
C HIS C 194 -26.66 46.39 5.04
N THR C 195 -25.90 47.22 5.77
CA THR C 195 -25.77 47.11 7.22
C THR C 195 -25.78 48.49 7.88
N PRO C 196 -26.64 48.74 8.87
CA PRO C 196 -26.52 49.97 9.64
C PRO C 196 -25.34 49.90 10.61
N ILE C 197 -24.80 51.08 10.92
CA ILE C 197 -23.63 51.19 11.79
C ILE C 197 -23.85 52.39 12.72
N ASN C 198 -23.36 52.27 13.96
CA ASN C 198 -23.40 53.35 14.93
C ASN C 198 -22.02 53.82 15.35
N LEU C 199 -20.96 53.31 14.72
CA LEU C 199 -19.58 53.62 15.09
C LEU C 199 -18.94 54.45 13.99
N VAL C 200 -18.12 55.42 14.39
CA VAL C 200 -17.56 56.37 13.43
C VAL C 200 -16.36 55.76 12.70
N ARG C 201 -15.38 55.26 13.44
CA ARG C 201 -14.13 54.80 12.86
C ARG C 201 -13.85 53.32 13.13
N ASP C 202 -14.28 52.80 14.28
CA ASP C 202 -14.06 51.40 14.61
C ASP C 202 -15.14 50.53 13.98
N LEU C 203 -14.91 49.21 14.03
CA LEU C 203 -15.76 48.17 13.48
C LEU C 203 -16.51 47.43 14.58
N PRO C 204 -17.77 47.06 14.38
CA PRO C 204 -18.56 46.45 15.46
C PRO C 204 -18.23 44.98 15.66
N GLN C 205 -18.90 44.39 16.65
CA GLN C 205 -18.67 42.98 17.00
C GLN C 205 -19.30 42.05 15.97
N GLY C 206 -20.45 42.43 15.40
CA GLY C 206 -21.22 41.55 14.54
C GLY C 206 -20.62 41.35 13.16
N PHE C 207 -21.33 40.57 12.36
CA PHE C 207 -20.85 40.10 11.07
C PHE C 207 -21.57 40.79 9.91
N SER C 208 -21.26 40.35 8.69
CA SER C 208 -21.93 40.86 7.48
C SER C 208 -22.01 39.69 6.49
N ALA C 209 -23.16 39.01 6.46
CA ALA C 209 -23.37 37.85 5.61
C ALA C 209 -24.00 38.31 4.29
N LEU C 210 -23.16 38.46 3.27
CA LEU C 210 -23.62 38.95 1.98
C LEU C 210 -24.31 37.82 1.20
N GLU C 211 -25.07 38.20 0.17
CA GLU C 211 -25.76 37.24 -0.68
C GLU C 211 -25.70 37.70 -2.14
N PRO C 212 -25.34 36.80 -3.07
CA PRO C 212 -25.16 37.22 -4.46
C PRO C 212 -26.48 37.31 -5.21
N LEU C 213 -26.50 38.19 -6.21
CA LEU C 213 -27.68 38.42 -7.02
C LEU C 213 -27.46 38.22 -8.51
N VAL C 214 -26.32 38.66 -9.04
CA VAL C 214 -26.10 38.68 -10.48
C VAL C 214 -24.59 38.55 -10.72
N ASP C 215 -24.23 37.93 -11.84
CA ASP C 215 -22.84 37.77 -12.25
C ASP C 215 -22.76 38.35 -13.66
N LEU C 216 -21.75 39.15 -13.92
CA LEU C 216 -21.62 39.89 -15.17
C LEU C 216 -20.34 39.48 -15.90
N PRO C 217 -20.31 39.61 -17.22
CA PRO C 217 -19.04 39.57 -17.94
C PRO C 217 -18.43 40.96 -18.12
N ILE C 218 -17.12 40.98 -18.35
CA ILE C 218 -16.36 42.21 -18.50
C ILE C 218 -15.61 42.27 -19.83
N GLY C 219 -14.88 41.21 -20.17
CA GLY C 219 -14.11 41.16 -21.39
C GLY C 219 -12.78 41.90 -21.38
N ILE C 220 -12.44 42.62 -20.31
CA ILE C 220 -11.23 43.41 -20.23
C ILE C 220 -10.39 42.92 -19.06
N ASN C 221 -9.13 43.33 -19.05
CA ASN C 221 -8.20 42.99 -17.99
C ASN C 221 -8.23 44.10 -16.94
N ILE C 222 -8.59 43.74 -15.71
CA ILE C 222 -8.75 44.70 -14.62
C ILE C 222 -7.72 44.37 -13.54
N THR C 223 -6.86 45.34 -13.22
CA THR C 223 -5.91 45.23 -12.13
C THR C 223 -6.07 46.31 -11.08
N ARG C 224 -6.81 47.38 -11.37
CA ARG C 224 -6.99 48.48 -10.44
C ARG C 224 -8.44 48.98 -10.50
N PHE C 225 -8.96 49.45 -9.37
CA PHE C 225 -10.26 50.08 -9.34
C PHE C 225 -10.16 51.38 -8.57
N GLN C 226 -11.00 52.34 -8.93
CA GLN C 226 -10.95 53.67 -8.34
C GLN C 226 -12.38 54.14 -8.11
N THR C 227 -12.61 54.83 -7.00
CA THR C 227 -13.94 55.27 -6.63
C THR C 227 -14.05 56.80 -6.58
N ALA C 251 -18.02 54.73 4.86
CA ALA C 251 -18.86 54.77 3.67
C ALA C 251 -18.45 53.68 2.67
N TYR C 252 -17.16 53.39 2.60
CA TYR C 252 -16.67 52.34 1.73
C TYR C 252 -15.49 51.63 2.40
N TYR C 253 -15.34 50.35 2.07
CA TYR C 253 -14.29 49.52 2.65
C TYR C 253 -13.69 48.65 1.56
N VAL C 254 -12.41 48.30 1.74
CA VAL C 254 -11.70 47.42 0.81
C VAL C 254 -11.26 46.18 1.57
N GLY C 255 -11.15 45.06 0.85
CA GLY C 255 -10.75 43.80 1.44
C GLY C 255 -9.57 43.18 0.70
N TYR C 256 -8.75 42.44 1.44
CA TYR C 256 -7.65 41.67 0.88
C TYR C 256 -7.88 40.20 1.16
N LEU C 257 -7.83 39.37 0.10
CA LEU C 257 -8.28 37.99 0.17
C LEU C 257 -7.08 37.04 0.17
N GLN C 258 -7.04 36.14 1.16
CA GLN C 258 -6.08 35.05 1.27
C GLN C 258 -6.84 33.74 1.52
N PRO C 259 -6.37 32.62 0.96
CA PRO C 259 -7.08 31.35 1.17
C PRO C 259 -6.89 30.81 2.59
N ARG C 260 -7.98 30.25 3.14
CA ARG C 260 -8.00 29.72 4.49
C ARG C 260 -8.85 28.45 4.51
N THR C 261 -8.96 27.86 5.70
CA THR C 261 -9.80 26.68 5.94
C THR C 261 -10.81 27.05 7.02
N PHE C 262 -12.06 26.63 6.84
CA PHE C 262 -13.14 27.02 7.75
C PHE C 262 -14.07 25.84 8.03
N LEU C 263 -14.54 25.74 9.28
CA LEU C 263 -15.50 24.74 9.73
C LEU C 263 -16.67 25.45 10.39
N LEU C 264 -17.89 25.09 9.99
CA LEU C 264 -19.10 25.79 10.42
C LEU C 264 -19.96 24.91 11.31
N LYS C 265 -20.99 25.55 11.88
CA LYS C 265 -22.02 24.88 12.66
C LYS C 265 -23.37 25.51 12.32
N TYR C 266 -24.38 24.67 12.13
CA TYR C 266 -25.70 25.12 11.75
C TYR C 266 -26.73 24.59 12.74
N ASN C 267 -27.71 25.44 13.03
CA ASN C 267 -28.86 25.04 13.83
C ASN C 267 -29.92 24.38 12.95
N GLU C 268 -31.06 24.04 13.56
CA GLU C 268 -32.14 23.42 12.82
C GLU C 268 -32.92 24.40 11.95
N ASN C 269 -32.82 25.69 12.23
CA ASN C 269 -33.55 26.68 11.44
C ASN C 269 -32.80 27.05 10.16
N GLY C 270 -31.48 26.91 10.14
CA GLY C 270 -30.71 27.27 8.96
C GLY C 270 -30.04 28.62 9.02
N THR C 271 -29.35 28.90 10.13
CA THR C 271 -28.71 30.18 10.38
C THR C 271 -27.31 29.92 10.92
N ILE C 272 -26.34 30.73 10.48
CA ILE C 272 -24.94 30.63 10.92
C ILE C 272 -24.86 31.01 12.39
N THR C 273 -24.50 30.05 13.24
CA THR C 273 -24.35 30.31 14.67
C THR C 273 -22.93 30.72 15.03
N ASP C 274 -21.93 30.01 14.52
CA ASP C 274 -20.54 30.30 14.82
C ASP C 274 -19.69 29.83 13.66
N ALA C 275 -18.46 30.37 13.59
CA ALA C 275 -17.52 30.02 12.54
C ALA C 275 -16.12 29.93 13.14
N VAL C 276 -15.33 29.01 12.61
CA VAL C 276 -14.00 28.69 13.14
C VAL C 276 -12.97 28.77 12.02
N ASP C 277 -11.95 29.60 12.22
CA ASP C 277 -10.89 29.85 11.25
C ASP C 277 -9.79 28.84 11.61
N CYS C 278 -9.60 27.83 10.77
CA CYS C 278 -8.71 26.72 11.08
C CYS C 278 -7.22 27.04 10.95
N ALA C 279 -6.83 28.25 10.56
CA ALA C 279 -5.42 28.65 10.53
C ALA C 279 -5.13 29.84 11.44
N LEU C 280 -6.06 30.22 12.32
CA LEU C 280 -5.89 31.38 13.17
C LEU C 280 -4.91 31.05 14.31
N ASP C 281 -5.32 30.15 15.18
CA ASP C 281 -4.54 29.64 16.29
C ASP C 281 -4.68 28.12 16.29
N PRO C 282 -3.74 27.37 16.90
CA PRO C 282 -3.83 25.90 16.85
C PRO C 282 -4.99 25.27 17.65
N LEU C 283 -5.67 26.02 18.53
CA LEU C 283 -6.91 25.52 19.13
C LEU C 283 -8.01 25.37 18.09
N SER C 284 -8.15 26.38 17.22
CA SER C 284 -9.16 26.30 16.17
C SER C 284 -8.74 25.34 15.06
N GLU C 285 -7.44 25.12 14.88
CA GLU C 285 -6.97 24.07 13.98
C GLU C 285 -7.30 22.68 14.53
N THR C 286 -7.24 22.52 15.86
CA THR C 286 -7.66 21.28 16.51
C THR C 286 -9.17 21.09 16.41
N LYS C 287 -9.93 22.18 16.54
CA LYS C 287 -11.38 22.17 16.31
C LYS C 287 -11.72 21.79 14.88
N CYS C 288 -10.93 22.26 13.91
CA CYS C 288 -11.13 21.93 12.52
C CYS C 288 -10.77 20.48 12.21
N THR C 289 -9.77 19.96 12.90
CA THR C 289 -9.35 18.57 12.69
C THR C 289 -10.36 17.59 13.28
N LEU C 290 -10.87 17.88 14.48
CA LEU C 290 -11.75 16.95 15.18
C LEU C 290 -13.20 17.02 14.73
N LYS C 291 -13.54 17.89 13.78
CA LYS C 291 -14.86 18.14 13.14
C LYS C 291 -15.95 18.68 14.08
N SER C 292 -15.68 18.91 15.36
CA SER C 292 -16.67 19.40 16.31
C SER C 292 -16.11 20.62 17.01
N PHE C 293 -17.00 21.45 17.55
CA PHE C 293 -16.54 22.66 18.21
C PHE C 293 -16.19 22.44 19.68
N THR C 294 -16.34 21.22 20.19
CA THR C 294 -15.86 20.88 21.53
C THR C 294 -14.67 19.94 21.40
N VAL C 295 -13.63 20.21 22.19
CA VAL C 295 -12.35 19.52 22.13
C VAL C 295 -12.10 18.89 23.49
N GLU C 296 -11.85 17.57 23.51
CA GLU C 296 -11.54 16.88 24.75
C GLU C 296 -10.07 17.05 25.10
N LYS C 297 -9.65 16.39 26.18
CA LYS C 297 -8.34 16.63 26.78
C LYS C 297 -7.35 15.58 26.27
N GLY C 298 -6.26 16.04 25.66
CA GLY C 298 -5.24 15.15 25.16
C GLY C 298 -4.34 15.83 24.15
N ILE C 299 -3.63 15.01 23.38
CA ILE C 299 -2.82 15.46 22.25
C ILE C 299 -3.47 14.99 20.95
N TYR C 300 -3.60 15.92 19.99
CA TYR C 300 -4.33 15.71 18.75
C TYR C 300 -3.43 16.07 17.58
N GLN C 301 -3.14 15.07 16.74
CA GLN C 301 -2.14 15.19 15.68
C GLN C 301 -2.79 15.81 14.45
N THR C 302 -2.70 17.13 14.33
CA THR C 302 -3.50 17.83 13.32
C THR C 302 -2.89 17.75 11.93
N SER C 303 -1.74 18.37 11.70
CA SER C 303 -1.15 18.49 10.37
C SER C 303 0.34 18.71 10.50
N ASN C 304 1.04 18.68 9.35
CA ASN C 304 2.46 18.96 9.27
C ASN C 304 2.71 20.06 8.25
N PHE C 305 3.94 20.57 8.23
CA PHE C 305 4.31 21.72 7.41
C PHE C 305 5.62 21.50 6.68
N ARG C 306 5.83 22.34 5.66
CA ARG C 306 7.10 22.44 4.95
C ARG C 306 7.24 23.89 4.47
N VAL C 307 8.48 24.25 4.11
CA VAL C 307 8.82 25.64 3.82
C VAL C 307 8.25 26.06 2.47
N GLN C 308 7.58 27.23 2.43
CA GLN C 308 7.16 27.81 1.17
C GLN C 308 8.35 28.38 0.40
N PRO C 309 8.39 28.19 -0.91
CA PRO C 309 9.40 28.84 -1.76
C PRO C 309 9.27 30.35 -1.79
N THR C 310 10.37 31.00 -2.15
CA THR C 310 10.40 32.45 -2.30
C THR C 310 10.23 32.90 -3.74
N GLU C 311 11.01 32.34 -4.67
CA GLU C 311 10.88 32.65 -6.08
C GLU C 311 11.29 31.44 -6.90
N SER C 312 11.04 31.51 -8.22
CA SER C 312 11.43 30.47 -9.15
C SER C 312 12.82 30.77 -9.72
N ILE C 313 13.68 29.75 -9.73
CA ILE C 313 15.06 29.89 -10.19
C ILE C 313 15.25 28.95 -11.38
N VAL C 314 15.56 29.49 -12.55
CA VAL C 314 15.68 28.72 -13.78
C VAL C 314 17.12 28.79 -14.29
N ARG C 315 17.78 27.63 -14.34
CA ARG C 315 19.15 27.53 -14.84
C ARG C 315 19.17 27.02 -16.29
N PHE C 316 18.77 27.90 -17.19
CA PHE C 316 18.79 27.64 -18.61
C PHE C 316 20.23 27.65 -19.14
N PRO C 317 20.51 26.92 -20.22
CA PRO C 317 21.74 27.17 -20.99
C PRO C 317 21.65 28.51 -21.71
N ASN C 318 22.65 29.36 -21.48
CA ASN C 318 22.60 30.75 -21.96
C ASN C 318 23.14 30.87 -23.39
N ILE C 319 22.37 30.32 -24.33
CA ILE C 319 22.66 30.46 -25.75
C ILE C 319 21.31 30.56 -26.47
N THR C 320 21.23 31.42 -27.48
CA THR C 320 20.06 31.49 -28.34
C THR C 320 20.31 30.72 -29.63
N ASN C 321 19.44 29.74 -29.90
CA ASN C 321 19.53 28.89 -31.09
C ASN C 321 18.17 28.28 -31.39
N LEU C 322 17.82 28.21 -32.67
CA LEU C 322 16.70 27.38 -33.08
C LEU C 322 17.12 25.91 -33.11
N CYS C 323 16.27 25.05 -32.60
CA CYS C 323 16.56 23.63 -32.47
C CYS C 323 16.46 22.96 -33.84
N PRO C 324 17.30 21.92 -34.14
CA PRO C 324 17.32 21.33 -35.49
C PRO C 324 16.13 20.48 -35.94
N PHE C 325 15.00 20.47 -35.20
CA PHE C 325 13.76 19.87 -35.69
C PHE C 325 13.18 20.59 -36.92
N GLY C 326 13.53 21.86 -37.15
CA GLY C 326 13.18 22.50 -38.41
C GLY C 326 13.95 21.93 -39.60
N GLU C 327 15.16 21.41 -39.37
CA GLU C 327 16.00 20.90 -40.45
C GLU C 327 15.84 19.39 -40.67
N VAL C 328 15.65 18.63 -39.60
CA VAL C 328 15.55 17.17 -39.68
C VAL C 328 14.23 16.74 -40.32
N PHE C 329 13.12 17.37 -39.91
CA PHE C 329 11.81 17.06 -40.48
C PHE C 329 11.68 17.56 -41.92
N ASN C 330 12.28 18.71 -42.23
CA ASN C 330 12.27 19.23 -43.60
C ASN C 330 13.48 18.76 -44.40
N ALA C 331 13.68 17.45 -44.47
CA ALA C 331 14.76 16.88 -45.26
C ALA C 331 14.19 16.27 -46.54
N THR C 332 14.94 16.43 -47.64
CA THR C 332 14.50 15.90 -48.92
C THR C 332 14.66 14.38 -48.95
N ARG C 333 15.84 13.89 -48.61
CA ARG C 333 16.14 12.46 -48.68
C ARG C 333 15.88 11.78 -47.35
N PHE C 334 14.99 10.79 -47.36
CA PHE C 334 14.88 9.80 -46.30
C PHE C 334 15.36 8.46 -46.83
N ALA C 335 15.65 7.55 -45.90
CA ALA C 335 16.21 6.25 -46.24
C ALA C 335 15.13 5.17 -46.13
N SER C 336 15.48 3.99 -46.63
CA SER C 336 14.63 2.83 -46.46
C SER C 336 14.69 2.31 -45.01
N VAL C 337 13.76 1.42 -44.69
CA VAL C 337 13.40 1.17 -43.31
C VAL C 337 14.42 0.25 -42.63
N TYR C 338 15.06 -0.64 -43.40
CA TYR C 338 16.09 -1.53 -42.86
C TYR C 338 17.41 -0.80 -42.62
N ALA C 339 17.60 0.37 -43.23
CA ALA C 339 18.83 1.14 -43.17
C ALA C 339 18.54 2.56 -42.70
N TRP C 340 17.85 2.68 -41.56
CA TRP C 340 17.32 3.95 -41.08
C TRP C 340 18.42 4.91 -40.65
N ASN C 341 18.22 6.19 -40.97
CA ASN C 341 19.15 7.25 -40.62
C ASN C 341 19.04 7.58 -39.14
N ARG C 342 20.17 7.92 -38.53
CA ARG C 342 20.20 8.25 -37.12
C ARG C 342 20.95 9.56 -36.91
N LYS C 343 20.35 10.46 -36.12
CA LYS C 343 20.90 11.78 -35.82
C LYS C 343 20.87 12.00 -34.32
N ARG C 344 21.95 12.53 -33.76
CA ARG C 344 21.95 12.99 -32.37
C ARG C 344 21.87 14.50 -32.35
N ILE C 345 20.96 15.04 -31.55
CA ILE C 345 20.74 16.47 -31.43
C ILE C 345 21.06 16.86 -29.99
N SER C 346 21.99 17.81 -29.83
CA SER C 346 22.60 18.08 -28.54
C SER C 346 22.13 19.38 -27.89
N ASN C 347 22.09 20.48 -28.62
CA ASN C 347 21.86 21.79 -28.01
C ASN C 347 20.58 22.37 -28.59
N CYS C 348 19.53 22.47 -27.76
CA CYS C 348 18.30 23.19 -28.11
C CYS C 348 17.86 24.00 -26.90
N VAL C 349 17.53 25.26 -27.12
CA VAL C 349 17.02 26.13 -26.06
C VAL C 349 15.60 26.49 -26.51
N ALA C 350 15.36 26.37 -27.82
CA ALA C 350 14.06 26.63 -28.42
C ALA C 350 13.05 25.55 -28.04
N ASP C 351 11.78 25.90 -28.17
CA ASP C 351 10.67 25.11 -27.64
C ASP C 351 10.38 23.87 -28.51
N TYR C 352 9.48 23.02 -27.99
CA TYR C 352 9.00 21.84 -28.70
C TYR C 352 7.56 22.04 -29.19
N SER C 353 7.14 23.28 -29.41
CA SER C 353 5.73 23.60 -29.69
C SER C 353 5.34 23.17 -31.10
N VAL C 354 6.30 23.16 -32.02
CA VAL C 354 6.08 22.65 -33.37
C VAL C 354 5.88 21.14 -33.40
N LEU C 355 6.33 20.42 -32.37
CA LEU C 355 5.96 19.02 -32.18
C LEU C 355 4.63 18.98 -31.46
N TYR C 356 3.63 18.33 -32.14
CA TYR C 356 2.16 18.39 -32.04
C TYR C 356 1.77 19.79 -32.60
N ASN C 357 0.50 20.18 -32.53
CA ASN C 357 -0.03 21.51 -32.88
C ASN C 357 0.15 21.86 -34.36
N SER C 358 0.12 20.86 -35.24
CA SER C 358 0.09 21.13 -36.67
C SER C 358 -0.72 20.04 -37.37
N ALA C 359 -1.49 20.44 -38.39
CA ALA C 359 -2.37 19.52 -39.09
C ALA C 359 -1.64 18.61 -40.07
N SER C 360 -0.38 18.92 -40.41
CA SER C 360 0.42 18.02 -41.21
C SER C 360 0.78 16.76 -40.42
N PHE C 361 0.94 16.88 -39.10
CA PHE C 361 1.30 15.75 -38.25
C PHE C 361 0.01 15.04 -37.89
N SER C 362 -0.39 14.06 -38.71
CA SER C 362 -1.69 13.43 -38.55
C SER C 362 -1.69 12.43 -37.39
N THR C 363 -0.64 11.61 -37.30
CA THR C 363 -0.55 10.57 -36.28
C THR C 363 0.58 10.92 -35.32
N PHE C 364 0.24 11.14 -34.06
CA PHE C 364 1.19 11.64 -33.07
C PHE C 364 0.98 10.92 -31.73
N LYS C 365 0.98 9.59 -31.72
CA LYS C 365 0.79 8.89 -30.44
C LYS C 365 2.11 8.90 -29.68
N CYS C 366 2.08 9.45 -28.46
CA CYS C 366 3.22 9.45 -27.56
C CYS C 366 2.91 8.49 -26.41
N TYR C 367 3.75 7.48 -26.23
CA TYR C 367 3.44 6.39 -25.30
C TYR C 367 3.94 6.67 -23.89
N GLY C 368 5.23 6.96 -23.74
CA GLY C 368 5.83 7.14 -22.43
C GLY C 368 5.88 8.55 -21.90
N VAL C 369 5.29 9.52 -22.62
CA VAL C 369 5.32 10.91 -22.23
C VAL C 369 4.03 11.53 -22.74
N SER C 370 3.56 12.58 -22.07
CA SER C 370 2.40 13.31 -22.56
C SER C 370 2.84 14.44 -23.49
N PRO C 371 1.97 14.87 -24.43
CA PRO C 371 2.28 16.07 -25.22
C PRO C 371 2.23 17.37 -24.44
N THR C 372 1.61 17.37 -23.25
CA THR C 372 1.66 18.51 -22.33
C THR C 372 3.07 18.74 -21.81
N LYS C 373 3.82 17.66 -21.56
CA LYS C 373 5.17 17.73 -21.02
C LYS C 373 6.20 18.23 -22.05
N LEU C 374 5.84 18.26 -23.34
CA LEU C 374 6.76 18.66 -24.41
C LEU C 374 7.21 20.12 -24.31
N ASN C 375 6.30 21.02 -23.92
CA ASN C 375 6.63 22.44 -23.80
C ASN C 375 7.53 22.72 -22.61
N ASP C 376 7.32 22.03 -21.49
CA ASP C 376 8.16 22.19 -20.30
C ASP C 376 8.71 20.84 -19.86
N LEU C 377 9.98 20.62 -20.18
CA LEU C 377 10.78 19.42 -19.92
C LEU C 377 12.22 19.87 -19.86
N CYS C 378 13.10 19.03 -19.28
CA CYS C 378 14.49 19.06 -19.73
C CYS C 378 15.12 17.67 -19.70
N PHE C 379 15.78 17.33 -20.81
CA PHE C 379 16.29 16.00 -21.10
C PHE C 379 17.76 16.05 -21.45
N THR C 380 18.35 14.86 -21.61
CA THR C 380 19.76 14.68 -21.92
C THR C 380 20.06 14.53 -23.40
N ASN C 381 19.36 13.60 -24.08
CA ASN C 381 19.70 13.26 -25.46
C ASN C 381 18.45 13.19 -26.31
N VAL C 382 18.61 13.49 -27.59
CA VAL C 382 17.55 13.41 -28.59
C VAL C 382 18.09 12.59 -29.77
N TYR C 383 17.42 11.50 -30.10
CA TYR C 383 17.70 10.73 -31.31
C TYR C 383 16.52 10.82 -32.27
N ALA C 384 16.81 11.00 -33.55
CA ALA C 384 15.80 11.08 -34.60
C ALA C 384 16.05 9.96 -35.61
N ASP C 385 15.07 9.08 -35.78
CA ASP C 385 15.13 7.99 -36.74
C ASP C 385 14.11 8.24 -37.84
N SER C 386 14.53 8.10 -39.10
CA SER C 386 13.68 8.49 -40.21
C SER C 386 13.65 7.41 -41.29
N PHE C 387 12.44 7.08 -41.74
CA PHE C 387 12.23 6.11 -42.82
C PHE C 387 10.86 6.38 -43.47
N VAL C 388 10.58 5.65 -44.55
CA VAL C 388 9.37 5.84 -45.36
C VAL C 388 8.66 4.49 -45.46
N ILE C 389 7.41 4.43 -45.01
CA ILE C 389 6.63 3.19 -45.00
C ILE C 389 5.33 3.38 -45.77
N ARG C 390 4.57 2.29 -45.88
CA ARG C 390 3.23 2.27 -46.42
C ARG C 390 2.21 2.69 -45.36
N GLY C 391 0.96 2.88 -45.81
CA GLY C 391 -0.08 3.27 -44.89
C GLY C 391 -0.63 2.15 -44.03
N ASP C 392 -0.61 0.92 -44.54
CA ASP C 392 -1.17 -0.21 -43.77
C ASP C 392 -0.25 -0.67 -42.65
N GLU C 393 1.06 -0.43 -42.77
CA GLU C 393 2.03 -0.84 -41.77
C GLU C 393 2.38 0.28 -40.79
N VAL C 394 1.53 1.32 -40.73
CA VAL C 394 1.67 2.39 -39.74
C VAL C 394 1.42 1.85 -38.33
N ARG C 395 0.44 0.93 -38.21
CA ARG C 395 0.08 0.33 -36.93
C ARG C 395 1.15 -0.62 -36.37
N GLN C 396 2.07 -1.10 -37.21
CA GLN C 396 3.11 -2.01 -36.75
C GLN C 396 4.19 -1.30 -35.94
N ILE C 397 4.34 0.01 -36.12
CA ILE C 397 5.43 0.76 -35.45
C ILE C 397 4.88 1.27 -34.11
N ALA C 398 4.98 0.37 -33.12
CA ALA C 398 4.42 0.55 -31.79
C ALA C 398 5.13 -0.43 -30.85
N PRO C 399 5.07 -0.21 -29.54
CA PRO C 399 5.45 -1.26 -28.60
C PRO C 399 4.48 -2.45 -28.66
N GLY C 400 5.05 -3.65 -28.75
CA GLY C 400 4.28 -4.88 -28.70
C GLY C 400 3.65 -5.32 -30.00
N GLN C 401 3.80 -4.57 -31.09
CA GLN C 401 3.19 -4.92 -32.35
C GLN C 401 4.14 -5.77 -33.20
N THR C 402 3.55 -6.56 -34.09
CA THR C 402 4.30 -7.48 -34.94
C THR C 402 3.99 -7.19 -36.41
N GLY C 403 4.69 -7.88 -37.28
CA GLY C 403 4.51 -7.73 -38.71
C GLY C 403 5.82 -7.95 -39.43
N LYS C 404 5.86 -7.53 -40.69
CA LYS C 404 7.12 -7.57 -41.44
C LYS C 404 8.08 -6.48 -40.96
N ILE C 405 7.55 -5.28 -40.70
CA ILE C 405 8.38 -4.13 -40.37
C ILE C 405 8.92 -4.23 -38.96
N ALA C 406 8.04 -4.56 -38.01
CA ALA C 406 8.40 -4.61 -36.59
C ALA C 406 9.32 -5.77 -36.26
N ASP C 407 9.24 -6.87 -37.00
CA ASP C 407 10.20 -7.96 -36.78
C ASP C 407 11.49 -7.73 -37.55
N TYR C 408 11.42 -7.55 -38.87
CA TYR C 408 12.61 -7.67 -39.69
C TYR C 408 13.16 -6.33 -40.19
N ASN C 409 12.53 -5.21 -39.88
CA ASN C 409 12.99 -3.94 -40.44
C ASN C 409 13.34 -2.91 -39.38
N TYR C 410 12.46 -2.68 -38.39
CA TYR C 410 12.69 -1.63 -37.40
C TYR C 410 11.97 -2.00 -36.12
N LYS C 411 12.70 -2.10 -35.01
CA LYS C 411 12.14 -2.51 -33.74
C LYS C 411 12.30 -1.39 -32.71
N LEU C 412 11.21 -1.10 -31.99
CA LEU C 412 10.92 -0.23 -30.85
C LEU C 412 10.78 -1.05 -29.57
N PRO C 413 11.28 -0.59 -28.43
CA PRO C 413 11.10 -1.33 -27.18
C PRO C 413 9.75 -1.02 -26.55
N ASP C 414 9.42 -1.80 -25.52
CA ASP C 414 8.13 -1.65 -24.85
C ASP C 414 8.08 -0.42 -23.95
N ASP C 415 9.18 -0.09 -23.30
CA ASP C 415 9.25 1.09 -22.44
C ASP C 415 9.79 2.32 -23.19
N PHE C 416 9.18 2.61 -24.34
CA PHE C 416 9.65 3.68 -25.21
C PHE C 416 9.14 5.02 -24.70
N THR C 417 10.06 5.91 -24.37
CA THR C 417 9.73 7.29 -23.97
C THR C 417 9.97 8.19 -25.17
N GLY C 418 8.92 8.76 -25.71
CA GLY C 418 9.02 9.60 -26.88
C GLY C 418 7.72 9.59 -27.66
N CYS C 419 7.82 9.98 -28.93
CA CYS C 419 6.66 10.08 -29.81
C CYS C 419 6.99 9.45 -31.15
N VAL C 420 6.13 8.56 -31.63
CA VAL C 420 6.24 7.99 -32.96
C VAL C 420 5.25 8.71 -33.88
N ILE C 421 5.77 9.30 -34.95
CA ILE C 421 5.02 10.24 -35.77
C ILE C 421 4.85 9.64 -37.17
N ALA C 422 3.64 9.69 -37.70
CA ALA C 422 3.37 9.25 -39.06
C ALA C 422 2.54 10.29 -39.79
N TRP C 423 2.86 10.53 -41.06
CA TRP C 423 2.09 11.45 -41.88
C TRP C 423 2.17 11.00 -43.33
N ASN C 424 1.11 11.27 -44.08
CA ASN C 424 1.02 10.83 -45.47
C ASN C 424 1.86 11.72 -46.39
N SER C 425 2.52 11.10 -47.36
CA SER C 425 3.43 11.77 -48.28
C SER C 425 3.17 11.32 -49.72
N ASN C 426 1.88 11.36 -50.11
CA ASN C 426 1.44 10.80 -51.39
C ASN C 426 1.92 11.64 -52.59
N ASN C 427 2.00 12.96 -52.42
CA ASN C 427 2.40 13.84 -53.51
C ASN C 427 3.91 13.77 -53.75
N LEU C 428 4.69 13.68 -52.68
CA LEU C 428 6.13 13.87 -52.80
C LEU C 428 6.85 12.60 -53.27
N ASP C 429 6.64 11.49 -52.58
CA ASP C 429 7.40 10.27 -52.87
C ASP C 429 6.90 9.56 -54.11
N SER C 430 5.59 9.61 -54.38
CA SER C 430 5.02 8.96 -55.55
C SER C 430 5.00 9.96 -56.70
N LYS C 431 5.85 9.72 -57.70
CA LYS C 431 5.94 10.61 -58.86
C LYS C 431 4.80 10.37 -59.82
N GLY C 434 5.43 6.66 -61.68
CA GLY C 434 5.79 6.25 -60.33
C GLY C 434 7.29 6.15 -60.10
N ASN C 435 7.67 5.78 -58.88
CA ASN C 435 9.07 5.66 -58.52
C ASN C 435 9.17 4.44 -57.61
N TYR C 436 10.15 3.58 -57.87
CA TYR C 436 10.30 2.31 -57.16
C TYR C 436 11.61 2.23 -56.41
N ASN C 437 12.24 3.37 -56.11
CA ASN C 437 13.57 3.37 -55.52
C ASN C 437 13.59 3.01 -54.04
N TYR C 438 12.50 3.22 -53.31
CA TYR C 438 12.43 2.84 -51.91
C TYR C 438 12.21 1.34 -51.78
N LEU C 439 12.96 0.72 -50.89
CA LEU C 439 12.94 -0.73 -50.71
C LEU C 439 12.55 -1.09 -49.28
N TYR C 440 12.33 -2.39 -49.07
CA TYR C 440 12.05 -2.91 -47.73
C TYR C 440 12.68 -4.29 -47.63
N ARG C 441 12.84 -4.76 -46.39
CA ARG C 441 13.37 -6.08 -46.12
C ARG C 441 12.24 -6.99 -45.66
N LEU C 442 12.00 -8.07 -46.39
CA LEU C 442 10.97 -9.04 -46.01
C LEU C 442 11.54 -10.28 -45.34
N PHE C 443 12.65 -10.80 -45.86
CA PHE C 443 13.23 -12.06 -45.38
C PHE C 443 14.43 -11.80 -44.50
N ARG C 444 14.43 -12.38 -43.30
CA ARG C 444 15.58 -12.35 -42.41
C ARG C 444 15.53 -13.61 -41.55
N LYS C 445 16.70 -14.02 -41.02
CA LYS C 445 16.79 -15.23 -40.23
C LYS C 445 16.12 -15.07 -38.86
N SER C 446 16.26 -13.90 -38.25
CA SER C 446 15.67 -13.65 -36.94
C SER C 446 15.12 -12.24 -36.88
N ASN C 447 14.28 -11.99 -35.89
CA ASN C 447 13.76 -10.64 -35.67
C ASN C 447 14.83 -9.71 -35.09
N LEU C 448 14.67 -8.42 -35.36
CA LEU C 448 15.67 -7.44 -34.97
C LEU C 448 15.56 -7.06 -33.49
N LYS C 449 16.70 -6.69 -32.92
CA LYS C 449 16.76 -6.10 -31.59
C LYS C 449 16.23 -4.67 -31.65
N PRO C 450 15.76 -4.11 -30.53
CA PRO C 450 15.33 -2.70 -30.52
C PRO C 450 16.50 -1.74 -30.69
N PHE C 451 16.29 -0.76 -31.59
CA PHE C 451 17.25 0.29 -31.99
C PHE C 451 18.57 -0.29 -32.51
N GLU C 452 18.48 -1.37 -33.29
CA GLU C 452 19.64 -2.03 -33.87
C GLU C 452 19.45 -2.04 -35.37
N ARG C 453 20.49 -1.66 -36.09
CA ARG C 453 20.48 -1.61 -37.55
C ARG C 453 21.30 -2.77 -38.10
N ASP C 454 20.73 -3.50 -39.06
CA ASP C 454 21.38 -4.65 -39.68
C ASP C 454 21.35 -4.48 -41.19
N ILE C 455 22.40 -3.89 -41.74
CA ILE C 455 22.56 -3.76 -43.19
C ILE C 455 23.28 -4.98 -43.74
N SER C 456 22.69 -5.62 -44.74
CA SER C 456 23.22 -6.84 -45.34
C SER C 456 22.62 -7.02 -46.72
N THR C 457 23.32 -7.76 -47.58
CA THR C 457 22.77 -8.22 -48.84
C THR C 457 23.05 -9.73 -48.88
N GLU C 458 22.62 -10.42 -47.83
CA GLU C 458 22.87 -11.84 -47.68
C GLU C 458 21.67 -12.63 -48.18
N ILE C 459 21.95 -13.66 -48.98
CA ILE C 459 20.88 -14.50 -49.54
C ILE C 459 20.31 -15.39 -48.44
N TYR C 460 18.99 -15.34 -48.27
CA TYR C 460 18.34 -16.13 -47.23
C TYR C 460 18.27 -17.60 -47.61
N GLN C 461 18.69 -18.46 -46.70
CA GLN C 461 18.80 -19.90 -46.97
C GLN C 461 17.50 -20.59 -46.56
N ALA C 462 16.54 -20.58 -47.47
CA ALA C 462 15.32 -21.36 -47.34
C ALA C 462 15.32 -22.60 -48.22
N GLY C 463 16.36 -22.79 -49.02
CA GLY C 463 16.47 -23.94 -49.91
C GLY C 463 17.53 -24.91 -49.43
N SER C 464 17.58 -26.06 -50.12
CA SER C 464 18.55 -27.10 -49.77
C SER C 464 19.95 -26.75 -50.24
N THR C 465 20.07 -26.16 -51.43
CA THR C 465 21.37 -25.84 -51.98
C THR C 465 21.97 -24.61 -51.32
N PRO C 466 23.31 -24.55 -51.16
CA PRO C 466 23.95 -23.31 -50.67
C PRO C 466 24.36 -22.38 -51.82
N CYS C 467 23.34 -21.89 -52.53
CA CYS C 467 23.57 -21.02 -53.67
C CYS C 467 23.93 -19.60 -53.22
N ASN C 468 24.84 -18.98 -53.96
CA ASN C 468 25.31 -17.63 -53.68
C ASN C 468 25.34 -16.83 -54.96
N GLY C 469 24.80 -15.61 -54.92
CA GLY C 469 24.90 -14.70 -56.04
C GLY C 469 23.92 -14.92 -57.17
N VAL C 470 22.93 -15.78 -56.98
CA VAL C 470 21.96 -16.12 -58.03
C VAL C 470 20.63 -15.50 -57.66
N GLU C 471 20.08 -14.69 -58.57
CA GLU C 471 18.76 -14.09 -58.37
C GLU C 471 17.73 -14.87 -59.19
N GLY C 472 17.37 -16.04 -58.67
CA GLY C 472 16.44 -16.91 -59.36
C GLY C 472 15.51 -17.67 -58.43
N PHE C 473 15.12 -18.88 -58.84
CA PHE C 473 14.31 -19.76 -58.00
C PHE C 473 15.17 -20.30 -56.86
N ASN C 474 14.50 -20.44 -55.68
CA ASN C 474 14.97 -20.87 -54.32
C ASN C 474 16.34 -20.31 -53.90
N CYS C 475 16.64 -19.09 -54.33
CA CYS C 475 17.76 -18.28 -53.81
C CYS C 475 17.16 -16.90 -53.64
N TYR C 476 16.57 -16.64 -52.48
CA TYR C 476 15.69 -15.49 -52.31
C TYR C 476 16.49 -14.25 -51.97
N PHE C 477 16.44 -13.27 -52.87
CA PHE C 477 17.00 -11.96 -52.63
C PHE C 477 16.07 -11.23 -51.66
N PRO C 478 16.56 -10.79 -50.48
CA PRO C 478 15.63 -10.33 -49.43
C PRO C 478 15.04 -8.96 -49.66
N LEU C 479 15.63 -8.12 -50.50
CA LEU C 479 15.11 -6.78 -50.70
C LEU C 479 14.02 -6.78 -51.77
N GLN C 480 12.86 -6.23 -51.43
CA GLN C 480 11.74 -6.09 -52.34
C GLN C 480 11.36 -4.62 -52.41
N SER C 481 10.76 -4.22 -53.52
CA SER C 481 10.53 -2.81 -53.80
C SER C 481 9.09 -2.39 -53.52
N TYR C 482 8.94 -1.18 -53.00
CA TYR C 482 7.65 -0.50 -52.97
C TYR C 482 7.15 -0.19 -54.38
N GLY C 483 5.95 -0.68 -54.69
CA GLY C 483 5.32 -0.42 -55.98
C GLY C 483 4.41 0.80 -55.95
N PHE C 484 5.00 1.98 -55.85
CA PHE C 484 4.23 3.21 -55.66
C PHE C 484 3.85 3.85 -56.98
N GLN C 485 2.56 4.10 -57.13
CA GLN C 485 1.92 4.68 -58.31
C GLN C 485 1.00 5.78 -57.78
N PRO C 486 0.55 6.69 -58.65
CA PRO C 486 -0.53 7.60 -58.22
C PRO C 486 -1.92 6.94 -58.14
N THR C 487 -2.08 5.71 -58.61
CA THR C 487 -3.33 4.96 -58.49
C THR C 487 -3.40 4.09 -57.23
N ASN C 488 -2.59 4.40 -56.21
CA ASN C 488 -2.58 3.62 -54.98
C ASN C 488 -3.83 3.83 -54.14
N GLY C 489 -4.29 2.77 -53.50
CA GLY C 489 -5.43 2.84 -52.59
C GLY C 489 -5.00 3.24 -51.19
N VAL C 490 -6.00 3.23 -50.29
CA VAL C 490 -5.79 3.64 -48.91
C VAL C 490 -5.04 2.56 -48.14
N GLY C 491 -3.90 2.93 -47.54
CA GLY C 491 -3.02 2.00 -46.89
C GLY C 491 -1.82 1.60 -47.72
N TYR C 492 -1.79 1.96 -48.99
CA TYR C 492 -0.75 1.55 -49.91
C TYR C 492 -0.06 2.80 -50.49
N GLN C 493 -0.56 3.99 -50.17
CA GLN C 493 0.09 5.26 -50.46
C GLN C 493 1.36 5.42 -49.61
N PRO C 494 2.35 6.22 -50.08
CA PRO C 494 3.53 6.46 -49.25
C PRO C 494 3.27 7.35 -48.05
N TYR C 495 3.92 7.00 -46.94
CA TYR C 495 3.88 7.75 -45.68
C TYR C 495 5.31 7.99 -45.21
N ARG C 496 5.57 9.19 -44.68
CA ARG C 496 6.88 9.55 -44.16
C ARG C 496 6.86 9.57 -42.64
N VAL C 497 7.92 9.00 -42.04
CA VAL C 497 8.00 8.74 -40.60
C VAL C 497 9.28 9.38 -40.08
N VAL C 498 9.17 10.17 -39.00
CA VAL C 498 10.32 10.53 -38.17
C VAL C 498 9.98 10.15 -36.73
N VAL C 499 10.83 9.33 -36.11
CA VAL C 499 10.63 8.88 -34.74
C VAL C 499 11.60 9.62 -33.83
N LEU C 500 11.06 10.31 -32.81
CA LEU C 500 11.87 10.98 -31.81
C LEU C 500 11.88 10.18 -30.51
N SER C 501 13.08 9.94 -29.98
CA SER C 501 13.24 9.25 -28.71
C SER C 501 13.97 10.16 -27.73
N PHE C 502 13.54 10.10 -26.47
CA PHE C 502 14.11 10.92 -25.40
C PHE C 502 14.82 10.02 -24.40
N GLU C 503 15.98 10.46 -23.93
CA GLU C 503 16.82 9.65 -23.06
C GLU C 503 17.19 10.39 -21.77
N LEU C 504 17.44 9.61 -20.72
CA LEU C 504 17.91 10.11 -19.44
C LEU C 504 19.17 9.38 -19.03
N LEU C 505 20.01 10.10 -18.25
CA LEU C 505 21.25 9.63 -17.64
C LEU C 505 22.28 9.15 -18.68
N HIS C 506 22.44 9.94 -19.75
CA HIS C 506 23.35 9.57 -20.83
C HIS C 506 24.26 10.70 -21.33
N ALA C 507 23.89 11.97 -21.12
CA ALA C 507 24.61 13.10 -21.68
C ALA C 507 24.36 14.31 -20.80
N PRO C 508 25.26 15.31 -20.79
CA PRO C 508 24.96 16.57 -20.09
C PRO C 508 23.82 17.35 -20.75
N ALA C 509 22.86 17.75 -19.91
CA ALA C 509 21.54 18.17 -20.35
C ALA C 509 21.60 19.58 -20.94
N THR C 510 21.65 19.65 -22.28
CA THR C 510 21.67 20.93 -22.99
C THR C 510 20.53 21.03 -24.00
N VAL C 511 19.43 20.30 -23.79
CA VAL C 511 18.39 20.28 -24.82
C VAL C 511 17.00 20.46 -24.18
N CYS C 512 16.62 21.75 -24.02
CA CYS C 512 15.49 22.13 -23.18
C CYS C 512 15.03 23.58 -23.34
N GLY C 513 13.70 23.72 -23.24
CA GLY C 513 12.93 24.87 -23.68
C GLY C 513 12.97 26.10 -22.78
N PRO C 514 12.28 27.17 -23.20
CA PRO C 514 12.44 28.46 -22.52
C PRO C 514 11.55 28.65 -21.30
N LYS C 515 12.08 29.39 -20.33
CA LYS C 515 11.33 29.97 -19.21
C LYS C 515 11.83 31.40 -19.01
N LYS C 516 11.52 31.98 -17.85
CA LYS C 516 11.98 33.32 -17.50
C LYS C 516 13.49 33.34 -17.26
N SER C 517 14.16 34.36 -17.80
CA SER C 517 15.61 34.52 -17.66
C SER C 517 15.98 34.87 -16.23
N THR C 518 16.64 33.93 -15.55
CA THR C 518 16.86 33.99 -14.11
C THR C 518 18.27 33.43 -13.84
N ASN C 519 18.95 33.93 -12.81
CA ASN C 519 20.23 33.38 -12.37
C ASN C 519 20.06 32.59 -11.07
N LEU C 520 21.11 31.85 -10.72
CA LEU C 520 21.06 30.90 -9.61
C LEU C 520 21.33 31.58 -8.27
N VAL C 521 20.54 31.21 -7.26
CA VAL C 521 20.84 31.52 -5.87
C VAL C 521 20.88 30.22 -5.08
N LYS C 522 21.67 30.21 -4.01
CA LYS C 522 21.76 29.09 -3.09
C LYS C 522 21.45 29.54 -1.67
N ASN C 523 21.40 28.53 -0.78
CA ASN C 523 21.19 28.66 0.68
C ASN C 523 19.86 29.32 1.05
N LYS C 524 18.84 29.15 0.20
CA LYS C 524 17.48 29.60 0.50
C LYS C 524 16.50 28.69 -0.22
N CYS C 525 15.28 28.64 0.29
CA CYS C 525 14.28 27.67 -0.17
C CYS C 525 13.52 28.29 -1.34
N VAL C 526 13.75 27.76 -2.54
CA VAL C 526 13.22 28.29 -3.78
C VAL C 526 12.59 27.15 -4.59
N ASN C 527 11.78 27.52 -5.57
CA ASN C 527 11.41 26.58 -6.63
C ASN C 527 12.55 26.56 -7.63
N PHE C 528 13.49 25.64 -7.38
CA PHE C 528 14.58 25.43 -8.30
C PHE C 528 14.09 24.73 -9.57
N ASN C 529 14.53 25.24 -10.72
CA ASN C 529 14.42 24.54 -11.99
C ASN C 529 15.84 24.42 -12.53
N PHE C 530 16.56 23.43 -12.02
CA PHE C 530 17.98 23.31 -12.31
C PHE C 530 18.14 22.12 -13.25
N ASN C 531 18.57 22.41 -14.49
CA ASN C 531 18.16 21.65 -15.69
C ASN C 531 16.64 21.43 -15.71
N GLY C 532 15.88 22.53 -15.59
CA GLY C 532 14.48 22.64 -16.00
C GLY C 532 13.44 21.70 -15.44
N LEU C 533 13.69 21.13 -14.27
CA LEU C 533 12.74 20.25 -13.60
C LEU C 533 12.11 20.98 -12.43
N THR C 534 10.77 20.96 -12.37
CA THR C 534 10.06 21.69 -11.32
C THR C 534 10.15 20.96 -9.99
N GLY C 535 10.52 21.70 -8.95
CA GLY C 535 10.70 21.12 -7.64
C GLY C 535 11.15 22.19 -6.67
N THR C 536 11.00 21.88 -5.38
CA THR C 536 11.44 22.78 -4.31
C THR C 536 12.59 22.12 -3.56
N GLY C 537 13.72 22.80 -3.49
CA GLY C 537 14.87 22.28 -2.76
C GLY C 537 16.02 23.26 -2.72
N VAL C 538 16.93 23.01 -1.79
CA VAL C 538 18.18 23.77 -1.63
C VAL C 538 19.33 22.84 -1.94
N LEU C 539 20.25 23.28 -2.80
CA LEU C 539 21.33 22.44 -3.30
C LEU C 539 22.67 22.94 -2.78
N THR C 540 23.56 21.99 -2.46
CA THR C 540 24.95 22.28 -2.13
C THR C 540 25.85 21.56 -3.12
N GLU C 541 27.15 21.85 -3.05
CA GLU C 541 28.11 21.20 -3.92
C GLU C 541 28.36 19.76 -3.49
N SER C 542 28.15 18.83 -4.42
CA SER C 542 28.25 17.40 -4.12
C SER C 542 29.70 16.94 -4.18
N ASN C 543 30.06 16.07 -3.23
CA ASN C 543 31.40 15.51 -3.15
C ASN C 543 31.58 14.26 -4.00
N LYS C 544 30.53 13.82 -4.69
CA LYS C 544 30.60 12.62 -5.51
C LYS C 544 31.39 12.87 -6.80
N LYS C 545 32.12 11.85 -7.23
CA LYS C 545 32.86 11.88 -8.49
C LYS C 545 32.07 11.08 -9.52
N PHE C 546 31.55 11.78 -10.52
CA PHE C 546 30.67 11.16 -11.52
C PHE C 546 31.35 11.14 -12.88
N LEU C 547 31.19 10.01 -13.57
CA LEU C 547 31.59 9.89 -14.96
C LEU C 547 30.66 10.74 -15.84
N PRO C 548 31.16 11.29 -16.97
CA PRO C 548 30.38 12.30 -17.71
C PRO C 548 29.12 11.79 -18.43
N PHE C 549 28.90 10.48 -18.55
CA PHE C 549 27.59 10.04 -19.01
C PHE C 549 26.55 10.07 -17.89
N GLN C 550 26.99 9.98 -16.63
CA GLN C 550 26.07 10.05 -15.50
C GLN C 550 25.70 11.51 -15.25
N GLN C 551 24.49 11.88 -15.67
CA GLN C 551 24.00 13.24 -15.53
C GLN C 551 22.95 13.38 -14.44
N PHE C 552 22.00 12.46 -14.39
CA PHE C 552 20.95 12.45 -13.39
C PHE C 552 21.12 11.22 -12.51
N GLY C 553 20.18 11.02 -11.60
CA GLY C 553 20.26 9.87 -10.70
C GLY C 553 18.88 9.36 -10.38
N ARG C 554 18.80 8.06 -10.13
CA ARG C 554 17.56 7.40 -9.74
C ARG C 554 17.79 6.72 -8.41
N ASP C 555 17.11 7.20 -7.36
CA ASP C 555 17.24 6.61 -6.04
C ASP C 555 16.33 5.40 -5.84
N ILE C 556 16.17 4.97 -4.58
CA ILE C 556 15.34 3.82 -4.25
C ILE C 556 13.85 4.13 -4.44
N ALA C 557 13.44 5.40 -4.34
CA ALA C 557 12.10 5.81 -4.71
C ALA C 557 12.02 6.38 -6.13
N ASP C 558 13.09 6.20 -6.92
CA ASP C 558 13.22 6.56 -8.34
C ASP C 558 13.08 8.06 -8.62
N THR C 559 13.35 8.91 -7.63
CA THR C 559 13.33 10.35 -7.84
C THR C 559 14.74 10.86 -8.15
N THR C 560 14.80 12.12 -8.62
CA THR C 560 16.08 12.73 -8.96
C THR C 560 16.80 13.17 -7.69
N ASP C 561 17.99 12.60 -7.46
CA ASP C 561 18.80 12.89 -6.28
C ASP C 561 20.19 13.43 -6.60
N ALA C 562 20.56 13.50 -7.87
CA ALA C 562 21.83 14.09 -8.28
C ALA C 562 21.65 14.71 -9.65
N VAL C 563 22.40 15.79 -9.89
CA VAL C 563 22.18 16.65 -11.05
C VAL C 563 23.48 17.42 -11.31
N ARG C 564 23.71 17.76 -12.58
CA ARG C 564 24.94 18.45 -12.94
C ARG C 564 24.58 19.66 -13.80
N ASP C 565 25.25 20.78 -13.52
CA ASP C 565 25.02 22.05 -14.20
C ASP C 565 25.41 21.97 -15.67
N PRO C 566 24.70 22.66 -16.58
CA PRO C 566 25.09 22.60 -18.00
C PRO C 566 26.19 23.57 -18.41
N GLN C 567 26.41 24.66 -17.67
CA GLN C 567 27.44 25.63 -18.01
C GLN C 567 28.78 25.25 -17.39
N THR C 568 28.83 25.17 -16.07
CA THR C 568 29.99 24.68 -15.34
C THR C 568 29.78 23.18 -15.12
N LEU C 569 30.88 22.41 -15.05
CA LEU C 569 30.75 20.95 -14.92
C LEU C 569 30.71 20.48 -13.46
N GLU C 570 30.15 21.28 -12.56
CA GLU C 570 30.03 20.94 -11.15
C GLU C 570 28.86 19.99 -10.92
N ILE C 571 28.90 19.30 -9.78
CA ILE C 571 27.92 18.30 -9.40
C ILE C 571 27.22 18.73 -8.12
N LEU C 572 25.89 18.60 -8.09
CA LEU C 572 25.07 18.98 -6.94
C LEU C 572 24.01 17.91 -6.69
N ASP C 573 23.58 17.81 -5.44
CA ASP C 573 22.56 16.84 -5.03
C ASP C 573 21.23 17.54 -4.77
N ILE C 574 20.15 16.75 -4.80
CA ILE C 574 18.80 17.27 -4.63
C ILE C 574 18.18 16.64 -3.38
N THR C 575 17.86 17.47 -2.39
CA THR C 575 16.98 17.22 -1.26
C THR C 575 15.98 18.37 -1.19
N PRO C 576 14.76 18.13 -0.71
CA PRO C 576 13.81 19.25 -0.51
C PRO C 576 14.12 20.06 0.74
N CYS C 577 13.23 21.02 1.03
CA CYS C 577 13.45 21.96 2.12
C CYS C 577 13.10 21.32 3.46
N SER C 578 13.21 22.12 4.53
CA SER C 578 13.13 21.60 5.89
C SER C 578 11.69 21.27 6.29
N PHE C 579 11.55 20.23 7.11
CA PHE C 579 10.24 19.72 7.53
C PHE C 579 10.01 19.94 9.02
N GLY C 580 8.77 19.67 9.42
CA GLY C 580 8.36 19.77 10.81
C GLY C 580 6.89 19.42 10.92
N GLY C 581 6.43 19.34 12.17
CA GLY C 581 5.06 18.93 12.43
C GLY C 581 4.43 19.74 13.54
N VAL C 582 3.10 19.60 13.65
CA VAL C 582 2.29 20.32 14.62
C VAL C 582 1.54 19.30 15.46
N SER C 583 1.66 19.41 16.79
CA SER C 583 0.91 18.59 17.74
C SER C 583 0.48 19.50 18.89
N VAL C 584 -0.83 19.74 18.99
CA VAL C 584 -1.36 20.86 19.76
C VAL C 584 -1.71 20.38 21.17
N ILE C 585 -1.35 21.16 22.19
CA ILE C 585 -1.68 20.86 23.57
C ILE C 585 -2.97 21.62 23.90
N THR C 586 -4.05 20.88 24.18
CA THR C 586 -5.32 21.52 24.54
C THR C 586 -5.87 20.93 25.83
N PRO C 587 -6.42 21.78 26.71
CA PRO C 587 -7.40 21.29 27.69
C PRO C 587 -8.80 21.28 27.09
N GLY C 588 -9.82 21.14 27.95
CA GLY C 588 -11.19 21.34 27.49
C GLY C 588 -11.45 22.78 27.11
N THR C 589 -12.32 22.96 26.11
CA THR C 589 -12.60 24.28 25.58
C THR C 589 -13.48 25.14 26.49
N ASN C 590 -14.13 24.55 27.49
CA ASN C 590 -14.84 25.33 28.49
C ASN C 590 -13.91 25.93 29.53
N THR C 591 -12.69 25.40 29.66
CA THR C 591 -11.78 25.85 30.71
C THR C 591 -11.02 27.12 30.28
N SER C 592 -10.24 27.02 29.21
CA SER C 592 -9.40 28.13 28.76
C SER C 592 -9.08 27.95 27.29
N ASN C 593 -8.68 29.05 26.66
CA ASN C 593 -8.27 29.05 25.27
C ASN C 593 -6.75 29.10 25.10
N GLN C 594 -5.99 28.91 26.18
CA GLN C 594 -4.54 28.81 26.09
C GLN C 594 -4.15 27.46 25.50
N VAL C 595 -3.15 27.47 24.62
CA VAL C 595 -2.57 26.26 24.03
C VAL C 595 -1.05 26.34 24.03
N ALA C 596 -0.43 25.24 23.60
CA ALA C 596 0.99 25.15 23.30
C ALA C 596 1.17 24.11 22.20
N VAL C 597 2.32 24.18 21.50
CA VAL C 597 2.58 23.34 20.34
C VAL C 597 3.81 22.47 20.61
N LEU C 598 3.65 21.16 20.45
CA LEU C 598 4.79 20.24 20.34
C LEU C 598 5.17 20.11 18.86
N TYR C 599 6.47 20.08 18.59
CA TYR C 599 6.94 20.23 17.21
C TYR C 599 7.55 18.96 16.61
N GLN C 600 7.68 17.90 17.42
CA GLN C 600 8.05 16.54 17.04
C GLN C 600 9.41 16.40 16.31
N GLY C 601 10.48 16.78 17.01
CA GLY C 601 11.81 16.33 16.64
C GLY C 601 12.72 17.33 15.95
N VAL C 602 12.29 18.58 15.76
CA VAL C 602 13.11 19.58 15.08
C VAL C 602 13.66 20.54 16.13
N ASN C 603 14.95 20.87 16.01
CA ASN C 603 15.67 21.73 16.96
C ASN C 603 15.13 23.16 16.85
N CYS C 604 15.18 23.87 17.99
CA CYS C 604 14.39 25.08 18.18
C CYS C 604 14.95 26.29 17.44
N THR C 605 16.22 26.27 17.05
CA THR C 605 16.71 27.31 16.15
C THR C 605 16.32 27.03 14.70
N GLU C 606 15.93 25.79 14.38
CA GLU C 606 15.50 25.45 13.03
C GLU C 606 14.01 25.65 12.83
N VAL C 607 13.21 25.49 13.89
CA VAL C 607 11.75 25.65 13.80
C VAL C 607 11.20 27.05 13.42
N PRO C 608 11.92 28.24 13.56
CA PRO C 608 11.36 29.40 12.82
C PRO C 608 11.64 29.32 11.34
N VAL C 609 12.75 28.67 11.00
CA VAL C 609 13.16 28.56 9.60
C VAL C 609 12.37 27.46 8.89
N ALA C 610 12.12 26.33 9.58
CA ALA C 610 11.45 25.19 8.96
C ALA C 610 9.95 25.39 8.75
N ILE C 611 9.35 26.39 9.40
CA ILE C 611 7.98 26.75 9.12
C ILE C 611 8.07 27.99 8.23
N HIS C 612 7.03 28.23 7.42
CA HIS C 612 6.94 29.44 6.61
C HIS C 612 6.41 30.62 7.45
N ALA C 613 7.29 31.09 8.35
CA ALA C 613 6.94 32.09 9.35
C ALA C 613 6.77 33.49 8.78
N ASP C 614 7.29 33.74 7.57
CA ASP C 614 7.04 35.02 6.91
C ASP C 614 5.59 35.12 6.43
N GLN C 615 5.04 34.02 5.93
CA GLN C 615 3.67 33.99 5.43
C GLN C 615 2.67 33.47 6.47
N LEU C 616 3.11 33.24 7.70
CA LEU C 616 2.29 32.61 8.72
C LEU C 616 1.33 33.64 9.33
N THR C 617 0.36 33.12 10.08
CA THR C 617 -0.56 33.93 10.88
C THR C 617 0.22 34.66 11.98
N PRO C 618 -0.10 35.93 12.27
CA PRO C 618 0.58 36.64 13.38
C PRO C 618 0.28 36.12 14.78
N THR C 619 -0.76 35.31 14.96
CA THR C 619 -0.97 34.63 16.24
C THR C 619 0.09 33.55 16.47
N TRP C 620 0.44 32.81 15.41
CA TRP C 620 1.23 31.59 15.57
C TRP C 620 2.73 31.89 15.74
N ARG C 621 3.23 33.04 15.25
CA ARG C 621 4.65 33.33 15.46
C ARG C 621 4.99 33.77 16.88
N VAL C 622 3.98 34.08 17.70
CA VAL C 622 4.17 34.08 19.15
C VAL C 622 4.43 32.66 19.64
N TYR C 623 3.74 31.69 19.05
CA TYR C 623 3.82 30.27 19.42
C TYR C 623 4.91 29.53 18.65
N SER C 624 5.72 30.24 17.87
CA SER C 624 6.88 29.66 17.21
C SER C 624 8.20 30.14 17.79
N THR C 625 8.23 31.33 18.39
CA THR C 625 9.40 31.87 19.08
C THR C 625 8.98 32.11 20.53
N GLY C 626 9.40 31.23 21.43
CA GLY C 626 8.96 31.32 22.81
C GLY C 626 10.05 31.71 23.78
N SER C 627 9.65 32.31 24.91
CA SER C 627 10.62 32.69 25.94
C SER C 627 11.10 31.48 26.72
N ASN C 628 10.19 30.57 27.07
CA ASN C 628 10.52 29.37 27.84
C ASN C 628 10.32 28.17 26.93
N VAL C 629 11.42 27.67 26.37
CA VAL C 629 11.41 26.59 25.38
C VAL C 629 12.29 25.47 25.92
N PHE C 630 11.74 24.26 26.04
CA PHE C 630 12.44 23.13 26.65
C PHE C 630 12.74 22.15 25.51
N GLN C 631 14.01 22.00 25.18
CA GLN C 631 14.44 21.00 24.21
C GLN C 631 14.55 19.62 24.86
N THR C 632 13.82 18.66 24.31
CA THR C 632 13.89 17.27 24.77
C THR C 632 14.15 16.40 23.53
N ARG C 633 13.98 15.07 23.68
CA ARG C 633 14.34 14.11 22.64
C ARG C 633 13.44 14.22 21.41
N ALA C 634 12.14 14.44 21.61
CA ALA C 634 11.22 14.61 20.47
C ALA C 634 10.96 16.06 20.14
N GLY C 635 11.96 16.91 20.21
CA GLY C 635 11.79 18.29 19.82
C GLY C 635 11.58 19.20 21.02
N CYS C 636 10.89 20.31 20.78
CA CYS C 636 10.71 21.30 21.83
C CYS C 636 9.34 21.92 21.79
N LEU C 637 8.86 22.29 22.98
CA LEU C 637 7.49 22.73 23.20
C LEU C 637 7.50 24.24 23.35
N ILE C 638 6.78 24.94 22.48
CA ILE C 638 6.82 26.40 22.41
C ILE C 638 5.41 26.92 22.68
N GLY C 639 5.29 27.79 23.69
CA GLY C 639 4.02 28.32 24.09
C GLY C 639 3.60 28.01 25.52
N ALA C 640 4.51 27.50 26.34
CA ALA C 640 4.23 27.18 27.72
C ALA C 640 5.49 27.39 28.55
N GLU C 641 5.35 27.28 29.86
CA GLU C 641 6.43 27.57 30.79
C GLU C 641 6.96 26.28 31.43
N HIS C 642 8.28 26.20 31.53
CA HIS C 642 8.95 25.04 32.11
C HIS C 642 8.92 25.24 33.62
N VAL C 643 8.39 24.26 34.36
CA VAL C 643 8.58 24.17 35.80
C VAL C 643 9.30 22.87 36.13
N ASN C 644 10.02 22.89 37.26
CA ASN C 644 10.86 21.77 37.67
C ASN C 644 10.11 20.79 38.58
N ASN C 645 9.02 21.25 39.21
CA ASN C 645 8.35 20.54 40.30
C ASN C 645 7.61 19.31 39.78
N SER C 646 7.56 18.28 40.62
CA SER C 646 7.10 16.95 40.25
C SER C 646 5.59 16.87 40.41
N TYR C 647 4.87 16.87 39.29
CA TYR C 647 3.42 16.73 39.26
C TYR C 647 3.05 15.45 38.52
N GLU C 648 1.94 14.85 38.91
CA GLU C 648 1.45 13.68 38.20
C GLU C 648 0.79 14.11 36.89
N CYS C 649 0.79 13.20 35.92
CA CYS C 649 0.43 13.55 34.55
C CYS C 649 -1.07 13.71 34.37
N ASP C 650 -1.45 14.73 33.60
CA ASP C 650 -2.84 14.94 33.19
C ASP C 650 -3.02 14.76 31.69
N ILE C 651 -2.21 15.43 30.87
CA ILE C 651 -2.24 15.27 29.43
C ILE C 651 -0.99 14.49 29.04
N PRO C 652 -1.11 13.23 28.58
CA PRO C 652 0.07 12.47 28.16
C PRO C 652 0.63 13.01 26.84
N ILE C 653 1.90 13.41 26.89
CA ILE C 653 2.57 14.21 25.87
C ILE C 653 3.90 13.53 25.61
N GLY C 654 4.35 13.54 24.34
CA GLY C 654 5.54 12.79 23.94
C GLY C 654 6.83 13.29 24.56
N ALA C 655 7.79 12.34 24.64
CA ALA C 655 9.13 12.48 25.24
C ALA C 655 9.10 12.92 26.71
N GLY C 656 8.22 12.26 27.48
CA GLY C 656 8.28 12.36 28.92
C GLY C 656 7.78 13.64 29.52
N ILE C 657 7.10 14.46 28.75
CA ILE C 657 6.56 15.73 29.22
C ILE C 657 5.08 15.50 29.48
N CYS C 658 4.47 16.23 30.40
CA CYS C 658 3.02 16.31 30.49
C CYS C 658 2.62 17.78 30.68
N ALA C 659 1.32 18.04 30.55
CA ALA C 659 0.79 19.38 30.76
C ALA C 659 -0.36 19.33 31.74
N SER C 660 -0.55 20.44 32.45
CA SER C 660 -1.66 20.58 33.38
C SER C 660 -2.09 22.04 33.44
N TYR C 661 -3.36 22.26 33.74
CA TYR C 661 -3.90 23.61 33.90
C TYR C 661 -3.82 23.97 35.38
N GLN C 662 -2.91 24.89 35.71
CA GLN C 662 -2.71 25.30 37.10
C GLN C 662 -3.03 26.77 37.28
N SER C 669 -2.41 29.29 33.90
CA SER C 669 -1.46 29.01 32.83
C SER C 669 -1.20 27.51 32.70
N ILE C 670 -0.76 27.09 31.52
CA ILE C 670 -0.46 25.69 31.23
C ILE C 670 1.05 25.50 31.35
N ILE C 671 1.45 24.58 32.22
CA ILE C 671 2.87 24.33 32.49
C ILE C 671 3.33 23.10 31.71
N ALA C 672 4.47 23.24 31.04
CA ALA C 672 5.07 22.14 30.27
C ALA C 672 6.18 21.56 31.13
N TYR C 673 5.83 20.55 31.92
CA TYR C 673 6.69 19.99 32.94
C TYR C 673 7.12 18.58 32.57
N THR C 674 8.35 18.24 32.96
CA THR C 674 8.77 16.84 32.98
C THR C 674 7.93 16.10 34.01
N MET C 675 7.27 15.03 33.57
CA MET C 675 6.27 14.36 34.40
C MET C 675 6.94 13.58 35.52
N SER C 676 6.30 13.61 36.68
CA SER C 676 6.69 12.63 37.68
C SER C 676 5.96 11.34 37.39
N LEU C 677 6.53 10.24 37.88
CA LEU C 677 5.92 8.95 37.67
C LEU C 677 5.22 8.48 38.93
N GLY C 678 4.96 9.41 39.85
CA GLY C 678 4.48 9.13 41.18
C GLY C 678 5.26 9.91 42.22
N ALA C 679 5.45 9.34 43.39
CA ALA C 679 6.26 9.94 44.44
C ALA C 679 7.30 8.93 44.91
N GLU C 680 8.48 9.44 45.26
CA GLU C 680 9.60 8.58 45.61
C GLU C 680 9.43 8.01 47.02
N ASN C 681 9.54 6.69 47.12
CA ASN C 681 9.47 5.96 48.37
C ASN C 681 10.85 5.42 48.73
N SER C 682 10.97 4.91 49.95
CA SER C 682 12.23 4.42 50.48
C SER C 682 12.29 2.91 50.37
N VAL C 683 13.47 2.40 50.02
CA VAL C 683 13.70 0.97 49.86
C VAL C 683 14.41 0.48 51.11
N ALA C 684 13.73 -0.38 51.87
CA ALA C 684 14.27 -0.92 53.11
C ALA C 684 14.26 -2.43 53.04
N CYS C 685 15.42 -3.05 53.28
CA CYS C 685 15.57 -4.47 53.09
C CYS C 685 16.32 -5.03 54.30
N SER C 686 16.04 -6.29 54.63
CA SER C 686 16.39 -6.83 55.94
C SER C 686 16.58 -8.35 55.82
N ASN C 687 16.56 -9.04 56.97
CA ASN C 687 16.69 -10.49 57.02
C ASN C 687 15.39 -11.20 57.40
N ASN C 688 14.79 -10.83 58.54
CA ASN C 688 13.54 -11.45 58.99
C ASN C 688 12.65 -10.35 59.55
N SER C 689 11.72 -9.87 58.72
CA SER C 689 10.74 -8.87 59.11
C SER C 689 9.42 -9.22 58.44
N ILE C 690 8.33 -9.16 59.20
CA ILE C 690 7.00 -9.50 58.70
C ILE C 690 6.05 -8.40 59.17
N ALA C 691 5.02 -8.13 58.36
CA ALA C 691 4.18 -6.94 58.49
C ALA C 691 2.70 -7.30 58.41
N ILE C 692 2.26 -8.21 59.29
CA ILE C 692 0.87 -8.67 59.46
C ILE C 692 -0.06 -7.47 59.71
N PRO C 693 -1.08 -7.27 58.87
CA PRO C 693 -1.83 -5.99 58.91
C PRO C 693 -2.79 -5.90 60.10
N THR C 694 -3.03 -4.66 60.53
CA THR C 694 -3.86 -4.42 61.71
C THR C 694 -5.27 -3.93 61.38
N ASN C 695 -5.48 -3.28 60.24
CA ASN C 695 -6.78 -2.71 59.90
C ASN C 695 -6.92 -2.74 58.38
N PHE C 696 -8.17 -2.66 57.90
CA PHE C 696 -8.42 -2.89 56.47
C PHE C 696 -9.48 -1.92 55.95
N THR C 697 -9.37 -1.55 54.67
CA THR C 697 -10.28 -0.60 54.04
C THR C 697 -10.92 -1.24 52.81
N ILE C 698 -12.25 -1.19 52.71
CA ILE C 698 -13.00 -1.68 51.56
C ILE C 698 -13.34 -0.50 50.68
N SER C 699 -12.91 -0.54 49.41
CA SER C 699 -13.19 0.52 48.46
C SER C 699 -13.66 -0.09 47.15
N VAL C 700 -14.69 0.51 46.56
CA VAL C 700 -15.38 -0.07 45.41
C VAL C 700 -15.16 0.84 44.21
N THR C 701 -14.78 0.26 43.07
CA THR C 701 -14.57 1.01 41.83
C THR C 701 -15.24 0.32 40.65
N THR C 702 -15.57 1.12 39.64
CA THR C 702 -16.22 0.63 38.44
C THR C 702 -15.20 0.26 37.39
N GLU C 703 -15.43 -0.85 36.68
CA GLU C 703 -14.55 -1.24 35.58
C GLU C 703 -15.44 -1.44 34.36
N ILE C 704 -15.02 -0.88 33.22
CA ILE C 704 -15.87 -0.66 32.05
C ILE C 704 -15.30 -1.46 30.88
N LEU C 705 -16.14 -2.27 30.23
CA LEU C 705 -15.70 -3.05 29.07
C LEU C 705 -16.69 -2.89 27.92
N PRO C 706 -16.22 -2.56 26.71
CA PRO C 706 -17.06 -2.74 25.51
C PRO C 706 -17.32 -4.21 25.25
N VAL C 707 -18.58 -4.55 25.03
CA VAL C 707 -18.97 -5.96 24.93
C VAL C 707 -19.55 -6.27 23.57
N SER C 708 -20.66 -5.64 23.22
CA SER C 708 -21.34 -5.89 21.96
C SER C 708 -21.35 -4.61 21.16
N MET C 709 -21.93 -4.67 19.97
CA MET C 709 -21.84 -3.54 19.06
C MET C 709 -23.10 -3.50 18.20
N THR C 710 -23.14 -2.52 17.30
CA THR C 710 -24.34 -2.16 16.57
C THR C 710 -24.68 -3.19 15.50
N LYS C 711 -25.93 -3.67 15.49
CA LYS C 711 -26.39 -4.63 14.50
C LYS C 711 -26.63 -3.97 13.14
N THR C 712 -25.56 -3.67 12.42
CA THR C 712 -25.66 -3.04 11.11
C THR C 712 -25.78 -4.12 10.04
N SER C 713 -26.79 -4.00 9.18
CA SER C 713 -26.94 -4.87 8.04
C SER C 713 -27.30 -4.02 6.83
N VAL C 714 -26.59 -4.23 5.72
CA VAL C 714 -26.73 -3.43 4.51
C VAL C 714 -27.32 -4.31 3.41
N ASP C 715 -28.42 -3.85 2.82
CA ASP C 715 -28.86 -4.35 1.52
C ASP C 715 -27.87 -3.82 0.48
N CYS C 716 -27.05 -4.71 -0.10
CA CYS C 716 -25.92 -4.27 -0.91
C CYS C 716 -26.34 -3.73 -2.28
N THR C 717 -27.51 -4.14 -2.75
CA THR C 717 -27.96 -3.77 -4.09
C THR C 717 -28.44 -2.32 -4.13
N MET C 718 -29.33 -1.96 -3.21
CA MET C 718 -29.99 -0.67 -3.28
C MET C 718 -29.13 0.46 -2.70
N TYR C 719 -28.15 0.10 -1.86
CA TYR C 719 -27.21 1.07 -1.29
C TYR C 719 -26.30 1.69 -2.35
N ILE C 720 -25.67 0.85 -3.17
CA ILE C 720 -24.60 1.31 -4.04
C ILE C 720 -25.21 1.94 -5.29
N CYS C 721 -24.76 3.17 -5.60
CA CYS C 721 -25.10 4.00 -6.76
C CYS C 721 -26.61 4.30 -6.78
N GLY C 722 -27.03 5.01 -5.73
CA GLY C 722 -28.30 5.71 -5.72
C GLY C 722 -29.51 4.84 -5.46
N ASP C 723 -30.68 5.45 -5.64
CA ASP C 723 -31.97 4.80 -5.45
C ASP C 723 -32.51 4.15 -6.71
N SER C 724 -31.68 3.96 -7.74
CA SER C 724 -32.05 3.21 -8.92
C SER C 724 -31.39 1.84 -8.89
N THR C 725 -32.08 0.85 -9.45
CA THR C 725 -31.61 -0.54 -9.48
C THR C 725 -30.69 -0.85 -10.66
N GLU C 726 -30.33 0.17 -11.46
CA GLU C 726 -29.54 -0.06 -12.67
C GLU C 726 -28.07 -0.34 -12.31
N CYS C 727 -27.54 0.34 -11.28
CA CYS C 727 -26.18 0.08 -10.83
C CYS C 727 -26.07 -1.22 -10.05
N SER C 728 -27.17 -1.70 -9.47
CA SER C 728 -27.23 -3.03 -8.87
C SER C 728 -27.10 -4.11 -9.93
N ASN C 729 -27.65 -3.88 -11.12
CA ASN C 729 -27.56 -4.85 -12.20
C ASN C 729 -26.21 -4.83 -12.91
N LEU C 730 -25.52 -3.68 -12.94
CA LEU C 730 -24.14 -3.65 -13.40
C LEU C 730 -23.14 -4.07 -12.35
N LEU C 731 -23.56 -4.17 -11.08
CA LEU C 731 -22.67 -4.74 -10.07
C LEU C 731 -22.58 -6.26 -10.20
N LEU C 732 -23.56 -6.89 -10.88
CA LEU C 732 -23.52 -8.32 -11.16
C LEU C 732 -22.41 -8.69 -12.13
N GLN C 733 -21.93 -7.74 -12.95
CA GLN C 733 -20.75 -7.96 -13.79
C GLN C 733 -19.46 -8.05 -12.99
N TYR C 734 -19.43 -7.57 -11.75
CA TYR C 734 -18.28 -7.74 -10.87
C TYR C 734 -18.29 -9.06 -10.11
N GLY C 735 -19.30 -9.90 -10.32
CA GLY C 735 -19.35 -11.16 -9.62
C GLY C 735 -20.08 -11.03 -8.30
N SER C 736 -19.50 -11.58 -7.25
CA SER C 736 -20.15 -11.68 -5.94
C SER C 736 -19.35 -10.97 -4.85
N PHE C 737 -19.03 -9.68 -5.02
CA PHE C 737 -18.47 -8.93 -3.91
C PHE C 737 -19.51 -8.65 -2.83
N CYS C 738 -20.69 -8.11 -3.20
CA CYS C 738 -21.54 -7.61 -2.11
C CYS C 738 -22.37 -8.73 -1.52
N THR C 739 -22.50 -9.85 -2.25
CA THR C 739 -23.06 -11.06 -1.66
C THR C 739 -22.16 -11.57 -0.55
N GLN C 740 -20.83 -11.52 -0.77
CA GLN C 740 -19.86 -11.78 0.29
C GLN C 740 -19.92 -10.75 1.40
N LEU C 741 -20.23 -9.49 1.06
CA LEU C 741 -20.43 -8.46 2.09
C LEU C 741 -21.69 -8.70 2.94
N ASN C 742 -22.77 -9.18 2.32
CA ASN C 742 -23.99 -9.44 3.09
C ASN C 742 -23.89 -10.71 3.92
N ARG C 743 -23.21 -11.76 3.43
CA ARG C 743 -22.92 -12.88 4.33
C ARG C 743 -21.88 -12.52 5.38
N ALA C 744 -20.99 -11.56 5.08
CA ALA C 744 -20.05 -11.05 6.06
C ALA C 744 -20.76 -10.30 7.19
N LEU C 745 -21.53 -9.25 6.85
CA LEU C 745 -22.21 -8.44 7.86
C LEU C 745 -23.37 -9.18 8.52
N THR C 746 -24.02 -10.10 7.79
CA THR C 746 -25.00 -11.01 8.38
C THR C 746 -24.34 -11.94 9.37
N GLY C 747 -23.13 -12.43 9.04
CA GLY C 747 -22.37 -13.24 9.98
C GLY C 747 -21.89 -12.49 11.20
N ILE C 748 -21.49 -11.21 11.02
CA ILE C 748 -21.13 -10.33 12.14
C ILE C 748 -22.34 -10.08 13.05
N ALA C 749 -23.55 -9.94 12.47
CA ALA C 749 -24.78 -9.84 13.27
C ALA C 749 -25.08 -11.14 14.01
N VAL C 750 -24.73 -12.28 13.41
CA VAL C 750 -24.86 -13.58 14.09
C VAL C 750 -23.91 -13.68 15.28
N GLU C 751 -22.60 -13.28 15.15
CA GLU C 751 -21.88 -13.42 16.43
C GLU C 751 -22.02 -12.19 17.33
N GLN C 752 -22.67 -11.08 16.93
CA GLN C 752 -23.07 -10.14 17.97
C GLN C 752 -24.23 -10.67 18.80
N ASP C 753 -25.16 -11.40 18.16
CA ASP C 753 -26.17 -12.13 18.92
C ASP C 753 -25.56 -13.25 19.77
N LYS C 754 -24.51 -13.90 19.25
CA LYS C 754 -23.81 -14.93 20.02
C LYS C 754 -22.96 -14.34 21.13
N ASN C 755 -22.37 -13.14 20.95
CA ASN C 755 -21.67 -12.45 22.03
C ASN C 755 -22.62 -12.03 23.14
N THR C 756 -23.79 -11.47 22.78
CA THR C 756 -24.78 -11.06 23.77
C THR C 756 -25.38 -12.26 24.51
N GLN C 757 -25.66 -13.35 23.79
CA GLN C 757 -26.16 -14.58 24.42
C GLN C 757 -25.05 -15.29 25.20
N GLU C 758 -23.79 -15.10 24.81
CA GLU C 758 -22.69 -15.70 25.53
C GLU C 758 -22.37 -14.95 26.80
N VAL C 759 -22.51 -13.62 26.80
CA VAL C 759 -22.15 -12.89 28.01
C VAL C 759 -23.33 -12.86 28.99
N PHE C 760 -24.58 -12.76 28.52
CA PHE C 760 -25.70 -12.57 29.44
C PHE C 760 -26.44 -13.85 29.74
N ALA C 761 -26.63 -14.73 28.75
CA ALA C 761 -27.28 -16.01 29.01
C ALA C 761 -26.23 -17.08 29.32
N GLN C 762 -25.58 -16.89 30.46
CA GLN C 762 -24.79 -17.92 31.13
C GLN C 762 -25.64 -18.85 31.98
N VAL C 763 -26.94 -18.57 32.10
CA VAL C 763 -27.86 -19.39 32.87
C VAL C 763 -28.95 -19.91 31.94
N LYS C 764 -29.56 -21.02 32.36
CA LYS C 764 -30.64 -21.63 31.62
C LYS C 764 -32.01 -21.33 32.24
N GLN C 765 -32.05 -20.49 33.29
CA GLN C 765 -33.27 -20.17 33.99
C GLN C 765 -33.35 -18.65 34.19
N ILE C 766 -34.54 -18.17 34.55
CA ILE C 766 -34.75 -16.79 34.95
C ILE C 766 -35.24 -16.78 36.39
N TYR C 767 -34.51 -16.07 37.26
CA TYR C 767 -34.79 -16.05 38.68
C TYR C 767 -35.39 -14.72 39.09
N LYS C 768 -36.36 -14.77 40.01
CA LYS C 768 -37.10 -13.58 40.43
C LYS C 768 -36.29 -12.73 41.40
N THR C 769 -36.74 -11.48 41.55
CA THR C 769 -36.09 -10.53 42.44
C THR C 769 -36.39 -10.90 43.90
N PRO C 770 -35.45 -10.65 44.81
CA PRO C 770 -35.67 -11.01 46.22
C PRO C 770 -36.35 -9.89 46.99
N PRO C 771 -36.95 -10.20 48.14
CA PRO C 771 -37.29 -9.13 49.10
C PRO C 771 -36.04 -8.49 49.69
N ILE C 772 -36.15 -7.19 49.98
CA ILE C 772 -35.01 -6.38 50.36
C ILE C 772 -34.79 -6.37 51.88
N LYS C 773 -35.82 -6.72 52.67
CA LYS C 773 -36.00 -6.35 54.08
C LYS C 773 -34.95 -6.94 55.04
N ASP C 774 -34.19 -7.95 54.65
CA ASP C 774 -33.19 -8.52 55.54
C ASP C 774 -32.00 -9.00 54.71
N PHE C 775 -30.88 -8.29 54.82
CA PHE C 775 -29.61 -8.70 54.21
C PHE C 775 -28.45 -8.66 55.20
N GLY C 776 -28.72 -8.51 56.49
CA GLY C 776 -27.65 -8.39 57.47
C GLY C 776 -26.92 -7.07 57.45
N GLY C 777 -27.64 -5.96 57.34
CA GLY C 777 -27.04 -4.64 57.35
C GLY C 777 -26.62 -4.11 56.00
N PHE C 778 -26.76 -4.90 54.94
CA PHE C 778 -26.32 -4.51 53.62
C PHE C 778 -27.51 -3.89 52.89
N ASN C 779 -27.41 -2.59 52.59
CA ASN C 779 -28.52 -1.90 51.95
C ASN C 779 -28.43 -2.18 50.45
N PHE C 780 -29.50 -2.75 49.89
CA PHE C 780 -29.52 -3.11 48.48
C PHE C 780 -30.73 -2.54 47.75
N SER C 781 -31.13 -1.31 48.11
CA SER C 781 -32.20 -0.64 47.36
C SER C 781 -31.70 -0.03 46.06
N GLN C 782 -30.38 0.08 45.86
CA GLN C 782 -29.87 0.83 44.73
C GLN C 782 -29.50 -0.02 43.52
N ILE C 783 -29.24 -1.31 43.65
CA ILE C 783 -28.95 -2.14 42.48
C ILE C 783 -30.05 -3.14 42.17
N LEU C 784 -30.89 -3.50 43.13
CA LEU C 784 -32.04 -4.35 42.87
C LEU C 784 -33.09 -3.56 42.10
N PRO C 785 -33.94 -4.23 41.30
CA PRO C 785 -35.01 -3.50 40.60
C PRO C 785 -36.07 -2.91 41.52
N ASP C 786 -36.55 -1.74 41.11
CA ASP C 786 -37.47 -0.96 41.93
C ASP C 786 -38.87 -1.54 41.86
N PRO C 787 -39.52 -1.83 43.00
CA PRO C 787 -40.91 -2.30 42.95
C PRO C 787 -41.92 -1.19 42.68
N SER C 788 -41.54 0.08 42.83
CA SER C 788 -42.46 1.17 42.52
C SER C 788 -42.46 1.52 41.04
N LYS C 789 -41.27 1.61 40.44
CA LYS C 789 -41.14 1.88 39.02
C LYS C 789 -41.47 0.61 38.23
N PRO C 790 -42.29 0.71 37.18
CA PRO C 790 -42.62 -0.49 36.39
C PRO C 790 -41.50 -1.01 35.50
N SER C 791 -40.43 -0.24 35.30
CA SER C 791 -39.26 -0.75 34.63
C SER C 791 -38.47 -1.67 35.56
N LYS C 792 -37.56 -2.44 34.97
CA LYS C 792 -36.79 -3.44 35.69
C LYS C 792 -35.42 -2.85 36.10
N ARG C 793 -35.21 -1.57 35.82
CA ARG C 793 -33.94 -0.92 36.10
C ARG C 793 -33.81 -0.56 37.58
N SER C 794 -32.63 -0.03 37.92
CA SER C 794 -32.23 0.38 39.26
C SER C 794 -31.67 1.80 39.10
N PRO C 795 -31.62 2.62 40.17
CA PRO C 795 -31.18 4.02 39.98
C PRO C 795 -29.71 4.24 39.62
N ILE C 796 -28.80 3.34 39.99
CA ILE C 796 -27.44 3.46 39.44
C ILE C 796 -27.45 3.03 37.97
N GLU C 797 -28.30 2.06 37.60
CA GLU C 797 -28.53 1.78 36.17
C GLU C 797 -29.32 2.89 35.50
N ASP C 798 -30.11 3.67 36.24
CA ASP C 798 -30.68 4.89 35.66
C ASP C 798 -29.60 5.93 35.38
N LEU C 799 -28.56 6.00 36.22
CA LEU C 799 -27.42 6.87 35.92
C LEU C 799 -26.62 6.37 34.72
N LEU C 800 -26.44 5.04 34.59
CA LEU C 800 -25.78 4.48 33.40
C LEU C 800 -26.58 4.66 32.12
N PHE C 801 -27.89 4.44 32.13
CA PHE C 801 -28.66 4.73 30.91
C PHE C 801 -28.96 6.21 30.69
N ASN C 802 -28.71 7.10 31.66
CA ASN C 802 -28.82 8.52 31.36
C ASN C 802 -27.50 9.17 30.95
N LYS C 803 -26.37 8.70 31.47
CA LYS C 803 -25.09 9.30 31.09
C LYS C 803 -24.61 8.83 29.72
N VAL C 804 -24.89 7.58 29.34
CA VAL C 804 -24.52 7.07 28.03
C VAL C 804 -25.49 7.64 27.00
N THR C 805 -24.98 8.50 26.12
CA THR C 805 -25.79 9.12 25.08
C THR C 805 -25.98 8.14 23.94
N LEU C 806 -27.20 7.65 23.77
CA LEU C 806 -27.52 6.66 22.74
C LEU C 806 -27.54 7.30 21.35
N ALA C 809 -28.00 5.42 15.69
CA ALA C 809 -28.79 4.20 15.52
C ALA C 809 -30.26 4.53 15.38
N GLY C 810 -30.75 4.55 14.14
CA GLY C 810 -32.14 4.91 13.91
C GLY C 810 -33.07 3.71 13.90
N PHE C 811 -33.61 3.37 15.07
CA PHE C 811 -34.68 2.39 15.18
C PHE C 811 -35.71 2.80 16.22
N ILE C 812 -35.84 4.10 16.52
CA ILE C 812 -36.55 4.57 17.70
C ILE C 812 -37.86 5.19 17.19
N LYS C 813 -38.33 4.67 16.05
CA LYS C 813 -39.62 4.94 15.39
C LYS C 813 -39.82 6.41 15.00
N GLN C 814 -38.72 7.13 14.78
CA GLN C 814 -38.76 8.54 14.40
C GLN C 814 -38.66 8.73 12.89
N TYR C 815 -38.89 7.67 12.12
CA TYR C 815 -39.12 7.79 10.68
C TYR C 815 -40.47 8.42 10.36
N GLY C 816 -41.41 8.42 11.30
CA GLY C 816 -42.61 9.23 11.18
C GLY C 816 -42.38 10.71 11.36
N ASP C 817 -41.27 11.11 11.96
CA ASP C 817 -40.84 12.51 11.95
C ASP C 817 -40.15 12.91 10.65
N CYS C 818 -39.85 11.94 9.77
CA CYS C 818 -39.47 12.26 8.40
C CYS C 818 -40.67 12.56 7.52
N LEU C 819 -41.88 12.25 7.98
CA LEU C 819 -43.10 12.69 7.30
C LEU C 819 -43.39 14.16 7.54
N GLY C 820 -42.81 14.75 8.58
CA GLY C 820 -42.73 16.20 8.69
C GLY C 820 -41.40 16.65 8.15
N ASP C 821 -41.39 17.24 6.95
CA ASP C 821 -40.15 17.42 6.19
C ASP C 821 -39.30 18.58 6.72
N ILE C 822 -39.85 19.47 7.55
CA ILE C 822 -39.05 20.50 8.18
C ILE C 822 -38.18 19.91 9.29
N ALA C 823 -38.68 18.90 10.00
CA ALA C 823 -38.02 18.36 11.18
C ALA C 823 -36.83 17.46 10.86
N ALA C 824 -36.91 16.70 9.77
CA ALA C 824 -35.88 15.72 9.43
C ALA C 824 -34.77 16.38 8.62
N ARG C 825 -33.63 16.62 9.27
CA ARG C 825 -32.45 17.13 8.58
C ARG C 825 -31.20 16.35 8.98
N ASP C 826 -31.16 15.88 10.23
CA ASP C 826 -29.96 15.30 10.83
C ASP C 826 -29.66 13.90 10.26
N LEU C 827 -28.43 13.45 10.50
CA LEU C 827 -27.85 12.35 9.74
C LEU C 827 -28.34 10.98 10.16
N ILE C 828 -29.05 10.87 11.29
CA ILE C 828 -29.67 9.61 11.67
C ILE C 828 -30.91 9.34 10.80
N CYS C 829 -31.50 10.39 10.23
CA CYS C 829 -32.47 10.22 9.16
C CYS C 829 -31.78 9.86 7.85
N ALA C 830 -30.53 10.30 7.67
CA ALA C 830 -29.77 9.99 6.47
C ALA C 830 -29.21 8.57 6.46
N GLN C 831 -29.20 7.90 7.62
CA GLN C 831 -29.03 6.45 7.61
C GLN C 831 -30.21 5.77 6.94
N LYS C 832 -31.43 6.25 7.19
CA LYS C 832 -32.62 5.69 6.55
C LYS C 832 -32.71 6.12 5.08
N PHE C 833 -32.17 7.31 4.75
CA PHE C 833 -32.14 7.81 3.37
C PHE C 833 -31.26 6.94 2.47
N ASN C 834 -30.18 6.40 3.02
CA ASN C 834 -29.14 5.74 2.25
C ASN C 834 -28.88 4.31 2.72
N GLY C 835 -29.95 3.55 2.96
CA GLY C 835 -29.86 2.09 2.98
C GLY C 835 -29.26 1.45 4.21
N LEU C 836 -28.77 2.22 5.17
CA LEU C 836 -28.18 1.63 6.38
C LEU C 836 -29.27 1.41 7.41
N THR C 837 -29.55 0.16 7.74
CA THR C 837 -30.58 -0.18 8.71
C THR C 837 -29.92 -0.80 9.94
N VAL C 838 -30.24 -0.25 11.10
CA VAL C 838 -29.85 -0.85 12.37
C VAL C 838 -30.89 -1.88 12.75
N LEU C 839 -30.48 -3.14 12.81
CA LEU C 839 -31.38 -4.19 13.26
C LEU C 839 -31.59 -4.08 14.78
N PRO C 840 -32.82 -4.27 15.25
CA PRO C 840 -33.03 -4.38 16.70
C PRO C 840 -32.45 -5.68 17.23
N PRO C 841 -31.94 -5.68 18.46
CA PRO C 841 -31.37 -6.91 19.01
C PRO C 841 -32.44 -7.94 19.36
N LEU C 842 -32.01 -9.19 19.47
CA LEU C 842 -32.87 -10.24 19.99
C LEU C 842 -33.18 -10.03 21.47
N LEU C 843 -32.23 -9.50 22.22
CA LEU C 843 -32.42 -9.11 23.61
C LEU C 843 -32.52 -7.58 23.65
N THR C 844 -33.74 -7.08 23.86
CA THR C 844 -34.03 -5.67 24.08
C THR C 844 -33.60 -5.35 25.53
N ASP C 845 -33.31 -4.05 25.80
CA ASP C 845 -32.68 -3.59 27.05
C ASP C 845 -33.48 -3.91 28.32
N GLU C 846 -34.81 -4.00 28.22
CA GLU C 846 -35.61 -4.52 29.33
C GLU C 846 -35.40 -6.03 29.53
N MET C 847 -35.19 -6.77 28.45
CA MET C 847 -34.96 -8.21 28.58
C MET C 847 -33.54 -8.52 29.05
N ILE C 848 -32.57 -7.68 28.66
CA ILE C 848 -31.23 -7.74 29.26
C ILE C 848 -31.29 -7.33 30.73
N ALA C 849 -32.19 -6.39 31.07
CA ALA C 849 -32.41 -6.05 32.49
C ALA C 849 -33.05 -7.20 33.26
N GLN C 850 -33.89 -8.01 32.61
CA GLN C 850 -34.44 -9.22 33.22
C GLN C 850 -33.36 -10.26 33.47
N TYR C 851 -32.50 -10.49 32.45
CA TYR C 851 -31.36 -11.41 32.56
C TYR C 851 -30.38 -10.97 33.64
N THR C 852 -29.98 -9.70 33.63
CA THR C 852 -29.03 -9.21 34.63
C THR C 852 -29.67 -9.00 36.00
N SER C 853 -31.00 -8.92 36.11
CA SER C 853 -31.62 -8.96 37.43
C SER C 853 -31.58 -10.37 38.01
N ALA C 854 -31.75 -11.38 37.15
CA ALA C 854 -31.50 -12.76 37.57
C ALA C 854 -30.02 -12.99 37.93
N LEU C 855 -29.12 -12.33 37.19
CA LEU C 855 -27.68 -12.39 37.50
C LEU C 855 -27.34 -11.70 38.82
N LEU C 856 -28.00 -10.57 39.13
CA LEU C 856 -27.79 -9.89 40.40
C LEU C 856 -28.34 -10.68 41.58
N ALA C 857 -29.49 -11.33 41.40
CA ALA C 857 -30.00 -12.24 42.44
C ALA C 857 -29.10 -13.46 42.59
N GLY C 858 -28.50 -13.91 41.48
CA GLY C 858 -27.49 -14.95 41.52
C GLY C 858 -26.21 -14.54 42.24
N THR C 859 -25.83 -13.27 42.15
CA THR C 859 -24.71 -12.78 42.94
C THR C 859 -25.06 -12.69 44.42
N ILE C 860 -26.24 -12.14 44.74
CA ILE C 860 -26.44 -11.74 46.13
C ILE C 860 -26.88 -12.91 47.00
N CYS C 861 -27.65 -13.89 46.49
CA CYS C 861 -27.98 -15.04 47.32
C CYS C 861 -28.08 -16.39 46.65
N SER C 862 -27.39 -16.62 45.54
CA SER C 862 -26.78 -17.93 45.32
C SER C 862 -25.28 -17.86 45.16
N GLY C 863 -24.71 -16.69 44.99
CA GLY C 863 -23.27 -16.53 45.02
C GLY C 863 -22.65 -16.70 43.65
N TRP C 864 -22.00 -17.84 43.42
CA TRP C 864 -21.29 -18.15 42.20
C TRP C 864 -21.67 -19.50 41.62
N THR C 865 -22.54 -20.25 42.30
CA THR C 865 -23.00 -21.57 41.90
C THR C 865 -24.11 -21.54 40.86
N PHE C 866 -24.61 -20.37 40.48
CA PHE C 866 -25.76 -20.27 39.59
C PHE C 866 -25.39 -20.57 38.13
N GLY C 867 -24.11 -20.47 37.78
CA GLY C 867 -23.71 -20.68 36.40
C GLY C 867 -23.37 -22.11 36.03
N ALA C 868 -23.01 -22.92 37.02
CA ALA C 868 -22.67 -24.31 36.76
C ALA C 868 -23.90 -25.20 36.63
N GLY C 869 -25.07 -24.73 37.05
CA GLY C 869 -26.30 -25.50 37.02
C GLY C 869 -27.48 -24.66 37.40
N PRO C 870 -28.35 -25.18 38.25
CA PRO C 870 -29.43 -24.38 38.82
C PRO C 870 -28.93 -23.66 40.07
N ALA C 871 -29.53 -22.49 40.33
CA ALA C 871 -29.07 -21.65 41.44
C ALA C 871 -29.52 -22.21 42.79
N LEU C 872 -28.80 -21.81 43.83
CA LEU C 872 -29.02 -22.24 45.19
C LEU C 872 -29.60 -21.09 46.02
N GLN C 873 -29.60 -21.28 47.33
CA GLN C 873 -29.89 -20.20 48.28
C GLN C 873 -28.79 -20.18 49.31
N ILE C 874 -28.22 -19.01 49.56
CA ILE C 874 -27.15 -18.82 50.53
C ILE C 874 -27.45 -17.50 51.25
N PRO C 875 -27.08 -17.31 52.52
CA PRO C 875 -27.04 -15.94 53.04
C PRO C 875 -25.87 -15.17 52.46
N PHE C 876 -26.10 -13.85 52.27
CA PHE C 876 -25.11 -12.92 51.74
C PHE C 876 -23.88 -12.78 52.67
N PRO C 877 -23.97 -12.67 54.02
CA PRO C 877 -22.72 -12.80 54.80
C PRO C 877 -22.05 -14.17 54.75
N MET C 878 -22.78 -15.26 54.53
CA MET C 878 -22.08 -16.53 54.37
C MET C 878 -21.62 -16.74 52.92
N GLN C 879 -22.21 -16.00 51.97
CA GLN C 879 -21.60 -15.83 50.65
C GLN C 879 -20.27 -15.09 50.75
N MET C 880 -20.25 -13.98 51.47
CA MET C 880 -19.06 -13.16 51.63
C MET C 880 -18.05 -13.79 52.59
N ALA C 881 -18.45 -14.80 53.37
CA ALA C 881 -17.55 -15.56 54.25
C ALA C 881 -16.46 -16.28 53.47
N TYR C 882 -16.84 -17.17 52.54
CA TYR C 882 -15.78 -17.71 51.67
C TYR C 882 -15.40 -16.84 50.49
N ARG C 883 -16.26 -15.88 50.09
CA ARG C 883 -15.90 -14.99 49.00
C ARG C 883 -14.90 -13.92 49.48
N PHE C 884 -14.76 -13.74 50.79
CA PHE C 884 -13.81 -12.87 51.48
C PHE C 884 -12.68 -13.66 52.16
N ASN C 885 -12.89 -14.96 52.42
CA ASN C 885 -11.81 -15.90 52.70
C ASN C 885 -10.85 -16.02 51.54
N GLY C 886 -11.35 -16.02 50.30
CA GLY C 886 -10.64 -16.49 49.12
C GLY C 886 -9.20 -16.11 48.78
N ILE C 887 -8.67 -15.03 49.39
CA ILE C 887 -7.22 -14.78 49.36
C ILE C 887 -6.80 -14.54 50.83
N GLY C 888 -7.36 -15.28 51.79
CA GLY C 888 -6.70 -15.31 53.10
C GLY C 888 -7.40 -15.42 54.46
N VAL C 889 -8.35 -14.53 54.81
CA VAL C 889 -8.77 -14.41 56.22
C VAL C 889 -9.79 -15.50 56.59
N THR C 890 -10.06 -15.64 57.88
CA THR C 890 -11.10 -16.58 58.30
C THR C 890 -12.48 -15.94 58.20
N GLN C 891 -13.50 -16.80 58.21
CA GLN C 891 -14.86 -16.36 57.92
C GLN C 891 -15.52 -15.59 59.06
N ASN C 892 -15.02 -15.75 60.29
CA ASN C 892 -15.60 -15.03 61.43
C ASN C 892 -15.06 -13.61 61.57
N VAL C 893 -14.03 -13.24 60.80
CA VAL C 893 -13.49 -11.88 60.81
C VAL C 893 -14.48 -10.90 60.21
N LEU C 894 -15.23 -11.34 59.19
CA LEU C 894 -16.33 -10.55 58.65
C LEU C 894 -17.47 -10.40 59.65
N TYR C 895 -17.71 -11.44 60.47
CA TYR C 895 -18.68 -11.32 61.56
C TYR C 895 -18.17 -10.42 62.68
N GLU C 896 -16.85 -10.33 62.87
CA GLU C 896 -16.28 -9.38 63.83
C GLU C 896 -16.44 -7.95 63.36
N ASN C 897 -16.11 -7.68 62.10
CA ASN C 897 -16.08 -6.33 61.56
C ASN C 897 -17.20 -6.08 60.57
N GLN C 898 -18.36 -6.73 60.78
CA GLN C 898 -19.42 -6.79 59.77
C GLN C 898 -20.13 -5.45 59.60
N LYS C 899 -20.34 -4.72 60.71
CA LYS C 899 -20.98 -3.40 60.65
C LYS C 899 -20.06 -2.37 59.99
N LEU C 900 -18.75 -2.48 60.21
CA LEU C 900 -17.79 -1.57 59.60
C LEU C 900 -17.66 -1.81 58.10
N ILE C 901 -17.64 -3.09 57.68
CA ILE C 901 -17.57 -3.45 56.26
C ILE C 901 -18.85 -3.04 55.53
N ALA C 902 -20.02 -3.23 56.18
CA ALA C 902 -21.29 -2.88 55.55
C ALA C 902 -21.50 -1.37 55.45
N ASN C 903 -21.09 -0.61 56.49
CA ASN C 903 -21.21 0.84 56.45
C ASN C 903 -20.21 1.47 55.48
N GLN C 904 -18.99 0.93 55.44
CA GLN C 904 -17.97 1.39 54.48
C GLN C 904 -18.37 1.02 53.06
N PHE C 905 -19.04 -0.14 52.90
CA PHE C 905 -19.50 -0.64 51.61
C PHE C 905 -20.65 0.21 51.06
N ASN C 906 -21.63 0.56 51.91
CA ASN C 906 -22.73 1.40 51.49
C ASN C 906 -22.31 2.86 51.27
N SER C 907 -21.37 3.35 52.09
CA SER C 907 -20.82 4.68 51.88
C SER C 907 -19.95 4.74 50.63
N ALA C 908 -19.29 3.63 50.27
CA ALA C 908 -18.51 3.56 49.05
C ALA C 908 -19.40 3.56 47.81
N ILE C 909 -20.54 2.84 47.85
CA ILE C 909 -21.53 2.90 46.76
C ILE C 909 -22.16 4.29 46.68
N GLY C 910 -22.32 4.98 47.81
CA GLY C 910 -22.68 6.38 47.80
C GLY C 910 -21.65 7.29 47.17
N LYS C 911 -20.35 6.98 47.34
CA LYS C 911 -19.31 7.72 46.62
C LYS C 911 -19.29 7.41 45.13
N ILE C 912 -19.64 6.18 44.71
CA ILE C 912 -19.83 5.88 43.28
C ILE C 912 -20.99 6.67 42.69
N GLN C 913 -22.09 6.79 43.46
CA GLN C 913 -23.25 7.57 43.02
C GLN C 913 -22.93 9.07 42.92
N ASP C 914 -22.16 9.59 43.89
CA ASP C 914 -21.74 10.99 43.84
C ASP C 914 -20.67 11.25 42.77
N SER C 915 -19.78 10.27 42.51
CA SER C 915 -18.75 10.43 41.51
C SER C 915 -19.31 10.32 40.09
N LEU C 916 -20.30 9.45 39.88
CA LEU C 916 -21.01 9.41 38.61
C LEU C 916 -21.89 10.63 38.44
N SER C 917 -22.35 11.23 39.55
CA SER C 917 -22.94 12.56 39.46
C SER C 917 -21.89 13.63 39.15
N SER C 918 -20.65 13.47 39.64
CA SER C 918 -19.62 14.50 39.46
C SER C 918 -18.81 14.31 38.19
N THR C 919 -18.07 13.12 38.05
CA THR C 919 -17.09 13.17 36.98
C THR C 919 -17.59 12.48 35.71
N PRO C 920 -17.16 12.94 34.54
CA PRO C 920 -17.43 12.21 33.30
C PRO C 920 -16.34 11.22 32.90
N SER C 921 -15.30 11.04 33.71
CA SER C 921 -14.21 10.13 33.36
C SER C 921 -14.62 8.67 33.48
N ALA C 922 -15.54 8.36 34.39
CA ALA C 922 -16.10 7.03 34.45
C ALA C 922 -17.09 6.82 33.30
N LEU C 923 -17.34 5.53 33.00
CA LEU C 923 -18.10 5.03 31.83
C LEU C 923 -17.53 5.57 30.53
N GLY C 924 -16.20 5.58 30.43
CA GLY C 924 -15.52 6.17 29.29
C GLY C 924 -15.43 5.28 28.06
N LYS C 925 -15.19 3.98 28.26
CA LYS C 925 -14.95 3.11 27.11
C LYS C 925 -16.24 2.58 26.49
N LEU C 926 -17.32 2.47 27.27
CA LEU C 926 -18.63 2.24 26.68
C LEU C 926 -19.13 3.45 25.90
N GLN C 927 -18.84 4.65 26.40
CA GLN C 927 -19.10 5.86 25.62
C GLN C 927 -18.22 5.92 24.39
N ASP C 928 -16.99 5.42 24.49
CA ASP C 928 -16.06 5.38 23.36
C ASP C 928 -16.51 4.40 22.29
N VAL C 929 -17.06 3.24 22.67
CA VAL C 929 -17.51 2.30 21.64
C VAL C 929 -18.87 2.74 21.07
N VAL C 930 -19.66 3.53 21.84
CA VAL C 930 -20.87 4.15 21.27
C VAL C 930 -20.51 5.22 20.23
N ASN C 931 -19.53 6.09 20.51
CA ASN C 931 -19.12 7.00 19.43
C ASN C 931 -18.27 6.33 18.35
N GLN C 932 -17.62 5.20 18.61
CA GLN C 932 -16.97 4.45 17.52
C GLN C 932 -17.99 3.85 16.56
N ASN C 933 -19.05 3.24 17.09
CA ASN C 933 -20.12 2.68 16.25
C ASN C 933 -20.92 3.78 15.55
N ALA C 934 -21.28 4.83 16.30
CA ALA C 934 -22.13 5.90 15.77
C ALA C 934 -21.35 6.77 14.79
N GLN C 935 -20.11 7.16 15.13
CA GLN C 935 -19.30 7.92 14.22
C GLN C 935 -18.77 7.08 13.05
N ALA C 936 -18.66 5.75 13.20
CA ALA C 936 -18.31 4.91 12.05
C ALA C 936 -19.46 4.81 11.07
N LEU C 937 -20.69 4.68 11.59
CA LEU C 937 -21.89 4.70 10.75
C LEU C 937 -22.07 6.06 10.08
N ASN C 938 -21.82 7.14 10.82
CA ASN C 938 -21.94 8.48 10.27
C ASN C 938 -20.80 8.87 9.34
N THR C 939 -19.59 8.33 9.49
CA THR C 939 -18.58 8.59 8.46
C THR C 939 -18.74 7.64 7.29
N LEU C 940 -19.54 6.57 7.44
CA LEU C 940 -19.95 5.84 6.25
C LEU C 940 -20.98 6.65 5.46
N VAL C 941 -21.89 7.33 6.17
CA VAL C 941 -22.95 8.09 5.50
C VAL C 941 -22.38 9.35 4.83
N LYS C 942 -21.45 10.07 5.47
CA LYS C 942 -20.86 11.22 4.77
C LYS C 942 -19.79 10.84 3.75
N GLN C 943 -19.42 9.56 3.63
CA GLN C 943 -18.50 9.13 2.58
C GLN C 943 -19.19 8.97 1.23
N LEU C 944 -20.52 9.04 1.21
CA LEU C 944 -21.32 9.13 -0.01
C LEU C 944 -21.36 10.53 -0.60
N SER C 945 -20.76 11.53 0.07
CA SER C 945 -20.49 12.82 -0.54
C SER C 945 -19.15 12.87 -1.25
N SER C 946 -18.33 11.83 -1.11
CA SER C 946 -17.00 11.79 -1.71
C SER C 946 -17.06 11.31 -3.16
N ASN C 947 -16.39 12.06 -4.05
CA ASN C 947 -16.61 11.97 -5.48
C ASN C 947 -16.02 10.72 -6.11
N PHE C 948 -14.92 10.20 -5.52
CA PHE C 948 -14.21 8.98 -5.92
C PHE C 948 -13.68 9.02 -7.36
N GLY C 949 -13.28 10.20 -7.84
CA GLY C 949 -12.75 10.31 -9.18
C GLY C 949 -13.79 10.47 -10.27
N ALA C 950 -15.08 10.44 -9.93
CA ALA C 950 -16.15 10.69 -10.87
C ALA C 950 -16.36 12.19 -11.04
N ILE C 951 -17.38 12.56 -11.83
CA ILE C 951 -17.74 13.98 -11.92
C ILE C 951 -18.42 14.44 -10.63
N SER C 952 -19.10 13.53 -9.92
CA SER C 952 -19.79 13.84 -8.68
C SER C 952 -19.99 12.54 -7.91
N SER C 953 -20.31 12.69 -6.64
CA SER C 953 -20.78 11.56 -5.84
C SER C 953 -22.28 11.35 -5.99
N VAL C 954 -22.97 12.30 -6.58
CA VAL C 954 -24.42 12.27 -6.71
C VAL C 954 -24.77 11.30 -7.84
N LEU C 955 -25.77 10.44 -7.60
CA LEU C 955 -26.32 9.59 -8.66
C LEU C 955 -26.94 10.41 -9.77
N ASN C 956 -27.68 11.46 -9.40
CA ASN C 956 -28.56 12.19 -10.30
C ASN C 956 -27.78 13.04 -11.31
N ASP C 957 -26.62 13.58 -10.91
CA ASP C 957 -25.74 14.28 -11.85
C ASP C 957 -25.17 13.32 -12.90
N ILE C 958 -24.79 12.11 -12.48
CA ILE C 958 -24.21 11.15 -13.41
C ILE C 958 -25.29 10.57 -14.33
N LEU C 959 -26.53 10.45 -13.85
CA LEU C 959 -27.64 10.07 -14.71
C LEU C 959 -28.00 11.18 -15.71
N SER C 960 -28.14 12.41 -15.23
CA SER C 960 -28.67 13.49 -16.07
C SER C 960 -27.64 14.05 -17.05
N ARG C 961 -26.36 14.12 -16.66
CA ARG C 961 -25.37 14.77 -17.51
C ARG C 961 -24.92 13.90 -18.68
N LEU C 962 -25.03 12.58 -18.60
CA LEU C 962 -24.41 11.72 -19.60
C LEU C 962 -25.40 10.73 -20.20
N ASP C 963 -25.19 10.41 -21.48
CA ASP C 963 -25.76 9.22 -22.10
C ASP C 963 -25.02 7.97 -21.67
N LYS C 964 -25.76 6.86 -21.66
CA LYS C 964 -25.40 5.60 -21.01
C LYS C 964 -24.08 4.91 -21.43
N PRO C 965 -23.65 4.83 -22.72
CA PRO C 965 -22.31 4.24 -22.95
C PRO C 965 -21.13 5.09 -22.49
N GLU C 966 -21.26 6.41 -22.48
CA GLU C 966 -20.25 7.22 -21.81
C GLU C 966 -20.44 7.17 -20.30
N ALA C 967 -21.68 6.97 -19.84
CA ALA C 967 -21.98 6.86 -18.41
C ALA C 967 -21.75 5.47 -17.84
N GLU C 968 -21.22 4.53 -18.63
CA GLU C 968 -20.72 3.27 -18.09
C GLU C 968 -19.58 3.52 -17.11
N VAL C 969 -18.65 4.39 -17.50
CA VAL C 969 -17.35 4.51 -16.83
C VAL C 969 -17.49 5.23 -15.49
N GLN C 970 -18.36 6.24 -15.42
CA GLN C 970 -18.54 7.00 -14.19
C GLN C 970 -19.31 6.23 -13.12
N ILE C 971 -20.31 5.43 -13.51
CA ILE C 971 -20.94 4.59 -12.50
C ILE C 971 -20.09 3.37 -12.17
N ASP C 972 -19.19 2.95 -13.06
CA ASP C 972 -18.20 1.94 -12.65
C ASP C 972 -17.19 2.53 -11.68
N ARG C 973 -16.88 3.84 -11.81
CA ARG C 973 -16.10 4.54 -10.80
C ARG C 973 -16.87 4.65 -9.49
N LEU C 974 -18.19 4.81 -9.55
CA LEU C 974 -19.00 4.84 -8.32
C LEU C 974 -19.11 3.46 -7.65
N ILE C 975 -19.27 2.39 -8.44
CA ILE C 975 -19.34 1.03 -7.89
C ILE C 975 -17.98 0.59 -7.33
N THR C 976 -16.88 0.89 -8.03
CA THR C 976 -15.55 0.60 -7.48
C THR C 976 -15.20 1.49 -6.30
N GLY C 977 -15.67 2.74 -6.31
CA GLY C 977 -15.43 3.63 -5.18
C GLY C 977 -16.21 3.24 -3.94
N ARG C 978 -17.50 2.94 -4.08
CA ARG C 978 -18.25 2.50 -2.92
C ARG C 978 -18.03 1.05 -2.56
N LEU C 979 -17.48 0.22 -3.46
CA LEU C 979 -16.99 -1.08 -3.03
C LEU C 979 -15.67 -0.95 -2.28
N GLN C 980 -14.83 0.03 -2.66
CA GLN C 980 -13.63 0.30 -1.87
C GLN C 980 -13.96 0.94 -0.53
N SER C 981 -14.97 1.82 -0.51
CA SER C 981 -15.44 2.46 0.72
C SER C 981 -16.13 1.47 1.64
N LEU C 982 -17.03 0.64 1.09
CA LEU C 982 -17.71 -0.36 1.87
C LEU C 982 -16.79 -1.53 2.21
N GLN C 983 -15.76 -1.79 1.41
CA GLN C 983 -14.80 -2.82 1.74
C GLN C 983 -13.83 -2.35 2.81
N THR C 984 -13.48 -1.05 2.79
CA THR C 984 -12.75 -0.42 3.89
C THR C 984 -13.57 -0.43 5.17
N TYR C 985 -14.89 -0.18 5.03
CA TYR C 985 -15.80 -0.22 6.17
C TYR C 985 -15.97 -1.62 6.73
N VAL C 986 -16.25 -2.62 5.88
CA VAL C 986 -16.47 -4.00 6.32
C VAL C 986 -15.16 -4.63 6.80
N THR C 987 -14.02 -4.24 6.20
CA THR C 987 -12.70 -4.65 6.67
C THR C 987 -12.41 -4.07 8.05
N GLN C 988 -12.76 -2.80 8.26
CA GLN C 988 -12.63 -2.16 9.57
C GLN C 988 -13.66 -2.72 10.57
N GLN C 989 -14.82 -3.17 10.09
CA GLN C 989 -15.80 -3.80 10.97
C GLN C 989 -15.39 -5.20 11.39
N LEU C 990 -14.73 -5.98 10.54
CA LEU C 990 -14.22 -7.26 11.01
C LEU C 990 -12.95 -7.12 11.85
N ILE C 991 -12.08 -6.13 11.61
CA ILE C 991 -10.97 -5.92 12.55
C ILE C 991 -11.46 -5.34 13.88
N ARG C 992 -12.36 -4.35 13.84
CA ARG C 992 -12.95 -3.78 15.04
C ARG C 992 -13.85 -4.78 15.75
N ALA C 993 -14.57 -5.62 15.01
CA ALA C 993 -15.38 -6.67 15.60
C ALA C 993 -14.55 -7.85 16.06
N ALA C 994 -13.35 -8.03 15.53
CA ALA C 994 -12.41 -8.96 16.16
C ALA C 994 -11.90 -8.41 17.49
N GLU C 995 -11.72 -7.09 17.56
CA GLU C 995 -11.31 -6.46 18.82
C GLU C 995 -12.45 -6.47 19.84
N ILE C 996 -13.67 -6.20 19.39
CA ILE C 996 -14.87 -6.28 20.23
C ILE C 996 -15.22 -7.75 20.53
N ARG C 997 -14.84 -8.67 19.65
CA ARG C 997 -15.04 -10.09 19.92
C ARG C 997 -14.03 -10.62 20.94
N ALA C 998 -12.78 -10.15 20.89
CA ALA C 998 -11.80 -10.46 21.93
C ALA C 998 -12.18 -9.79 23.24
N SER C 999 -12.74 -8.58 23.17
CA SER C 999 -13.30 -7.91 24.34
C SER C 999 -14.57 -8.60 24.84
N ALA C 1000 -15.29 -9.30 23.97
CA ALA C 1000 -16.53 -9.97 24.34
C ALA C 1000 -16.29 -11.35 24.94
N ASN C 1001 -15.31 -12.10 24.42
CA ASN C 1001 -14.82 -13.28 25.12
C ASN C 1001 -14.09 -12.91 26.40
N LEU C 1002 -13.42 -11.73 26.41
CA LEU C 1002 -12.86 -11.17 27.63
C LEU C 1002 -13.95 -10.86 28.65
N ALA C 1003 -15.04 -10.25 28.20
CA ALA C 1003 -16.15 -9.89 29.08
C ALA C 1003 -16.94 -11.12 29.52
N ALA C 1004 -17.03 -12.15 28.66
CA ALA C 1004 -17.59 -13.42 29.06
C ALA C 1004 -16.72 -14.13 30.09
N THR C 1005 -15.39 -13.98 29.98
CA THR C 1005 -14.48 -14.48 31.01
C THR C 1005 -14.62 -13.69 32.31
N LYS C 1006 -14.80 -12.36 32.21
CA LYS C 1006 -15.05 -11.52 33.39
C LYS C 1006 -16.37 -11.83 34.09
N MET C 1007 -17.44 -12.09 33.34
CA MET C 1007 -18.66 -12.61 33.97
C MET C 1007 -18.46 -14.01 34.53
N SER C 1008 -17.72 -14.87 33.82
CA SER C 1008 -17.65 -16.27 34.21
C SER C 1008 -16.68 -16.55 35.35
N GLU C 1009 -15.75 -15.64 35.67
CA GLU C 1009 -14.96 -15.80 36.89
C GLU C 1009 -14.98 -14.56 37.79
N CYS C 1010 -15.81 -13.57 37.50
CA CYS C 1010 -15.96 -12.41 38.37
C CYS C 1010 -17.39 -12.13 38.75
N VAL C 1011 -18.37 -12.61 37.99
CA VAL C 1011 -19.76 -12.65 38.40
C VAL C 1011 -20.18 -14.06 38.78
N LEU C 1012 -19.84 -15.03 37.94
CA LEU C 1012 -20.08 -16.44 38.17
C LEU C 1012 -18.99 -17.13 38.97
N GLY C 1013 -17.99 -16.38 39.43
CA GLY C 1013 -16.94 -16.97 40.24
C GLY C 1013 -16.08 -15.89 40.88
N GLN C 1014 -14.98 -16.33 41.48
CA GLN C 1014 -14.00 -15.43 42.10
C GLN C 1014 -12.69 -15.51 41.34
N SER C 1015 -12.18 -14.37 40.91
CA SER C 1015 -11.01 -14.29 40.04
C SER C 1015 -9.73 -14.23 40.86
N LYS C 1016 -8.80 -15.14 40.57
CA LYS C 1016 -7.48 -15.16 41.19
C LYS C 1016 -6.41 -14.47 40.35
N ARG C 1017 -6.79 -13.92 39.20
CA ARG C 1017 -5.84 -13.30 38.28
C ARG C 1017 -5.61 -11.86 38.68
N VAL C 1018 -4.34 -11.49 38.84
CA VAL C 1018 -3.97 -10.19 39.40
C VAL C 1018 -4.16 -9.10 38.35
N ASP C 1019 -4.91 -8.06 38.72
CA ASP C 1019 -5.29 -6.89 37.91
C ASP C 1019 -6.07 -7.25 36.65
N PHE C 1020 -6.79 -8.37 36.68
CA PHE C 1020 -7.74 -8.71 35.63
C PHE C 1020 -9.13 -8.29 36.07
N CYS C 1021 -9.57 -8.78 37.23
CA CYS C 1021 -10.70 -8.25 37.98
C CYS C 1021 -10.34 -7.78 39.38
N GLY C 1022 -9.21 -8.20 39.94
CA GLY C 1022 -8.90 -7.98 41.34
C GLY C 1022 -7.95 -6.82 41.57
N LYS C 1023 -8.16 -6.14 42.70
CA LYS C 1023 -7.28 -5.07 43.18
C LYS C 1023 -7.13 -5.29 44.69
N GLY C 1024 -6.03 -5.90 45.09
CA GLY C 1024 -5.83 -6.30 46.48
C GLY C 1024 -6.40 -7.69 46.71
N TYR C 1025 -7.72 -7.77 46.90
CA TYR C 1025 -8.45 -9.00 46.66
C TYR C 1025 -9.32 -8.80 45.45
N HIS C 1026 -9.93 -9.89 45.02
CA HIS C 1026 -11.17 -9.84 44.25
C HIS C 1026 -12.25 -10.49 45.09
N LEU C 1027 -13.29 -9.73 45.40
CA LEU C 1027 -14.42 -10.34 46.10
C LEU C 1027 -15.52 -10.69 45.12
N MET C 1028 -16.18 -9.69 44.52
CA MET C 1028 -17.35 -9.94 43.69
C MET C 1028 -17.62 -8.72 42.83
N SER C 1029 -18.54 -8.88 41.88
CA SER C 1029 -18.92 -7.77 41.02
C SER C 1029 -20.39 -7.87 40.65
N PHE C 1030 -20.89 -6.79 40.07
CA PHE C 1030 -22.31 -6.64 39.75
C PHE C 1030 -22.44 -6.25 38.29
N PRO C 1031 -23.05 -7.10 37.44
CA PRO C 1031 -23.19 -6.74 36.02
C PRO C 1031 -24.32 -5.76 35.70
N GLN C 1032 -24.07 -4.48 35.95
CA GLN C 1032 -25.06 -3.45 35.70
C GLN C 1032 -25.11 -3.13 34.21
N SER C 1033 -26.30 -3.20 33.64
CA SER C 1033 -26.45 -3.11 32.20
C SER C 1033 -26.29 -1.67 31.72
N ALA C 1034 -26.12 -1.54 30.40
CA ALA C 1034 -25.76 -0.30 29.75
C ALA C 1034 -26.09 -0.45 28.26
N PRO C 1035 -26.22 0.65 27.51
CA PRO C 1035 -26.34 0.51 26.05
C PRO C 1035 -25.05 0.02 25.42
N HIS C 1036 -25.14 -1.16 24.77
CA HIS C 1036 -24.06 -1.86 24.07
C HIS C 1036 -22.88 -2.18 25.00
N GLY C 1037 -23.17 -2.84 26.11
CA GLY C 1037 -22.12 -3.32 26.99
C GLY C 1037 -22.64 -3.62 28.37
N VAL C 1038 -21.71 -3.68 29.33
CA VAL C 1038 -22.02 -3.92 30.73
C VAL C 1038 -20.98 -3.16 31.55
N VAL C 1039 -21.37 -2.75 32.76
CA VAL C 1039 -20.47 -2.07 33.69
C VAL C 1039 -20.31 -2.94 34.94
N PHE C 1040 -19.07 -3.27 35.26
CA PHE C 1040 -18.73 -4.04 36.45
C PHE C 1040 -18.50 -3.11 37.63
N LEU C 1041 -18.76 -3.61 38.83
CA LEU C 1041 -18.54 -2.86 40.08
C LEU C 1041 -17.83 -3.78 41.07
N HIS C 1042 -16.50 -3.69 41.11
CA HIS C 1042 -15.69 -4.59 41.92
C HIS C 1042 -15.50 -4.02 43.32
N VAL C 1043 -15.89 -4.79 44.33
CA VAL C 1043 -15.61 -4.43 45.72
C VAL C 1043 -14.16 -4.84 46.03
N THR C 1044 -13.25 -3.87 45.87
CA THR C 1044 -11.82 -4.15 45.99
C THR C 1044 -11.42 -4.04 47.46
N TYR C 1045 -10.11 -4.16 47.73
CA TYR C 1045 -9.67 -4.43 49.08
C TYR C 1045 -8.28 -3.84 49.26
N VAL C 1046 -8.08 -3.06 50.33
CA VAL C 1046 -6.82 -2.39 50.59
C VAL C 1046 -6.33 -2.78 51.99
N PRO C 1047 -5.16 -3.39 52.15
CA PRO C 1047 -4.57 -3.54 53.49
C PRO C 1047 -4.02 -2.21 53.99
N ALA C 1048 -4.58 -1.73 55.09
CA ALA C 1048 -4.42 -0.33 55.47
C ALA C 1048 -3.15 -0.10 56.30
N GLN C 1049 -3.05 -0.75 57.45
CA GLN C 1049 -2.03 -0.40 58.43
C GLN C 1049 -1.22 -1.62 58.83
N GLU C 1050 0.11 -1.52 58.73
CA GLU C 1050 1.04 -2.60 59.02
C GLU C 1050 2.21 -2.07 59.84
N LYS C 1051 2.74 -2.93 60.71
CA LYS C 1051 3.90 -2.60 61.54
C LYS C 1051 4.92 -3.73 61.49
N ASN C 1052 6.18 -3.36 61.71
CA ASN C 1052 7.30 -4.29 61.56
C ASN C 1052 7.40 -5.22 62.76
N PHE C 1053 7.55 -6.52 62.50
CA PHE C 1053 7.64 -7.55 63.53
C PHE C 1053 8.91 -8.35 63.36
N THR C 1054 9.12 -9.29 64.29
CA THR C 1054 10.25 -10.21 64.26
C THR C 1054 9.71 -11.64 64.25
N THR C 1055 10.15 -12.43 63.26
CA THR C 1055 9.65 -13.79 63.09
C THR C 1055 10.79 -14.77 62.87
N ALA C 1056 10.48 -16.04 63.08
CA ALA C 1056 11.34 -17.20 62.86
C ALA C 1056 10.58 -18.21 62.03
N PRO C 1057 11.29 -19.03 61.23
CA PRO C 1057 10.59 -20.09 60.49
C PRO C 1057 10.06 -21.22 61.38
N ALA C 1058 10.70 -21.48 62.51
CA ALA C 1058 10.27 -22.54 63.40
C ALA C 1058 10.63 -22.17 64.84
N ILE C 1059 10.09 -22.94 65.78
CA ILE C 1059 10.34 -22.73 67.20
C ILE C 1059 10.92 -24.05 67.71
N CYS C 1060 11.74 -23.99 68.77
CA CYS C 1060 12.43 -25.17 69.28
C CYS C 1060 11.94 -25.47 70.69
N HIS C 1061 11.53 -26.72 70.93
CA HIS C 1061 10.98 -27.11 72.22
C HIS C 1061 11.85 -28.12 72.95
N ASP C 1062 12.11 -29.30 72.35
CA ASP C 1062 12.84 -30.38 73.00
C ASP C 1062 13.86 -30.99 72.06
N GLY C 1063 14.57 -30.15 71.31
CA GLY C 1063 15.51 -30.63 70.31
C GLY C 1063 14.87 -31.05 69.01
N LYS C 1064 13.58 -30.81 68.82
CA LYS C 1064 12.88 -31.08 67.57
C LYS C 1064 12.21 -29.80 67.10
N ALA C 1065 12.31 -29.52 65.81
CA ALA C 1065 11.75 -28.29 65.25
C ALA C 1065 10.24 -28.40 65.13
N HIS C 1066 9.54 -27.41 65.65
CA HIS C 1066 8.08 -27.36 65.58
C HIS C 1066 7.67 -26.37 64.50
N PHE C 1067 6.80 -26.81 63.60
CA PHE C 1067 6.31 -25.96 62.53
C PHE C 1067 4.86 -25.57 62.76
N PRO C 1068 4.45 -24.36 62.40
CA PRO C 1068 3.03 -24.01 62.50
C PRO C 1068 2.23 -24.47 61.28
N ARG C 1069 0.93 -24.65 61.49
CA ARG C 1069 0.07 -25.18 60.44
C ARG C 1069 -0.32 -24.11 59.44
N GLU C 1070 -1.03 -23.08 59.90
CA GLU C 1070 -1.43 -21.94 59.08
C GLU C 1070 -1.01 -20.63 59.73
N GLY C 1071 0.07 -20.66 60.52
CA GLY C 1071 0.48 -19.53 61.32
C GLY C 1071 1.89 -19.06 61.03
N VAL C 1072 2.24 -17.93 61.66
CA VAL C 1072 3.61 -17.45 61.78
C VAL C 1072 3.89 -17.13 63.25
N PHE C 1073 5.13 -17.37 63.67
CA PHE C 1073 5.54 -17.11 65.03
C PHE C 1073 5.99 -15.66 65.15
N VAL C 1074 5.28 -14.86 65.95
CA VAL C 1074 5.61 -13.45 66.11
C VAL C 1074 5.99 -13.21 67.57
N SER C 1075 6.77 -12.14 67.79
CA SER C 1075 7.28 -11.79 69.10
C SER C 1075 7.11 -10.31 69.36
N ASN C 1076 6.77 -9.98 70.60
CA ASN C 1076 6.76 -8.58 71.05
C ASN C 1076 8.14 -8.10 71.50
N GLY C 1077 9.11 -9.00 71.61
CA GLY C 1077 10.43 -8.65 72.08
C GLY C 1077 10.92 -9.60 73.15
N THR C 1078 10.00 -10.09 73.98
CA THR C 1078 10.33 -11.00 75.08
C THR C 1078 9.67 -12.36 74.96
N HIS C 1079 8.42 -12.43 74.51
CA HIS C 1079 7.66 -13.67 74.49
C HIS C 1079 7.17 -13.95 73.08
N TRP C 1080 6.97 -15.23 72.78
CA TRP C 1080 6.62 -15.68 71.44
C TRP C 1080 5.16 -16.10 71.38
N PHE C 1081 4.50 -15.72 70.28
CA PHE C 1081 3.08 -15.97 70.06
C PHE C 1081 2.88 -16.45 68.64
N VAL C 1082 1.67 -16.96 68.36
CA VAL C 1082 1.33 -17.46 67.04
C VAL C 1082 -0.08 -16.99 66.67
N THR C 1083 -0.23 -16.58 65.41
CA THR C 1083 -1.53 -16.29 64.79
C THR C 1083 -1.38 -16.49 63.29
N GLN C 1084 -2.53 -16.49 62.60
CA GLN C 1084 -2.57 -16.63 61.16
C GLN C 1084 -2.00 -15.40 60.45
N ARG C 1085 -1.64 -15.58 59.17
CA ARG C 1085 -0.87 -14.61 58.41
C ARG C 1085 -1.66 -13.37 58.01
N ASN C 1086 -2.99 -13.38 58.14
CA ASN C 1086 -3.82 -12.38 57.50
C ASN C 1086 -4.44 -11.36 58.45
N PHE C 1087 -4.36 -11.57 59.77
CA PHE C 1087 -4.86 -10.59 60.71
C PHE C 1087 -4.02 -10.61 61.98
N TYR C 1088 -3.76 -9.42 62.53
CA TYR C 1088 -2.85 -9.25 63.66
C TYR C 1088 -3.66 -9.35 64.96
N GLU C 1089 -3.80 -10.58 65.46
CA GLU C 1089 -4.34 -10.81 66.80
C GLU C 1089 -3.68 -12.08 67.34
N PRO C 1090 -2.56 -11.95 68.06
CA PRO C 1090 -1.78 -13.14 68.45
C PRO C 1090 -2.41 -13.97 69.56
N GLN C 1091 -2.21 -15.28 69.48
CA GLN C 1091 -2.66 -16.24 70.48
C GLN C 1091 -1.46 -16.99 71.08
N ILE C 1092 -1.77 -17.90 72.00
CA ILE C 1092 -0.77 -18.62 72.78
C ILE C 1092 -0.26 -19.81 71.95
N ILE C 1093 1.06 -19.98 71.93
CA ILE C 1093 1.68 -21.15 71.29
C ILE C 1093 1.35 -22.39 72.12
N THR C 1094 0.58 -23.31 71.54
CA THR C 1094 0.18 -24.56 72.16
C THR C 1094 0.66 -25.73 71.31
N THR C 1095 0.37 -26.94 71.79
CA THR C 1095 0.68 -28.15 71.02
C THR C 1095 -0.34 -28.41 69.93
N ASP C 1096 -1.52 -27.78 69.98
CA ASP C 1096 -2.52 -27.95 68.93
C ASP C 1096 -2.16 -27.16 67.68
N ASN C 1097 -1.58 -25.96 67.85
CA ASN C 1097 -1.25 -25.10 66.72
C ASN C 1097 0.05 -25.48 66.03
N THR C 1098 0.88 -26.32 66.66
CA THR C 1098 2.18 -26.68 66.12
C THR C 1098 2.25 -28.19 65.89
N PHE C 1099 3.11 -28.58 64.95
CA PHE C 1099 3.39 -29.99 64.70
C PHE C 1099 4.90 -30.19 64.56
N VAL C 1100 5.35 -31.41 64.85
CA VAL C 1100 6.76 -31.73 64.95
C VAL C 1100 7.27 -32.11 63.56
N SER C 1101 8.30 -31.42 63.07
CA SER C 1101 8.91 -31.74 61.79
C SER C 1101 10.38 -31.35 61.85
N GLY C 1102 11.26 -32.35 61.87
CA GLY C 1102 12.69 -32.10 61.88
C GLY C 1102 13.21 -31.74 63.26
N ASN C 1103 14.51 -31.45 63.30
CA ASN C 1103 15.21 -31.09 64.52
C ASN C 1103 15.71 -29.64 64.48
N CYS C 1104 16.17 -29.15 65.63
CA CYS C 1104 16.49 -27.74 65.80
C CYS C 1104 17.84 -27.33 65.23
N ASP C 1105 18.72 -28.28 64.91
CA ASP C 1105 20.07 -27.92 64.49
C ASP C 1105 20.21 -27.75 62.99
N VAL C 1106 19.12 -27.80 62.23
CA VAL C 1106 19.14 -27.55 60.80
C VAL C 1106 18.34 -26.30 60.43
N VAL C 1107 17.90 -25.52 61.41
CA VAL C 1107 17.04 -24.36 61.19
C VAL C 1107 17.85 -23.10 61.51
N ILE C 1108 17.97 -22.22 60.54
CA ILE C 1108 18.68 -20.96 60.72
C ILE C 1108 17.77 -19.97 61.44
N GLY C 1109 18.20 -19.51 62.61
CA GLY C 1109 17.43 -18.54 63.37
C GLY C 1109 16.38 -19.11 64.28
N ILE C 1110 16.48 -20.38 64.67
CA ILE C 1110 15.50 -21.00 65.55
C ILE C 1110 15.72 -20.52 66.98
N VAL C 1111 14.64 -20.41 67.75
CA VAL C 1111 14.67 -19.92 69.12
C VAL C 1111 14.14 -21.03 70.02
N ASN C 1112 14.85 -21.29 71.11
CA ASN C 1112 14.33 -22.22 72.13
C ASN C 1112 13.15 -21.60 72.86
N ASN C 1113 12.16 -22.43 73.17
CA ASN C 1113 11.00 -22.00 73.95
C ASN C 1113 10.41 -23.16 74.75
N GLN D 1 44.43 -1.85 -23.39
CA GLN D 1 44.79 -0.80 -24.33
C GLN D 1 44.61 -1.45 -25.69
N VAL D 2 43.66 -0.92 -26.48
CA VAL D 2 43.34 -1.49 -27.78
C VAL D 2 44.42 -1.08 -28.78
N GLN D 3 45.06 -2.08 -29.40
CA GLN D 3 46.08 -1.82 -30.40
C GLN D 3 45.83 -2.71 -31.61
N LEU D 4 46.21 -2.20 -32.79
CA LEU D 4 46.04 -2.89 -34.05
C LEU D 4 47.41 -3.04 -34.71
N VAL D 5 47.83 -4.28 -34.95
CA VAL D 5 49.15 -4.59 -35.48
C VAL D 5 48.97 -5.18 -36.88
N GLN D 6 49.58 -4.54 -37.87
CA GLN D 6 49.57 -5.04 -39.24
C GLN D 6 50.87 -5.77 -39.54
N SER D 7 50.94 -6.34 -40.75
CA SER D 7 52.04 -7.18 -41.15
C SER D 7 53.16 -6.36 -41.79
N GLY D 8 54.16 -7.07 -42.32
CA GLY D 8 55.28 -6.43 -42.98
C GLY D 8 54.93 -5.93 -44.37
N ALA D 9 55.90 -5.26 -44.99
CA ALA D 9 55.71 -4.64 -46.30
C ALA D 9 55.64 -5.69 -47.40
N GLU D 10 54.98 -5.32 -48.50
CA GLU D 10 54.70 -6.22 -49.60
C GLU D 10 55.43 -5.74 -50.85
N VAL D 11 56.08 -6.65 -51.55
CA VAL D 11 56.61 -6.40 -52.89
C VAL D 11 55.92 -7.36 -53.86
N LYS D 12 55.38 -6.81 -54.95
CA LYS D 12 54.56 -7.56 -55.90
C LYS D 12 54.84 -7.10 -57.32
N LYS D 13 54.37 -7.91 -58.28
CA LYS D 13 54.19 -7.95 -59.71
C LYS D 13 52.72 -7.65 -60.04
N PRO D 14 52.43 -7.03 -61.19
CA PRO D 14 51.03 -6.81 -61.58
C PRO D 14 50.28 -8.10 -61.87
N GLY D 15 49.00 -8.11 -61.51
CA GLY D 15 48.15 -9.28 -61.68
C GLY D 15 48.15 -10.26 -60.53
N ALA D 16 48.96 -10.03 -59.50
CA ALA D 16 49.04 -10.95 -58.37
C ALA D 16 48.00 -10.57 -57.32
N SER D 17 48.08 -11.21 -56.15
CA SER D 17 47.13 -10.99 -55.07
C SER D 17 47.86 -10.79 -53.74
N VAL D 18 47.26 -9.98 -52.87
CA VAL D 18 47.87 -9.63 -51.59
C VAL D 18 47.22 -10.46 -50.47
N LYS D 19 47.87 -10.44 -49.32
CA LYS D 19 47.37 -11.09 -48.10
C LYS D 19 47.60 -10.16 -46.90
N VAL D 20 47.09 -8.93 -47.03
CA VAL D 20 47.24 -7.90 -46.00
C VAL D 20 46.46 -8.27 -44.75
N SER D 21 47.12 -8.19 -43.59
CA SER D 21 46.59 -8.69 -42.33
C SER D 21 46.59 -7.58 -41.28
N CYS D 22 45.76 -7.77 -40.25
CA CYS D 22 45.65 -6.81 -39.15
C CYS D 22 45.29 -7.59 -37.88
N LYS D 23 46.27 -7.83 -37.03
CA LYS D 23 46.09 -8.62 -35.82
C LYS D 23 45.72 -7.72 -34.65
N ALA D 24 44.76 -8.17 -33.84
CA ALA D 24 44.29 -7.43 -32.67
C ALA D 24 44.29 -8.33 -31.45
N SER D 25 44.58 -7.73 -30.30
CA SER D 25 44.63 -8.47 -29.04
C SER D 25 44.25 -7.55 -27.90
N GLY D 26 43.90 -8.16 -26.76
CA GLY D 26 43.52 -7.43 -25.57
C GLY D 26 42.05 -7.09 -25.46
N TYR D 27 41.25 -7.43 -26.46
CA TYR D 27 39.84 -7.10 -26.47
C TYR D 27 39.10 -8.16 -27.28
N THR D 28 37.78 -8.23 -27.10
CA THR D 28 36.96 -9.22 -27.79
C THR D 28 36.78 -8.76 -29.24
N PHE D 29 37.45 -9.47 -30.15
CA PHE D 29 37.59 -8.99 -31.53
C PHE D 29 36.30 -9.21 -32.34
N SER D 30 35.56 -10.29 -32.04
CA SER D 30 34.42 -10.69 -32.85
C SER D 30 33.22 -9.76 -32.72
N SER D 31 33.09 -9.05 -31.61
CA SER D 31 31.95 -8.16 -31.42
C SER D 31 32.08 -6.85 -32.20
N TYR D 32 33.29 -6.48 -32.60
CA TYR D 32 33.58 -5.13 -33.05
C TYR D 32 33.94 -5.14 -34.53
N ASP D 33 33.42 -4.17 -35.28
CA ASP D 33 33.46 -4.21 -36.73
C ASP D 33 34.69 -3.51 -37.29
N ILE D 34 35.23 -4.03 -38.39
CA ILE D 34 36.53 -3.61 -38.94
C ILE D 34 36.33 -3.08 -40.36
N ASN D 35 36.84 -1.87 -40.62
CA ASN D 35 36.91 -1.30 -41.96
C ASN D 35 38.35 -1.25 -42.45
N TRP D 36 38.51 -1.28 -43.77
CA TRP D 36 39.80 -1.12 -44.42
C TRP D 36 39.78 0.17 -45.23
N VAL D 37 40.76 1.02 -45.00
CA VAL D 37 40.89 2.32 -45.67
C VAL D 37 42.25 2.38 -46.34
N ARG D 38 42.28 2.68 -47.62
CA ARG D 38 43.54 2.84 -48.34
C ARG D 38 43.88 4.32 -48.51
N GLN D 39 45.17 4.60 -48.72
CA GLN D 39 45.64 5.97 -48.93
C GLN D 39 46.86 5.93 -49.84
N ALA D 40 46.70 6.44 -51.05
CA ALA D 40 47.84 6.68 -51.92
C ALA D 40 48.63 7.89 -51.42
N PRO D 41 49.94 7.94 -51.69
CA PRO D 41 50.70 9.17 -51.38
C PRO D 41 50.27 10.34 -52.24
N GLY D 42 49.75 11.38 -51.59
CA GLY D 42 49.23 12.55 -52.25
C GLY D 42 47.72 12.58 -52.42
N GLN D 43 47.01 11.60 -51.86
CA GLN D 43 45.57 11.49 -51.99
C GLN D 43 44.92 11.39 -50.62
N GLY D 44 43.62 11.65 -50.57
CA GLY D 44 42.86 11.51 -49.35
C GLY D 44 42.59 10.06 -48.99
N LEU D 45 42.07 9.87 -47.77
CA LEU D 45 41.72 8.55 -47.29
C LEU D 45 40.47 8.04 -48.00
N GLU D 46 40.52 6.79 -48.47
CA GLU D 46 39.48 6.22 -49.31
C GLU D 46 38.89 4.98 -48.64
N TRP D 47 37.58 5.00 -48.42
CA TRP D 47 36.90 3.87 -47.82
C TRP D 47 36.74 2.74 -48.83
N MET D 48 37.10 1.52 -48.42
CA MET D 48 37.06 0.36 -49.29
C MET D 48 35.91 -0.58 -48.98
N GLY D 49 35.63 -0.82 -47.71
CA GLY D 49 34.53 -1.68 -47.34
C GLY D 49 34.37 -1.73 -45.84
N TRP D 50 33.37 -2.51 -45.40
CA TRP D 50 33.13 -2.75 -43.99
C TRP D 50 32.93 -4.23 -43.77
N MET D 51 33.34 -4.71 -42.60
CA MET D 51 33.36 -6.13 -42.29
C MET D 51 32.88 -6.39 -40.87
N SER D 52 31.95 -7.33 -40.73
CA SER D 52 31.58 -7.84 -39.41
C SER D 52 32.25 -9.18 -39.19
N PRO D 53 33.08 -9.34 -38.15
CA PRO D 53 33.85 -10.59 -38.03
C PRO D 53 33.08 -11.80 -37.54
N ASN D 54 32.12 -11.62 -36.63
CA ASN D 54 31.43 -12.78 -36.05
C ASN D 54 30.41 -13.35 -37.04
N SER D 55 29.60 -12.47 -37.65
CA SER D 55 28.61 -12.93 -38.62
C SER D 55 29.24 -13.28 -39.95
N GLY D 56 30.32 -12.61 -40.33
CA GLY D 56 30.96 -12.84 -41.61
C GLY D 56 30.41 -12.03 -42.75
N ASN D 57 29.42 -11.17 -42.50
CA ASN D 57 28.84 -10.35 -43.56
C ASN D 57 29.79 -9.22 -43.94
N THR D 58 30.06 -9.09 -45.23
CA THR D 58 30.96 -8.07 -45.76
C THR D 58 30.19 -7.18 -46.71
N GLY D 59 30.34 -5.88 -46.56
CA GLY D 59 29.84 -4.91 -47.52
C GLY D 59 31.03 -4.20 -48.15
N TYR D 60 30.93 -3.94 -49.45
CA TYR D 60 32.03 -3.37 -50.20
C TYR D 60 31.59 -2.07 -50.86
N ALA D 61 32.57 -1.32 -51.34
CA ALA D 61 32.28 -0.11 -52.10
C ALA D 61 31.75 -0.48 -53.49
N GLN D 62 31.12 0.50 -54.14
CA GLN D 62 30.38 0.26 -55.37
C GLN D 62 31.30 0.01 -56.56
N LYS D 63 32.55 0.47 -56.50
CA LYS D 63 33.51 0.19 -57.54
C LYS D 63 34.31 -1.08 -57.31
N PHE D 64 34.35 -1.59 -56.06
CA PHE D 64 35.31 -2.61 -55.66
C PHE D 64 34.68 -3.96 -55.36
N GLN D 65 33.44 -4.21 -55.80
CA GLN D 65 32.78 -5.48 -55.53
C GLN D 65 33.36 -6.61 -56.39
N GLY D 66 33.46 -7.79 -55.77
CA GLY D 66 33.98 -8.97 -56.44
C GLY D 66 35.49 -9.15 -56.36
N ARG D 67 36.22 -8.04 -56.52
CA ARG D 67 37.66 -8.03 -56.47
C ARG D 67 38.18 -8.21 -55.04
N VAL D 68 37.42 -7.75 -54.05
CA VAL D 68 37.87 -7.64 -52.68
C VAL D 68 37.31 -8.83 -51.89
N THR D 69 38.18 -9.51 -51.15
CA THR D 69 37.86 -10.81 -50.53
C THR D 69 38.21 -10.71 -49.03
N MET D 70 37.55 -9.75 -48.36
CA MET D 70 37.69 -9.57 -46.91
C MET D 70 37.17 -10.79 -46.15
N THR D 71 38.07 -11.45 -45.42
CA THR D 71 37.76 -12.64 -44.64
C THR D 71 38.32 -12.49 -43.23
N ARG D 72 38.08 -13.50 -42.40
CA ARG D 72 38.51 -13.49 -41.01
C ARG D 72 38.65 -14.92 -40.50
N SER D 73 39.31 -15.05 -39.36
CA SER D 73 39.39 -16.32 -38.64
C SER D 73 39.54 -16.01 -37.15
N THR D 74 38.60 -16.53 -36.35
CA THR D 74 38.65 -16.33 -34.91
C THR D 74 39.51 -17.36 -34.19
N SER D 75 40.13 -18.28 -34.92
CA SER D 75 41.07 -19.22 -34.32
C SER D 75 42.35 -18.51 -33.87
N MET D 76 42.86 -17.58 -34.69
CA MET D 76 44.03 -16.80 -34.31
C MET D 76 43.79 -15.29 -34.40
N SER D 77 42.52 -14.86 -34.52
CA SER D 77 42.04 -13.48 -34.36
C SER D 77 42.62 -12.51 -35.40
N THR D 78 42.91 -13.00 -36.59
CA THR D 78 43.53 -12.21 -37.65
C THR D 78 42.57 -12.00 -38.80
N ALA D 79 42.40 -10.75 -39.22
CA ALA D 79 41.65 -10.42 -40.42
C ALA D 79 42.57 -10.47 -41.64
N TYR D 80 41.96 -10.66 -42.81
CA TYR D 80 42.70 -10.70 -44.08
C TYR D 80 41.86 -10.02 -45.15
N MET D 81 42.37 -8.92 -45.71
CA MET D 81 41.79 -8.32 -46.90
C MET D 81 42.67 -8.74 -48.08
N GLU D 82 42.22 -9.75 -48.82
CA GLU D 82 42.98 -10.28 -49.94
C GLU D 82 42.41 -9.71 -51.24
N LEU D 83 42.95 -8.57 -51.66
CA LEU D 83 42.61 -8.04 -52.98
C LEU D 83 43.32 -8.88 -54.04
N SER D 84 42.65 -9.08 -55.16
CA SER D 84 43.17 -9.89 -56.25
C SER D 84 43.28 -9.05 -57.52
N SER D 85 44.11 -9.55 -58.45
CA SER D 85 44.36 -9.00 -59.79
C SER D 85 44.90 -7.56 -59.71
N LEU D 86 46.11 -7.46 -59.18
CA LEU D 86 46.76 -6.19 -58.91
C LEU D 86 47.06 -5.40 -60.18
N ARG D 87 46.89 -4.08 -60.09
CA ARG D 87 46.98 -3.14 -61.18
C ARG D 87 47.84 -1.98 -60.68
N SER D 88 48.35 -1.13 -61.60
CA SER D 88 49.36 -0.13 -61.27
C SER D 88 48.81 1.01 -60.42
N GLU D 89 47.51 1.29 -60.48
CA GLU D 89 46.92 2.32 -59.63
C GLU D 89 46.75 1.86 -58.19
N ASP D 90 46.77 0.55 -57.93
CA ASP D 90 46.66 0.02 -56.56
C ASP D 90 48.03 -0.08 -55.90
N THR D 91 48.64 1.08 -55.67
CA THR D 91 49.80 1.22 -54.80
C THR D 91 49.49 2.31 -53.76
N ALA D 92 49.45 1.89 -52.50
CA ALA D 92 48.93 2.70 -51.41
C ALA D 92 49.42 2.10 -50.09
N VAL D 93 49.01 2.73 -48.99
CA VAL D 93 49.17 2.17 -47.65
C VAL D 93 47.77 1.79 -47.16
N TYR D 94 47.69 0.68 -46.44
CA TYR D 94 46.41 0.10 -46.04
C TYR D 94 46.24 0.18 -44.53
N PHE D 95 45.14 0.79 -44.09
CA PHE D 95 44.84 0.99 -42.67
C PHE D 95 43.62 0.18 -42.28
N CYS D 96 43.75 -0.64 -41.24
CA CYS D 96 42.60 -1.28 -40.63
C CYS D 96 42.03 -0.35 -39.56
N ALA D 97 40.79 0.07 -39.74
CA ALA D 97 40.16 1.07 -38.89
C ALA D 97 38.86 0.54 -38.32
N ARG D 98 38.75 0.52 -37.00
CA ARG D 98 37.60 -0.03 -36.30
C ARG D 98 36.53 1.05 -36.09
N MET D 99 35.27 0.74 -36.36
CA MET D 99 34.24 1.67 -35.94
C MET D 99 33.87 1.43 -34.48
N SER D 100 33.18 2.42 -33.90
CA SER D 100 32.87 2.41 -32.48
C SER D 100 31.77 1.41 -32.15
N SER D 101 31.69 1.06 -30.86
CA SER D 101 30.61 0.23 -30.34
C SER D 101 29.28 0.97 -30.41
N SER D 102 29.29 2.28 -30.15
CA SER D 102 28.07 3.07 -30.21
C SER D 102 27.69 3.32 -31.67
N LEU D 103 26.43 3.71 -31.86
CA LEU D 103 25.93 3.95 -33.21
C LEU D 103 26.44 5.29 -33.76
N THR D 104 26.25 5.43 -35.08
CA THR D 104 26.75 6.43 -36.06
C THR D 104 28.24 6.27 -36.39
N ASN D 105 28.94 5.35 -35.72
CA ASN D 105 30.11 4.62 -36.24
C ASN D 105 31.34 5.50 -36.49
N TYR D 106 31.75 6.22 -35.45
CA TYR D 106 33.02 6.95 -35.50
C TYR D 106 34.19 5.98 -35.48
N LEU D 107 35.20 6.24 -36.31
CA LEU D 107 36.39 5.41 -36.34
C LEU D 107 37.30 5.75 -35.16
N ASP D 108 37.56 4.78 -34.29
CA ASP D 108 38.22 5.04 -33.02
C ASP D 108 39.65 4.54 -32.88
N TYR D 109 40.02 3.44 -33.55
CA TYR D 109 41.39 2.96 -33.53
C TYR D 109 41.83 2.61 -34.94
N TRP D 110 43.10 2.85 -35.23
CA TRP D 110 43.68 2.59 -36.54
C TRP D 110 44.90 1.70 -36.40
N GLY D 111 45.43 1.28 -37.55
CA GLY D 111 46.68 0.54 -37.61
C GLY D 111 47.80 1.41 -38.16
N GLN D 112 49.02 0.90 -38.03
CA GLN D 112 50.18 1.66 -38.49
C GLN D 112 50.36 1.63 -40.00
N GLY D 113 49.76 0.67 -40.68
CA GLY D 113 49.80 0.65 -42.13
C GLY D 113 50.90 -0.24 -42.67
N THR D 114 50.65 -0.79 -43.86
CA THR D 114 51.67 -1.51 -44.60
C THR D 114 51.61 -1.10 -46.06
N LEU D 115 52.77 -1.13 -46.72
CA LEU D 115 52.94 -0.54 -48.04
C LEU D 115 53.11 -1.64 -49.08
N VAL D 116 52.35 -1.55 -50.16
CA VAL D 116 52.42 -2.49 -51.27
C VAL D 116 53.01 -1.77 -52.48
N THR D 117 53.89 -2.47 -53.20
CA THR D 117 54.55 -1.93 -54.39
C THR D 117 54.18 -2.80 -55.58
N VAL D 118 53.65 -2.18 -56.63
CA VAL D 118 53.25 -2.88 -57.84
C VAL D 118 54.10 -2.33 -58.97
N SER D 119 54.98 -3.17 -59.52
CA SER D 119 55.87 -2.81 -60.61
C SER D 119 56.33 -4.08 -61.31
N SER D 120 56.72 -3.94 -62.57
CA SER D 120 57.19 -5.05 -63.38
C SER D 120 58.71 -5.16 -63.42
N ALA D 121 59.43 -4.33 -62.67
CA ALA D 121 60.89 -4.34 -62.69
C ALA D 121 61.43 -5.52 -61.91
N SER D 122 62.56 -6.07 -62.36
CA SER D 122 63.17 -7.22 -61.73
C SER D 122 64.11 -6.78 -60.61
N THR D 123 64.37 -7.73 -59.70
CA THR D 123 65.30 -7.49 -58.61
C THR D 123 66.74 -7.62 -59.10
N LYS D 124 67.60 -6.71 -58.61
CA LYS D 124 68.97 -6.64 -59.08
C LYS D 124 69.85 -6.11 -57.95
N GLY D 125 71.04 -6.71 -57.78
CA GLY D 125 71.98 -6.32 -56.75
C GLY D 125 72.64 -4.98 -57.02
N PRO D 126 72.96 -4.23 -55.95
CA PRO D 126 73.41 -2.84 -56.11
C PRO D 126 74.82 -2.69 -56.68
N SER D 127 75.02 -1.59 -57.40
CA SER D 127 76.32 -1.19 -57.91
C SER D 127 76.73 0.13 -57.26
N VAL D 128 78.01 0.27 -56.93
CA VAL D 128 78.53 1.37 -56.12
C VAL D 128 79.45 2.24 -56.95
N PHE D 129 79.09 3.53 -57.07
CA PHE D 129 79.91 4.53 -57.76
C PHE D 129 80.35 5.59 -56.75
N PRO D 130 81.62 5.67 -56.37
CA PRO D 130 82.05 6.72 -55.45
C PRO D 130 82.47 7.99 -56.18
N LEU D 131 82.45 9.10 -55.42
CA LEU D 131 83.00 10.36 -55.90
C LEU D 131 83.85 11.00 -54.81
N ALA D 132 85.03 11.48 -55.20
CA ALA D 132 86.06 11.97 -54.30
C ALA D 132 86.60 13.30 -54.81
N PRO D 133 86.96 14.24 -53.91
CA PRO D 133 87.50 15.54 -54.37
C PRO D 133 88.96 15.47 -54.81
N SER D 134 89.20 15.73 -56.09
CA SER D 134 90.54 15.67 -56.65
C SER D 134 90.95 16.91 -57.44
N SER D 135 90.05 17.89 -57.62
CA SER D 135 90.36 19.05 -58.44
C SER D 135 89.62 20.26 -57.89
N LYS D 136 89.94 21.43 -58.45
CA LYS D 136 89.25 22.66 -58.10
C LYS D 136 87.84 22.67 -58.67
N SER D 137 86.91 23.21 -57.85
CA SER D 137 85.43 23.23 -57.87
C SER D 137 84.80 21.88 -57.52
N THR D 138 85.62 20.84 -57.35
CA THR D 138 85.25 19.61 -56.67
C THR D 138 85.87 19.59 -55.27
N SER D 139 87.00 20.29 -55.11
CA SER D 139 87.60 20.56 -53.81
C SER D 139 87.89 22.05 -53.71
N GLY D 140 87.92 22.55 -52.48
CA GLY D 140 88.25 23.94 -52.24
C GLY D 140 87.08 24.91 -52.33
N GLY D 141 86.39 24.94 -53.46
CA GLY D 141 85.33 25.90 -53.67
C GLY D 141 83.95 25.44 -53.21
N THR D 142 83.85 25.08 -51.92
CA THR D 142 82.66 24.70 -51.17
C THR D 142 81.98 23.48 -51.83
N ALA D 143 82.67 22.35 -51.80
CA ALA D 143 82.12 21.11 -52.36
C ALA D 143 82.56 19.94 -51.49
N ALA D 144 81.85 18.82 -51.62
CA ALA D 144 81.83 17.76 -50.63
C ALA D 144 82.44 16.45 -51.16
N LEU D 145 82.31 15.40 -50.35
CA LEU D 145 82.71 14.04 -50.66
C LEU D 145 81.49 13.13 -50.58
N GLY D 146 81.49 12.06 -51.35
CA GLY D 146 80.29 11.25 -51.42
C GLY D 146 80.51 9.83 -51.90
N CYS D 147 79.37 9.16 -52.15
CA CYS D 147 79.29 7.80 -52.65
C CYS D 147 77.88 7.59 -53.19
N LEU D 148 77.75 7.17 -54.45
CA LEU D 148 76.45 7.05 -55.09
C LEU D 148 76.13 5.58 -55.34
N VAL D 149 74.91 5.18 -54.96
CA VAL D 149 74.45 3.80 -55.05
C VAL D 149 73.26 3.76 -56.00
N LYS D 150 73.27 2.79 -56.92
CA LYS D 150 72.10 2.52 -57.77
C LYS D 150 72.05 1.02 -58.07
N ASP D 151 71.25 0.67 -59.11
CA ASP D 151 70.96 -0.69 -59.58
C ASP D 151 70.31 -1.55 -58.51
N TYR D 152 69.41 -0.98 -57.71
CA TYR D 152 68.67 -1.72 -56.71
C TYR D 152 67.17 -1.40 -56.82
N PHE D 153 66.35 -2.45 -56.84
CA PHE D 153 64.89 -2.33 -56.79
C PHE D 153 64.27 -2.23 -55.38
N PRO D 154 64.59 -3.05 -54.34
CA PRO D 154 63.92 -2.84 -53.04
C PRO D 154 64.41 -1.62 -52.26
N GLU D 155 63.53 -1.12 -51.41
CA GLU D 155 63.84 0.04 -50.57
C GLU D 155 64.99 -0.08 -49.55
N PRO D 156 65.14 -1.18 -48.67
CA PRO D 156 66.15 -1.08 -47.60
C PRO D 156 67.60 -1.22 -48.06
N VAL D 157 68.30 -0.10 -48.08
CA VAL D 157 69.75 -0.04 -48.23
C VAL D 157 70.30 0.69 -47.02
N THR D 158 71.20 0.04 -46.28
CA THR D 158 71.77 0.61 -45.07
C THR D 158 73.17 1.15 -45.37
N VAL D 159 73.38 2.44 -45.09
CA VAL D 159 74.65 3.12 -45.34
C VAL D 159 75.24 3.60 -44.02
N SER D 160 76.44 3.12 -43.69
CA SER D 160 77.29 3.72 -42.68
C SER D 160 78.73 3.67 -43.19
N TRP D 161 79.59 4.52 -42.64
CA TRP D 161 80.90 4.75 -43.25
C TRP D 161 82.04 4.54 -42.27
N ASN D 162 83.19 4.16 -42.86
CA ASN D 162 84.53 4.00 -42.27
C ASN D 162 84.40 2.94 -41.17
N SER D 163 84.09 1.72 -41.65
CA SER D 163 83.71 0.53 -40.88
C SER D 163 82.53 0.78 -39.94
N GLY D 164 81.59 1.61 -40.39
CA GLY D 164 80.46 2.03 -39.58
C GLY D 164 80.79 2.88 -38.37
N ALA D 165 81.76 3.79 -38.48
CA ALA D 165 82.16 4.62 -37.37
C ALA D 165 82.20 6.11 -37.71
N LEU D 166 81.47 6.54 -38.73
CA LEU D 166 81.38 7.95 -39.10
C LEU D 166 79.92 8.37 -39.07
N THR D 167 79.64 9.49 -38.39
CA THR D 167 78.28 9.92 -38.13
C THR D 167 78.05 11.39 -38.49
N SER D 168 79.10 12.20 -38.54
CA SER D 168 78.96 13.65 -38.63
C SER D 168 78.84 14.09 -40.09
N GLY D 169 77.85 14.93 -40.36
CA GLY D 169 77.61 15.43 -41.69
C GLY D 169 76.97 14.46 -42.65
N VAL D 170 76.41 13.36 -42.16
CA VAL D 170 75.85 12.34 -43.03
C VAL D 170 74.42 12.72 -43.42
N HIS D 171 74.18 12.82 -44.72
CA HIS D 171 72.85 13.04 -45.26
C HIS D 171 72.48 11.86 -46.15
N THR D 172 71.29 11.31 -45.95
CA THR D 172 70.79 10.19 -46.72
C THR D 172 69.46 10.62 -47.34
N PHE D 173 69.53 11.06 -48.61
CA PHE D 173 68.35 11.50 -49.33
C PHE D 173 67.47 10.30 -49.71
N PRO D 174 66.15 10.49 -49.83
CA PRO D 174 65.30 9.41 -50.33
C PRO D 174 65.54 9.12 -51.81
N ALA D 175 65.20 7.90 -52.20
CA ALA D 175 65.51 7.41 -53.54
C ALA D 175 64.58 8.02 -54.58
N VAL D 176 65.16 8.45 -55.70
CA VAL D 176 64.41 9.01 -56.81
C VAL D 176 63.80 7.85 -57.62
N LEU D 177 62.65 8.09 -58.21
CA LEU D 177 62.00 7.08 -59.04
C LEU D 177 62.57 7.22 -60.45
N GLN D 178 63.51 6.35 -60.80
CA GLN D 178 64.07 6.33 -62.14
C GLN D 178 63.13 5.52 -63.05
N SER D 179 63.10 5.90 -64.34
CA SER D 179 62.10 5.42 -65.30
C SER D 179 62.23 3.93 -65.62
N SER D 180 63.41 3.34 -65.42
CA SER D 180 63.57 1.90 -65.60
C SER D 180 63.07 1.09 -64.42
N GLY D 181 62.79 1.72 -63.29
CA GLY D 181 62.32 1.05 -62.10
C GLY D 181 63.36 0.77 -61.03
N LEU D 182 64.64 1.01 -61.31
CA LEU D 182 65.73 0.75 -60.36
C LEU D 182 66.09 2.07 -59.67
N TYR D 183 66.00 2.08 -58.34
CA TYR D 183 66.07 3.33 -57.58
C TYR D 183 67.52 3.66 -57.22
N SER D 184 67.76 4.87 -56.72
CA SER D 184 69.12 5.34 -56.48
C SER D 184 69.17 6.34 -55.34
N LEU D 185 70.15 6.17 -54.44
CA LEU D 185 70.40 7.10 -53.36
C LEU D 185 71.81 7.68 -53.48
N SER D 186 71.98 8.88 -52.93
CA SER D 186 73.25 9.59 -52.90
C SER D 186 73.55 10.01 -51.47
N SER D 187 74.67 9.55 -50.92
CA SER D 187 75.09 9.87 -49.54
C SER D 187 76.32 10.77 -49.56
N VAL D 188 76.25 11.89 -48.84
CA VAL D 188 77.32 12.89 -48.82
C VAL D 188 77.78 13.13 -47.38
N VAL D 189 78.94 13.80 -47.26
CA VAL D 189 79.53 14.12 -45.97
C VAL D 189 80.10 15.53 -46.08
N THR D 190 80.29 16.20 -44.95
CA THR D 190 81.18 17.35 -44.86
C THR D 190 82.37 16.97 -43.98
N VAL D 191 83.56 17.04 -44.56
CA VAL D 191 84.80 16.67 -43.87
C VAL D 191 85.83 17.79 -44.03
N PRO D 192 86.80 17.92 -43.11
CA PRO D 192 87.89 18.87 -43.32
C PRO D 192 88.82 18.49 -44.45
N SER D 193 89.40 19.52 -45.07
CA SER D 193 90.32 19.31 -46.19
C SER D 193 91.67 18.78 -45.71
N SER D 194 92.08 19.10 -44.48
CA SER D 194 93.31 18.56 -43.94
C SER D 194 93.20 17.09 -43.54
N SER D 195 91.98 16.62 -43.30
CA SER D 195 91.73 15.22 -42.94
C SER D 195 91.54 14.31 -44.16
N LEU D 196 91.67 14.84 -45.38
CA LEU D 196 91.47 14.04 -46.58
C LEU D 196 92.61 13.05 -46.80
N GLY D 197 93.84 13.44 -46.47
CA GLY D 197 94.99 12.57 -46.68
C GLY D 197 95.38 11.77 -45.46
N THR D 198 94.93 12.21 -44.28
CA THR D 198 95.27 11.54 -43.04
C THR D 198 94.25 10.48 -42.64
N GLN D 199 92.97 10.71 -42.92
CA GLN D 199 91.90 9.80 -42.55
C GLN D 199 91.36 9.13 -43.80
N THR D 200 91.24 7.81 -43.75
CA THR D 200 90.68 7.04 -44.85
C THR D 200 89.16 6.96 -44.74
N TYR D 201 88.50 6.82 -45.88
CA TYR D 201 87.05 6.75 -45.96
C TYR D 201 86.65 5.48 -46.71
N ILE D 202 85.73 4.71 -46.14
CA ILE D 202 85.22 3.49 -46.77
C ILE D 202 83.70 3.61 -46.87
N CYS D 203 83.16 3.38 -48.06
CA CYS D 203 81.72 3.41 -48.30
C CYS D 203 81.16 2.00 -48.20
N ASN D 204 80.42 1.71 -47.14
CA ASN D 204 79.81 0.39 -46.91
C ASN D 204 78.35 0.42 -47.34
N VAL D 205 78.00 -0.46 -48.28
CA VAL D 205 76.64 -0.58 -48.80
C VAL D 205 76.17 -1.99 -48.55
N ASN D 206 75.04 -2.14 -47.85
CA ASN D 206 74.47 -3.44 -47.54
C ASN D 206 73.03 -3.48 -48.03
N HIS D 207 72.64 -4.60 -48.64
CA HIS D 207 71.29 -4.75 -49.16
C HIS D 207 70.88 -6.21 -48.98
N LYS D 208 70.06 -6.47 -47.96
CA LYS D 208 69.57 -7.79 -47.57
C LYS D 208 68.67 -8.54 -48.59
N PRO D 209 67.67 -7.94 -49.31
CA PRO D 209 66.88 -8.77 -50.25
C PRO D 209 67.62 -9.30 -51.49
N SER D 210 68.68 -8.65 -51.95
CA SER D 210 69.47 -9.21 -53.04
C SER D 210 70.75 -9.88 -52.55
N ASN D 211 71.10 -9.68 -51.27
CA ASN D 211 72.28 -10.24 -50.58
C ASN D 211 73.60 -9.86 -51.26
N THR D 212 73.65 -8.67 -51.85
CA THR D 212 74.83 -8.19 -52.57
C THR D 212 75.38 -6.99 -51.83
N LYS D 213 76.65 -7.06 -51.44
CA LYS D 213 77.33 -5.95 -50.79
C LYS D 213 78.62 -5.66 -51.55
N VAL D 214 78.76 -4.41 -52.00
CA VAL D 214 79.96 -3.93 -52.66
C VAL D 214 80.50 -2.78 -51.82
N ASP D 215 81.71 -2.96 -51.27
CA ASP D 215 82.32 -1.92 -50.47
C ASP D 215 83.83 -1.88 -50.73
N LYS D 216 84.38 -0.67 -50.77
CA LYS D 216 85.79 -0.44 -50.97
C LYS D 216 86.13 0.93 -50.38
N LYS D 217 87.42 1.17 -50.17
CA LYS D 217 87.87 2.45 -49.63
C LYS D 217 87.77 3.56 -50.68
N VAL D 218 87.48 4.76 -50.21
CA VAL D 218 87.33 5.95 -51.06
C VAL D 218 88.45 6.92 -50.73
N GLU D 219 89.22 7.30 -51.75
CA GLU D 219 90.34 8.21 -51.59
C GLU D 219 90.47 9.04 -52.85
N PRO D 220 91.04 10.26 -52.76
CA PRO D 220 91.32 11.03 -53.98
C PRO D 220 92.47 10.46 -54.80
N SER E 1 23.11 12.03 -54.97
CA SER E 1 24.56 12.23 -55.08
C SER E 1 25.04 13.22 -54.03
N TYR E 2 25.87 12.73 -53.10
CA TYR E 2 26.40 13.55 -52.01
C TYR E 2 27.90 13.34 -51.92
N VAL E 3 28.66 14.42 -52.11
CA VAL E 3 30.11 14.40 -52.05
C VAL E 3 30.57 15.53 -51.15
N LEU E 4 31.50 15.24 -50.24
CA LEU E 4 31.97 16.23 -49.29
C LEU E 4 33.01 17.14 -49.93
N THR E 5 32.86 18.45 -49.71
CA THR E 5 33.73 19.47 -50.27
C THR E 5 34.47 20.17 -49.15
N GLN E 6 35.79 20.23 -49.26
CA GLN E 6 36.62 20.88 -48.26
C GLN E 6 37.59 21.83 -48.96
N PRO E 7 37.91 22.98 -48.35
CA PRO E 7 38.89 23.91 -48.96
C PRO E 7 40.31 23.36 -48.89
N PRO E 8 41.22 23.80 -49.77
CA PRO E 8 42.57 23.22 -49.74
C PRO E 8 43.46 23.66 -48.57
N SER E 9 43.53 24.95 -48.25
CA SER E 9 44.49 25.40 -47.24
C SER E 9 43.97 26.62 -46.49
N VAL E 10 44.52 26.83 -45.30
CA VAL E 10 44.26 28.00 -44.48
C VAL E 10 45.51 28.24 -43.62
N ALA E 11 45.86 29.51 -43.43
CA ALA E 11 47.04 29.88 -42.66
C ALA E 11 46.66 30.86 -41.56
N VAL E 12 47.16 30.61 -40.35
CA VAL E 12 46.88 31.43 -39.19
C VAL E 12 48.17 31.76 -38.46
N ALA E 13 48.10 32.81 -37.64
CA ALA E 13 49.16 33.16 -36.72
C ALA E 13 49.08 32.30 -35.46
N PRO E 14 50.20 32.05 -34.79
CA PRO E 14 50.15 31.32 -33.51
C PRO E 14 49.51 32.16 -32.40
N GLY E 15 48.79 31.46 -31.53
CA GLY E 15 48.09 32.07 -30.42
C GLY E 15 46.74 32.66 -30.76
N GLN E 16 46.29 32.57 -32.00
CA GLN E 16 45.04 33.14 -32.48
C GLN E 16 44.03 32.05 -32.78
N THR E 17 42.90 32.42 -33.38
CA THR E 17 41.84 31.49 -33.70
C THR E 17 41.92 31.06 -35.16
N ALA E 18 41.40 29.87 -35.44
CA ALA E 18 41.38 29.30 -36.78
C ALA E 18 39.97 28.83 -37.12
N ARG E 19 39.55 29.07 -38.36
CA ARG E 19 38.22 28.70 -38.82
C ARG E 19 38.36 27.70 -39.97
N ILE E 20 38.03 26.44 -39.72
CA ILE E 20 38.07 25.37 -40.71
C ILE E 20 36.67 24.79 -40.80
N ARG E 21 36.11 24.74 -42.00
CA ARG E 21 34.71 24.33 -42.16
C ARG E 21 34.57 23.23 -43.21
N CYS E 22 33.54 22.40 -43.01
CA CYS E 22 33.13 21.36 -43.96
C CYS E 22 31.61 21.43 -44.02
N GLY E 23 31.07 22.12 -45.05
CA GLY E 23 29.65 22.35 -45.11
C GLY E 23 29.04 22.28 -46.49
N GLU E 24 27.94 21.52 -46.61
CA GLU E 24 27.25 21.31 -47.88
C GLU E 24 25.75 21.44 -47.65
N ASN E 25 24.97 21.03 -48.65
CA ASN E 25 23.52 21.00 -48.52
C ASN E 25 23.08 19.90 -47.57
N ASP E 26 22.15 20.25 -46.65
CA ASP E 26 21.48 19.38 -45.65
C ASP E 26 22.42 18.52 -44.80
N ILE E 27 23.61 19.07 -44.49
CA ILE E 27 24.56 18.39 -43.61
C ILE E 27 24.10 18.48 -42.15
N GLY E 28 23.22 19.43 -41.82
CA GLY E 28 22.66 19.54 -40.49
C GLY E 28 21.68 18.45 -40.12
N SER E 29 21.16 17.71 -41.11
CA SER E 29 20.34 16.53 -40.83
C SER E 29 21.17 15.26 -40.64
N LYS E 30 22.50 15.35 -40.76
CA LYS E 30 23.39 14.20 -40.64
C LYS E 30 24.48 14.51 -39.62
N ASN E 31 25.22 13.47 -39.23
CA ASN E 31 26.31 13.62 -38.28
C ASN E 31 27.62 13.90 -38.99
N VAL E 32 28.47 14.70 -38.33
CA VAL E 32 29.79 15.10 -38.82
C VAL E 32 30.82 14.61 -37.80
N HIS E 33 31.95 14.12 -38.31
CA HIS E 33 33.07 13.68 -37.48
C HIS E 33 34.32 14.38 -37.98
N TRP E 34 35.35 14.48 -37.14
CA TRP E 34 36.61 15.10 -37.56
C TRP E 34 37.79 14.27 -37.09
N TYR E 35 38.86 14.26 -37.89
CA TYR E 35 40.03 13.44 -37.66
C TYR E 35 41.29 14.28 -37.86
N GLN E 36 42.40 13.82 -37.29
CA GLN E 36 43.70 14.44 -37.49
C GLN E 36 44.69 13.39 -37.95
N GLN E 37 45.34 13.64 -39.09
CA GLN E 37 46.41 12.77 -39.57
C GLN E 37 47.69 13.59 -39.72
N LYS E 38 48.71 13.20 -38.96
CA LYS E 38 50.03 13.76 -39.16
C LYS E 38 50.73 13.06 -40.32
N SER E 39 51.78 13.69 -40.82
CA SER E 39 52.44 13.26 -42.05
C SER E 39 53.25 12.00 -41.81
N GLY E 40 52.76 10.86 -42.30
CA GLY E 40 53.47 9.61 -42.24
C GLY E 40 53.07 8.65 -41.14
N GLN E 41 52.02 8.95 -40.38
CA GLN E 41 51.59 8.09 -39.29
C GLN E 41 50.09 7.83 -39.40
N ALA E 42 49.56 7.12 -38.40
CA ALA E 42 48.16 6.75 -38.38
C ALA E 42 47.29 7.96 -38.00
N PRO E 43 46.07 8.05 -38.54
CA PRO E 43 45.15 9.14 -38.14
C PRO E 43 44.62 8.96 -36.73
N VAL E 44 44.32 10.10 -36.10
CA VAL E 44 43.75 10.19 -34.76
C VAL E 44 42.46 11.00 -34.87
N LEU E 45 41.41 10.57 -34.16
CA LEU E 45 40.16 11.33 -34.10
C LEU E 45 40.27 12.39 -33.01
N VAL E 46 39.81 13.60 -33.30
CA VAL E 46 39.83 14.70 -32.35
C VAL E 46 38.45 15.25 -32.02
N VAL E 47 37.42 15.02 -32.84
CA VAL E 47 36.06 15.47 -32.56
C VAL E 47 35.13 14.29 -32.83
N TYR E 48 34.33 13.90 -31.83
CA TYR E 48 33.57 12.66 -31.91
C TYR E 48 32.19 12.84 -32.55
N ASP E 49 31.59 14.01 -32.48
CA ASP E 49 30.19 14.28 -32.83
C ASP E 49 30.15 15.66 -33.49
N ASP E 50 28.97 16.30 -33.48
CA ASP E 50 28.86 17.67 -33.97
C ASP E 50 29.64 18.65 -33.09
N SER E 51 29.66 18.41 -31.78
CA SER E 51 30.42 19.26 -30.86
C SER E 51 31.25 18.51 -29.82
N ASP E 52 30.94 17.25 -29.53
CA ASP E 52 31.59 16.52 -28.44
C ASP E 52 32.99 16.07 -28.85
N ARG E 53 33.93 16.17 -27.89
CA ARG E 53 35.33 15.81 -28.10
C ARG E 53 35.69 14.56 -27.29
N PRO E 54 36.64 13.75 -27.74
CA PRO E 54 37.15 12.63 -26.93
C PRO E 54 38.20 13.11 -25.94
N SER E 55 38.76 12.14 -25.22
CA SER E 55 39.81 12.41 -24.25
C SER E 55 41.14 12.66 -24.95
N GLY E 56 42.09 13.21 -24.18
CA GLY E 56 43.41 13.51 -24.71
C GLY E 56 43.50 14.89 -25.34
N ILE E 57 42.69 15.11 -26.37
CA ILE E 57 42.59 16.41 -27.04
C ILE E 57 41.86 17.38 -26.11
N PRO E 58 42.47 18.52 -25.77
CA PRO E 58 41.83 19.45 -24.82
C PRO E 58 40.71 20.28 -25.42
N GLU E 59 40.24 21.28 -24.68
CA GLU E 59 39.19 22.22 -25.08
C GLU E 59 39.64 23.29 -26.07
N ARG E 60 40.85 23.19 -26.62
CA ARG E 60 41.32 24.01 -27.72
C ARG E 60 40.49 23.83 -28.98
N PHE E 61 40.00 22.63 -29.22
CA PHE E 61 39.27 22.28 -30.44
C PHE E 61 37.78 22.18 -30.11
N SER E 62 36.96 22.91 -30.88
CA SER E 62 35.52 22.90 -30.68
C SER E 62 34.84 23.12 -32.02
N GLY E 63 33.55 22.81 -32.07
CA GLY E 63 32.82 22.94 -33.31
C GLY E 63 31.33 22.92 -33.08
N SER E 64 30.58 23.20 -34.14
CA SER E 64 29.14 23.22 -34.11
C SER E 64 28.58 22.91 -35.49
N ASN E 65 27.36 22.39 -35.51
CA ASN E 65 26.69 22.02 -36.76
C ASN E 65 25.34 22.73 -36.78
N SER E 66 25.15 23.61 -37.76
CA SER E 66 23.89 24.33 -37.91
C SER E 66 23.73 24.74 -39.36
N GLY E 67 22.60 24.37 -39.96
CA GLY E 67 22.29 24.72 -41.33
C GLY E 67 23.16 24.05 -42.38
N ASN E 68 23.80 24.85 -43.22
CA ASN E 68 24.61 24.35 -44.32
C ASN E 68 26.10 24.38 -44.02
N THR E 69 26.49 24.50 -42.75
CA THR E 69 27.89 24.55 -42.37
C THR E 69 28.16 23.68 -41.15
N ALA E 70 29.40 23.24 -41.03
CA ALA E 70 29.90 22.55 -39.84
C ALA E 70 31.36 22.98 -39.69
N THR E 71 31.63 23.92 -38.79
CA THR E 71 32.89 24.62 -38.73
C THR E 71 33.66 24.21 -37.48
N LEU E 72 34.90 23.76 -37.67
CA LEU E 72 35.82 23.46 -36.58
C LEU E 72 36.55 24.72 -36.15
N THR E 73 36.60 24.97 -34.85
CA THR E 73 37.28 26.13 -34.29
C THR E 73 38.49 25.66 -33.50
N ILE E 74 39.65 26.24 -33.82
CA ILE E 74 40.90 25.92 -33.15
C ILE E 74 41.34 27.18 -32.42
N SER E 75 41.48 27.09 -31.09
CA SER E 75 41.83 28.23 -30.27
C SER E 75 43.22 28.05 -29.67
N ARG E 76 43.96 29.17 -29.59
CA ARG E 76 45.37 29.27 -29.19
C ARG E 76 46.26 28.29 -29.97
N VAL E 77 46.42 28.64 -31.26
CA VAL E 77 47.13 27.82 -32.25
C VAL E 77 48.60 27.67 -31.85
N GLU E 78 49.07 26.42 -31.81
CA GLU E 78 50.45 26.08 -31.48
C GLU E 78 51.10 25.43 -32.69
N ALA E 79 52.34 24.97 -32.50
CA ALA E 79 53.10 24.38 -33.61
C ALA E 79 52.59 22.99 -33.99
N GLY E 80 51.98 22.27 -33.06
CA GLY E 80 51.58 20.89 -33.28
C GLY E 80 50.33 20.70 -34.11
N ASP E 81 49.62 21.77 -34.46
CA ASP E 81 48.35 21.67 -35.18
C ASP E 81 48.52 21.46 -36.68
N GLU E 82 49.73 21.54 -37.21
CA GLU E 82 49.95 21.48 -38.65
C GLU E 82 49.86 20.02 -39.08
N ALA E 83 48.71 19.63 -39.62
CA ALA E 83 48.40 18.26 -39.99
C ALA E 83 47.28 18.27 -41.03
N ASP E 84 46.69 17.10 -41.26
CA ASP E 84 45.58 16.94 -42.19
C ASP E 84 44.29 16.64 -41.45
N TYR E 85 43.20 17.27 -41.90
CA TYR E 85 41.89 17.17 -41.25
C TYR E 85 40.84 16.75 -42.26
N TYR E 86 39.95 15.83 -41.87
CA TYR E 86 38.94 15.30 -42.77
C TYR E 86 37.60 15.19 -42.06
N CYS E 87 36.53 15.55 -42.78
CA CYS E 87 35.16 15.37 -42.30
C CYS E 87 34.57 14.08 -42.88
N GLN E 88 33.76 13.40 -42.06
CA GLN E 88 33.39 11.99 -42.28
C GLN E 88 31.87 11.86 -42.08
N VAL E 89 31.11 12.56 -42.92
CA VAL E 89 29.65 12.46 -42.85
C VAL E 89 29.20 11.09 -43.39
N TRP E 90 28.50 10.33 -42.54
CA TRP E 90 27.90 9.08 -42.97
C TRP E 90 26.61 9.38 -43.70
N ASP E 91 26.29 8.58 -44.72
CA ASP E 91 25.11 8.80 -45.53
C ASP E 91 24.56 7.44 -45.95
N SER E 92 23.26 7.41 -46.23
CA SER E 92 22.63 6.20 -46.76
C SER E 92 22.98 5.98 -48.23
N THR E 93 23.06 7.08 -49.01
CA THR E 93 23.60 7.15 -50.38
C THR E 93 22.86 6.25 -51.38
N GLY E 94 21.53 6.40 -51.41
CA GLY E 94 20.68 5.61 -52.28
C GLY E 94 20.62 4.14 -51.92
N ASP E 95 20.55 3.84 -50.62
CA ASP E 95 20.51 2.50 -50.00
C ASP E 95 21.74 1.65 -50.36
N HIS E 96 22.87 2.31 -50.57
CA HIS E 96 24.19 1.66 -50.62
C HIS E 96 25.03 2.40 -49.58
N PRO E 97 25.20 1.83 -48.39
CA PRO E 97 25.75 2.60 -47.25
C PRO E 97 27.23 2.90 -47.39
N ASP E 98 27.56 4.19 -47.33
CA ASP E 98 28.89 4.68 -47.63
C ASP E 98 29.42 5.47 -46.44
N VAL E 99 30.74 5.40 -46.24
CA VAL E 99 31.43 6.27 -45.30
C VAL E 99 32.15 7.29 -46.16
N VAL E 100 31.55 8.46 -46.32
CA VAL E 100 32.07 9.50 -47.22
C VAL E 100 33.10 10.33 -46.47
N PHE E 101 34.27 10.50 -47.05
CA PHE E 101 35.32 11.34 -46.50
C PHE E 101 35.43 12.64 -47.30
N GLY E 102 36.01 13.65 -46.66
CA GLY E 102 36.18 14.94 -47.29
C GLY E 102 37.46 15.04 -48.09
N GLY E 103 37.62 16.19 -48.76
CA GLY E 103 38.79 16.42 -49.59
C GLY E 103 40.05 16.77 -48.81
N GLY E 104 39.91 17.21 -47.57
CA GLY E 104 41.07 17.50 -46.74
C GLY E 104 41.46 18.96 -46.64
N THR E 105 41.66 19.44 -45.42
CA THR E 105 42.15 20.79 -45.15
C THR E 105 43.57 20.70 -44.61
N LYS E 106 44.47 21.52 -45.16
CA LYS E 106 45.84 21.61 -44.68
C LYS E 106 46.00 22.93 -43.93
N LEU E 107 46.21 22.83 -42.62
CA LEU E 107 46.33 24.02 -41.77
C LEU E 107 47.80 24.27 -41.50
N THR E 108 48.27 25.48 -41.79
CA THR E 108 49.66 25.86 -41.65
C THR E 108 49.81 26.99 -40.65
N VAL E 109 50.83 26.91 -39.82
CA VAL E 109 51.15 27.98 -38.88
C VAL E 109 52.19 28.89 -39.51
N LEU E 110 52.23 30.13 -39.03
CA LEU E 110 53.13 31.15 -39.56
C LEU E 110 54.27 31.40 -38.57
N GLY E 111 55.10 32.40 -38.86
CA GLY E 111 56.15 32.82 -37.95
C GLY E 111 57.56 32.46 -38.36
N GLN E 112 57.77 31.92 -39.55
CA GLN E 112 59.13 31.58 -39.96
C GLN E 112 59.52 32.35 -41.22
N PRO E 113 60.70 32.95 -41.26
CA PRO E 113 61.05 33.86 -42.34
C PRO E 113 61.64 33.16 -43.56
N LYS E 114 61.78 33.94 -44.63
CA LYS E 114 62.18 33.43 -45.94
C LYS E 114 63.70 33.49 -46.09
N ALA E 115 64.28 32.43 -46.63
CA ALA E 115 65.72 32.34 -46.85
C ALA E 115 66.00 32.10 -48.33
N ALA E 116 67.08 32.70 -48.81
CA ALA E 116 67.49 32.62 -50.21
C ALA E 116 68.20 31.30 -50.49
N PRO E 117 67.94 30.67 -51.65
CA PRO E 117 68.58 29.38 -51.94
C PRO E 117 70.03 29.52 -52.36
N SER E 118 70.87 28.63 -51.84
CA SER E 118 72.26 28.51 -52.25
C SER E 118 72.45 27.18 -52.97
N VAL E 119 73.16 27.20 -54.10
CA VAL E 119 73.27 26.04 -54.97
C VAL E 119 74.62 25.36 -54.79
N THR E 120 74.62 24.02 -54.88
CA THR E 120 75.82 23.21 -54.84
C THR E 120 75.78 22.22 -56.01
N LEU E 121 76.65 22.42 -56.99
CA LEU E 121 76.72 21.55 -58.16
C LEU E 121 77.99 20.70 -58.09
N PHE E 122 77.87 19.43 -58.46
CA PHE E 122 78.97 18.48 -58.35
C PHE E 122 79.27 17.84 -59.70
N PRO E 123 80.53 17.87 -60.16
CA PRO E 123 80.89 17.18 -61.40
C PRO E 123 80.96 15.68 -61.19
N PRO E 124 80.85 14.87 -62.24
CA PRO E 124 81.13 13.44 -62.10
C PRO E 124 82.62 13.16 -61.95
N SER E 125 82.94 12.29 -60.99
CA SER E 125 84.33 12.00 -60.64
C SER E 125 84.94 10.97 -61.59
N SER E 126 86.27 10.87 -61.54
CA SER E 126 87.01 9.94 -62.40
C SER E 126 86.77 8.48 -62.02
N GLU E 127 86.43 8.21 -60.75
CA GLU E 127 86.12 6.84 -60.32
C GLU E 127 84.81 6.35 -60.90
N GLU E 128 83.85 7.24 -61.14
CA GLU E 128 82.61 6.82 -61.78
C GLU E 128 82.79 6.63 -63.28
N LEU E 129 83.68 7.41 -63.91
CA LEU E 129 84.09 7.13 -65.28
C LEU E 129 84.98 5.90 -65.42
N GLN E 130 85.60 5.42 -64.32
CA GLN E 130 86.19 4.09 -64.35
C GLN E 130 85.14 2.99 -64.42
N ALA E 131 83.93 3.25 -63.91
CA ALA E 131 82.79 2.38 -64.11
C ALA E 131 81.98 2.73 -65.36
N ASN E 132 82.52 3.64 -66.20
CA ASN E 132 82.01 4.00 -67.54
C ASN E 132 80.61 4.60 -67.48
N LYS E 133 80.46 5.61 -66.61
CA LYS E 133 79.17 6.22 -66.33
C LYS E 133 79.47 7.63 -65.82
N ALA E 134 78.55 8.58 -66.06
CA ALA E 134 78.69 9.93 -65.55
C ALA E 134 77.37 10.40 -64.96
N THR E 135 77.44 11.28 -63.95
CA THR E 135 76.27 11.86 -63.32
C THR E 135 76.56 13.28 -62.88
N LEU E 136 75.76 14.24 -63.36
CA LEU E 136 75.85 15.63 -62.91
C LEU E 136 74.81 15.85 -61.82
N VAL E 137 75.26 16.23 -60.63
CA VAL E 137 74.43 16.33 -59.44
C VAL E 137 74.37 17.80 -59.02
N CYS E 138 73.15 18.31 -58.83
CA CYS E 138 72.93 19.67 -58.35
C CYS E 138 72.02 19.59 -57.13
N LEU E 139 72.55 19.93 -55.96
CA LEU E 139 71.81 19.89 -54.70
C LEU E 139 71.58 21.30 -54.19
N ILE E 140 70.32 21.57 -53.81
CA ILE E 140 69.92 22.88 -53.30
C ILE E 140 69.20 22.63 -51.99
N SER E 141 69.75 23.12 -50.88
CA SER E 141 69.27 22.73 -49.57
C SER E 141 69.24 23.88 -48.57
N ASP E 142 69.10 25.11 -49.03
CA ASP E 142 69.30 26.27 -48.16
C ASP E 142 68.17 27.28 -48.20
N PHE E 143 66.98 26.90 -48.66
CA PHE E 143 65.84 27.81 -48.71
C PHE E 143 64.70 27.22 -47.87
N TYR E 144 64.01 28.08 -47.11
CA TYR E 144 62.86 27.58 -46.37
C TYR E 144 61.61 27.37 -47.25
N PRO E 145 61.00 28.40 -47.97
CA PRO E 145 59.68 28.13 -48.56
C PRO E 145 59.59 27.61 -50.01
N GLY E 146 58.58 26.79 -50.25
CA GLY E 146 58.17 26.46 -51.60
C GLY E 146 59.03 25.43 -52.31
N ALA E 147 58.83 25.35 -53.63
CA ALA E 147 59.59 24.49 -54.51
C ALA E 147 60.17 25.33 -55.65
N VAL E 148 61.45 25.12 -55.94
CA VAL E 148 62.14 25.89 -56.97
C VAL E 148 62.13 25.11 -58.28
N THR E 149 62.44 25.81 -59.36
CA THR E 149 62.50 25.23 -60.70
C THR E 149 63.97 25.07 -61.10
N VAL E 150 64.36 23.83 -61.41
CA VAL E 150 65.73 23.48 -61.78
C VAL E 150 65.77 23.24 -63.29
N ALA E 151 66.69 23.92 -63.97
CA ALA E 151 66.84 23.80 -65.40
C ALA E 151 68.27 23.45 -65.77
N TRP E 152 68.41 22.69 -66.85
CA TRP E 152 69.71 22.25 -67.36
C TRP E 152 69.84 22.64 -68.82
N LYS E 153 70.99 23.23 -69.17
CA LYS E 153 71.30 23.60 -70.54
C LYS E 153 72.72 23.13 -70.83
N ALA E 154 72.93 22.56 -72.02
CA ALA E 154 74.25 22.06 -72.42
C ALA E 154 74.47 22.38 -73.90
N ASP E 155 75.36 23.35 -74.16
CA ASP E 155 75.84 23.78 -75.49
C ASP E 155 74.69 24.23 -76.40
N SER E 156 73.97 25.26 -75.93
CA SER E 156 72.81 25.90 -76.56
C SER E 156 71.63 24.94 -76.78
N SER E 157 71.52 23.90 -75.98
CA SER E 157 70.41 22.95 -76.04
C SER E 157 69.87 22.72 -74.64
N PRO E 158 68.58 22.98 -74.37
CA PRO E 158 68.01 22.69 -73.05
C PRO E 158 67.78 21.20 -72.83
N VAL E 159 68.57 20.61 -71.94
CA VAL E 159 68.50 19.17 -71.68
C VAL E 159 67.35 18.90 -70.73
N LYS E 160 66.44 18.00 -71.14
CA LYS E 160 65.31 17.61 -70.29
C LYS E 160 65.28 16.09 -70.19
N ALA E 161 65.77 15.41 -71.22
CA ALA E 161 65.74 13.95 -71.26
C ALA E 161 66.89 13.40 -70.42
N GLY E 162 66.57 12.93 -69.22
CA GLY E 162 67.56 12.36 -68.33
C GLY E 162 67.53 12.95 -66.94
N VAL E 163 66.59 13.87 -66.71
CA VAL E 163 66.51 14.60 -65.45
C VAL E 163 65.55 13.86 -64.53
N GLU E 164 66.04 13.44 -63.36
CA GLU E 164 65.24 12.79 -62.34
C GLU E 164 65.33 13.62 -61.06
N THR E 165 64.18 13.97 -60.50
CA THR E 165 64.13 14.91 -59.39
C THR E 165 63.35 14.29 -58.23
N THR E 166 63.98 14.23 -57.07
CA THR E 166 63.34 13.77 -55.84
C THR E 166 62.41 14.88 -55.35
N THR E 167 61.24 14.48 -54.82
CA THR E 167 60.31 15.39 -54.19
C THR E 167 60.93 16.02 -52.94
N PRO E 168 60.68 17.31 -52.66
CA PRO E 168 61.34 17.95 -51.52
C PRO E 168 60.71 17.57 -50.19
N SER E 169 61.57 17.33 -49.20
CA SER E 169 61.19 16.69 -47.95
C SER E 169 61.68 17.52 -46.77
N LYS E 170 61.04 17.27 -45.63
CA LYS E 170 61.39 17.96 -44.40
C LYS E 170 62.67 17.33 -43.83
N GLN E 171 63.68 18.15 -43.56
CA GLN E 171 64.88 17.64 -42.90
C GLN E 171 64.75 17.84 -41.39
N SER E 172 65.88 17.71 -40.66
CA SER E 172 65.88 17.68 -39.20
C SER E 172 65.53 19.02 -38.58
N ASN E 173 65.96 20.12 -39.19
CA ASN E 173 65.62 21.45 -38.70
C ASN E 173 64.40 22.07 -39.40
N ASN E 174 63.53 21.21 -39.95
CA ASN E 174 62.20 21.55 -40.50
C ASN E 174 62.25 22.57 -41.64
N LYS E 175 63.19 22.37 -42.56
CA LYS E 175 63.40 23.27 -43.68
C LYS E 175 63.54 22.46 -44.97
N TYR E 176 63.05 23.00 -46.08
CA TYR E 176 62.95 22.22 -47.31
C TYR E 176 64.30 22.12 -48.03
N ALA E 177 64.44 21.02 -48.76
CA ALA E 177 65.62 20.73 -49.57
C ALA E 177 65.22 19.89 -50.77
N ALA E 178 65.78 20.22 -51.93
CA ALA E 178 65.47 19.53 -53.18
C ALA E 178 66.74 19.02 -53.84
N SER E 179 66.64 17.87 -54.49
CA SER E 179 67.78 17.23 -55.14
C SER E 179 67.41 16.79 -56.55
N SER E 180 68.31 17.07 -57.50
CA SER E 180 68.12 16.74 -58.91
C SER E 180 69.32 15.97 -59.44
N TYR E 181 69.05 14.98 -60.30
CA TYR E 181 70.09 14.13 -60.88
C TYR E 181 69.93 14.04 -62.38
N LEU E 182 71.04 14.05 -63.10
CA LEU E 182 71.07 13.88 -64.55
C LEU E 182 72.04 12.77 -64.88
N SER E 183 71.58 11.76 -65.62
CA SER E 183 72.40 10.62 -66.02
C SER E 183 72.91 10.82 -67.44
N LEU E 184 74.20 10.53 -67.65
CA LEU E 184 74.83 10.77 -68.93
C LEU E 184 75.93 9.75 -69.15
N THR E 185 76.15 9.38 -70.42
CA THR E 185 77.27 8.53 -70.78
C THR E 185 78.55 9.38 -70.75
N PRO E 186 79.71 8.79 -70.39
CA PRO E 186 80.92 9.60 -70.21
C PRO E 186 81.55 10.17 -71.48
N GLU E 187 81.20 9.69 -72.68
CA GLU E 187 81.80 10.31 -73.87
C GLU E 187 81.10 11.61 -74.25
N GLN E 188 79.84 11.82 -73.84
CA GLN E 188 79.24 13.13 -74.01
C GLN E 188 79.61 14.11 -72.91
N TRP E 189 80.23 13.63 -71.82
CA TRP E 189 80.75 14.51 -70.79
C TRP E 189 81.91 15.36 -71.32
N LYS E 190 82.78 14.75 -72.11
CA LYS E 190 83.88 15.45 -72.73
C LYS E 190 83.54 16.04 -74.10
N SER E 191 82.35 15.72 -74.64
CA SER E 191 81.98 16.23 -75.95
C SER E 191 81.42 17.66 -75.88
N HIS E 192 80.60 17.95 -74.87
CA HIS E 192 79.98 19.25 -74.73
C HIS E 192 80.78 20.12 -73.78
N ARG E 193 80.94 21.39 -74.14
CA ARG E 193 81.86 22.29 -73.48
C ARG E 193 81.27 23.01 -72.27
N SER E 194 79.96 23.28 -72.26
CA SER E 194 79.34 24.05 -71.21
C SER E 194 78.13 23.32 -70.65
N TYR E 195 77.94 23.44 -69.34
CA TYR E 195 76.77 22.89 -68.66
C TYR E 195 76.31 23.91 -67.61
N SER E 196 75.03 23.83 -67.25
CA SER E 196 74.46 24.81 -66.34
C SER E 196 73.36 24.19 -65.49
N CYS E 197 73.29 24.62 -64.22
CA CYS E 197 72.21 24.30 -63.31
C CYS E 197 71.60 25.61 -62.85
N GLN E 198 70.42 25.95 -63.38
CA GLN E 198 69.79 27.25 -63.15
C GLN E 198 68.57 27.07 -62.25
N VAL E 199 68.54 27.82 -61.15
CA VAL E 199 67.51 27.72 -60.12
C VAL E 199 66.78 29.05 -60.03
N THR E 200 65.46 29.01 -60.18
CA THR E 200 64.61 30.20 -60.12
C THR E 200 63.79 30.18 -58.83
N HIS E 201 63.89 31.27 -58.06
CA HIS E 201 63.15 31.39 -56.81
C HIS E 201 62.58 32.79 -56.70
N GLU E 202 61.23 32.88 -56.76
CA GLU E 202 60.42 34.09 -56.58
C GLU E 202 60.77 35.19 -57.57
N GLY E 203 60.92 34.80 -58.83
CA GLY E 203 61.28 35.74 -59.89
C GLY E 203 62.76 35.86 -60.17
N SER E 204 63.56 36.05 -59.13
CA SER E 204 65.00 36.10 -59.27
C SER E 204 65.57 34.70 -59.52
N THR E 205 66.75 34.67 -60.13
CA THR E 205 67.38 33.40 -60.46
C THR E 205 68.85 33.39 -60.03
N VAL E 206 69.34 32.21 -59.70
CA VAL E 206 70.73 31.95 -59.37
C VAL E 206 71.25 30.89 -60.35
N GLU E 207 72.33 31.20 -61.06
CA GLU E 207 72.85 30.30 -62.07
C GLU E 207 74.35 30.13 -61.90
N LYS E 208 74.81 28.88 -61.89
CA LYS E 208 76.22 28.53 -61.84
C LYS E 208 76.52 27.50 -62.93
N THR E 209 77.80 27.42 -63.30
CA THR E 209 78.25 26.54 -64.37
C THR E 209 79.37 25.65 -63.88
N VAL E 210 79.80 24.73 -64.74
CA VAL E 210 80.84 23.76 -64.42
C VAL E 210 81.75 23.62 -65.64
N ALA E 211 83.04 23.38 -65.40
CA ALA E 211 84.01 23.19 -66.46
C ALA E 211 84.39 21.72 -66.56
N PRO E 212 84.39 21.13 -67.78
CA PRO E 212 84.75 19.71 -67.94
C PRO E 212 86.26 19.48 -68.04
N THR E 213 86.97 19.78 -66.94
CA THR E 213 88.42 19.67 -66.73
C THR E 213 89.27 20.37 -67.79
#